data_1OFE
#
_entry.id   1OFE
#
_cell.length_a   122.669
_cell.length_b   134.377
_cell.length_c   198.774
_cell.angle_alpha   90.00
_cell.angle_beta   90.00
_cell.angle_gamma   90.00
#
_symmetry.space_group_name_H-M   'P 21 21 21'
#
loop_
_entity.id
_entity.type
_entity.pdbx_description
1 polymer 'FERREDOXIN-DEPENDENT GLUTAMATE SYNTHASE 2'
2 non-polymer 'FLAVIN MONONUCLEOTIDE'
3 non-polymer 'FE3-S4 CLUSTER'
4 non-polymer '2-OXOGLUTARIC ACID'
5 non-polymer 5-OXO-L-NORLEUCINE
6 water water
#
_entity_poly.entity_id   1
_entity_poly.type   'polypeptide(L)'
_entity_poly.pdbx_seq_one_letter_code
;CGVGFIANLRGKPDHTLVEQALKALGCMEHRGGCSADNDSGDGAGVMTAIPRELLAQWFNTRNLPMPDGDRLGVGMVFLP
QEPSAREVARAYVEEVVRLEKLTVLGWREVPVNSDVLGIQAKNNQPHIEQILVTCPEGCAGDELDRRLYIARSIIGKKLA
EDFYVCSFSCRTIVYKGMVRSIILGEFYLDLKNPGYTSNFAVYHRRFSTNTMPKWPLAQPMRLLGHNGEINTLLGNINWM
AAREKELEVSGWTKAELEALTPIVNQANSDSYNLDSALELLVRTGRSPLEAAMILVPEAYKNQPALKDYPEISDFHDYYS
GLQEPWDGPALLVFSDGKIVGAGLDRNGLRPARYCITKDDYIVLGSEAGVVDLPEVDIVEKGRLAPGQMIAVDLAEQKIL
KNYQIKQQAAQKYPYGEWIKIQRQTVASDSFAEKTLFNDAQTVLQQQAAFGYTAEDVEMVVVPMASQGKEPTFCMGDDTP
LAVLSHKPRLLYDYFKQRFAQVTNPPIDPLRENLVMSLAMFLGKRGNLLEPKAESARTIKLRSPLVNEVELQAIKTGQLQ
VAEVSTLYDLDGVNSLEDALTNLVKTAIATVQAGAEILVLTDRPNGAILTENQSFIPPLLAVGAVHHHLIRAGLRLKASL
IVDTAQCWSTHHFACLVGYGASAICPYLALESVRQWWLDEKTQKLMENGRLDRIDLPTALKNYRQSVEAGLFKILSKMGI
SLLASYHGAQIFEAIGLGAELVEYAFAGTTSRVGGLTIADVAGEVMVFHGMAFPEMAKKLENFGFVNYRPGGEYHMNSPE
MSKSLHKAVAAYKVGGNGNNGEAYDHYELYRQYLKDRPVTALRDLLDFNADQPAISLEEVESVESIVKRFCTGGMSLGAL
SREAHETLAIAMNRLGAKSNSGEGGEDVVRYLTLDDVDSEGNSPTLPHLHGLQNGDTANSAIKQIASGRFGVTPEYLMSG
KQLEIKMAQGAKPGEGGQLPGKKVSEYIAMLRRSKPGVTLISPPPHHDIYSIEDLAQLIYDLHQINPEAQVSVKLVAEIG
IGTIAAGVAKANADIIQISGHDGGTGASPLSSIKHAGSPWELGVTEVHRVLMENQLRDRVLLRADGGLKTGWDVVMAALM
GAEEYGFGSIAMIAEGCIMARVCHTNNCPVGVATQQERLRQRFKGVPGQVVNFFYFIAEEVRSLLAHLGYRSLDDIIGRT
DLLKVRSDVQLSKTQNLTLDCLLNLPDTKQNRQWLNHEPVHSNGPVLDDDILADPDIQEAINHQTTATKTYRLVNTDRTV
GTRLSGAIAKKYGNNGFEGNITLNFQGAAGQSFGAFNLDGMTLHLQGEANDYVGKGMNGGEIVIVPHPQASFAPEDNVII
GNTCLYGATGGNLYANGRAGERFAVRNSVGKAVIEGAGDHCCEYMTGGVIVVLGPVGRNVGAGMTGGLAYFLDEVGDLPE
KINPEIITLQRITASKGEEQLKSLITAHVEHTGSPKGKAILANWSDYLGKFWQAVPPSEKDSPEANNDVSLTGEKTLTSV
;
_entity_poly.pdbx_strand_id   A,B
#
loop_
_chem_comp.id
_chem_comp.type
_chem_comp.name
_chem_comp.formula
AKG non-polymer '2-OXOGLUTARIC ACID' 'C5 H6 O5'
F3S non-polymer 'FE3-S4 CLUSTER' 'Fe3 S4'
FMN non-polymer 'FLAVIN MONONUCLEOTIDE' 'C17 H21 N4 O9 P'
#
# COMPACT_ATOMS: atom_id res chain seq x y z
N CYS A 1 29.77 -6.41 -12.23
CA CYS A 1 29.08 -7.55 -12.86
C CYS A 1 28.52 -8.58 -11.86
N GLY A 2 27.47 -9.29 -12.30
CA GLY A 2 26.89 -10.40 -11.59
C GLY A 2 26.76 -11.61 -12.51
N VAL A 3 26.92 -12.80 -11.94
CA VAL A 3 26.96 -13.99 -12.72
C VAL A 3 26.51 -15.17 -11.87
N GLY A 4 26.01 -16.20 -12.52
CA GLY A 4 25.46 -17.35 -11.84
C GLY A 4 24.92 -18.41 -12.80
N PHE A 5 24.49 -19.50 -12.19
CA PHE A 5 23.83 -20.55 -12.92
C PHE A 5 22.85 -21.26 -12.04
N ILE A 6 21.84 -21.90 -12.65
CA ILE A 6 20.91 -22.75 -11.93
C ILE A 6 20.83 -24.00 -12.74
N ALA A 7 20.79 -25.15 -12.05
CA ALA A 7 20.60 -26.46 -12.69
C ALA A 7 19.52 -27.31 -12.02
N ASN A 8 18.71 -27.93 -12.84
CA ASN A 8 17.68 -28.88 -12.40
C ASN A 8 18.12 -30.25 -12.87
N LEU A 9 18.80 -31.01 -12.01
CA LEU A 9 19.42 -32.26 -12.44
C LEU A 9 18.41 -33.37 -12.67
N ARG A 10 17.37 -33.42 -11.83
CA ARG A 10 16.52 -34.59 -11.75
C ARG A 10 15.22 -34.56 -12.51
N GLY A 11 14.70 -33.37 -12.82
CA GLY A 11 13.37 -33.26 -13.39
C GLY A 11 13.33 -33.05 -14.89
N LYS A 12 12.12 -33.02 -15.47
CA LYS A 12 11.88 -32.51 -16.84
C LYS A 12 12.29 -31.06 -16.90
N PRO A 13 12.85 -30.62 -18.02
CA PRO A 13 13.14 -29.19 -18.16
C PRO A 13 11.81 -28.41 -18.00
N ASP A 14 11.81 -27.26 -17.31
CA ASP A 14 10.62 -26.46 -17.08
C ASP A 14 10.85 -24.95 -17.31
N HIS A 15 9.74 -24.20 -17.38
CA HIS A 15 9.77 -22.76 -17.32
C HIS A 15 10.14 -22.20 -15.94
N THR A 16 9.74 -22.85 -14.87
CA THR A 16 10.09 -22.36 -13.55
C THR A 16 11.60 -21.97 -13.46
N LEU A 17 12.50 -22.83 -13.94
CA LEU A 17 13.94 -22.52 -13.91
C LEU A 17 14.28 -21.20 -14.64
N VAL A 18 13.73 -21.04 -15.83
CA VAL A 18 13.92 -19.81 -16.58
C VAL A 18 13.43 -18.55 -15.82
N GLU A 19 12.26 -18.64 -15.18
CA GLU A 19 11.73 -17.54 -14.35
C GLU A 19 12.72 -17.22 -13.23
N GLN A 20 13.23 -18.23 -12.55
CA GLN A 20 14.19 -18.04 -11.49
C GLN A 20 15.49 -17.37 -11.96
N ALA A 21 15.94 -17.74 -13.15
CA ALA A 21 17.07 -17.10 -13.75
C ALA A 21 16.79 -15.61 -14.05
N LEU A 22 15.57 -15.28 -14.48
CA LEU A 22 15.23 -13.88 -14.74
C LEU A 22 15.19 -13.09 -13.45
N LYS A 23 14.60 -13.68 -12.42
CA LYS A 23 14.55 -13.07 -11.12
C LYS A 23 15.95 -12.93 -10.46
N ALA A 24 16.85 -13.90 -10.64
CA ALA A 24 18.18 -13.76 -10.04
C ALA A 24 18.91 -12.60 -10.70
N LEU A 25 18.77 -12.55 -12.03
CA LEU A 25 19.25 -11.45 -12.84
C LEU A 25 18.71 -10.10 -12.31
N GLY A 26 17.41 -10.04 -12.07
CA GLY A 26 16.78 -8.93 -11.38
C GLY A 26 17.47 -8.57 -10.08
N CYS A 27 17.93 -9.56 -9.31
CA CYS A 27 18.59 -9.32 -8.02
C CYS A 27 20.02 -8.79 -8.13
N MET A 28 20.60 -8.92 -9.32
CA MET A 28 21.97 -8.48 -9.50
C MET A 28 21.96 -7.10 -10.10
N GLU A 29 20.79 -6.50 -10.27
CA GLU A 29 20.73 -5.20 -10.95
C GLU A 29 21.72 -4.16 -10.41
N HIS A 30 21.85 -4.04 -9.10
CA HIS A 30 22.85 -3.12 -8.46
C HIS A 30 24.35 -3.44 -8.73
N ARG A 31 24.63 -4.63 -9.30
CA ARG A 31 25.98 -5.00 -9.74
C ARG A 31 26.22 -4.58 -11.18
N GLY A 32 25.17 -4.11 -11.86
CA GLY A 32 25.30 -3.70 -13.25
C GLY A 32 25.44 -2.20 -13.44
N GLY A 33 25.60 -1.83 -14.71
CA GLY A 33 25.74 -0.45 -15.09
C GLY A 33 24.87 -0.13 -16.30
N CYS A 34 24.76 1.18 -16.56
CA CYS A 34 23.88 1.70 -17.57
C CYS A 34 24.58 2.78 -18.38
N SER A 35 24.11 2.94 -19.63
CA SER A 35 24.64 3.90 -20.60
C SER A 35 24.23 5.31 -20.21
N ALA A 36 24.66 6.29 -21.00
CA ALA A 36 24.41 7.70 -20.75
C ALA A 36 22.93 8.06 -20.64
N ASP A 37 22.07 7.33 -21.35
CA ASP A 37 20.64 7.59 -21.23
C ASP A 37 20.06 7.24 -19.83
N ASN A 38 20.87 6.64 -18.95
CA ASN A 38 20.43 6.05 -17.67
C ASN A 38 19.35 5.00 -17.82
N ASP A 39 19.24 4.37 -18.98
CA ASP A 39 18.12 3.51 -19.29
C ASP A 39 18.60 2.17 -19.87
N SER A 40 19.33 2.27 -20.99
CA SER A 40 19.99 1.12 -21.61
C SER A 40 20.96 0.49 -20.61
N GLY A 41 21.06 -0.85 -20.64
CA GLY A 41 21.94 -1.56 -19.73
C GLY A 41 23.27 -1.84 -20.45
N ASP A 42 24.37 -1.89 -19.69
CA ASP A 42 25.68 -2.27 -20.17
C ASP A 42 25.66 -3.69 -20.67
N GLY A 43 24.64 -4.47 -20.26
CA GLY A 43 24.53 -5.83 -20.69
C GLY A 43 23.84 -6.73 -19.70
N ALA A 44 23.03 -7.65 -20.25
CA ALA A 44 22.47 -8.77 -19.54
C ALA A 44 22.21 -9.88 -20.52
N GLY A 45 22.24 -11.13 -20.07
CA GLY A 45 21.88 -12.23 -20.92
C GLY A 45 21.72 -13.54 -20.17
N VAL A 46 21.35 -14.57 -20.91
CA VAL A 46 21.16 -15.85 -20.29
C VAL A 46 21.50 -16.92 -21.31
N MET A 47 22.15 -17.98 -20.86
CA MET A 47 22.40 -19.14 -21.71
C MET A 47 21.56 -20.29 -21.15
N THR A 48 20.91 -21.02 -22.04
CA THR A 48 20.04 -22.10 -21.60
C THR A 48 20.22 -23.24 -22.57
N ALA A 49 19.63 -24.39 -22.25
CA ALA A 49 19.51 -25.46 -23.25
C ALA A 49 18.68 -24.95 -24.44
N ILE A 50 18.89 -25.52 -25.60
CA ILE A 50 17.96 -25.30 -26.71
C ILE A 50 16.53 -25.65 -26.30
N PRO A 51 15.64 -24.66 -26.46
CA PRO A 51 14.25 -24.74 -25.97
C PRO A 51 13.34 -25.53 -26.92
N ARG A 52 13.43 -26.84 -26.79
CA ARG A 52 12.84 -27.79 -27.72
C ARG A 52 11.32 -27.63 -27.93
N GLU A 53 10.58 -27.49 -26.84
CA GLU A 53 9.15 -27.23 -26.89
C GLU A 53 8.86 -25.88 -27.58
N LEU A 54 9.78 -24.92 -27.52
CA LEU A 54 9.50 -23.66 -28.18
C LEU A 54 9.66 -23.78 -29.72
N LEU A 55 10.77 -24.38 -30.18
CA LEU A 55 10.99 -24.57 -31.61
C LEU A 55 10.09 -25.66 -32.22
N ALA A 56 9.49 -26.53 -31.42
CA ALA A 56 8.53 -27.48 -31.98
C ALA A 56 7.37 -26.78 -32.68
N GLN A 57 7.04 -25.53 -32.32
CA GLN A 57 6.00 -24.78 -33.05
C GLN A 57 6.43 -24.38 -34.43
N TRP A 58 7.70 -23.97 -34.55
CA TRP A 58 8.32 -23.49 -35.78
C TRP A 58 8.30 -24.58 -36.84
N PHE A 59 8.66 -25.79 -36.41
CA PHE A 59 8.50 -26.99 -37.25
C PHE A 59 7.02 -27.32 -37.58
N ASN A 60 6.14 -27.20 -36.57
CA ASN A 60 4.70 -27.37 -36.73
C ASN A 60 4.04 -26.35 -37.71
N THR A 61 4.49 -25.10 -37.67
CA THR A 61 4.11 -24.05 -38.62
C THR A 61 4.58 -24.38 -40.05
N ARG A 62 5.77 -24.96 -40.19
CA ARG A 62 6.27 -25.35 -41.52
C ARG A 62 5.83 -26.73 -41.99
N ASN A 63 5.08 -27.43 -41.17
CA ASN A 63 4.69 -28.79 -41.52
C ASN A 63 5.93 -29.68 -41.75
N LEU A 64 6.84 -29.62 -40.80
CA LEU A 64 8.19 -30.15 -40.91
C LEU A 64 8.55 -31.04 -39.73
N PRO A 65 9.20 -32.16 -40.00
CA PRO A 65 9.55 -33.10 -38.93
C PRO A 65 10.71 -32.53 -38.12
N MET A 66 10.54 -32.45 -36.80
CA MET A 66 11.58 -31.95 -35.94
C MET A 66 12.67 -32.99 -35.68
N PRO A 67 13.94 -32.57 -35.86
CA PRO A 67 15.09 -33.40 -35.47
C PRO A 67 15.10 -33.68 -33.97
N ASP A 68 15.71 -34.80 -33.60
CA ASP A 68 15.79 -35.20 -32.21
C ASP A 68 16.77 -34.34 -31.42
N GLY A 69 16.74 -34.49 -30.10
CA GLY A 69 17.50 -33.62 -29.22
C GLY A 69 18.90 -33.21 -29.67
N ASP A 70 19.72 -34.14 -30.14
CA ASP A 70 21.12 -33.75 -30.37
C ASP A 70 21.46 -33.50 -31.86
N ARG A 71 20.44 -33.35 -32.70
CA ARG A 71 20.65 -33.26 -34.14
C ARG A 71 20.23 -31.94 -34.80
N LEU A 72 19.69 -31.03 -33.99
CA LEU A 72 19.23 -29.73 -34.48
C LEU A 72 20.21 -28.69 -34.02
N GLY A 73 20.90 -28.07 -34.96
CA GLY A 73 21.74 -26.91 -34.65
C GLY A 73 20.99 -25.59 -34.83
N VAL A 74 21.23 -24.63 -33.91
CA VAL A 74 20.53 -23.36 -33.91
C VAL A 74 21.55 -22.30 -33.69
N GLY A 75 21.59 -21.36 -34.63
CA GLY A 75 22.45 -20.21 -34.51
C GLY A 75 21.61 -18.99 -34.19
N MET A 76 21.94 -18.35 -33.09
CA MET A 76 21.33 -17.08 -32.76
C MET A 76 22.21 -16.02 -33.35
N VAL A 77 21.66 -15.30 -34.31
CA VAL A 77 22.43 -14.40 -35.11
C VAL A 77 21.97 -12.96 -35.00
N PHE A 78 22.92 -12.07 -34.77
CA PHE A 78 22.70 -10.65 -34.87
C PHE A 78 22.99 -10.25 -36.33
N LEU A 79 21.96 -9.77 -37.04
CA LEU A 79 22.11 -9.32 -38.42
C LEU A 79 21.95 -7.77 -38.59
N PRO A 80 22.43 -7.22 -39.70
CA PRO A 80 22.26 -5.78 -39.94
C PRO A 80 20.80 -5.34 -40.08
N GLN A 81 20.54 -4.06 -39.85
CA GLN A 81 19.22 -3.43 -40.03
C GLN A 81 18.81 -3.03 -41.46
N GLU A 82 19.78 -2.55 -42.24
CA GLU A 82 19.61 -2.12 -43.63
C GLU A 82 19.09 -3.29 -44.42
N PRO A 83 17.95 -3.16 -45.11
CA PRO A 83 17.35 -4.29 -45.83
C PRO A 83 18.31 -5.10 -46.74
N SER A 84 19.15 -4.45 -47.54
CA SER A 84 19.99 -5.23 -48.46
C SER A 84 21.23 -5.81 -47.80
N ALA A 85 21.79 -5.11 -46.82
CA ALA A 85 22.93 -5.65 -46.07
C ALA A 85 22.50 -6.90 -45.30
N ARG A 86 21.25 -6.93 -44.81
CA ARG A 86 20.71 -8.05 -44.03
C ARG A 86 20.60 -9.34 -44.87
N GLU A 87 20.06 -9.21 -46.06
CA GLU A 87 20.02 -10.32 -47.00
C GLU A 87 21.40 -10.77 -47.49
N VAL A 88 22.39 -9.86 -47.48
CA VAL A 88 23.73 -10.29 -47.89
C VAL A 88 24.26 -11.18 -46.79
N ALA A 89 24.07 -10.73 -45.55
CA ALA A 89 24.50 -11.47 -44.38
C ALA A 89 23.79 -12.80 -44.24
N ARG A 90 22.47 -12.82 -44.42
CA ARG A 90 21.68 -14.05 -44.31
C ARG A 90 22.20 -15.10 -45.29
N ALA A 91 22.31 -14.70 -46.56
CA ALA A 91 22.87 -15.54 -47.63
C ALA A 91 24.28 -16.07 -47.30
N TYR A 92 25.16 -15.21 -46.81
CA TYR A 92 26.50 -15.65 -46.43
C TYR A 92 26.51 -16.70 -45.29
N VAL A 93 25.68 -16.48 -44.26
CA VAL A 93 25.45 -17.49 -43.22
C VAL A 93 24.89 -18.79 -43.85
N GLU A 94 23.96 -18.67 -44.79
CA GLU A 94 23.46 -19.87 -45.48
C GLU A 94 24.58 -20.51 -46.28
N GLU A 95 25.35 -19.64 -46.95
CA GLU A 95 26.43 -20.11 -47.78
C GLU A 95 27.49 -20.89 -47.00
N VAL A 96 27.96 -20.40 -45.86
CA VAL A 96 29.05 -21.17 -45.23
C VAL A 96 28.56 -22.49 -44.60
N VAL A 97 27.29 -22.53 -44.21
CA VAL A 97 26.65 -23.75 -43.73
C VAL A 97 26.65 -24.75 -44.87
N ARG A 98 26.21 -24.33 -46.05
CA ARG A 98 26.15 -25.26 -47.19
C ARG A 98 27.52 -25.86 -47.51
N LEU A 99 28.54 -25.00 -47.54
CA LEU A 99 29.94 -25.38 -47.76
C LEU A 99 30.54 -26.26 -46.64
N GLU A 100 29.93 -26.25 -45.46
CA GLU A 100 30.37 -27.15 -44.38
C GLU A 100 29.60 -28.47 -44.44
N LYS A 101 28.81 -28.59 -45.51
CA LYS A 101 28.12 -29.80 -45.92
C LYS A 101 26.94 -30.16 -45.01
N LEU A 102 26.41 -29.17 -44.29
CA LEU A 102 25.20 -29.31 -43.50
C LEU A 102 24.00 -28.77 -44.27
N THR A 103 22.80 -28.89 -43.69
CA THR A 103 21.55 -28.52 -44.33
C THR A 103 20.84 -27.40 -43.58
N VAL A 104 20.49 -26.32 -44.29
CA VAL A 104 19.66 -25.22 -43.75
C VAL A 104 18.14 -25.50 -43.84
N LEU A 105 17.50 -25.66 -42.68
CA LEU A 105 16.04 -25.84 -42.61
C LEU A 105 15.25 -24.53 -42.79
N GLY A 106 15.82 -23.42 -42.34
CA GLY A 106 15.14 -22.14 -42.45
C GLY A 106 15.48 -21.19 -41.32
N TRP A 107 14.82 -20.04 -41.29
CA TRP A 107 15.01 -19.03 -40.25
C TRP A 107 13.77 -18.77 -39.39
N ARG A 108 14.03 -18.59 -38.10
CA ARG A 108 13.02 -18.22 -37.11
C ARG A 108 13.27 -16.79 -36.72
N GLU A 109 12.29 -15.93 -36.88
CA GLU A 109 12.41 -14.56 -36.41
C GLU A 109 12.27 -14.58 -34.90
N VAL A 110 13.13 -13.84 -34.20
CA VAL A 110 13.06 -13.80 -32.76
C VAL A 110 12.04 -12.76 -32.33
N PRO A 111 10.97 -13.18 -31.64
CA PRO A 111 9.95 -12.22 -31.19
C PRO A 111 10.50 -11.27 -30.11
N VAL A 112 10.40 -9.98 -30.38
CA VAL A 112 11.03 -9.00 -29.51
C VAL A 112 10.11 -7.82 -29.40
N ASN A 113 10.23 -7.09 -28.29
CA ASN A 113 9.53 -5.81 -28.16
C ASN A 113 10.49 -4.67 -27.89
N SER A 114 10.81 -3.94 -28.96
CA SER A 114 11.79 -2.83 -28.94
C SER A 114 11.35 -1.61 -28.13
N ASP A 115 10.05 -1.41 -28.02
CA ASP A 115 9.55 -0.27 -27.26
C ASP A 115 10.03 -0.25 -25.78
N VAL A 116 10.49 -1.39 -25.28
CA VAL A 116 11.02 -1.43 -23.90
C VAL A 116 12.49 -1.06 -23.73
N LEU A 117 13.25 -1.04 -24.80
CA LEU A 117 14.65 -0.61 -24.77
C LEU A 117 14.84 0.88 -24.44
N GLY A 118 15.98 1.20 -23.85
CA GLY A 118 16.45 2.59 -23.76
C GLY A 118 16.87 3.14 -25.12
N ILE A 119 16.92 4.45 -25.23
CA ILE A 119 17.14 5.03 -26.55
C ILE A 119 18.48 4.66 -27.22
N GLN A 120 19.56 4.54 -26.44
CA GLN A 120 20.82 4.10 -27.02
C GLN A 120 20.79 2.67 -27.49
N ALA A 121 20.12 1.80 -26.74
CA ALA A 121 20.02 0.38 -27.10
C ALA A 121 19.09 0.15 -28.27
N LYS A 122 18.09 1.02 -28.41
CA LYS A 122 17.11 0.99 -29.46
C LYS A 122 17.75 1.44 -30.76
N ASN A 123 18.69 2.36 -30.68
CA ASN A 123 19.34 2.89 -31.88
C ASN A 123 20.40 1.95 -32.44
N ASN A 124 20.99 1.16 -31.55
CA ASN A 124 22.04 0.16 -31.85
C ASN A 124 21.57 -1.24 -32.20
N GLN A 125 20.30 -1.49 -31.96
CA GLN A 125 19.77 -2.83 -31.96
C GLN A 125 20.01 -3.56 -33.29
N PRO A 126 20.53 -4.78 -33.21
CA PRO A 126 20.66 -5.63 -34.39
C PRO A 126 19.30 -6.27 -34.71
N HIS A 127 19.19 -6.81 -35.91
CA HIS A 127 18.03 -7.61 -36.27
C HIS A 127 18.30 -9.08 -35.88
N ILE A 128 17.40 -9.65 -35.10
CA ILE A 128 17.68 -10.92 -34.43
C ILE A 128 16.85 -12.08 -34.99
N GLU A 129 17.56 -13.10 -35.43
CA GLU A 129 16.95 -14.29 -36.01
C GLU A 129 17.81 -15.50 -35.66
N GLN A 130 17.16 -16.64 -35.70
CA GLN A 130 17.80 -17.91 -35.49
C GLN A 130 17.80 -18.73 -36.78
N ILE A 131 18.97 -19.31 -37.09
CA ILE A 131 19.05 -20.27 -38.21
C ILE A 131 19.01 -21.70 -37.63
N LEU A 132 18.24 -22.57 -38.28
CA LEU A 132 18.11 -23.98 -37.92
C LEU A 132 18.78 -24.91 -38.96
N VAL A 133 19.56 -25.87 -38.46
CA VAL A 133 20.55 -26.63 -39.24
C VAL A 133 20.58 -28.12 -38.83
N THR A 134 20.78 -29.01 -39.80
CA THR A 134 21.02 -30.42 -39.48
C THR A 134 22.11 -31.01 -40.38
N CYS A 135 22.65 -32.16 -39.97
CA CYS A 135 23.62 -32.90 -40.77
C CYS A 135 22.98 -34.05 -41.57
N PRO A 136 23.11 -34.02 -42.90
CA PRO A 136 22.57 -35.08 -43.77
C PRO A 136 23.21 -36.47 -43.64
N GLU A 137 24.48 -36.54 -43.22
CA GLU A 137 25.19 -37.81 -43.00
C GLU A 137 24.72 -38.53 -41.69
N GLY A 138 24.25 -37.76 -40.71
CA GLY A 138 23.71 -38.32 -39.46
C GLY A 138 24.24 -37.63 -38.20
N CYS A 139 25.15 -36.65 -38.38
CA CYS A 139 25.87 -35.94 -37.31
C CYS A 139 25.01 -35.52 -36.12
N ALA A 140 25.60 -35.65 -34.94
CA ALA A 140 24.89 -35.41 -33.70
C ALA A 140 25.84 -35.03 -32.56
N GLY A 141 25.34 -34.27 -31.60
CA GLY A 141 26.06 -34.08 -30.36
C GLY A 141 27.47 -33.55 -30.58
N ASP A 142 28.47 -34.32 -30.18
CA ASP A 142 29.85 -33.79 -30.13
C ASP A 142 30.33 -33.39 -31.53
N GLU A 143 30.14 -34.28 -32.51
CA GLU A 143 30.62 -34.03 -33.86
C GLU A 143 29.87 -32.89 -34.54
N LEU A 144 28.54 -32.85 -34.41
CA LEU A 144 27.77 -31.72 -34.90
C LEU A 144 28.29 -30.38 -34.35
N ASP A 145 28.27 -30.19 -33.03
CA ASP A 145 28.78 -28.94 -32.43
C ASP A 145 30.21 -28.60 -32.83
N ARG A 146 31.01 -29.62 -33.09
CA ARG A 146 32.35 -29.43 -33.60
C ARG A 146 32.32 -28.84 -35.02
N ARG A 147 31.38 -29.29 -35.87
CA ARG A 147 31.18 -28.73 -37.23
C ARG A 147 30.49 -27.37 -37.17
N LEU A 148 29.63 -27.19 -36.19
CA LEU A 148 28.99 -25.93 -36.00
C LEU A 148 29.97 -24.87 -35.55
N TYR A 149 30.92 -25.28 -34.72
CA TYR A 149 31.99 -24.40 -34.27
C TYR A 149 32.89 -23.98 -35.44
N ILE A 150 33.32 -24.94 -36.26
CA ILE A 150 34.03 -24.61 -37.49
C ILE A 150 33.25 -23.59 -38.33
N ALA A 151 31.99 -23.87 -38.62
CA ALA A 151 31.12 -22.95 -39.37
C ALA A 151 30.92 -21.55 -38.72
N ARG A 152 30.79 -21.50 -37.41
CA ARG A 152 30.53 -20.21 -36.74
C ARG A 152 31.76 -19.30 -36.80
N SER A 153 32.93 -19.88 -36.58
CA SER A 153 34.22 -19.21 -36.77
C SER A 153 34.36 -18.62 -38.15
N ILE A 154 33.97 -19.39 -39.17
CA ILE A 154 34.12 -18.90 -40.55
C ILE A 154 33.30 -17.63 -40.68
N ILE A 155 32.01 -17.72 -40.36
CA ILE A 155 31.14 -16.54 -40.38
C ILE A 155 31.82 -15.40 -39.62
N GLY A 156 32.50 -15.77 -38.53
CA GLY A 156 33.14 -14.81 -37.67
C GLY A 156 34.36 -14.13 -38.22
N LYS A 157 34.80 -14.46 -39.43
CA LYS A 157 35.92 -13.73 -40.05
C LYS A 157 35.40 -12.39 -40.53
N LYS A 158 34.08 -12.32 -40.75
CA LYS A 158 33.38 -11.10 -41.11
C LYS A 158 32.70 -10.45 -39.90
N LEU A 159 33.23 -10.72 -38.70
CA LEU A 159 32.76 -10.09 -37.48
C LEU A 159 32.59 -8.56 -37.60
N ALA A 160 31.37 -8.10 -37.34
CA ALA A 160 30.99 -6.71 -37.08
C ALA A 160 29.97 -6.65 -35.91
N GLU A 161 29.71 -5.44 -35.39
CA GLU A 161 28.75 -5.30 -34.27
C GLU A 161 27.30 -5.58 -34.74
N ASP A 162 27.18 -5.46 -36.07
CA ASP A 162 26.03 -5.61 -36.95
C ASP A 162 25.87 -7.07 -37.36
N PHE A 163 26.92 -7.86 -37.15
CA PHE A 163 27.01 -9.17 -37.78
C PHE A 163 27.78 -10.16 -36.92
N TYR A 164 27.04 -10.80 -36.02
CA TYR A 164 27.67 -11.51 -34.93
C TYR A 164 26.81 -12.70 -34.58
N VAL A 165 27.44 -13.88 -34.54
CA VAL A 165 26.79 -15.12 -34.07
C VAL A 165 26.98 -15.31 -32.54
N CYS A 166 25.93 -15.04 -31.76
CA CYS A 166 25.91 -15.31 -30.33
C CYS A 166 26.19 -16.74 -29.91
N SER A 167 25.56 -17.72 -30.59
CA SER A 167 25.75 -19.14 -30.26
C SER A 167 25.43 -19.98 -31.48
N PHE A 168 26.26 -20.98 -31.77
CA PHE A 168 25.97 -21.93 -32.84
C PHE A 168 26.20 -23.34 -32.30
N SER A 169 25.14 -23.93 -31.80
CA SER A 169 25.22 -25.17 -31.06
C SER A 169 23.95 -25.98 -31.22
N CYS A 170 24.10 -27.30 -31.15
CA CYS A 170 22.96 -28.19 -31.04
C CYS A 170 22.53 -28.44 -29.56
N ARG A 171 23.12 -27.69 -28.62
CA ARG A 171 22.79 -27.85 -27.18
C ARG A 171 22.54 -26.55 -26.43
N THR A 172 23.19 -25.46 -26.82
CA THR A 172 23.01 -24.20 -26.07
C THR A 172 22.66 -23.02 -26.95
N ILE A 173 21.99 -22.07 -26.33
CA ILE A 173 21.52 -20.86 -26.95
C ILE A 173 21.65 -19.69 -25.96
N VAL A 174 21.95 -18.52 -26.48
CA VAL A 174 22.22 -17.36 -25.69
C VAL A 174 21.33 -16.23 -26.16
N TYR A 175 20.47 -15.81 -25.24
CA TYR A 175 19.67 -14.62 -25.37
C TYR A 175 20.30 -13.46 -24.54
N LYS A 176 20.79 -12.44 -25.24
CA LYS A 176 21.46 -11.33 -24.57
C LYS A 176 21.23 -10.00 -25.29
N GLY A 177 21.49 -8.89 -24.57
CA GLY A 177 21.41 -7.57 -25.17
C GLY A 177 21.72 -6.39 -24.27
N MET A 178 21.67 -5.19 -24.82
CA MET A 178 22.05 -4.01 -24.07
C MET A 178 20.92 -3.52 -23.20
N VAL A 179 20.59 -4.28 -22.17
CA VAL A 179 19.40 -4.07 -21.32
C VAL A 179 19.69 -4.20 -19.82
N ARG A 180 18.84 -3.53 -19.04
CA ARG A 180 18.79 -3.76 -17.61
C ARG A 180 18.22 -5.17 -17.41
N SER A 181 18.46 -5.74 -16.25
CA SER A 181 17.98 -7.08 -15.91
C SER A 181 16.51 -7.36 -16.18
N ILE A 182 15.61 -6.56 -15.63
CA ILE A 182 14.17 -6.83 -15.75
C ILE A 182 13.59 -6.43 -17.09
N ILE A 183 14.44 -5.90 -17.96
CA ILE A 183 14.07 -5.65 -19.34
C ILE A 183 14.48 -6.86 -20.22
N LEU A 184 15.42 -7.69 -19.78
CA LEU A 184 15.81 -8.83 -20.65
C LEU A 184 14.61 -9.65 -21.17
N GLY A 185 13.75 -10.08 -20.24
CA GLY A 185 12.60 -10.89 -20.59
C GLY A 185 11.41 -10.11 -21.10
N GLU A 186 11.43 -8.78 -20.97
CA GLU A 186 10.41 -7.96 -21.61
C GLU A 186 10.72 -7.75 -23.08
N PHE A 187 12.00 -7.64 -23.40
CA PHE A 187 12.43 -7.49 -24.80
C PHE A 187 12.35 -8.82 -25.57
N TYR A 188 12.97 -9.87 -25.03
CA TYR A 188 12.85 -11.21 -25.61
C TYR A 188 11.57 -11.89 -25.17
N LEU A 189 10.57 -11.82 -26.05
CA LEU A 189 9.29 -12.46 -25.79
C LEU A 189 9.40 -13.94 -25.50
N ASP A 190 10.34 -14.61 -26.14
CA ASP A 190 10.52 -16.07 -25.89
C ASP A 190 10.74 -16.38 -24.38
N LEU A 191 11.42 -15.49 -23.69
CA LEU A 191 11.81 -15.77 -22.32
C LEU A 191 10.63 -15.77 -21.33
N LYS A 192 9.53 -15.13 -21.72
CA LYS A 192 8.29 -15.03 -20.91
C LYS A 192 7.29 -16.06 -21.36
N ASN A 193 7.57 -16.69 -22.49
CA ASN A 193 6.74 -17.76 -23.05
C ASN A 193 6.80 -19.05 -22.24
N PRO A 194 5.68 -19.53 -21.73
CA PRO A 194 5.70 -20.71 -20.82
C PRO A 194 6.13 -22.01 -21.54
N GLY A 195 6.25 -21.97 -22.87
CA GLY A 195 6.88 -23.03 -23.65
C GLY A 195 8.41 -23.00 -23.68
N TYR A 196 9.04 -22.04 -23.04
CA TYR A 196 10.51 -22.03 -22.99
C TYR A 196 11.03 -22.79 -21.75
N THR A 197 11.74 -23.89 -21.94
CA THR A 197 12.10 -24.79 -20.83
C THR A 197 13.56 -25.20 -20.91
N SER A 198 14.19 -25.42 -19.77
CA SER A 198 15.61 -25.68 -19.76
C SER A 198 15.99 -26.26 -18.40
N ASN A 199 16.87 -27.26 -18.41
CA ASN A 199 17.42 -27.82 -17.17
C ASN A 199 18.59 -26.99 -16.62
N PHE A 200 18.94 -25.89 -17.28
CA PHE A 200 19.97 -25.01 -16.71
C PHE A 200 19.86 -23.64 -17.35
N ALA A 201 20.49 -22.66 -16.69
CA ALA A 201 20.58 -21.32 -17.18
C ALA A 201 21.87 -20.79 -16.61
N VAL A 202 22.69 -20.17 -17.44
CA VAL A 202 23.80 -19.37 -16.97
C VAL A 202 23.34 -17.93 -17.18
N TYR A 203 23.52 -17.05 -16.20
CA TYR A 203 23.07 -15.67 -16.36
C TYR A 203 24.18 -14.62 -15.98
N HIS A 204 24.04 -13.44 -16.57
CA HIS A 204 25.01 -12.39 -16.45
C HIS A 204 24.34 -10.99 -16.57
N ARG A 205 24.74 -10.08 -15.70
CA ARG A 205 24.39 -8.68 -15.80
C ARG A 205 25.74 -7.97 -15.84
N ARG A 206 25.96 -7.18 -16.88
CA ARG A 206 27.28 -6.62 -17.11
C ARG A 206 27.39 -5.19 -16.54
N PHE A 207 28.55 -4.88 -15.99
CA PHE A 207 28.94 -3.50 -15.70
C PHE A 207 30.16 -3.12 -16.58
N SER A 208 29.99 -2.13 -17.47
CA SER A 208 31.05 -1.73 -18.39
C SER A 208 31.58 -0.36 -18.04
N THR A 209 32.84 -0.10 -18.37
CA THR A 209 33.44 1.23 -18.24
C THR A 209 33.11 2.19 -19.41
N ASN A 210 31.94 2.02 -20.06
CA ASN A 210 31.60 3.01 -21.08
C ASN A 210 30.11 3.33 -21.21
N THR A 211 29.86 4.22 -22.15
CA THR A 211 28.56 4.80 -22.31
C THR A 211 27.87 4.25 -23.55
N MET A 212 28.69 3.76 -24.50
CA MET A 212 28.27 3.29 -25.84
C MET A 212 28.11 1.78 -25.93
N PRO A 213 26.86 1.33 -25.92
CA PRO A 213 26.52 -0.10 -25.94
C PRO A 213 26.82 -0.88 -27.25
N LYS A 214 27.33 -2.11 -27.14
CA LYS A 214 27.58 -2.93 -28.32
C LYS A 214 27.03 -4.32 -28.03
N TRP A 215 25.94 -4.66 -28.72
CA TRP A 215 25.16 -5.85 -28.34
C TRP A 215 25.99 -7.13 -28.21
N PRO A 216 26.95 -7.37 -29.11
CA PRO A 216 27.79 -8.56 -28.98
C PRO A 216 28.55 -8.62 -27.69
N LEU A 217 28.79 -7.47 -27.05
CA LEU A 217 29.62 -7.47 -25.83
C LEU A 217 28.90 -7.78 -24.56
N ALA A 218 27.59 -7.98 -24.61
CA ALA A 218 26.82 -8.54 -23.50
C ALA A 218 27.30 -9.95 -23.28
N GLN A 219 26.91 -10.56 -22.17
CA GLN A 219 27.33 -11.90 -21.85
C GLN A 219 26.12 -12.66 -21.37
N PRO A 220 26.18 -13.99 -21.32
CA PRO A 220 27.36 -14.81 -21.66
C PRO A 220 27.75 -14.77 -23.11
N MET A 221 29.02 -15.09 -23.37
CA MET A 221 29.56 -15.40 -24.71
C MET A 221 29.14 -16.82 -25.08
N ARG A 222 29.93 -17.54 -25.87
CA ARG A 222 29.45 -18.79 -26.48
C ARG A 222 29.42 -19.97 -25.51
N LEU A 223 30.32 -19.93 -24.56
CA LEU A 223 30.53 -21.02 -23.66
C LEU A 223 30.48 -20.51 -22.24
N LEU A 224 30.79 -19.24 -22.07
CA LEU A 224 31.12 -18.79 -20.73
C LEU A 224 30.67 -17.38 -20.41
N GLY A 225 30.27 -17.14 -19.16
CA GLY A 225 30.09 -15.83 -18.56
C GLY A 225 31.18 -15.50 -17.53
N HIS A 226 31.61 -14.25 -17.54
CA HIS A 226 32.83 -13.84 -16.87
C HIS A 226 32.59 -12.61 -16.00
N ASN A 227 32.73 -12.77 -14.68
CA ASN A 227 32.80 -11.64 -13.75
C ASN A 227 34.25 -11.47 -13.36
N GLY A 228 34.87 -10.39 -13.83
CA GLY A 228 36.26 -10.07 -13.55
C GLY A 228 36.92 -9.32 -14.68
N GLU A 229 38.25 -9.26 -14.66
CA GLU A 229 39.08 -8.48 -15.58
C GLU A 229 40.41 -9.21 -15.83
N ILE A 230 40.73 -9.49 -17.08
CA ILE A 230 42.03 -10.12 -17.33
C ILE A 230 43.13 -9.07 -17.26
N ASN A 231 44.12 -9.27 -16.38
CA ASN A 231 45.14 -8.24 -16.18
C ASN A 231 46.49 -8.45 -16.96
N THR A 232 46.56 -9.50 -17.78
CA THR A 232 47.77 -9.79 -18.56
C THR A 232 47.43 -9.96 -20.06
N LEU A 233 46.40 -9.23 -20.49
CA LEU A 233 45.69 -9.54 -21.72
C LEU A 233 46.60 -9.42 -22.95
N LEU A 234 47.36 -8.35 -23.04
CA LEU A 234 48.26 -8.21 -24.18
C LEU A 234 49.23 -9.42 -24.31
N GLY A 235 49.79 -9.86 -23.18
CA GLY A 235 50.67 -11.02 -23.19
C GLY A 235 49.93 -12.29 -23.60
N ASN A 236 48.72 -12.45 -23.08
CA ASN A 236 47.95 -13.68 -23.18
C ASN A 236 47.55 -13.83 -24.64
N ILE A 237 47.19 -12.71 -25.26
CA ILE A 237 46.84 -12.61 -26.66
C ILE A 237 48.05 -12.84 -27.60
N ASN A 238 49.17 -12.15 -27.33
CA ASN A 238 50.37 -12.39 -28.17
C ASN A 238 50.80 -13.83 -28.16
N TRP A 239 50.93 -14.46 -26.98
CA TRP A 239 51.27 -15.89 -26.94
C TRP A 239 50.28 -16.73 -27.77
N MET A 240 48.99 -16.57 -27.50
CA MET A 240 47.97 -17.35 -28.17
C MET A 240 48.00 -17.16 -29.69
N ALA A 241 48.10 -15.92 -30.17
CA ALA A 241 48.20 -15.64 -31.60
C ALA A 241 49.38 -16.32 -32.27
N ALA A 242 50.50 -16.42 -31.57
CA ALA A 242 51.70 -17.05 -32.09
C ALA A 242 51.51 -18.53 -32.38
N ARG A 243 50.62 -19.16 -31.63
CA ARG A 243 50.27 -20.56 -31.75
C ARG A 243 49.34 -20.87 -32.91
N GLU A 244 48.66 -19.85 -33.40
CA GLU A 244 47.60 -20.02 -34.39
C GLU A 244 48.03 -20.52 -35.76
N LYS A 245 49.19 -20.07 -36.26
CA LYS A 245 49.66 -20.52 -37.59
C LYS A 245 49.82 -22.04 -37.57
N GLU A 246 50.38 -22.57 -36.47
CA GLU A 246 50.81 -23.96 -36.37
C GLU A 246 49.97 -24.91 -35.49
N LEU A 247 48.66 -24.79 -35.60
CA LEU A 247 47.76 -25.64 -34.84
C LEU A 247 47.71 -27.05 -35.42
N GLU A 248 47.64 -28.05 -34.54
CA GLU A 248 47.78 -29.48 -34.87
C GLU A 248 47.06 -30.31 -33.80
N VAL A 249 46.12 -31.15 -34.23
CA VAL A 249 45.41 -32.10 -33.34
C VAL A 249 44.83 -33.28 -34.10
N SER A 250 45.10 -34.50 -33.60
CA SER A 250 44.59 -35.72 -34.23
C SER A 250 43.05 -35.68 -34.37
N GLY A 251 42.57 -36.08 -35.54
CA GLY A 251 41.14 -35.96 -35.86
C GLY A 251 40.71 -34.51 -36.07
N TRP A 252 41.65 -33.69 -36.54
CA TRP A 252 41.39 -32.39 -37.14
C TRP A 252 42.30 -32.25 -38.35
N THR A 253 41.78 -31.81 -39.51
CA THR A 253 42.63 -31.39 -40.64
C THR A 253 43.12 -29.95 -40.45
N LYS A 254 44.11 -29.53 -41.23
CA LYS A 254 44.65 -28.16 -41.22
C LYS A 254 43.61 -27.13 -41.59
N ALA A 255 42.89 -27.40 -42.67
CA ALA A 255 41.80 -26.55 -43.16
C ALA A 255 40.76 -26.24 -42.08
N GLU A 256 40.36 -27.26 -41.33
CA GLU A 256 39.41 -27.07 -40.23
C GLU A 256 39.95 -26.17 -39.14
N LEU A 257 41.25 -26.30 -38.88
CA LEU A 257 41.95 -25.47 -37.91
C LEU A 257 42.17 -24.03 -38.38
N GLU A 258 42.39 -23.85 -39.69
CA GLU A 258 42.54 -22.51 -40.29
C GLU A 258 41.22 -21.74 -40.30
N ALA A 259 40.11 -22.46 -40.47
CA ALA A 259 38.78 -21.87 -40.41
C ALA A 259 38.53 -21.15 -39.08
N LEU A 260 39.24 -21.54 -38.04
CA LEU A 260 39.07 -20.93 -36.74
C LEU A 260 39.95 -19.68 -36.56
N THR A 261 40.90 -19.42 -37.47
CA THR A 261 42.10 -18.57 -37.23
C THR A 261 41.90 -17.47 -36.22
N PRO A 262 41.09 -16.45 -36.52
CA PRO A 262 41.17 -15.31 -35.60
C PRO A 262 40.58 -15.90 -34.28
N ILE A 263 41.43 -16.56 -33.47
CA ILE A 263 41.06 -17.15 -32.16
C ILE A 263 41.05 -16.06 -31.13
N VAL A 264 41.99 -15.15 -31.32
CA VAL A 264 42.28 -14.13 -30.37
C VAL A 264 42.41 -12.81 -31.13
N ASN A 265 41.95 -11.72 -30.50
CA ASN A 265 41.95 -10.39 -31.14
C ASN A 265 42.04 -9.30 -30.10
N GLN A 266 43.05 -8.45 -30.21
CA GLN A 266 43.26 -7.37 -29.21
C GLN A 266 42.13 -6.33 -29.19
N ALA A 267 41.21 -6.38 -30.17
CA ALA A 267 40.06 -5.47 -30.27
C ALA A 267 38.73 -5.99 -29.69
N ASN A 268 38.68 -7.26 -29.27
CA ASN A 268 37.50 -7.79 -28.61
C ASN A 268 37.71 -7.65 -27.12
N SER A 269 36.65 -7.73 -26.33
CA SER A 269 36.83 -7.55 -24.89
C SER A 269 37.72 -8.68 -24.31
N ASP A 270 38.29 -8.47 -23.13
CA ASP A 270 38.99 -9.57 -22.47
C ASP A 270 38.11 -10.84 -22.33
N SER A 271 36.82 -10.68 -22.02
CA SER A 271 35.92 -11.85 -21.91
C SER A 271 35.67 -12.60 -23.22
N TYR A 272 35.53 -11.85 -24.32
CA TYR A 272 35.27 -12.44 -25.64
C TYR A 272 36.46 -13.32 -26.00
N ASN A 273 37.66 -12.77 -25.85
CA ASN A 273 38.91 -13.53 -25.99
C ASN A 273 39.05 -14.79 -25.14
N LEU A 274 38.76 -14.68 -23.84
CA LEU A 274 38.91 -15.82 -22.94
C LEU A 274 37.93 -16.90 -23.35
N ASP A 275 36.69 -16.49 -23.62
CA ASP A 275 35.69 -17.40 -24.14
C ASP A 275 36.16 -18.17 -25.41
N SER A 276 36.73 -17.44 -26.37
CA SER A 276 37.13 -17.98 -27.66
C SER A 276 38.31 -18.93 -27.49
N ALA A 277 39.29 -18.54 -26.66
CA ALA A 277 40.44 -19.38 -26.42
C ALA A 277 40.03 -20.63 -25.67
N LEU A 278 39.07 -20.48 -24.76
CA LEU A 278 38.50 -21.61 -24.00
C LEU A 278 37.75 -22.62 -24.87
N GLU A 279 37.01 -22.15 -25.87
CA GLU A 279 36.28 -23.05 -26.77
C GLU A 279 37.21 -23.80 -27.72
N LEU A 280 38.32 -23.19 -28.12
CA LEU A 280 39.37 -23.94 -28.80
C LEU A 280 39.77 -25.16 -28.00
N LEU A 281 40.07 -24.97 -26.73
CA LEU A 281 40.41 -26.10 -25.89
C LEU A 281 39.30 -27.17 -25.68
N VAL A 282 38.04 -26.77 -25.75
CA VAL A 282 36.92 -27.69 -25.52
C VAL A 282 36.68 -28.50 -26.79
N ARG A 283 36.52 -27.81 -27.91
CA ARG A 283 36.21 -28.48 -29.17
C ARG A 283 37.34 -29.40 -29.64
N THR A 284 38.54 -29.25 -29.08
CA THR A 284 39.61 -30.14 -29.51
C THR A 284 39.95 -31.23 -28.49
N GLY A 285 39.06 -31.47 -27.53
CA GLY A 285 39.07 -32.70 -26.77
C GLY A 285 38.91 -32.66 -25.25
N ARG A 286 38.87 -31.45 -24.68
CA ARG A 286 38.75 -31.29 -23.25
C ARG A 286 37.38 -30.76 -22.82
N SER A 287 36.97 -31.16 -21.63
CA SER A 287 35.79 -30.57 -21.01
C SER A 287 36.12 -29.12 -20.61
N PRO A 288 35.11 -28.25 -20.63
CA PRO A 288 35.29 -26.84 -20.24
C PRO A 288 36.06 -26.69 -18.94
N LEU A 289 35.85 -27.65 -18.03
CA LEU A 289 36.55 -27.66 -16.74
C LEU A 289 38.07 -27.76 -16.92
N GLU A 290 38.48 -28.73 -17.72
CA GLU A 290 39.89 -28.95 -17.99
C GLU A 290 40.49 -27.73 -18.70
N ALA A 291 39.72 -27.13 -19.60
CA ALA A 291 40.21 -26.00 -20.36
C ALA A 291 40.48 -24.84 -19.41
N ALA A 292 39.66 -24.72 -18.39
CA ALA A 292 39.77 -23.57 -17.47
C ALA A 292 40.88 -23.85 -16.46
N MET A 293 41.17 -25.12 -16.25
CA MET A 293 42.28 -25.49 -15.40
C MET A 293 43.59 -25.13 -16.10
N ILE A 294 43.59 -25.05 -17.42
CA ILE A 294 44.81 -24.70 -18.16
C ILE A 294 45.00 -23.18 -18.29
N LEU A 295 43.94 -22.48 -18.68
CA LEU A 295 43.97 -21.02 -18.90
C LEU A 295 44.08 -20.24 -17.60
N VAL A 296 43.40 -20.72 -16.57
CA VAL A 296 43.33 -20.01 -15.30
C VAL A 296 43.67 -20.97 -14.17
N PRO A 297 44.91 -21.45 -14.12
CA PRO A 297 45.28 -22.49 -13.18
C PRO A 297 45.29 -22.00 -11.72
N GLU A 298 44.85 -22.88 -10.82
CA GLU A 298 45.00 -22.81 -9.37
C GLU A 298 46.40 -22.41 -8.90
N ALA A 299 46.50 -21.83 -7.72
CA ALA A 299 47.82 -21.66 -7.11
C ALA A 299 48.13 -22.96 -6.36
N TYR A 300 48.71 -23.90 -7.08
CA TYR A 300 48.89 -25.27 -6.63
C TYR A 300 50.06 -25.50 -5.66
N LYS A 301 51.15 -24.74 -5.82
CA LYS A 301 52.38 -24.90 -4.99
C LYS A 301 52.14 -24.72 -3.49
N ASN A 302 52.77 -25.58 -2.69
CA ASN A 302 52.62 -25.49 -1.22
C ASN A 302 51.15 -25.34 -0.78
N GLN A 303 50.30 -26.10 -1.47
CA GLN A 303 48.90 -26.20 -1.11
C GLN A 303 48.82 -27.56 -0.40
N PRO A 304 48.60 -27.50 0.91
CA PRO A 304 48.49 -28.69 1.77
C PRO A 304 47.29 -29.56 1.41
N ALA A 305 46.25 -28.94 0.88
CA ALA A 305 45.05 -29.61 0.40
C ALA A 305 45.37 -30.53 -0.78
N LEU A 306 46.57 -30.35 -1.36
CA LEU A 306 46.97 -31.14 -2.53
C LEU A 306 47.92 -32.27 -2.19
N LYS A 307 48.14 -32.46 -0.90
CA LYS A 307 49.00 -33.52 -0.38
C LYS A 307 48.61 -34.87 -0.97
N ASP A 308 47.31 -35.14 -0.98
CA ASP A 308 46.76 -36.41 -1.39
C ASP A 308 46.44 -36.47 -2.87
N TYR A 309 46.74 -35.40 -3.60
CA TYR A 309 46.45 -35.37 -5.04
C TYR A 309 47.66 -34.95 -5.89
N PRO A 310 48.76 -35.71 -5.81
CA PRO A 310 50.00 -35.37 -6.52
C PRO A 310 49.83 -35.40 -8.03
N GLU A 311 48.84 -36.13 -8.53
CA GLU A 311 48.53 -36.07 -9.96
C GLU A 311 48.07 -34.64 -10.29
N ILE A 312 47.42 -33.97 -9.35
CA ILE A 312 46.96 -32.59 -9.63
C ILE A 312 48.13 -31.61 -9.66
N SER A 313 49.06 -31.76 -8.71
CA SER A 313 50.32 -31.01 -8.75
C SER A 313 51.07 -31.26 -10.04
N ASP A 314 51.11 -32.52 -10.49
CA ASP A 314 51.82 -32.90 -11.71
C ASP A 314 51.21 -32.25 -12.92
N PHE A 315 49.88 -32.29 -12.97
CA PHE A 315 49.10 -31.63 -14.01
C PHE A 315 49.52 -30.17 -14.17
N HIS A 316 49.56 -29.39 -13.07
CA HIS A 316 49.86 -27.96 -13.19
C HIS A 316 51.35 -27.69 -13.44
N ASP A 317 52.18 -28.56 -12.87
CA ASP A 317 53.61 -28.54 -12.97
C ASP A 317 53.96 -28.63 -14.45
N TYR A 318 53.34 -29.57 -15.15
CA TYR A 318 53.52 -29.73 -16.59
C TYR A 318 53.04 -28.52 -17.37
N TYR A 319 51.76 -28.17 -17.19
CA TYR A 319 51.15 -27.08 -17.97
C TYR A 319 51.73 -25.69 -17.74
N SER A 320 52.25 -25.43 -16.54
CA SER A 320 52.89 -24.16 -16.26
C SER A 320 54.16 -23.93 -17.12
N GLY A 321 54.69 -24.97 -17.76
CA GLY A 321 55.71 -24.84 -18.79
C GLY A 321 55.17 -24.56 -20.18
N LEU A 322 53.86 -24.72 -20.37
CA LEU A 322 53.20 -24.58 -21.65
C LEU A 322 52.31 -23.38 -21.76
N GLN A 323 51.62 -23.00 -20.69
CA GLN A 323 50.59 -21.98 -20.82
C GLN A 323 50.60 -21.10 -19.59
N GLU A 324 50.76 -19.79 -19.80
CA GLU A 324 50.77 -18.81 -18.69
C GLU A 324 49.30 -18.51 -18.30
N PRO A 325 49.01 -18.19 -17.05
CA PRO A 325 47.64 -17.80 -16.67
C PRO A 325 47.09 -16.59 -17.42
N TRP A 326 45.82 -16.62 -17.75
CA TRP A 326 45.06 -15.40 -17.98
C TRP A 326 44.62 -14.91 -16.60
N ASP A 327 45.43 -14.01 -16.07
CA ASP A 327 45.31 -13.60 -14.68
C ASP A 327 44.35 -12.44 -14.43
N GLY A 328 44.02 -12.24 -13.16
CA GLY A 328 43.15 -11.17 -12.69
C GLY A 328 41.89 -11.80 -12.10
N PRO A 329 41.07 -10.98 -11.45
CA PRO A 329 39.83 -11.42 -10.82
C PRO A 329 38.93 -12.13 -11.78
N ALA A 330 38.30 -13.22 -11.35
CA ALA A 330 37.50 -14.04 -12.28
C ALA A 330 36.63 -15.00 -11.50
N LEU A 331 35.31 -14.84 -11.66
CA LEU A 331 34.41 -15.96 -11.57
C LEU A 331 34.00 -16.26 -13.00
N LEU A 332 34.31 -17.48 -13.42
CA LEU A 332 33.81 -18.07 -14.66
C LEU A 332 32.59 -18.93 -14.44
N VAL A 333 31.54 -18.68 -15.17
CA VAL A 333 30.42 -19.63 -15.19
C VAL A 333 30.33 -20.15 -16.65
N PHE A 334 30.37 -21.47 -16.85
CA PHE A 334 30.36 -22.03 -18.22
C PHE A 334 29.40 -23.17 -18.39
N SER A 335 28.98 -23.34 -19.62
CA SER A 335 28.22 -24.52 -19.95
C SER A 335 28.54 -25.01 -21.33
N ASP A 336 28.73 -26.31 -21.38
CA ASP A 336 28.74 -27.18 -22.57
C ASP A 336 27.39 -27.47 -23.23
N GLY A 337 26.35 -27.52 -22.43
CA GLY A 337 25.16 -28.27 -22.78
C GLY A 337 25.24 -29.67 -22.20
N LYS A 338 26.46 -30.10 -21.85
CA LYS A 338 26.72 -31.41 -21.20
C LYS A 338 27.07 -31.18 -19.71
N ILE A 339 27.91 -30.19 -19.47
CA ILE A 339 28.38 -29.91 -18.15
C ILE A 339 28.02 -28.45 -17.92
N VAL A 340 27.75 -28.07 -16.70
CA VAL A 340 27.61 -26.67 -16.36
C VAL A 340 28.38 -26.47 -15.08
N GLY A 341 29.25 -25.48 -15.08
CA GLY A 341 30.23 -25.33 -14.02
C GLY A 341 30.66 -23.93 -13.67
N ALA A 342 31.52 -23.82 -12.65
CA ALA A 342 32.09 -22.51 -12.30
C ALA A 342 33.42 -22.73 -11.64
N GLY A 343 34.30 -21.76 -11.80
CA GLY A 343 35.63 -21.82 -11.26
C GLY A 343 36.11 -20.41 -10.95
N LEU A 344 37.02 -20.33 -9.99
CA LEU A 344 37.51 -19.06 -9.54
C LEU A 344 38.95 -18.90 -9.95
N ASP A 345 39.37 -17.63 -10.06
CA ASP A 345 40.76 -17.24 -10.33
C ASP A 345 41.64 -17.78 -9.17
N ARG A 346 42.96 -17.74 -9.34
CA ARG A 346 43.87 -18.39 -8.40
C ARG A 346 43.81 -17.79 -6.95
N ASN A 347 43.47 -16.51 -6.84
CA ASN A 347 43.34 -15.80 -5.58
C ASN A 347 41.91 -15.55 -5.13
N GLY A 348 40.93 -16.00 -5.90
CA GLY A 348 39.53 -15.85 -5.52
C GLY A 348 39.14 -14.39 -5.24
N LEU A 349 39.23 -13.54 -6.25
CA LEU A 349 38.91 -12.12 -6.02
C LEU A 349 37.46 -11.73 -6.46
N ARG A 350 36.62 -12.73 -6.76
CA ARG A 350 35.19 -12.51 -6.90
C ARG A 350 34.46 -13.55 -6.04
N PRO A 351 33.30 -13.20 -5.47
CA PRO A 351 32.59 -14.16 -4.63
C PRO A 351 31.79 -15.14 -5.50
N ALA A 352 31.59 -16.36 -4.99
CA ALA A 352 30.78 -17.38 -5.63
C ALA A 352 30.13 -18.19 -4.49
N ARG A 353 28.80 -18.12 -4.43
CA ARG A 353 28.03 -18.76 -3.36
C ARG A 353 27.03 -19.72 -3.97
N TYR A 354 26.88 -20.88 -3.34
CA TYR A 354 25.98 -21.88 -3.88
C TYR A 354 25.20 -22.53 -2.81
N CYS A 355 24.29 -23.36 -3.27
CA CYS A 355 23.12 -23.72 -2.53
C CYS A 355 22.69 -25.04 -3.15
N ILE A 356 22.43 -26.08 -2.35
CA ILE A 356 21.99 -27.35 -2.91
C ILE A 356 20.76 -27.90 -2.20
N THR A 357 19.76 -28.35 -2.93
CA THR A 357 18.57 -28.91 -2.27
C THR A 357 18.63 -30.43 -2.14
N LYS A 358 17.62 -31.00 -1.48
CA LYS A 358 17.41 -32.44 -1.33
C LYS A 358 17.32 -33.21 -2.67
N ASP A 359 16.90 -32.50 -3.72
CA ASP A 359 16.80 -33.07 -5.06
C ASP A 359 18.00 -32.74 -5.93
N ASP A 360 19.09 -32.33 -5.32
CA ASP A 360 20.25 -31.93 -6.07
C ASP A 360 20.01 -30.74 -7.04
N TYR A 361 18.93 -30.01 -6.82
CA TYR A 361 18.80 -28.68 -7.39
C TYR A 361 19.88 -27.74 -6.84
N ILE A 362 20.53 -27.02 -7.76
CA ILE A 362 21.67 -26.17 -7.40
C ILE A 362 21.59 -24.78 -8.03
N VAL A 363 21.90 -23.79 -7.18
CA VAL A 363 21.96 -22.38 -7.55
C VAL A 363 23.33 -21.88 -7.08
N LEU A 364 24.09 -21.29 -7.99
CA LEU A 364 25.35 -20.67 -7.72
C LEU A 364 25.22 -19.28 -8.29
N GLY A 365 25.97 -18.35 -7.69
CA GLY A 365 25.99 -16.97 -8.12
C GLY A 365 26.91 -16.09 -7.27
N SER A 366 27.03 -14.84 -7.71
CA SER A 366 27.85 -13.85 -7.04
C SER A 366 27.30 -13.56 -5.68
N GLU A 367 25.98 -13.49 -5.57
CA GLU A 367 25.36 -13.33 -4.24
C GLU A 367 24.50 -14.51 -3.80
N ALA A 368 24.44 -14.71 -2.49
CA ALA A 368 23.67 -15.79 -1.85
C ALA A 368 22.12 -15.75 -1.89
N GLY A 369 21.45 -14.70 -1.46
CA GLY A 369 19.99 -14.93 -1.31
C GLY A 369 19.03 -14.74 -2.47
N VAL A 370 19.37 -15.25 -3.64
CA VAL A 370 18.93 -14.71 -4.94
C VAL A 370 17.83 -15.51 -5.72
N VAL A 371 17.59 -16.75 -5.30
CA VAL A 371 16.48 -17.55 -5.83
C VAL A 371 15.76 -17.97 -4.61
N ASP A 372 14.45 -17.79 -4.55
CA ASP A 372 13.86 -18.23 -3.32
C ASP A 372 13.31 -19.65 -3.45
N LEU A 373 13.94 -20.53 -2.69
CA LEU A 373 13.74 -21.97 -2.65
C LEU A 373 13.21 -22.17 -1.28
N PRO A 374 12.35 -23.14 -1.02
CA PRO A 374 11.90 -23.32 0.38
C PRO A 374 13.16 -23.71 1.21
N GLU A 375 13.52 -22.92 2.21
CA GLU A 375 14.68 -23.18 3.09
C GLU A 375 14.73 -24.60 3.70
N VAL A 376 13.57 -25.22 3.89
CA VAL A 376 13.55 -26.53 4.53
C VAL A 376 14.24 -27.57 3.61
N ASP A 377 14.25 -27.28 2.29
CA ASP A 377 14.79 -28.15 1.22
C ASP A 377 16.31 -28.05 1.02
N ILE A 378 16.90 -26.91 1.42
CA ILE A 378 18.33 -26.70 1.31
C ILE A 378 19.10 -27.66 2.18
N VAL A 379 20.01 -28.36 1.56
CA VAL A 379 20.73 -29.41 2.23
C VAL A 379 22.22 -29.03 2.32
N GLU A 380 22.65 -28.02 1.54
CA GLU A 380 24.00 -27.46 1.68
C GLU A 380 24.11 -25.99 1.21
N LYS A 381 24.77 -25.15 2.00
CA LYS A 381 25.16 -23.80 1.56
C LYS A 381 26.68 -23.70 1.61
N GLY A 382 27.28 -23.52 0.46
CA GLY A 382 28.72 -23.54 0.30
C GLY A 382 29.19 -22.32 -0.50
N ARG A 383 30.48 -22.34 -0.82
CA ARG A 383 31.12 -21.28 -1.56
C ARG A 383 32.27 -21.86 -2.32
N LEU A 384 32.73 -21.15 -3.33
CA LEU A 384 33.99 -21.49 -3.94
C LEU A 384 35.13 -20.83 -3.15
N ALA A 385 36.18 -21.60 -2.83
CA ALA A 385 37.42 -21.03 -2.31
C ALA A 385 38.40 -20.72 -3.47
N PRO A 386 39.54 -20.03 -3.23
CA PRO A 386 40.41 -19.61 -4.34
C PRO A 386 40.77 -20.78 -5.23
N GLY A 387 40.65 -20.62 -6.56
CA GLY A 387 41.02 -21.65 -7.53
C GLY A 387 40.09 -22.85 -7.64
N GLN A 388 38.96 -22.83 -6.92
CA GLN A 388 38.07 -24.00 -6.84
C GLN A 388 37.04 -24.01 -7.98
N MET A 389 36.45 -25.19 -8.23
CA MET A 389 35.42 -25.33 -9.26
C MET A 389 34.35 -26.24 -8.72
N ILE A 390 33.13 -26.11 -9.28
CA ILE A 390 32.02 -27.01 -9.00
C ILE A 390 31.32 -27.18 -10.33
N ALA A 391 30.79 -28.35 -10.60
CA ALA A 391 30.08 -28.59 -11.84
C ALA A 391 28.89 -29.51 -11.72
N VAL A 392 28.03 -29.43 -12.70
CA VAL A 392 27.00 -30.43 -12.85
C VAL A 392 27.21 -31.26 -14.13
N ASP A 393 27.17 -32.60 -14.05
CA ASP A 393 27.05 -33.47 -15.24
C ASP A 393 25.56 -33.65 -15.52
N LEU A 394 25.05 -32.96 -16.54
CA LEU A 394 23.62 -32.99 -16.82
C LEU A 394 23.13 -34.38 -17.21
N ALA A 395 23.91 -35.16 -17.97
CA ALA A 395 23.43 -36.51 -18.35
C ALA A 395 23.41 -37.47 -17.18
N GLU A 396 24.47 -37.43 -16.38
CA GLU A 396 24.61 -38.35 -15.28
C GLU A 396 23.80 -37.88 -14.06
N GLN A 397 23.37 -36.62 -14.10
CA GLN A 397 22.59 -36.02 -13.01
C GLN A 397 23.40 -36.03 -11.73
N LYS A 398 24.62 -35.47 -11.78
CA LYS A 398 25.54 -35.49 -10.61
C LYS A 398 26.16 -34.15 -10.38
N ILE A 399 26.34 -33.81 -9.10
CA ILE A 399 27.12 -32.65 -8.72
C ILE A 399 28.56 -33.12 -8.52
N LEU A 400 29.48 -32.50 -9.25
CA LEU A 400 30.90 -32.77 -9.15
C LEU A 400 31.60 -31.68 -8.30
N LYS A 401 32.30 -32.05 -7.25
CA LYS A 401 32.99 -31.07 -6.40
C LYS A 401 34.45 -30.83 -6.81
N ASN A 402 35.06 -29.78 -6.27
CA ASN A 402 36.42 -29.39 -6.64
C ASN A 402 37.43 -30.53 -6.87
N TYR A 403 37.69 -31.39 -5.90
CA TYR A 403 38.78 -32.37 -6.07
C TYR A 403 38.48 -33.50 -7.05
N GLN A 404 37.25 -34.02 -7.08
CA GLN A 404 36.92 -34.99 -8.10
C GLN A 404 37.16 -34.43 -9.48
N ILE A 405 36.60 -33.25 -9.74
CA ILE A 405 36.68 -32.65 -11.07
C ILE A 405 38.13 -32.64 -11.47
N LYS A 406 38.94 -32.06 -10.61
CA LYS A 406 40.37 -31.88 -10.90
C LYS A 406 41.16 -33.20 -11.03
N GLN A 407 40.97 -34.14 -10.09
CA GLN A 407 41.59 -35.47 -10.25
C GLN A 407 41.21 -36.20 -11.55
N GLN A 408 39.94 -36.12 -11.95
CA GLN A 408 39.54 -36.79 -13.18
C GLN A 408 40.38 -36.28 -14.36
N ALA A 409 40.67 -34.98 -14.39
CA ALA A 409 41.51 -34.41 -15.44
C ALA A 409 43.02 -34.73 -15.29
N ALA A 410 43.59 -34.51 -14.12
CA ALA A 410 45.00 -34.80 -13.89
C ALA A 410 45.43 -36.24 -14.22
N GLN A 411 44.58 -37.21 -13.89
CA GLN A 411 45.01 -38.59 -14.05
C GLN A 411 44.96 -39.15 -15.48
N LYS A 412 44.54 -38.35 -16.45
CA LYS A 412 44.47 -38.75 -17.86
C LYS A 412 45.81 -39.08 -18.53
N TYR A 413 46.89 -38.58 -17.96
CA TYR A 413 48.25 -38.66 -18.49
C TYR A 413 49.27 -38.73 -17.36
N PRO A 414 50.34 -39.50 -17.55
CA PRO A 414 51.43 -39.59 -16.55
C PRO A 414 52.37 -38.37 -16.50
N TYR A 415 51.78 -37.21 -16.27
CA TYR A 415 52.51 -35.94 -16.34
C TYR A 415 53.77 -35.89 -15.48
N GLY A 416 53.68 -36.34 -14.23
CA GLY A 416 54.85 -36.53 -13.40
C GLY A 416 55.95 -37.28 -14.16
N GLU A 417 55.67 -38.52 -14.61
CA GLU A 417 56.66 -39.31 -15.36
C GLU A 417 57.33 -38.43 -16.41
N TRP A 418 56.55 -37.79 -17.27
CA TRP A 418 57.13 -36.95 -18.32
C TRP A 418 58.12 -35.93 -17.74
N ILE A 419 57.70 -35.13 -16.76
CA ILE A 419 58.59 -34.15 -16.15
C ILE A 419 59.89 -34.79 -15.65
N LYS A 420 59.77 -35.87 -14.89
CA LYS A 420 60.93 -36.57 -14.34
C LYS A 420 61.97 -36.98 -15.43
N ILE A 421 61.49 -37.53 -16.55
CA ILE A 421 62.36 -37.88 -17.69
C ILE A 421 62.85 -36.68 -18.55
N GLN A 422 61.95 -35.74 -18.86
CA GLN A 422 62.20 -34.69 -19.87
C GLN A 422 62.72 -33.31 -19.40
N ARG A 423 62.33 -32.87 -18.19
CA ARG A 423 62.70 -31.55 -17.68
C ARG A 423 64.13 -31.47 -17.11
N GLN A 424 64.89 -30.47 -17.56
CA GLN A 424 66.13 -30.16 -16.90
C GLN A 424 65.95 -28.96 -15.98
N THR A 425 66.38 -29.09 -14.74
CA THR A 425 66.27 -28.01 -13.75
C THR A 425 67.62 -27.33 -13.48
N VAL A 426 67.70 -26.03 -13.74
CA VAL A 426 68.96 -25.29 -13.57
C VAL A 426 68.96 -24.27 -12.44
N ALA A 427 69.42 -24.69 -11.26
CA ALA A 427 69.49 -23.80 -10.08
C ALA A 427 70.80 -23.99 -9.37
N SER A 428 71.46 -22.88 -9.05
CA SER A 428 72.67 -22.97 -8.20
C SER A 428 72.64 -22.02 -6.99
N ASP A 429 72.83 -22.57 -5.80
CA ASP A 429 72.82 -21.76 -4.58
C ASP A 429 74.11 -20.96 -4.46
N SER A 430 75.18 -21.52 -5.00
CA SER A 430 76.50 -20.91 -4.89
C SER A 430 76.72 -20.01 -6.07
N PHE A 431 77.42 -18.91 -5.83
CA PHE A 431 77.85 -17.98 -6.86
C PHE A 431 79.26 -18.26 -7.33
N ALA A 432 79.71 -17.50 -8.34
CA ALA A 432 81.14 -17.36 -8.63
C ALA A 432 81.71 -16.21 -7.80
N GLU A 433 82.59 -16.60 -6.89
CA GLU A 433 83.23 -15.68 -5.94
C GLU A 433 84.45 -15.00 -6.57
N LYS A 434 85.15 -15.76 -7.44
CA LYS A 434 86.27 -15.27 -8.27
C LYS A 434 85.78 -14.17 -9.25
N THR A 435 86.58 -13.12 -9.46
CA THR A 435 86.15 -12.00 -10.30
C THR A 435 86.18 -12.28 -11.79
N LEU A 436 85.46 -11.45 -12.55
CA LEU A 436 85.54 -11.46 -14.01
C LEU A 436 86.73 -10.63 -14.50
N PHE A 437 86.84 -9.40 -13.99
CA PHE A 437 87.97 -8.55 -14.34
C PHE A 437 88.95 -8.51 -13.16
N ASN A 438 90.22 -8.25 -13.50
CA ASN A 438 91.32 -8.42 -12.56
C ASN A 438 91.86 -7.11 -12.03
N ASP A 439 92.16 -6.17 -12.94
CA ASP A 439 92.70 -4.85 -12.57
C ASP A 439 91.53 -3.96 -12.12
N ALA A 440 91.86 -2.70 -11.73
CA ALA A 440 90.92 -1.75 -11.10
C ALA A 440 90.10 -0.93 -12.08
N GLN A 441 90.79 -0.15 -12.93
CA GLN A 441 90.13 0.77 -13.85
C GLN A 441 89.12 0.09 -14.79
N THR A 442 89.29 -1.22 -15.03
CA THR A 442 88.48 -1.96 -16.02
C THR A 442 86.98 -1.99 -15.67
N VAL A 443 86.67 -2.27 -14.41
CA VAL A 443 85.31 -2.32 -13.95
C VAL A 443 84.72 -0.92 -13.95
N LEU A 444 85.53 0.06 -13.60
CA LEU A 444 85.05 1.43 -13.59
C LEU A 444 84.64 1.83 -15.00
N GLN A 445 85.57 1.73 -15.95
CA GLN A 445 85.34 2.08 -17.36
C GLN A 445 84.12 1.40 -17.99
N GLN A 446 83.99 0.08 -17.76
CA GLN A 446 82.83 -0.70 -18.19
C GLN A 446 81.53 -0.20 -17.58
N GLN A 447 81.57 0.18 -16.31
CA GLN A 447 80.39 0.68 -15.63
C GLN A 447 79.95 2.01 -16.24
N ALA A 448 80.92 2.88 -16.50
CA ALA A 448 80.65 4.17 -17.15
C ALA A 448 80.05 3.98 -18.52
N ALA A 449 80.63 3.07 -19.29
CA ALA A 449 80.17 2.84 -20.65
C ALA A 449 78.76 2.26 -20.69
N PHE A 450 78.36 1.49 -19.68
CA PHE A 450 77.03 0.88 -19.71
C PHE A 450 75.97 1.70 -18.98
N GLY A 451 76.31 2.96 -18.69
CA GLY A 451 75.38 3.89 -18.06
C GLY A 451 75.28 3.92 -16.56
N TYR A 452 76.19 3.25 -15.85
CA TYR A 452 76.14 3.33 -14.39
C TYR A 452 76.63 4.71 -13.94
N THR A 453 76.08 5.14 -12.81
CA THR A 453 76.26 6.49 -12.31
C THR A 453 76.59 6.32 -10.83
N ALA A 454 77.18 7.32 -10.20
CA ALA A 454 77.66 7.10 -8.84
C ALA A 454 76.52 6.70 -7.90
N GLU A 455 75.34 7.28 -8.11
CA GLU A 455 74.16 6.95 -7.28
C GLU A 455 73.59 5.56 -7.61
N ASP A 456 73.80 5.07 -8.83
CA ASP A 456 73.41 3.70 -9.13
C ASP A 456 74.05 2.59 -8.29
N VAL A 457 75.36 2.70 -8.08
CA VAL A 457 76.03 1.76 -7.21
C VAL A 457 75.85 2.17 -5.77
N GLU A 458 76.07 3.44 -5.40
CA GLU A 458 75.99 3.85 -4.00
C GLU A 458 74.58 3.73 -3.39
N MET A 459 73.55 4.09 -4.16
CA MET A 459 72.16 4.17 -3.66
C MET A 459 71.22 3.08 -4.06
N VAL A 460 71.60 2.27 -5.04
CA VAL A 460 70.73 1.19 -5.48
C VAL A 460 71.42 -0.17 -5.26
N VAL A 461 72.47 -0.45 -6.03
CA VAL A 461 73.21 -1.71 -5.92
C VAL A 461 73.74 -2.03 -4.52
N VAL A 462 74.45 -1.05 -3.93
CA VAL A 462 75.07 -1.26 -2.62
C VAL A 462 74.06 -1.62 -1.52
N PRO A 463 73.03 -0.80 -1.30
CA PRO A 463 72.00 -1.19 -0.32
C PRO A 463 71.41 -2.56 -0.63
N MET A 464 71.28 -2.93 -1.91
CA MET A 464 70.70 -4.22 -2.29
C MET A 464 71.62 -5.35 -1.86
N ALA A 465 72.89 -5.22 -2.18
CA ALA A 465 73.94 -6.12 -1.72
C ALA A 465 74.10 -6.18 -0.21
N SER A 466 74.05 -5.03 0.47
CA SER A 466 74.44 -4.98 1.88
C SER A 466 73.33 -5.31 2.81
N GLN A 467 72.11 -5.03 2.40
CA GLN A 467 70.91 -5.19 3.24
C GLN A 467 69.94 -6.23 2.76
N GLY A 468 70.08 -6.71 1.53
CA GLY A 468 69.17 -7.75 1.08
C GLY A 468 67.79 -7.22 0.77
N LYS A 469 67.68 -5.91 0.53
CA LYS A 469 66.45 -5.31 -0.02
C LYS A 469 66.68 -4.00 -0.75
N GLU A 470 65.92 -3.77 -1.82
CA GLU A 470 65.87 -2.50 -2.55
C GLU A 470 65.66 -1.31 -1.56
N PRO A 471 66.25 -0.17 -1.87
CA PRO A 471 66.25 0.95 -0.92
C PRO A 471 64.87 1.63 -0.75
N THR A 472 64.59 2.01 0.49
CA THR A 472 63.48 2.86 0.83
C THR A 472 63.98 4.29 0.78
N PHE A 473 63.08 5.18 0.36
CA PHE A 473 63.37 6.60 0.34
C PHE A 473 62.07 7.35 0.63
N CYS A 474 61.99 8.60 0.20
CA CYS A 474 60.96 9.54 0.65
C CYS A 474 60.88 10.82 -0.25
N MET A 475 59.80 11.58 -0.12
CA MET A 475 59.49 12.65 -1.07
C MET A 475 59.29 12.19 -2.50
N GLY A 476 58.83 13.06 -3.38
CA GLY A 476 58.54 12.61 -4.74
C GLY A 476 59.67 12.71 -5.76
N ASP A 477 59.41 12.21 -6.96
CA ASP A 477 60.33 12.43 -8.08
C ASP A 477 60.21 13.82 -8.67
N ASP A 478 61.24 14.56 -8.33
CA ASP A 478 61.37 15.98 -8.27
C ASP A 478 62.06 16.46 -9.54
N THR A 479 62.59 15.52 -10.30
CA THR A 479 63.51 15.80 -11.40
C THR A 479 62.74 15.70 -12.70
N PRO A 480 63.38 16.14 -13.79
CA PRO A 480 62.77 16.05 -15.12
C PRO A 480 62.46 14.65 -15.61
N LEU A 481 61.36 14.54 -16.34
CA LEU A 481 61.09 13.37 -17.15
C LEU A 481 62.36 13.06 -17.92
N ALA A 482 62.66 11.77 -18.06
CA ALA A 482 63.87 11.36 -18.80
C ALA A 482 64.03 12.10 -20.12
N VAL A 483 62.94 12.26 -20.86
CA VAL A 483 63.02 12.82 -22.20
C VAL A 483 63.33 14.32 -22.11
N LEU A 484 63.11 14.91 -20.94
CA LEU A 484 63.28 16.36 -20.81
C LEU A 484 64.63 16.68 -20.20
N SER A 485 65.29 15.66 -19.67
CA SER A 485 66.57 15.88 -19.03
C SER A 485 67.67 16.30 -20.00
N HIS A 486 68.65 17.05 -19.50
CA HIS A 486 69.89 17.34 -20.21
C HIS A 486 70.94 16.40 -19.66
N LYS A 487 70.51 15.61 -18.70
CA LYS A 487 71.35 14.62 -18.06
C LYS A 487 71.14 13.27 -18.76
N PRO A 488 72.23 12.53 -18.96
CA PRO A 488 72.16 11.24 -19.66
C PRO A 488 71.30 10.23 -18.87
N ARG A 489 70.45 9.48 -19.57
CA ARG A 489 69.61 8.47 -18.93
C ARG A 489 69.55 7.23 -19.82
N LEU A 490 69.21 6.09 -19.22
CA LEU A 490 69.01 4.83 -19.95
C LEU A 490 67.60 4.69 -20.50
N LEU A 491 67.46 3.91 -21.59
CA LEU A 491 66.16 3.59 -22.20
C LEU A 491 65.07 3.16 -21.24
N TYR A 492 65.46 2.42 -20.22
CA TYR A 492 64.61 2.01 -19.13
C TYR A 492 63.80 3.15 -18.48
N ASP A 493 64.44 4.29 -18.32
CA ASP A 493 63.86 5.43 -17.60
C ASP A 493 62.68 6.07 -18.38
N TYR A 494 62.54 5.70 -19.65
CA TYR A 494 61.46 6.18 -20.51
C TYR A 494 60.19 5.40 -20.26
N PHE A 495 60.32 4.34 -19.46
CA PHE A 495 59.23 3.40 -19.22
C PHE A 495 58.72 3.54 -17.79
N LYS A 496 57.41 3.68 -17.68
CA LYS A 496 56.75 3.80 -16.40
C LYS A 496 55.99 2.54 -16.23
N GLN A 497 56.07 1.95 -15.03
CA GLN A 497 55.24 0.78 -14.68
C GLN A 497 53.77 1.16 -14.62
N ARG A 498 52.91 0.25 -15.07
CA ARG A 498 51.46 0.33 -14.86
C ARG A 498 51.11 -0.52 -13.62
N PHE A 499 49.87 -0.39 -13.15
CA PHE A 499 49.46 -0.86 -11.83
C PHE A 499 47.93 -0.91 -11.84
N ALA A 500 47.37 -1.70 -10.96
CA ALA A 500 45.92 -1.88 -10.82
C ALA A 500 45.24 -0.76 -10.04
N GLN A 501 44.14 -0.24 -10.52
CA GLN A 501 43.36 0.58 -9.61
C GLN A 501 41.90 0.46 -10.00
N VAL A 502 41.05 0.15 -9.02
CA VAL A 502 39.58 0.04 -9.16
C VAL A 502 39.07 -1.19 -9.93
N THR A 503 39.36 -1.29 -11.22
CA THR A 503 38.73 -2.32 -12.08
C THR A 503 39.31 -3.68 -11.83
N ASN A 504 40.53 -3.72 -11.30
CA ASN A 504 41.11 -4.90 -10.67
C ASN A 504 42.13 -4.46 -9.59
N PRO A 505 42.39 -5.32 -8.60
CA PRO A 505 43.24 -4.98 -7.46
C PRO A 505 44.70 -5.38 -7.60
N PRO A 506 45.56 -4.66 -6.90
CA PRO A 506 46.93 -5.16 -6.61
C PRO A 506 46.80 -6.36 -5.68
N ILE A 507 47.87 -7.13 -5.49
CA ILE A 507 47.87 -8.20 -4.50
C ILE A 507 49.02 -7.94 -3.61
N ASP A 508 49.08 -8.65 -2.50
CA ASP A 508 50.07 -8.38 -1.48
C ASP A 508 51.25 -9.32 -1.65
N PRO A 509 52.36 -8.78 -2.14
CA PRO A 509 53.54 -9.57 -2.48
C PRO A 509 54.24 -10.21 -1.27
N LEU A 510 53.83 -9.80 -0.07
CA LEU A 510 54.52 -10.19 1.13
C LEU A 510 53.62 -11.08 1.98
N ARG A 511 52.43 -10.59 2.30
CA ARG A 511 51.45 -11.43 2.99
C ARG A 511 50.93 -12.59 2.10
N GLU A 512 50.83 -12.39 0.79
CA GLU A 512 50.28 -13.43 -0.08
C GLU A 512 51.31 -13.93 -1.11
N ASN A 513 52.58 -13.78 -0.78
CA ASN A 513 53.65 -14.39 -1.59
C ASN A 513 53.38 -15.82 -2.04
N LEU A 514 52.77 -16.67 -1.21
CA LEU A 514 52.69 -18.11 -1.52
C LEU A 514 52.01 -18.45 -2.83
N VAL A 515 51.38 -17.45 -3.41
CA VAL A 515 50.57 -17.59 -4.57
C VAL A 515 51.33 -17.13 -5.83
N MET A 516 52.51 -16.55 -5.62
CA MET A 516 53.33 -15.96 -6.69
C MET A 516 54.52 -16.84 -7.00
N SER A 517 55.04 -16.77 -8.22
CA SER A 517 56.24 -17.52 -8.58
C SER A 517 57.07 -16.71 -9.55
N LEU A 518 58.38 -16.72 -9.34
CA LEU A 518 59.32 -16.24 -10.34
C LEU A 518 59.86 -17.35 -11.31
N ALA A 519 59.31 -18.55 -11.29
CA ALA A 519 59.74 -19.64 -12.21
C ALA A 519 59.63 -19.35 -13.73
N MET A 520 60.64 -19.72 -14.51
CA MET A 520 60.56 -19.53 -15.95
C MET A 520 60.96 -20.81 -16.71
N PHE A 521 60.55 -20.89 -17.97
CA PHE A 521 60.82 -22.05 -18.81
C PHE A 521 61.57 -21.65 -20.09
N LEU A 522 62.70 -22.31 -20.32
CA LEU A 522 63.52 -22.04 -21.48
C LEU A 522 63.23 -23.03 -22.60
N GLY A 523 62.93 -22.51 -23.79
CA GLY A 523 62.95 -23.37 -24.94
C GLY A 523 61.74 -23.38 -25.82
N LYS A 524 61.53 -24.51 -26.49
CA LYS A 524 60.40 -24.66 -27.37
C LYS A 524 59.10 -24.77 -26.54
N ARG A 525 58.23 -23.77 -26.65
CA ARG A 525 56.87 -23.82 -26.07
C ARG A 525 56.08 -24.91 -26.80
N GLY A 526 55.64 -25.95 -26.09
CA GLY A 526 55.05 -27.11 -26.75
C GLY A 526 53.58 -27.04 -27.12
N ASN A 527 53.15 -27.97 -27.97
CA ASN A 527 51.74 -28.14 -28.37
C ASN A 527 50.73 -28.13 -27.21
N LEU A 528 49.99 -27.03 -27.11
CA LEU A 528 48.96 -26.83 -26.09
C LEU A 528 47.76 -27.79 -26.18
N LEU A 529 47.34 -28.11 -27.40
CA LEU A 529 46.07 -28.79 -27.61
C LEU A 529 46.19 -30.30 -27.50
N GLU A 530 47.43 -30.79 -27.48
CA GLU A 530 47.71 -32.23 -27.51
C GLU A 530 48.88 -32.57 -26.61
N PRO A 531 48.64 -33.12 -25.43
CA PRO A 531 49.71 -33.36 -24.45
C PRO A 531 50.66 -34.47 -24.89
N LYS A 532 51.96 -34.20 -24.76
CA LYS A 532 53.00 -35.12 -25.21
C LYS A 532 54.19 -35.02 -24.26
N ALA A 533 54.93 -36.11 -24.08
CA ALA A 533 56.14 -36.02 -23.26
C ALA A 533 57.09 -34.95 -23.76
N GLU A 534 57.19 -34.81 -25.09
CA GLU A 534 58.10 -33.86 -25.77
C GLU A 534 57.96 -32.44 -25.23
N SER A 535 56.72 -31.98 -25.10
CA SER A 535 56.40 -30.62 -24.64
C SER A 535 57.04 -30.27 -23.28
N ALA A 536 57.39 -31.31 -22.52
CA ALA A 536 58.00 -31.17 -21.20
C ALA A 536 59.55 -31.11 -21.22
N ARG A 537 60.16 -31.28 -22.40
CA ARG A 537 61.61 -31.20 -22.53
C ARG A 537 62.00 -29.72 -22.58
N THR A 538 62.46 -29.21 -21.45
CA THR A 538 62.52 -27.79 -21.28
C THR A 538 63.56 -27.57 -20.21
N ILE A 539 64.07 -26.34 -20.13
CA ILE A 539 64.93 -25.94 -19.00
C ILE A 539 64.16 -25.00 -18.10
N LYS A 540 63.91 -25.46 -16.88
CA LYS A 540 63.22 -24.70 -15.86
C LYS A 540 64.24 -23.97 -14.99
N LEU A 541 64.08 -22.65 -14.91
CA LEU A 541 64.81 -21.77 -13.98
C LEU A 541 63.95 -21.46 -12.75
N ARG A 542 64.48 -21.61 -11.54
CA ARG A 542 63.69 -21.16 -10.39
C ARG A 542 63.50 -19.63 -10.27
N SER A 543 64.29 -18.84 -11.02
CA SER A 543 64.29 -17.37 -10.99
C SER A 543 64.84 -16.78 -12.29
N PRO A 544 64.40 -15.59 -12.70
CA PRO A 544 64.89 -15.00 -13.94
C PRO A 544 66.33 -14.51 -13.86
N LEU A 545 66.83 -14.26 -12.65
CA LEU A 545 68.21 -13.79 -12.53
C LEU A 545 69.13 -14.99 -12.59
N VAL A 546 69.92 -15.13 -13.64
CA VAL A 546 70.91 -16.21 -13.68
C VAL A 546 72.37 -15.77 -13.41
N ASN A 547 72.99 -16.39 -12.40
CA ASN A 547 74.37 -16.07 -12.10
C ASN A 547 75.34 -16.79 -13.07
N GLU A 548 76.65 -16.65 -12.84
CA GLU A 548 77.62 -17.12 -13.82
C GLU A 548 77.63 -18.62 -13.88
N VAL A 549 77.49 -19.24 -12.71
CA VAL A 549 77.47 -20.70 -12.63
C VAL A 549 76.25 -21.25 -13.37
N GLU A 550 75.10 -20.59 -13.16
CA GLU A 550 73.82 -21.02 -13.73
C GLU A 550 73.81 -20.92 -15.25
N LEU A 551 74.46 -19.88 -15.77
CA LEU A 551 74.51 -19.64 -17.21
C LEU A 551 75.34 -20.72 -17.90
N GLN A 552 76.52 -21.01 -17.36
CA GLN A 552 77.33 -22.11 -17.83
C GLN A 552 76.54 -23.42 -17.84
N ALA A 553 75.74 -23.70 -16.81
CA ALA A 553 74.97 -24.93 -16.76
C ALA A 553 73.89 -24.95 -17.84
N ILE A 554 73.25 -23.79 -18.07
CA ILE A 554 72.35 -23.59 -19.23
C ILE A 554 73.07 -23.89 -20.56
N LYS A 555 74.24 -23.28 -20.76
CA LYS A 555 75.05 -23.45 -21.98
C LYS A 555 75.51 -24.91 -22.19
N THR A 556 75.87 -25.55 -21.08
CA THR A 556 76.14 -26.98 -21.00
C THR A 556 74.89 -27.88 -21.19
N GLY A 557 73.70 -27.31 -21.04
CA GLY A 557 72.45 -28.06 -20.93
C GLY A 557 72.05 -29.01 -22.06
N GLN A 558 70.81 -29.51 -21.97
CA GLN A 558 70.24 -30.48 -22.92
C GLN A 558 69.62 -29.83 -24.15
N LEU A 559 69.71 -28.51 -24.25
CA LEU A 559 69.15 -27.80 -25.40
C LEU A 559 70.23 -27.23 -26.31
N GLN A 560 69.86 -26.91 -27.55
CA GLN A 560 70.74 -26.18 -28.45
C GLN A 560 70.68 -24.69 -28.06
N VAL A 561 71.86 -24.06 -28.07
CA VAL A 561 72.07 -22.74 -27.52
C VAL A 561 73.06 -21.91 -28.37
N ALA A 562 72.67 -20.69 -28.67
CA ALA A 562 73.38 -19.83 -29.58
C ALA A 562 73.64 -18.46 -28.99
N GLU A 563 74.90 -18.11 -28.89
CA GLU A 563 75.36 -16.75 -28.65
C GLU A 563 75.07 -15.84 -29.84
N VAL A 564 74.50 -14.67 -29.54
CA VAL A 564 74.26 -13.64 -30.53
C VAL A 564 74.77 -12.37 -29.90
N SER A 565 75.56 -11.63 -30.63
CA SER A 565 76.18 -10.44 -30.13
C SER A 565 75.25 -9.24 -30.26
N THR A 566 75.31 -8.36 -29.26
CA THR A 566 74.68 -7.05 -29.32
C THR A 566 75.71 -5.93 -29.52
N LEU A 567 76.98 -6.29 -29.64
CA LEU A 567 78.01 -5.32 -29.91
C LEU A 567 78.10 -5.06 -31.40
N TYR A 568 78.63 -3.89 -31.78
CA TYR A 568 78.91 -3.56 -33.19
C TYR A 568 79.99 -2.50 -33.31
N ASP A 569 80.75 -2.52 -34.41
CA ASP A 569 81.88 -1.59 -34.67
C ASP A 569 81.47 -0.14 -34.95
N ASN A 574 78.36 1.86 -40.10
CA ASN A 574 77.56 1.19 -39.08
C ASN A 574 76.82 2.14 -38.11
N SER A 575 75.55 1.82 -37.83
CA SER A 575 74.72 2.64 -36.97
C SER A 575 73.79 1.72 -36.21
N LEU A 576 73.57 2.01 -34.93
CA LEU A 576 72.64 1.21 -34.11
C LEU A 576 71.48 0.66 -34.97
N GLU A 577 70.83 1.56 -35.72
CA GLU A 577 69.71 1.20 -36.58
C GLU A 577 70.00 -0.05 -37.42
N ASP A 578 71.15 -0.03 -38.10
CA ASP A 578 71.51 -1.15 -38.93
C ASP A 578 72.10 -2.28 -38.08
N ALA A 579 72.88 -1.92 -37.06
CA ALA A 579 73.41 -2.91 -36.11
C ALA A 579 72.32 -3.79 -35.55
N LEU A 580 71.13 -3.22 -35.36
CA LEU A 580 69.95 -3.91 -34.84
C LEU A 580 69.18 -4.76 -35.87
N THR A 581 69.30 -4.41 -37.14
CA THR A 581 68.68 -5.18 -38.20
C THR A 581 69.50 -6.46 -38.38
N ASN A 582 70.82 -6.35 -38.29
CA ASN A 582 71.66 -7.52 -38.45
C ASN A 582 71.49 -8.43 -37.28
N LEU A 583 71.26 -7.83 -36.12
CA LEU A 583 70.87 -8.55 -34.91
C LEU A 583 69.59 -9.37 -35.11
N VAL A 584 68.50 -8.68 -35.37
CA VAL A 584 67.23 -9.34 -35.62
C VAL A 584 67.34 -10.46 -36.68
N LYS A 585 68.03 -10.18 -37.79
CA LYS A 585 68.17 -11.16 -38.83
C LYS A 585 68.94 -12.38 -38.33
N THR A 586 69.97 -12.13 -37.54
CA THR A 586 70.79 -13.21 -36.98
C THR A 586 70.01 -14.05 -35.97
N ALA A 587 69.01 -13.44 -35.36
CA ALA A 587 68.20 -14.20 -34.42
C ALA A 587 67.26 -15.10 -35.20
N ILE A 588 66.59 -14.51 -36.16
CA ILE A 588 65.64 -15.21 -36.99
C ILE A 588 66.31 -16.45 -37.54
N ALA A 589 67.47 -16.23 -38.14
CA ALA A 589 68.16 -17.27 -38.90
C ALA A 589 68.67 -18.33 -37.96
N THR A 590 69.05 -17.92 -36.75
CA THR A 590 69.63 -18.80 -35.76
C THR A 590 68.59 -19.76 -35.18
N VAL A 591 67.38 -19.25 -34.97
CA VAL A 591 66.29 -20.09 -34.49
C VAL A 591 65.86 -21.01 -35.61
N GLN A 592 65.81 -20.47 -36.83
CA GLN A 592 65.44 -21.22 -38.04
C GLN A 592 66.47 -22.28 -38.38
N ALA A 593 67.63 -22.21 -37.72
CA ALA A 593 68.67 -23.23 -37.87
C ALA A 593 68.56 -24.33 -36.81
N GLY A 594 67.76 -24.05 -35.76
CA GLY A 594 67.42 -25.05 -34.75
C GLY A 594 67.72 -24.71 -33.30
N ALA A 595 68.25 -23.52 -33.02
CA ALA A 595 68.58 -23.10 -31.65
C ALA A 595 67.32 -22.92 -30.80
N GLU A 596 67.39 -23.30 -29.52
CA GLU A 596 66.23 -23.23 -28.62
C GLU A 596 66.43 -22.17 -27.51
N ILE A 597 67.68 -21.83 -27.25
CA ILE A 597 68.04 -20.70 -26.38
C ILE A 597 69.00 -19.75 -27.11
N LEU A 598 68.56 -18.49 -27.23
CA LEU A 598 69.39 -17.39 -27.75
C LEU A 598 69.90 -16.60 -26.57
N VAL A 599 71.20 -16.35 -26.54
CA VAL A 599 71.80 -15.57 -25.46
C VAL A 599 72.26 -14.21 -26.00
N LEU A 600 71.43 -13.19 -25.94
CA LEU A 600 71.88 -11.88 -26.43
C LEU A 600 72.91 -11.35 -25.42
N THR A 601 74.21 -11.46 -25.79
CA THR A 601 75.35 -11.01 -24.99
C THR A 601 75.87 -9.72 -25.52
N ASP A 602 76.12 -8.76 -24.63
CA ASP A 602 77.05 -7.69 -24.99
C ASP A 602 78.44 -7.93 -24.47
N ARG A 603 78.79 -9.20 -24.23
CA ARG A 603 80.19 -9.64 -24.06
C ARG A 603 80.48 -10.95 -24.85
N PRO A 604 80.43 -10.91 -26.18
CA PRO A 604 80.60 -12.14 -27.01
C PRO A 604 82.03 -12.64 -26.99
N ASN A 605 82.23 -13.95 -27.13
CA ASN A 605 83.58 -14.60 -27.04
C ASN A 605 84.38 -14.22 -25.76
N GLY A 606 83.68 -13.91 -24.68
CA GLY A 606 84.32 -13.42 -23.47
C GLY A 606 84.80 -11.97 -23.49
N ALA A 607 84.93 -11.35 -24.67
CA ALA A 607 85.54 -10.00 -24.80
C ALA A 607 84.73 -8.77 -24.33
N ILE A 608 85.47 -7.75 -23.89
CA ILE A 608 85.04 -6.49 -23.29
C ILE A 608 84.78 -5.38 -24.31
N LEU A 609 83.99 -4.38 -23.94
CA LEU A 609 83.70 -3.20 -24.77
C LEU A 609 84.91 -2.31 -24.86
N THR A 610 85.36 -2.07 -26.10
CA THR A 610 86.43 -1.11 -26.36
C THR A 610 85.80 0.18 -26.89
N GLU A 611 86.63 1.19 -27.11
CA GLU A 611 86.21 2.49 -27.66
C GLU A 611 85.80 2.46 -29.12
N ASN A 612 86.10 1.36 -29.78
CA ASN A 612 85.81 1.21 -31.20
C ASN A 612 84.46 0.54 -31.47
N GLN A 613 83.74 0.31 -30.37
CA GLN A 613 82.50 -0.42 -30.36
C GLN A 613 81.43 0.36 -29.62
N SER A 614 80.18 0.03 -29.91
CA SER A 614 79.03 0.42 -29.12
C SER A 614 78.18 -0.83 -28.94
N PHE A 615 77.03 -0.66 -28.27
CA PHE A 615 76.05 -1.71 -28.07
C PHE A 615 74.63 -1.21 -28.34
N ILE A 616 73.75 -2.21 -28.49
CA ILE A 616 72.32 -2.04 -28.57
C ILE A 616 71.90 -2.21 -27.12
N PRO A 617 71.31 -1.17 -26.53
CA PRO A 617 70.82 -1.28 -25.15
C PRO A 617 69.89 -2.49 -25.03
N PRO A 618 70.04 -3.27 -23.96
CA PRO A 618 69.42 -4.59 -23.87
C PRO A 618 67.90 -4.56 -23.97
N LEU A 619 67.25 -3.49 -23.51
CA LEU A 619 65.81 -3.42 -23.64
C LEU A 619 65.42 -3.32 -25.13
N LEU A 620 66.21 -2.56 -25.89
CA LEU A 620 65.90 -2.38 -27.29
C LEU A 620 66.14 -3.68 -28.04
N ALA A 621 67.25 -4.33 -27.68
CA ALA A 621 67.60 -5.59 -28.32
C ALA A 621 66.47 -6.61 -28.18
N VAL A 622 66.03 -6.83 -26.94
CA VAL A 622 65.08 -7.89 -26.64
C VAL A 622 63.67 -7.53 -27.12
N GLY A 623 63.34 -6.23 -27.04
CA GLY A 623 62.09 -5.76 -27.60
C GLY A 623 62.11 -6.18 -29.05
N ALA A 624 63.15 -5.77 -29.75
CA ALA A 624 63.26 -6.08 -31.16
C ALA A 624 63.23 -7.58 -31.50
N VAL A 625 63.95 -8.43 -30.77
CA VAL A 625 64.00 -9.83 -31.25
C VAL A 625 62.69 -10.57 -31.04
N HIS A 626 62.06 -10.24 -29.91
CA HIS A 626 60.78 -10.77 -29.48
C HIS A 626 59.70 -10.48 -30.51
N HIS A 627 59.55 -9.20 -30.86
CA HIS A 627 58.56 -8.85 -31.86
C HIS A 627 58.83 -9.30 -33.30
N HIS A 628 60.10 -9.42 -33.66
CA HIS A 628 60.43 -9.89 -35.01
C HIS A 628 60.37 -11.40 -35.15
N LEU A 629 60.61 -12.12 -34.05
CA LEU A 629 60.40 -13.55 -34.00
C LEU A 629 58.92 -13.80 -34.28
N ILE A 630 58.08 -13.07 -33.54
CA ILE A 630 56.63 -13.05 -33.70
C ILE A 630 56.24 -12.77 -35.14
N ARG A 631 56.73 -11.66 -35.71
CA ARG A 631 56.37 -11.27 -37.08
C ARG A 631 56.77 -12.33 -38.11
N ALA A 632 57.81 -13.08 -37.77
CA ALA A 632 58.33 -14.16 -38.64
C ALA A 632 57.65 -15.48 -38.32
N GLY A 633 56.78 -15.48 -37.31
CA GLY A 633 56.08 -16.68 -36.87
C GLY A 633 57.00 -17.69 -36.20
N LEU A 634 57.97 -17.20 -35.43
CA LEU A 634 58.99 -18.07 -34.86
C LEU A 634 59.20 -17.98 -33.33
N ARG A 635 58.29 -17.31 -32.62
CA ARG A 635 58.56 -16.99 -31.22
C ARG A 635 58.38 -18.19 -30.22
N LEU A 636 57.73 -19.23 -30.68
CA LEU A 636 57.47 -20.42 -29.87
C LEU A 636 58.63 -21.41 -29.92
N LYS A 637 59.57 -21.19 -30.84
CA LYS A 637 60.72 -22.06 -31.05
C LYS A 637 61.89 -21.81 -30.09
N ALA A 638 61.87 -20.67 -29.39
CA ALA A 638 63.04 -20.25 -28.63
C ALA A 638 62.75 -19.27 -27.53
N SER A 639 63.60 -19.32 -26.51
CA SER A 639 63.58 -18.37 -25.42
C SER A 639 64.78 -17.41 -25.51
N LEU A 640 64.62 -16.23 -24.93
CA LEU A 640 65.65 -15.20 -24.94
C LEU A 640 66.28 -15.04 -23.57
N ILE A 641 67.60 -15.20 -23.53
CA ILE A 641 68.37 -14.85 -22.35
C ILE A 641 69.08 -13.54 -22.67
N VAL A 642 69.02 -12.56 -21.77
CA VAL A 642 69.78 -11.34 -21.94
C VAL A 642 71.03 -11.42 -21.06
N ASP A 643 72.21 -11.48 -21.69
CA ASP A 643 73.47 -11.50 -20.97
C ASP A 643 74.00 -10.09 -21.13
N THR A 644 73.84 -9.26 -20.09
CA THR A 644 74.10 -7.82 -20.24
C THR A 644 74.72 -7.07 -19.05
N ALA A 645 75.55 -6.11 -19.42
CA ALA A 645 76.15 -5.25 -18.43
C ALA A 645 75.14 -4.20 -17.96
N GLN A 646 74.18 -3.86 -18.81
CA GLN A 646 73.24 -2.79 -18.55
C GLN A 646 71.94 -3.27 -17.89
N CYS A 647 72.06 -4.00 -16.80
CA CYS A 647 70.89 -4.35 -16.02
C CYS A 647 71.29 -4.33 -14.53
N TRP A 648 70.69 -3.49 -13.71
CA TRP A 648 71.05 -3.57 -12.29
C TRP A 648 69.92 -3.33 -11.32
N SER A 649 68.96 -2.49 -11.70
CA SER A 649 67.86 -2.17 -10.82
C SER A 649 66.69 -3.11 -11.06
N THR A 650 65.80 -3.11 -10.08
CA THR A 650 64.61 -3.90 -10.05
C THR A 650 63.68 -3.57 -11.22
N HIS A 651 63.57 -2.28 -11.52
CA HIS A 651 62.89 -1.84 -12.71
C HIS A 651 63.52 -2.40 -14.00
N HIS A 652 64.86 -2.52 -14.03
CA HIS A 652 65.54 -2.92 -15.27
C HIS A 652 65.10 -4.35 -15.64
N PHE A 653 65.04 -5.23 -14.65
CA PHE A 653 64.70 -6.65 -14.80
C PHE A 653 63.26 -6.80 -15.25
N ALA A 654 62.42 -5.90 -14.76
CA ALA A 654 61.01 -5.96 -15.04
C ALA A 654 60.75 -5.56 -16.47
N CYS A 655 61.39 -4.52 -16.97
CA CYS A 655 61.27 -4.14 -18.38
C CYS A 655 61.70 -5.25 -19.32
N LEU A 656 62.73 -5.98 -18.90
CA LEU A 656 63.35 -6.98 -19.73
C LEU A 656 62.46 -8.20 -19.96
N VAL A 657 62.03 -8.82 -18.86
CA VAL A 657 61.08 -9.91 -18.88
C VAL A 657 59.81 -9.45 -19.57
N GLY A 658 59.38 -8.26 -19.17
CA GLY A 658 58.19 -7.67 -19.75
C GLY A 658 58.13 -7.51 -21.26
N TYR A 659 59.31 -7.32 -21.89
CA TYR A 659 59.44 -7.10 -23.34
C TYR A 659 60.05 -8.27 -24.08
N GLY A 660 60.13 -9.39 -23.38
CA GLY A 660 60.36 -10.66 -24.03
C GLY A 660 61.43 -11.58 -23.46
N ALA A 661 62.17 -11.13 -22.43
CA ALA A 661 63.22 -12.00 -21.87
C ALA A 661 62.70 -13.04 -20.88
N SER A 662 63.16 -14.28 -21.04
CA SER A 662 62.87 -15.33 -20.05
C SER A 662 63.86 -15.28 -18.89
N ALA A 663 64.98 -14.61 -19.06
CA ALA A 663 66.03 -14.66 -18.07
C ALA A 663 67.07 -13.66 -18.45
N ILE A 664 67.87 -13.30 -17.45
CA ILE A 664 68.85 -12.23 -17.48
C ILE A 664 70.07 -12.70 -16.70
N CYS A 665 71.24 -12.48 -17.27
CA CYS A 665 72.47 -12.56 -16.56
C CYS A 665 73.04 -11.15 -16.47
N PRO A 666 72.92 -10.56 -15.30
CA PRO A 666 73.43 -9.23 -15.04
C PRO A 666 74.87 -9.31 -14.52
N TYR A 667 75.79 -9.56 -15.45
CA TYR A 667 77.16 -9.92 -15.10
C TYR A 667 77.96 -8.75 -14.57
N LEU A 668 77.72 -7.55 -15.10
CA LEU A 668 78.44 -6.40 -14.60
C LEU A 668 77.93 -6.06 -13.21
N ALA A 669 76.62 -6.21 -12.98
CA ALA A 669 76.04 -5.93 -11.67
C ALA A 669 76.62 -6.86 -10.63
N LEU A 670 76.70 -8.14 -10.95
CA LEU A 670 77.34 -9.13 -10.06
C LEU A 670 78.80 -8.80 -9.77
N GLU A 671 79.54 -8.41 -10.81
CA GLU A 671 80.90 -7.87 -10.66
C GLU A 671 80.96 -6.53 -9.85
N SER A 672 79.98 -5.65 -10.03
CA SER A 672 79.93 -4.42 -9.27
C SER A 672 79.86 -4.69 -7.78
N VAL A 673 79.02 -5.65 -7.42
CA VAL A 673 78.95 -6.18 -6.06
C VAL A 673 80.28 -6.84 -5.65
N ARG A 674 80.98 -7.50 -6.56
CA ARG A 674 82.17 -8.21 -6.12
C ARG A 674 83.27 -7.18 -5.79
N GLN A 675 83.30 -6.13 -6.60
CA GLN A 675 84.28 -5.08 -6.48
C GLN A 675 83.89 -4.08 -5.42
N TRP A 676 82.60 -3.95 -5.15
CA TRP A 676 82.22 -3.15 -4.01
C TRP A 676 82.75 -3.85 -2.76
N TRP A 677 82.43 -5.13 -2.61
CA TRP A 677 82.88 -5.92 -1.46
C TRP A 677 84.41 -5.98 -1.27
N LEU A 678 85.13 -6.36 -2.32
CA LEU A 678 86.59 -6.24 -2.36
C LEU A 678 86.77 -4.74 -2.48
N ASP A 679 87.78 -4.18 -1.85
CA ASP A 679 87.91 -2.73 -1.85
C ASP A 679 88.03 -2.28 -0.42
N GLU A 680 89.22 -1.77 -0.13
CA GLU A 680 89.63 -1.45 1.20
C GLU A 680 88.73 -0.41 1.88
N LYS A 681 88.06 0.46 1.15
CA LYS A 681 87.15 1.40 1.80
C LYS A 681 85.95 0.68 2.44
N THR A 682 85.30 -0.17 1.65
CA THR A 682 84.18 -0.98 2.09
C THR A 682 84.58 -1.90 3.24
N GLN A 683 85.79 -2.44 3.15
CA GLN A 683 86.31 -3.33 4.18
C GLN A 683 86.57 -2.59 5.47
N LYS A 684 86.97 -1.33 5.36
CA LYS A 684 87.26 -0.51 6.50
C LYS A 684 85.95 -0.26 7.27
N LEU A 685 84.87 -0.15 6.52
CA LEU A 685 83.54 0.21 7.03
C LEU A 685 82.79 -1.02 7.62
N MET A 686 83.00 -2.20 7.03
CA MET A 686 82.52 -3.42 7.65
C MET A 686 83.33 -3.81 8.88
N GLU A 687 84.43 -3.14 9.15
CA GLU A 687 85.18 -3.54 10.31
C GLU A 687 84.87 -2.63 11.49
N ASN A 688 84.37 -1.45 11.20
CA ASN A 688 84.09 -0.52 12.25
C ASN A 688 82.62 -0.20 12.45
N GLY A 689 81.72 -0.88 11.70
CA GLY A 689 80.31 -0.71 11.91
C GLY A 689 79.37 -0.08 10.92
N ARG A 690 79.65 -0.04 9.60
CA ARG A 690 78.65 -0.47 8.53
C ARG A 690 78.59 -2.05 8.43
N LEU A 691 77.51 -2.71 7.99
CA LEU A 691 77.30 -4.13 8.44
C LEU A 691 78.33 -5.22 8.10
N ILE A 694 79.34 -8.72 7.09
CA ILE A 694 78.91 -9.43 5.86
C ILE A 694 80.03 -9.97 4.97
N ASP A 695 79.91 -11.24 4.54
CA ASP A 695 80.85 -11.84 3.58
C ASP A 695 80.37 -11.75 2.13
N LEU A 696 81.21 -12.17 1.20
CA LEU A 696 80.94 -11.97 -0.21
C LEU A 696 79.84 -12.87 -0.79
N PRO A 697 79.83 -14.16 -0.47
CA PRO A 697 78.70 -14.99 -0.94
C PRO A 697 77.34 -14.41 -0.47
N THR A 698 77.35 -13.76 0.70
CA THR A 698 76.16 -13.12 1.26
C THR A 698 75.71 -11.87 0.52
N ALA A 699 76.66 -11.02 0.15
CA ALA A 699 76.41 -9.81 -0.67
C ALA A 699 75.79 -10.21 -1.99
N LEU A 700 76.37 -11.23 -2.59
CA LEU A 700 75.78 -11.77 -3.82
C LEU A 700 74.40 -12.34 -3.59
N LYS A 701 74.24 -13.09 -2.52
CA LYS A 701 72.97 -13.73 -2.19
C LYS A 701 71.94 -12.59 -1.89
N ASN A 702 72.35 -11.58 -1.11
CA ASN A 702 71.51 -10.45 -0.78
C ASN A 702 71.07 -9.72 -2.03
N TYR A 703 72.02 -9.45 -2.93
CA TYR A 703 71.68 -8.77 -4.18
C TYR A 703 70.63 -9.49 -5.02
N ARG A 704 70.72 -10.81 -5.16
CA ARG A 704 69.71 -11.59 -5.88
C ARG A 704 68.33 -11.57 -5.15
N GLN A 705 68.34 -11.80 -3.84
CA GLN A 705 67.17 -11.65 -2.95
C GLN A 705 66.44 -10.27 -3.12
N SER A 706 67.20 -9.18 -3.20
CA SER A 706 66.62 -7.87 -3.48
C SER A 706 65.87 -7.86 -4.78
N VAL A 707 66.53 -8.30 -5.85
CA VAL A 707 65.94 -8.34 -7.19
C VAL A 707 64.65 -9.14 -7.21
N GLU A 708 64.72 -10.37 -6.72
CA GLU A 708 63.53 -11.21 -6.63
C GLU A 708 62.40 -10.58 -5.81
N ALA A 709 62.71 -10.02 -4.65
CA ALA A 709 61.65 -9.34 -3.88
C ALA A 709 61.05 -8.14 -4.66
N GLY A 710 61.93 -7.41 -5.38
CA GLY A 710 61.55 -6.28 -6.21
C GLY A 710 60.64 -6.65 -7.36
N LEU A 711 60.79 -7.85 -7.93
CA LEU A 711 59.90 -8.32 -9.00
C LEU A 711 58.52 -8.76 -8.45
N PHE A 712 58.52 -9.34 -7.26
CA PHE A 712 57.28 -9.71 -6.64
C PHE A 712 56.49 -8.45 -6.49
N LYS A 713 57.18 -7.40 -6.02
CA LYS A 713 56.54 -6.13 -5.76
C LYS A 713 55.95 -5.62 -7.05
N ILE A 714 56.73 -5.65 -8.12
CA ILE A 714 56.30 -5.01 -9.34
C ILE A 714 55.17 -5.78 -9.93
N LEU A 715 55.26 -7.11 -10.01
CA LEU A 715 54.12 -7.84 -10.57
C LEU A 715 52.84 -7.55 -9.78
N SER A 716 52.98 -7.37 -8.46
CA SER A 716 51.84 -7.27 -7.58
C SER A 716 51.08 -5.95 -7.68
N LYS A 717 51.76 -4.90 -8.13
CA LYS A 717 51.16 -3.60 -8.38
C LYS A 717 50.06 -3.75 -9.42
N MET A 718 50.26 -4.67 -10.37
CA MET A 718 49.21 -4.97 -11.34
C MET A 718 48.29 -6.16 -10.95
N GLY A 719 48.50 -6.77 -9.78
CA GLY A 719 47.84 -8.01 -9.40
C GLY A 719 48.24 -9.34 -10.09
N ILE A 720 49.42 -9.39 -10.71
CA ILE A 720 49.88 -10.57 -11.43
C ILE A 720 50.64 -11.47 -10.45
N SER A 721 50.30 -12.76 -10.41
CA SER A 721 51.01 -13.77 -9.57
C SER A 721 52.32 -14.38 -10.14
N LEU A 722 52.32 -14.73 -11.41
CA LEU A 722 53.41 -15.46 -12.03
C LEU A 722 54.19 -14.60 -13.02
N LEU A 723 55.51 -14.66 -12.91
CA LEU A 723 56.37 -13.99 -13.87
C LEU A 723 56.03 -14.45 -15.31
N ALA A 724 55.66 -15.71 -15.47
CA ALA A 724 55.29 -16.25 -16.81
C ALA A 724 54.19 -15.45 -17.51
N SER A 725 53.19 -15.02 -16.75
CA SER A 725 52.16 -14.10 -17.25
C SER A 725 52.72 -12.72 -17.55
N TYR A 726 53.64 -12.23 -16.72
CA TYR A 726 54.17 -10.88 -16.86
C TYR A 726 55.05 -10.78 -18.12
N HIS A 727 55.80 -11.86 -18.34
CA HIS A 727 56.66 -12.09 -19.52
C HIS A 727 56.08 -11.62 -20.86
N GLY A 728 54.91 -12.07 -21.26
CA GLY A 728 54.47 -11.45 -22.51
C GLY A 728 54.10 -9.94 -22.47
N ALA A 729 53.65 -9.53 -21.28
CA ALA A 729 52.60 -8.54 -21.19
C ALA A 729 53.35 -7.29 -21.24
N GLN A 730 52.77 -6.15 -21.44
CA GLN A 730 53.80 -5.08 -21.48
C GLN A 730 53.39 -4.04 -20.52
N ILE A 731 53.41 -4.44 -19.25
CA ILE A 731 52.79 -3.68 -18.18
C ILE A 731 53.56 -2.34 -17.97
N PHE A 732 53.60 -1.52 -19.03
CA PHE A 732 54.29 -0.21 -19.05
C PHE A 732 53.59 0.81 -19.90
N GLU A 733 53.83 2.07 -19.57
CA GLU A 733 53.52 3.19 -20.43
C GLU A 733 54.88 3.80 -20.78
N ALA A 734 55.08 4.17 -22.05
CA ALA A 734 56.30 4.87 -22.39
C ALA A 734 56.03 6.36 -22.62
N ILE A 735 56.94 7.20 -22.10
CA ILE A 735 56.88 8.65 -22.21
C ILE A 735 58.17 9.15 -22.85
N GLY A 736 58.05 9.61 -24.09
CA GLY A 736 59.19 10.20 -24.77
C GLY A 736 59.78 9.31 -25.85
N LEU A 737 59.04 8.26 -26.22
CA LEU A 737 59.46 7.38 -27.31
C LEU A 737 58.58 7.62 -28.53
N GLY A 738 59.22 8.00 -29.65
CA GLY A 738 58.52 8.21 -30.91
C GLY A 738 57.91 6.95 -31.50
N ALA A 739 56.99 7.12 -32.46
CA ALA A 739 56.11 6.03 -32.91
C ALA A 739 56.82 4.92 -33.66
N GLU A 740 57.76 5.29 -34.53
CA GLU A 740 58.51 4.29 -35.27
C GLU A 740 59.20 3.35 -34.30
N LEU A 741 59.90 3.90 -33.31
CA LEU A 741 60.62 3.09 -32.33
C LEU A 741 59.68 2.11 -31.56
N VAL A 742 58.60 2.66 -30.99
CA VAL A 742 57.66 1.89 -30.21
C VAL A 742 57.13 0.70 -31.00
N GLU A 743 56.74 1.01 -32.23
CA GLU A 743 56.21 0.04 -33.17
C GLU A 743 57.30 -0.92 -33.63
N TYR A 744 58.57 -0.52 -33.53
CA TYR A 744 59.68 -1.42 -33.89
C TYR A 744 59.99 -2.44 -32.80
N ALA A 745 60.27 -1.98 -31.59
CA ALA A 745 60.72 -2.85 -30.50
C ALA A 745 59.71 -3.09 -29.39
N PHE A 746 58.68 -2.25 -29.33
CA PHE A 746 57.85 -2.24 -28.15
C PHE A 746 56.35 -2.30 -28.56
N ALA A 747 56.07 -2.91 -29.72
CA ALA A 747 54.73 -2.83 -30.33
C ALA A 747 53.65 -2.99 -29.28
N GLY A 748 52.62 -2.15 -29.40
CA GLY A 748 51.51 -2.16 -28.48
C GLY A 748 51.62 -1.35 -27.20
N THR A 749 52.81 -0.84 -26.88
CA THR A 749 52.98 0.09 -25.75
C THR A 749 52.39 1.45 -26.05
N THR A 750 51.64 2.04 -25.12
CA THR A 750 51.27 3.43 -25.42
C THR A 750 52.43 4.37 -25.12
N SER A 751 52.51 5.41 -25.94
CA SER A 751 53.53 6.42 -25.88
C SER A 751 52.91 7.67 -26.47
N ARG A 752 52.45 8.58 -25.64
CA ARG A 752 51.47 9.55 -26.06
C ARG A 752 52.06 10.84 -26.56
N VAL A 753 53.35 11.04 -26.35
CA VAL A 753 53.95 12.33 -26.49
C VAL A 753 55.15 12.37 -27.45
N GLY A 754 55.29 11.28 -28.23
CA GLY A 754 56.15 11.26 -29.42
C GLY A 754 57.64 11.58 -29.25
N GLY A 755 58.36 10.85 -28.42
CA GLY A 755 59.75 11.24 -28.26
C GLY A 755 60.81 10.83 -29.26
N LEU A 756 61.77 10.05 -28.77
CA LEU A 756 62.98 9.64 -29.45
C LEU A 756 62.79 8.76 -30.68
N THR A 757 63.62 9.04 -31.70
CA THR A 757 63.84 8.15 -32.83
C THR A 757 64.97 7.18 -32.44
N ILE A 758 65.15 6.10 -33.20
CA ILE A 758 66.29 5.18 -33.00
C ILE A 758 67.66 5.92 -32.99
N ALA A 759 67.80 6.95 -33.82
CA ALA A 759 69.06 7.70 -33.88
C ALA A 759 69.32 8.46 -32.60
N ASP A 760 68.24 8.91 -31.97
CA ASP A 760 68.33 9.64 -30.70
C ASP A 760 68.80 8.78 -29.53
N VAL A 761 68.36 7.51 -29.49
CA VAL A 761 68.84 6.56 -28.46
C VAL A 761 70.32 6.22 -28.59
N ALA A 762 70.84 6.26 -29.82
CA ALA A 762 72.27 6.12 -30.10
C ALA A 762 73.05 7.30 -29.54
N GLY A 763 72.50 8.50 -29.77
CA GLY A 763 73.13 9.73 -29.31
C GLY A 763 73.31 9.66 -27.80
N GLU A 764 72.31 9.08 -27.12
CA GLU A 764 72.37 8.87 -25.68
C GLU A 764 73.35 7.79 -25.25
N VAL A 765 73.42 6.65 -25.94
CA VAL A 765 74.47 5.72 -25.51
C VAL A 765 75.86 6.33 -25.72
N MET A 766 75.98 7.20 -26.72
CA MET A 766 77.25 7.83 -27.06
C MET A 766 77.71 8.86 -26.03
N VAL A 767 76.76 9.46 -25.31
CA VAL A 767 77.10 10.39 -24.23
C VAL A 767 77.88 9.61 -23.14
N PHE A 768 77.36 8.43 -22.78
CA PHE A 768 78.02 7.54 -21.81
C PHE A 768 79.38 7.03 -22.29
N HIS A 769 79.42 6.59 -23.55
CA HIS A 769 80.67 6.28 -24.26
C HIS A 769 81.68 7.44 -24.17
N GLY A 770 81.22 8.68 -24.27
CA GLY A 770 82.13 9.82 -24.18
C GLY A 770 82.74 9.90 -22.79
N MET A 771 81.93 9.62 -21.78
CA MET A 771 82.36 9.65 -20.39
C MET A 771 83.35 8.52 -20.07
N ALA A 772 83.20 7.37 -20.73
CA ALA A 772 84.09 6.24 -20.46
C ALA A 772 85.44 6.28 -21.24
N PHE A 773 85.41 6.74 -22.49
CA PHE A 773 86.58 6.73 -23.37
C PHE A 773 87.00 8.12 -23.89
N LYS A 778 88.19 7.60 -13.40
CA LYS A 778 88.61 8.17 -12.11
C LYS A 778 87.65 7.76 -10.95
N LYS A 779 86.44 8.30 -10.98
CA LYS A 779 85.32 7.68 -10.29
C LYS A 779 84.09 7.87 -11.20
N LEU A 780 83.02 7.14 -10.96
CA LEU A 780 81.79 7.43 -11.68
C LEU A 780 81.29 8.85 -11.35
N GLU A 781 80.62 9.47 -12.32
CA GLU A 781 80.04 10.80 -12.19
C GLU A 781 78.75 10.77 -11.35
N ASN A 782 78.60 11.73 -10.45
CA ASN A 782 77.41 11.75 -9.60
C ASN A 782 76.46 12.81 -10.10
N PHE A 783 75.24 12.40 -10.44
CA PHE A 783 74.24 13.38 -10.88
C PHE A 783 73.32 13.72 -9.71
N GLY A 784 72.57 14.81 -9.80
CA GLY A 784 71.81 15.10 -8.58
C GLY A 784 70.51 14.31 -8.49
N PHE A 785 70.46 13.05 -9.00
CA PHE A 785 69.15 12.36 -9.20
C PHE A 785 68.30 12.15 -7.94
N VAL A 786 68.90 11.61 -6.88
CA VAL A 786 68.14 11.22 -5.69
C VAL A 786 68.09 12.38 -4.71
N ASN A 787 69.26 12.96 -4.47
CA ASN A 787 69.42 14.12 -3.59
C ASN A 787 69.90 15.31 -4.37
N TYR A 788 69.52 16.51 -3.96
CA TYR A 788 70.03 17.74 -4.58
C TYR A 788 71.57 17.82 -4.49
N ARG A 789 72.20 18.27 -5.59
CA ARG A 789 73.61 18.66 -5.64
C ARG A 789 73.72 20.00 -6.36
N PRO A 790 74.78 20.76 -6.10
CA PRO A 790 75.11 21.92 -6.94
C PRO A 790 75.60 21.58 -8.36
N GLY A 791 76.41 20.54 -8.53
CA GLY A 791 76.60 20.02 -9.88
C GLY A 791 75.32 19.52 -10.57
N GLY A 792 74.35 19.05 -9.77
CA GLY A 792 73.39 18.05 -10.22
C GLY A 792 72.14 18.33 -11.04
N GLU A 793 71.38 17.27 -11.28
CA GLU A 793 70.13 17.35 -12.04
C GLU A 793 69.21 18.34 -11.33
N TYR A 794 68.30 18.98 -12.05
CA TYR A 794 67.40 19.90 -11.41
C TYR A 794 66.42 19.19 -10.44
N HIS A 795 66.15 19.84 -9.30
CA HIS A 795 65.08 19.44 -8.39
C HIS A 795 64.27 20.65 -8.09
N MET A 796 62.96 20.46 -8.15
CA MET A 796 62.04 21.54 -7.87
C MET A 796 61.91 21.93 -6.40
N ASN A 797 62.03 20.96 -5.46
CA ASN A 797 62.09 21.26 -4.03
C ASN A 797 63.56 21.27 -3.53
N SER A 798 64.24 22.39 -3.62
CA SER A 798 65.60 22.40 -3.12
C SER A 798 65.68 23.14 -1.79
N PRO A 799 66.58 22.72 -0.89
CA PRO A 799 66.78 23.44 0.39
C PRO A 799 66.77 24.97 0.28
N GLU A 800 67.34 25.59 -0.76
CA GLU A 800 67.28 27.06 -0.82
C GLU A 800 65.94 27.63 -1.25
N MET A 801 65.24 26.94 -2.13
CA MET A 801 63.93 27.39 -2.55
C MET A 801 63.06 27.39 -1.30
N SER A 802 63.25 26.38 -0.46
CA SER A 802 62.44 26.20 0.74
C SER A 802 62.68 27.33 1.69
N LYS A 803 63.96 27.67 1.82
CA LYS A 803 64.39 28.57 2.84
C LYS A 803 63.75 29.90 2.57
N SER A 804 63.98 30.44 1.36
CA SER A 804 63.39 31.71 0.91
C SER A 804 61.84 31.73 0.87
N LEU A 805 61.20 30.60 0.63
CA LEU A 805 59.76 30.58 0.78
C LEU A 805 59.39 30.67 2.26
N HIS A 806 60.24 30.11 3.14
CA HIS A 806 59.90 29.98 4.55
C HIS A 806 59.95 31.34 5.21
N LYS A 807 60.75 32.20 4.58
CA LYS A 807 61.03 33.55 4.98
C LYS A 807 59.94 34.50 4.50
N ALA A 808 59.37 34.17 3.34
CA ALA A 808 58.45 35.09 2.67
C ALA A 808 57.14 34.97 3.41
N VAL A 809 56.88 33.74 3.81
CA VAL A 809 55.70 33.39 4.58
C VAL A 809 55.80 33.94 6.00
N ALA A 810 57.04 34.11 6.49
CA ALA A 810 57.33 34.44 7.89
C ALA A 810 56.99 35.87 8.23
N ALA A 811 56.88 36.73 7.20
CA ALA A 811 56.64 38.16 7.39
C ALA A 811 55.28 38.70 6.86
N TYR A 812 54.22 37.90 6.96
CA TYR A 812 52.85 38.19 6.47
C TYR A 812 52.64 37.69 5.04
N ASP A 825 61.47 41.81 -2.09
CA ASP A 825 60.63 40.87 -1.34
C ASP A 825 61.03 39.40 -1.50
N HIS A 826 60.92 38.63 -0.41
CA HIS A 826 61.39 37.23 -0.32
C HIS A 826 60.61 36.19 -1.15
N TYR A 827 59.37 36.50 -1.51
CA TYR A 827 58.61 35.64 -2.44
C TYR A 827 59.15 35.76 -3.86
N GLU A 828 59.99 36.77 -4.13
CA GLU A 828 60.64 36.91 -5.45
C GLU A 828 61.68 35.83 -5.73
N LEU A 829 62.71 35.75 -4.89
CA LEU A 829 63.71 34.68 -5.06
C LEU A 829 63.07 33.30 -5.17
N TYR A 830 62.04 33.05 -4.39
CA TYR A 830 61.42 31.75 -4.45
C TYR A 830 60.75 31.57 -5.79
N ARG A 831 60.11 32.63 -6.29
CA ARG A 831 59.38 32.53 -7.54
C ARG A 831 60.42 32.38 -8.65
N GLN A 832 61.51 33.12 -8.55
CA GLN A 832 62.53 33.07 -9.60
C GLN A 832 63.37 31.80 -9.63
N TYR A 833 63.71 31.26 -8.46
CA TYR A 833 64.31 29.94 -8.39
C TYR A 833 63.38 28.94 -9.11
N LEU A 834 62.07 29.09 -8.97
CA LEU A 834 61.14 28.25 -9.71
C LEU A 834 61.03 28.54 -11.22
N LYS A 835 61.30 29.79 -11.62
CA LYS A 835 61.23 30.22 -13.05
C LYS A 835 62.52 30.05 -13.83
N ASP A 836 63.68 30.20 -13.17
CA ASP A 836 64.96 29.89 -13.82
C ASP A 836 65.19 28.37 -13.94
N ARG A 837 64.12 27.57 -13.84
CA ARG A 837 64.18 26.12 -14.05
C ARG A 837 64.37 25.68 -15.52
N PRO A 838 65.09 24.58 -15.74
CA PRO A 838 65.11 23.91 -17.04
C PRO A 838 63.80 23.09 -17.18
N VAL A 839 63.47 22.71 -18.41
CA VAL A 839 62.26 21.96 -18.63
C VAL A 839 62.23 20.73 -17.72
N THR A 840 61.09 20.51 -17.06
CA THR A 840 61.02 19.53 -16.02
C THR A 840 59.78 18.64 -16.15
N ALA A 841 58.62 19.29 -16.24
CA ALA A 841 57.34 18.66 -16.41
C ALA A 841 56.74 19.07 -17.77
N LEU A 842 55.72 18.35 -18.19
CA LEU A 842 55.09 18.57 -19.47
C LEU A 842 54.49 19.98 -19.55
N ARG A 843 53.87 20.44 -18.46
CA ARG A 843 53.31 21.79 -18.38
C ARG A 843 54.37 22.86 -18.75
N ASP A 844 55.65 22.55 -18.56
CA ASP A 844 56.74 23.49 -18.85
C ASP A 844 56.94 23.74 -20.35
N LEU A 845 56.46 22.80 -21.17
CA LEU A 845 56.50 22.92 -22.63
C LEU A 845 55.36 23.77 -23.14
N LEU A 846 54.52 24.21 -22.21
CA LEU A 846 53.31 24.94 -22.54
C LEU A 846 53.41 26.42 -22.15
N ASP A 847 52.55 27.24 -22.74
CA ASP A 847 52.42 28.65 -22.40
C ASP A 847 50.98 29.09 -22.75
N PHE A 848 50.63 30.31 -22.37
CA PHE A 848 49.30 30.81 -22.57
C PHE A 848 49.21 31.48 -23.92
N ASN A 849 48.01 31.44 -24.47
CA ASN A 849 47.68 32.21 -25.67
C ASN A 849 46.26 32.71 -25.49
N ALA A 850 46.12 33.94 -25.02
CA ALA A 850 44.84 34.50 -24.61
C ALA A 850 43.93 34.84 -25.80
N ASP A 851 42.62 34.67 -25.65
CA ASP A 851 41.64 35.06 -26.69
C ASP A 851 40.84 36.36 -26.41
N GLN A 852 40.69 36.72 -25.14
CA GLN A 852 40.20 38.03 -24.72
C GLN A 852 41.38 38.98 -24.63
N PRO A 853 41.11 40.29 -24.64
CA PRO A 853 42.07 41.25 -24.10
C PRO A 853 42.07 41.22 -22.56
N ALA A 854 43.20 41.61 -21.96
CA ALA A 854 43.40 41.64 -20.51
C ALA A 854 42.54 42.70 -19.78
N ILE A 855 41.90 42.29 -18.69
CA ILE A 855 41.08 43.15 -17.84
C ILE A 855 41.88 43.58 -16.60
N SER A 856 41.35 44.55 -15.86
CA SER A 856 42.00 45.02 -14.63
C SER A 856 41.97 43.96 -13.54
N LEU A 857 42.98 43.97 -12.67
CA LEU A 857 43.04 43.05 -11.54
C LEU A 857 41.90 43.23 -10.55
N GLU A 858 41.27 44.40 -10.56
CA GLU A 858 40.19 44.68 -9.61
C GLU A 858 38.93 43.91 -9.99
N GLU A 859 38.80 43.59 -11.27
CA GLU A 859 37.64 42.83 -11.82
C GLU A 859 37.69 41.31 -11.53
N VAL A 860 38.87 40.79 -11.18
CA VAL A 860 39.06 39.36 -10.92
C VAL A 860 38.53 38.94 -9.55
N GLU A 861 37.87 37.80 -9.48
CA GLU A 861 37.32 37.24 -8.24
C GLU A 861 38.37 37.21 -7.09
N SER A 862 37.91 37.50 -5.86
CA SER A 862 38.76 37.67 -4.69
C SER A 862 39.57 36.44 -4.26
N VAL A 863 40.65 36.69 -3.52
CA VAL A 863 41.50 35.63 -3.02
C VAL A 863 40.68 34.63 -2.20
N GLU A 864 39.73 35.14 -1.41
CA GLU A 864 38.86 34.29 -0.59
C GLU A 864 38.02 33.34 -1.44
N SER A 865 37.65 33.80 -2.63
CA SER A 865 36.92 32.95 -3.58
C SER A 865 37.80 31.90 -4.26
N ILE A 866 39.07 32.22 -4.50
CA ILE A 866 39.98 31.27 -5.15
C ILE A 866 40.41 30.18 -4.17
N VAL A 867 40.81 30.61 -2.99
CA VAL A 867 41.22 29.75 -1.89
C VAL A 867 40.26 28.62 -1.53
N LYS A 868 38.96 28.80 -1.76
CA LYS A 868 37.95 27.71 -1.54
C LYS A 868 38.16 26.41 -2.36
N ARG A 869 39.00 26.49 -3.38
CA ARG A 869 39.29 25.39 -4.28
C ARG A 869 40.59 24.65 -3.93
N PHE A 870 41.32 25.09 -2.90
CA PHE A 870 42.62 24.50 -2.57
C PHE A 870 42.46 23.40 -1.53
N CYS A 871 43.23 22.33 -1.67
CA CYS A 871 43.14 21.26 -0.71
C CYS A 871 44.50 20.99 -0.22
N THR A 872 44.56 20.65 1.04
CA THR A 872 45.86 20.34 1.57
C THR A 872 46.37 18.92 1.39
N GLY A 873 45.58 17.96 0.97
CA GLY A 873 46.30 16.72 0.62
C GLY A 873 46.61 15.84 1.83
N GLY A 874 46.38 14.54 1.67
CA GLY A 874 46.23 13.63 2.79
C GLY A 874 47.50 13.03 3.34
N MET A 875 48.12 13.69 4.31
CA MET A 875 49.40 13.21 4.79
C MET A 875 49.15 12.55 6.15
N SER A 876 49.49 11.29 6.30
CA SER A 876 49.05 10.58 7.49
C SER A 876 49.54 11.25 8.78
N LEU A 877 48.68 11.22 9.80
CA LEU A 877 49.20 11.52 11.12
C LEU A 877 50.48 10.72 11.47
N GLY A 878 50.62 9.43 11.26
CA GLY A 878 52.03 8.96 11.49
C GLY A 878 53.28 9.51 10.71
N ALA A 879 53.15 9.70 9.41
CA ALA A 879 54.27 10.25 8.65
C ALA A 879 54.60 11.67 9.09
N LEU A 880 53.59 12.50 9.36
CA LEU A 880 53.83 13.82 9.93
C LEU A 880 53.67 13.82 11.46
N SER A 881 54.25 14.82 12.14
CA SER A 881 53.99 15.06 13.55
C SER A 881 52.61 15.72 13.75
N ARG A 882 52.00 15.51 14.90
CA ARG A 882 50.73 16.16 15.20
C ARG A 882 50.81 17.70 15.22
N GLU A 883 52.00 18.28 15.48
CA GLU A 883 52.25 19.70 15.21
C GLU A 883 52.13 20.07 13.70
N ALA A 884 52.81 19.34 12.82
CA ALA A 884 52.74 19.62 11.40
C ALA A 884 51.32 19.40 10.89
N HIS A 885 50.73 18.29 11.32
CA HIS A 885 49.46 17.84 10.77
C HIS A 885 48.30 18.76 11.27
N GLU A 886 48.29 19.12 12.56
CA GLU A 886 47.22 20.01 13.07
C GLU A 886 47.27 21.44 12.62
N THR A 887 48.47 22.00 12.55
CA THR A 887 48.72 23.33 12.03
C THR A 887 48.15 23.49 10.58
N LEU A 888 48.34 22.50 9.71
CA LEU A 888 47.73 22.56 8.36
C LEU A 888 46.18 22.58 8.41
N ALA A 889 45.57 21.70 9.19
CA ALA A 889 44.11 21.73 9.37
C ALA A 889 43.56 23.11 9.83
N ILE A 890 44.15 23.67 10.87
CA ILE A 890 43.74 25.00 11.34
C ILE A 890 43.88 26.02 10.21
N ALA A 891 45.03 26.03 9.58
CA ALA A 891 45.29 26.95 8.49
C ALA A 891 44.19 26.82 7.43
N MET A 892 43.99 25.62 6.90
CA MET A 892 43.02 25.38 5.85
C MET A 892 41.57 25.68 6.28
N ASN A 893 41.21 25.37 7.51
CA ASN A 893 39.87 25.73 7.98
C ASN A 893 39.65 27.24 8.04
N ARG A 894 40.67 27.99 8.45
CA ARG A 894 40.60 29.47 8.48
C ARG A 894 40.36 30.04 7.10
N LEU A 895 40.88 29.35 6.10
CA LEU A 895 40.89 29.86 4.76
C LEU A 895 39.55 29.59 4.16
N GLY A 896 38.80 28.66 4.72
CA GLY A 896 37.53 28.28 4.14
C GLY A 896 37.73 27.13 3.14
N ALA A 897 38.89 26.46 3.24
CA ALA A 897 39.35 25.44 2.30
C ALA A 897 39.32 24.10 3.02
N LYS A 898 40.00 23.10 2.51
CA LYS A 898 39.95 21.77 3.12
C LYS A 898 41.34 21.19 3.41
N SER A 899 41.46 20.58 4.59
CA SER A 899 42.59 19.69 4.83
C SER A 899 42.10 18.23 4.81
N ASN A 900 43.05 17.32 4.73
CA ASN A 900 42.78 15.89 4.55
C ASN A 900 43.50 15.11 5.64
N SER A 901 42.77 14.34 6.45
CA SER A 901 43.45 13.59 7.49
C SER A 901 43.83 12.48 6.65
N GLY A 902 45.10 12.20 6.47
CA GLY A 902 45.34 11.04 5.60
C GLY A 902 44.91 9.70 6.22
N GLU A 903 45.77 8.68 6.16
CA GLU A 903 45.34 7.30 6.37
C GLU A 903 45.73 6.75 7.76
N GLY A 904 45.94 7.68 8.70
CA GLY A 904 46.32 7.35 10.05
C GLY A 904 45.22 7.64 11.05
N GLY A 905 43.98 7.79 10.60
CA GLY A 905 42.92 8.15 11.53
C GLY A 905 43.09 9.56 12.05
N GLU A 906 42.32 9.90 13.10
CA GLU A 906 42.28 11.24 13.67
C GLU A 906 41.78 11.30 15.14
N ASP A 907 42.56 12.00 15.96
CA ASP A 907 42.20 12.27 17.33
C ASP A 907 40.87 13.03 17.45
N VAL A 908 39.89 12.34 18.05
CA VAL A 908 38.58 12.89 18.40
C VAL A 908 38.60 14.31 19.08
N VAL A 909 39.59 14.57 19.93
CA VAL A 909 39.76 15.90 20.57
C VAL A 909 39.65 17.04 19.54
N ARG A 910 40.00 16.74 18.29
CA ARG A 910 40.05 17.71 17.21
C ARG A 910 38.70 18.00 16.57
N TYR A 911 37.68 17.19 16.86
CA TYR A 911 36.38 17.44 16.21
C TYR A 911 35.72 18.73 16.70
N LEU A 912 36.00 19.15 17.93
CA LEU A 912 35.34 20.34 18.50
C LEU A 912 36.05 21.66 18.19
N THR A 913 35.30 22.72 17.96
CA THR A 913 35.87 24.06 17.82
C THR A 913 36.58 24.46 19.12
N LEU A 914 37.74 25.11 19.02
CA LEU A 914 38.49 25.55 20.20
C LEU A 914 37.86 26.71 21.00
N ASP A 915 37.79 26.53 22.33
CA ASP A 915 37.10 27.41 23.27
C ASP A 915 38.03 28.24 24.13
N ASP A 916 39.20 27.71 24.38
CA ASP A 916 40.01 28.13 25.50
C ASP A 916 41.34 28.72 25.05
N VAL A 917 41.34 29.32 23.87
CA VAL A 917 42.52 30.06 23.45
C VAL A 917 42.67 31.32 24.29
N ASP A 918 43.81 31.41 24.98
CA ASP A 918 44.24 32.58 25.74
C ASP A 918 44.85 33.68 24.87
N SER A 919 45.27 34.75 25.50
CA SER A 919 45.62 35.98 24.81
C SER A 919 46.91 35.90 24.01
N GLU A 920 47.78 34.96 24.38
CA GLU A 920 49.01 34.67 23.65
C GLU A 920 48.77 33.63 22.56
N GLY A 921 47.56 33.11 22.45
CA GLY A 921 47.25 32.22 21.37
C GLY A 921 47.62 30.76 21.61
N ASN A 922 47.69 30.39 22.88
CA ASN A 922 47.77 29.00 23.29
C ASN A 922 46.46 28.46 23.87
N SER A 923 46.24 27.18 23.63
CA SER A 923 45.07 26.48 24.12
C SER A 923 45.57 25.26 24.85
N PRO A 924 45.11 25.08 26.09
CA PRO A 924 45.41 23.86 26.86
C PRO A 924 44.85 22.58 26.23
N THR A 925 43.91 22.71 25.30
CA THR A 925 43.40 21.57 24.54
C THR A 925 44.45 21.10 23.52
N LEU A 926 45.27 22.03 23.02
CA LEU A 926 46.24 21.73 21.97
C LEU A 926 47.55 22.45 22.25
N PRO A 927 48.13 22.12 23.41
CA PRO A 927 49.20 22.94 24.02
C PRO A 927 50.51 22.95 23.23
N HIS A 928 50.65 22.04 22.30
CA HIS A 928 51.88 21.87 21.55
C HIS A 928 51.85 22.75 20.30
N LEU A 929 50.67 23.31 20.01
CA LEU A 929 50.49 24.31 18.95
C LEU A 929 50.65 25.77 19.44
N HIS A 930 51.07 26.64 18.53
CA HIS A 930 51.20 28.07 18.80
C HIS A 930 50.43 28.83 17.73
N GLY A 931 50.16 30.10 17.95
CA GLY A 931 49.58 30.95 16.93
C GLY A 931 48.08 30.78 16.72
N LEU A 932 47.33 30.43 17.76
CA LEU A 932 45.89 30.16 17.66
C LEU A 932 44.95 31.33 18.00
N GLN A 933 43.78 31.39 17.36
CA GLN A 933 42.68 32.27 17.74
C GLN A 933 41.39 31.48 17.93
N ASN A 934 40.44 32.09 18.63
CA ASN A 934 39.27 31.38 19.15
C ASN A 934 38.37 30.66 18.16
N GLY A 935 38.21 31.16 16.93
CA GLY A 935 37.37 30.41 15.98
C GLY A 935 37.89 29.11 15.36
N ASP A 936 39.13 28.73 15.70
CA ASP A 936 39.86 27.64 15.04
C ASP A 936 39.38 26.23 15.36
N THR A 937 39.69 25.33 14.43
CA THR A 937 39.47 23.91 14.62
C THR A 937 40.50 23.08 13.84
N ALA A 938 40.95 22.02 14.47
CA ALA A 938 41.90 21.18 13.80
C ALA A 938 41.22 19.97 13.14
N ASN A 939 39.88 19.95 13.12
CA ASN A 939 39.13 18.96 12.35
C ASN A 939 39.47 18.95 10.86
N SER A 940 39.97 17.84 10.36
CA SER A 940 40.15 17.65 8.92
C SER A 940 38.82 17.61 8.16
N ALA A 941 38.63 18.50 7.21
CA ALA A 941 37.38 18.53 6.45
C ALA A 941 37.22 17.27 5.60
N ILE A 942 38.33 16.71 5.10
CA ILE A 942 38.34 15.43 4.39
C ILE A 942 38.86 14.29 5.25
N LYS A 943 38.02 13.28 5.47
CA LYS A 943 38.46 12.05 6.13
C LYS A 943 38.71 11.02 5.06
N GLN A 944 39.88 10.37 5.15
CA GLN A 944 40.34 9.44 4.14
C GLN A 944 40.03 8.00 4.54
N ILE A 945 39.66 7.17 3.56
CA ILE A 945 39.48 5.75 3.73
C ILE A 945 40.50 5.01 2.85
N ALA A 946 41.45 4.32 3.48
CA ALA A 946 42.60 3.72 2.78
C ALA A 946 42.66 2.23 3.14
N SER A 947 43.44 1.43 2.44
CA SER A 947 43.33 -0.04 2.61
C SER A 947 43.54 -0.56 4.02
N GLY A 948 44.25 0.22 4.84
CA GLY A 948 44.54 -0.15 6.23
C GLY A 948 43.36 0.12 7.14
N ARG A 949 42.47 1.06 6.77
CA ARG A 949 41.31 1.44 7.61
C ARG A 949 41.71 1.83 9.04
N PHE A 950 42.94 2.29 9.21
CA PHE A 950 43.50 2.48 10.55
C PHE A 950 42.61 2.98 11.73
N GLY A 951 42.18 4.23 11.68
CA GLY A 951 41.32 4.67 12.77
C GLY A 951 39.94 4.99 12.19
N VAL A 952 39.43 4.12 11.30
CA VAL A 952 38.25 4.45 10.55
C VAL A 952 36.97 4.01 11.33
N THR A 953 36.31 5.03 11.84
CA THR A 953 35.36 4.95 12.94
C THR A 953 34.08 5.63 12.43
N PRO A 954 32.89 5.27 12.93
CA PRO A 954 31.66 5.96 12.53
C PRO A 954 31.74 7.44 12.91
N GLU A 955 32.27 7.76 14.07
CA GLU A 955 32.46 9.17 14.44
C GLU A 955 33.49 9.92 13.56
N TYR A 956 34.64 9.31 13.34
CA TYR A 956 35.58 9.77 12.31
C TYR A 956 34.82 10.04 11.01
N LEU A 957 33.93 9.13 10.58
CA LEU A 957 33.23 9.32 9.29
C LEU A 957 32.21 10.46 9.28
N MET A 958 31.56 10.67 10.42
CA MET A 958 30.57 11.71 10.59
C MET A 958 31.22 13.07 10.73
N SER A 959 32.49 13.11 11.14
CA SER A 959 33.19 14.38 11.32
C SER A 959 33.65 15.00 9.98
N GLY A 960 33.66 14.23 8.91
CA GLY A 960 34.03 14.80 7.63
C GLY A 960 32.92 15.59 6.94
N LYS A 961 33.31 16.67 6.28
CA LYS A 961 32.54 17.27 5.19
C LYS A 961 32.65 16.38 3.93
N GLN A 962 33.80 15.76 3.73
CA GLN A 962 34.02 14.88 2.58
C GLN A 962 34.70 13.61 3.03
N LEU A 963 34.53 12.57 2.24
CA LEU A 963 35.11 11.30 2.54
C LEU A 963 35.90 10.93 1.28
N GLU A 964 37.18 10.58 1.40
CA GLU A 964 37.98 10.18 0.25
C GLU A 964 38.45 8.71 0.31
N ILE A 965 38.15 7.91 -0.73
CA ILE A 965 38.65 6.55 -0.85
C ILE A 965 39.93 6.60 -1.64
N LYS A 966 41.05 6.29 -0.97
CA LYS A 966 42.39 6.33 -1.56
C LYS A 966 42.74 5.03 -2.27
N MET A 967 42.71 5.06 -3.59
CA MET A 967 43.17 3.92 -4.38
C MET A 967 44.70 3.91 -4.51
N ALA A 968 45.32 5.09 -4.62
CA ALA A 968 46.76 5.12 -4.86
C ALA A 968 47.25 6.52 -4.71
N GLN A 969 48.54 6.63 -4.47
CA GLN A 969 49.24 7.91 -4.42
C GLN A 969 50.35 7.84 -5.45
N GLY A 970 50.75 9.00 -5.97
CA GLY A 970 51.73 9.09 -7.02
C GLY A 970 53.06 8.41 -6.73
N ALA A 971 53.57 8.47 -5.50
CA ALA A 971 54.87 7.89 -5.22
C ALA A 971 54.92 6.38 -5.37
N LYS A 972 53.82 5.70 -5.04
CA LYS A 972 53.87 4.23 -5.05
C LYS A 972 52.55 3.57 -5.39
N PRO A 973 52.10 3.81 -6.63
CA PRO A 973 50.79 3.36 -7.10
C PRO A 973 50.54 1.88 -6.94
N GLY A 974 51.45 1.02 -7.30
CA GLY A 974 50.86 -0.32 -7.02
C GLY A 974 50.70 -0.85 -5.54
N GLU A 975 50.85 0.03 -4.55
CA GLU A 975 51.24 -0.47 -3.20
C GLU A 975 50.42 0.13 -2.07
N GLY A 976 50.64 -0.36 -0.86
CA GLY A 976 49.91 0.18 0.25
C GLY A 976 50.76 1.20 0.97
N GLY A 977 50.11 1.99 1.82
CA GLY A 977 50.81 2.87 2.73
C GLY A 977 51.87 2.15 3.53
N GLN A 978 52.81 2.93 4.05
CA GLN A 978 54.02 2.41 4.61
C GLN A 978 54.47 3.32 5.79
N LEU A 979 54.34 2.83 7.02
CA LEU A 979 54.83 3.57 8.16
C LEU A 979 55.82 2.65 8.87
N PRO A 980 57.11 3.00 8.91
CA PRO A 980 58.10 2.22 9.68
C PRO A 980 57.83 2.17 11.18
N GLY A 981 58.12 1.03 11.78
CA GLY A 981 58.01 0.84 13.23
C GLY A 981 58.67 1.88 14.13
N LYS A 982 59.76 2.49 13.66
CA LYS A 982 60.42 3.58 14.43
C LYS A 982 59.41 4.67 14.69
N LYS A 983 58.44 4.82 13.81
CA LYS A 983 57.55 5.99 13.82
C LYS A 983 56.20 5.74 14.53
N VAL A 984 55.89 4.47 14.80
CA VAL A 984 54.68 4.08 15.52
C VAL A 984 54.85 4.27 17.05
N SER A 985 54.64 5.50 17.52
CA SER A 985 54.71 5.80 18.95
C SER A 985 53.47 5.24 19.63
N GLU A 986 53.44 5.36 20.95
CA GLU A 986 52.28 4.96 21.70
C GLU A 986 51.07 5.72 21.19
N TYR A 987 51.28 6.99 20.89
CA TYR A 987 50.22 7.83 20.39
C TYR A 987 49.65 7.35 19.08
N ILE A 988 50.52 6.99 18.12
CA ILE A 988 50.11 6.53 16.78
C ILE A 988 49.42 5.19 16.91
N ALA A 989 49.92 4.35 17.81
CA ALA A 989 49.35 3.04 18.05
C ALA A 989 47.91 3.11 18.61
N MET A 990 47.69 4.10 19.48
CA MET A 990 46.36 4.36 20.05
C MET A 990 45.34 4.81 18.97
N LEU A 991 45.75 5.74 18.12
CA LEU A 991 44.93 6.22 17.02
C LEU A 991 44.59 5.14 16.04
N ARG A 992 45.56 4.28 15.71
CA ARG A 992 45.38 3.23 14.73
C ARG A 992 44.90 1.93 15.32
N ARG A 993 44.75 1.88 16.65
CA ARG A 993 44.42 0.62 17.32
C ARG A 993 45.41 -0.50 16.93
N SER A 994 46.68 -0.21 17.11
CA SER A 994 47.69 -1.20 16.76
C SER A 994 48.79 -1.29 17.81
N LYS A 995 49.86 -2.00 17.50
CA LYS A 995 50.90 -2.23 18.48
C LYS A 995 52.04 -1.25 18.33
N PRO A 996 52.43 -0.66 19.42
CA PRO A 996 53.49 0.35 19.49
C PRO A 996 54.76 0.17 18.66
N GLY A 997 55.47 -0.92 18.70
CA GLY A 997 56.73 -0.67 17.98
C GLY A 997 56.78 -1.10 16.51
N VAL A 998 55.61 -1.31 15.94
CA VAL A 998 55.51 -2.27 14.87
C VAL A 998 55.22 -1.64 13.52
N THR A 999 56.10 -1.92 12.57
CA THR A 999 55.96 -1.46 11.20
C THR A 999 54.57 -1.77 10.62
N LEU A 1000 54.00 -0.79 9.93
CA LEU A 1000 52.70 -0.94 9.29
C LEU A 1000 52.84 -0.82 7.81
N ILE A 1001 52.85 -1.95 7.13
CA ILE A 1001 52.72 -1.95 5.67
C ILE A 1001 51.27 -2.31 5.35
N SER A 1002 50.45 -1.33 5.08
CA SER A 1002 49.09 -1.60 4.68
C SER A 1002 49.00 -2.55 3.43
N PRO A 1003 47.94 -3.31 3.30
CA PRO A 1003 47.81 -4.18 2.13
C PRO A 1003 47.73 -3.25 0.93
N PRO A 1004 48.21 -3.64 -0.24
CA PRO A 1004 47.98 -2.88 -1.47
C PRO A 1004 46.51 -2.79 -1.92
N PRO A 1005 45.67 -3.82 -1.92
CA PRO A 1005 44.25 -3.61 -2.25
C PRO A 1005 43.41 -3.19 -1.03
N HIS A 1006 42.36 -2.40 -1.24
CA HIS A 1006 41.18 -2.45 -0.36
C HIS A 1006 40.60 -3.86 -0.49
N HIS A 1007 40.34 -4.51 0.62
CA HIS A 1007 39.95 -5.92 0.58
C HIS A 1007 38.46 -6.10 0.28
N ASP A 1008 37.91 -4.91 0.15
CA ASP A 1008 36.59 -4.40 -0.09
C ASP A 1008 36.31 -4.09 -1.56
N ILE A 1009 37.39 -3.94 -2.35
CA ILE A 1009 37.34 -3.42 -3.72
C ILE A 1009 38.21 -4.26 -4.68
N TYR A 1010 37.61 -5.27 -5.28
CA TYR A 1010 38.29 -6.13 -6.25
C TYR A 1010 37.79 -5.94 -7.70
N SER A 1011 36.98 -4.88 -7.91
CA SER A 1011 36.32 -4.60 -9.16
C SER A 1011 35.52 -3.29 -9.04
N ILE A 1012 35.04 -2.79 -10.17
CA ILE A 1012 34.27 -1.54 -10.20
C ILE A 1012 32.98 -1.62 -9.37
N GLU A 1013 32.30 -2.76 -9.37
CA GLU A 1013 31.02 -2.94 -8.63
C GLU A 1013 31.19 -2.98 -7.09
N ASP A 1014 32.37 -3.45 -6.63
CA ASP A 1014 32.82 -3.36 -5.22
C ASP A 1014 33.09 -1.93 -4.77
N LEU A 1015 33.72 -1.13 -5.62
CA LEU A 1015 33.89 0.30 -5.36
C LEU A 1015 32.51 0.97 -5.26
N ALA A 1016 31.59 0.62 -6.16
CA ALA A 1016 30.24 1.20 -6.09
C ALA A 1016 29.64 0.90 -4.71
N GLN A 1017 29.98 -0.25 -4.16
CA GLN A 1017 29.38 -0.69 -2.91
C GLN A 1017 30.04 0.05 -1.77
N LEU A 1018 31.36 0.25 -1.80
CA LEU A 1018 32.02 1.11 -0.80
C LEU A 1018 31.45 2.55 -0.81
N ILE A 1019 31.23 3.13 -1.99
CA ILE A 1019 30.74 4.49 -2.09
C ILE A 1019 29.32 4.51 -1.54
N TYR A 1020 28.53 3.51 -1.91
CA TYR A 1020 27.24 3.28 -1.25
C TYR A 1020 27.32 3.26 0.28
N ASP A 1021 28.32 2.55 0.86
CA ASP A 1021 28.41 2.46 2.32
C ASP A 1021 28.76 3.82 2.89
N LEU A 1022 29.47 4.60 2.14
CA LEU A 1022 29.85 5.89 2.68
C LEU A 1022 28.67 6.82 2.61
N HIS A 1023 28.00 6.85 1.47
CA HIS A 1023 26.80 7.67 1.34
C HIS A 1023 25.74 7.20 2.34
N GLN A 1024 25.87 5.96 2.84
CA GLN A 1024 24.89 5.39 3.75
C GLN A 1024 25.09 5.94 5.16
N ILE A 1025 26.31 5.81 5.67
CA ILE A 1025 26.60 6.30 7.01
C ILE A 1025 26.47 7.81 7.08
N ASN A 1026 26.86 8.49 6.01
CA ASN A 1026 26.89 9.94 5.98
C ASN A 1026 26.29 10.48 4.71
N PRO A 1027 24.96 10.53 4.65
CA PRO A 1027 24.26 11.05 3.48
C PRO A 1027 24.61 12.47 3.07
N GLU A 1028 25.10 13.35 3.92
CA GLU A 1028 25.43 14.67 3.38
C GLU A 1028 26.86 14.86 2.86
N ALA A 1029 27.72 13.85 3.04
CA ALA A 1029 29.16 13.94 2.66
C ALA A 1029 29.51 13.58 1.20
N GLN A 1030 30.30 14.39 0.55
CA GLN A 1030 30.80 13.94 -0.74
C GLN A 1030 31.85 12.87 -0.62
N VAL A 1031 31.73 11.91 -1.52
CA VAL A 1031 32.70 10.86 -1.60
C VAL A 1031 33.62 11.17 -2.76
N SER A 1032 34.93 11.21 -2.50
CA SER A 1032 35.90 11.30 -3.59
C SER A 1032 36.63 9.99 -3.75
N VAL A 1033 37.18 9.76 -4.94
CA VAL A 1033 37.98 8.59 -5.25
C VAL A 1033 39.33 9.12 -5.82
N LYS A 1034 40.41 8.72 -5.15
CA LYS A 1034 41.76 9.16 -5.49
C LYS A 1034 42.45 8.12 -6.37
N LEU A 1035 42.71 8.51 -7.62
CA LEU A 1035 43.44 7.68 -8.59
C LEU A 1035 44.83 8.24 -8.86
N VAL A 1036 45.71 7.43 -9.46
CA VAL A 1036 46.97 7.93 -10.03
C VAL A 1036 46.93 7.88 -11.56
N ALA A 1037 47.50 8.91 -12.17
CA ALA A 1037 47.65 9.02 -13.63
C ALA A 1037 48.45 7.87 -14.22
N GLU A 1038 47.85 7.29 -15.25
CA GLU A 1038 48.45 6.24 -16.09
C GLU A 1038 47.47 6.09 -17.26
N ILE A 1039 47.93 5.53 -18.37
CA ILE A 1039 47.02 5.20 -19.46
C ILE A 1039 45.96 4.17 -18.98
N GLY A 1040 44.69 4.46 -19.29
CA GLY A 1040 43.53 3.73 -18.78
C GLY A 1040 42.76 4.43 -17.66
N ILE A 1041 43.29 5.52 -17.11
CA ILE A 1041 42.58 6.26 -16.09
C ILE A 1041 41.28 6.90 -16.65
N GLY A 1042 41.27 7.29 -17.92
CA GLY A 1042 40.04 7.77 -18.53
C GLY A 1042 38.88 6.80 -18.30
N THR A 1043 39.01 5.60 -18.87
CA THR A 1043 38.13 4.44 -18.67
C THR A 1043 37.78 4.15 -17.18
N ILE A 1044 38.81 4.01 -16.35
CA ILE A 1044 38.57 3.78 -14.96
C ILE A 1044 37.64 4.87 -14.36
N ALA A 1045 37.96 6.13 -14.64
CA ALA A 1045 37.17 7.25 -14.15
C ALA A 1045 35.74 7.24 -14.67
N ALA A 1046 35.53 6.86 -15.93
CA ALA A 1046 34.15 6.66 -16.36
C ALA A 1046 33.43 5.66 -15.43
N GLY A 1047 34.11 4.58 -15.07
CA GLY A 1047 33.52 3.62 -14.15
C GLY A 1047 33.18 4.25 -12.80
N VAL A 1048 34.11 5.06 -12.27
CA VAL A 1048 34.01 5.67 -10.95
C VAL A 1048 32.80 6.61 -10.89
N ALA A 1049 32.56 7.32 -11.99
CA ALA A 1049 31.42 8.20 -12.06
C ALA A 1049 30.14 7.40 -12.08
N LYS A 1050 30.12 6.33 -12.88
CA LYS A 1050 28.97 5.43 -12.97
C LYS A 1050 28.69 4.76 -11.61
N ALA A 1051 29.74 4.63 -10.82
CA ALA A 1051 29.69 4.08 -9.46
C ALA A 1051 29.16 5.10 -8.45
N ASN A 1052 28.79 6.33 -8.92
CA ASN A 1052 28.14 7.34 -8.06
C ASN A 1052 29.05 8.19 -7.17
N ALA A 1053 30.34 8.28 -7.48
CA ALA A 1053 31.25 9.18 -6.76
C ALA A 1053 30.91 10.63 -7.05
N ASP A 1054 31.37 11.49 -6.14
CA ASP A 1054 31.09 12.92 -6.26
C ASP A 1054 32.28 13.64 -6.82
N ILE A 1055 33.45 13.10 -6.59
CA ILE A 1055 34.67 13.80 -6.86
C ILE A 1055 35.65 12.74 -7.25
N ILE A 1056 36.45 13.06 -8.27
CA ILE A 1056 37.62 12.27 -8.61
C ILE A 1056 38.90 13.08 -8.47
N GLN A 1057 39.78 12.60 -7.59
CA GLN A 1057 41.14 13.13 -7.54
C GLN A 1057 42.10 12.44 -8.50
N ILE A 1058 42.95 13.22 -9.17
CA ILE A 1058 43.99 12.65 -10.04
C ILE A 1058 45.35 13.04 -9.48
N SER A 1059 46.10 12.05 -9.00
CA SER A 1059 47.49 12.23 -8.54
C SER A 1059 48.55 11.93 -9.57
N GLY A 1060 49.51 12.84 -9.78
CA GLY A 1060 50.64 12.65 -10.69
C GLY A 1060 51.80 11.85 -10.08
N HIS A 1061 52.63 11.24 -10.94
CA HIS A 1061 53.74 10.32 -10.54
C HIS A 1061 54.71 10.97 -9.61
N ASP A 1062 54.60 12.28 -9.71
CA ASP A 1062 55.17 13.38 -9.01
C ASP A 1062 55.13 13.48 -7.46
N GLY A 1063 54.01 13.12 -6.86
CA GLY A 1063 53.73 13.52 -5.48
C GLY A 1063 54.66 13.00 -4.40
N GLY A 1064 54.74 13.73 -3.28
CA GLY A 1064 55.54 13.29 -2.15
C GLY A 1064 55.03 12.07 -1.36
N THR A 1065 55.81 11.70 -0.37
CA THR A 1065 55.50 10.58 0.52
C THR A 1065 56.46 10.65 1.66
N GLY A 1066 56.05 10.07 2.79
CA GLY A 1066 56.93 9.92 3.93
C GLY A 1066 57.77 8.66 3.91
N ALA A 1067 57.47 7.73 2.99
CA ALA A 1067 58.31 6.53 2.74
C ALA A 1067 57.78 5.70 1.56
N SER A 1068 58.63 5.45 0.56
CA SER A 1068 58.27 4.60 -0.56
C SER A 1068 59.55 3.97 -1.04
N PRO A 1069 59.42 2.86 -1.74
CA PRO A 1069 60.57 2.35 -2.49
C PRO A 1069 61.07 3.45 -3.44
N LEU A 1070 62.39 3.63 -3.48
CA LEU A 1070 63.04 4.50 -4.44
C LEU A 1070 62.62 4.18 -5.89
N SER A 1071 62.60 2.89 -6.25
CA SER A 1071 62.16 2.47 -7.59
C SER A 1071 60.74 2.85 -7.87
N SER A 1072 59.88 2.81 -6.88
CA SER A 1072 58.50 3.23 -7.09
C SER A 1072 58.42 4.77 -7.35
N ILE A 1073 59.15 5.54 -6.54
CA ILE A 1073 59.22 6.97 -6.70
C ILE A 1073 59.67 7.34 -8.14
N LYS A 1074 60.70 6.65 -8.65
CA LYS A 1074 61.27 6.95 -9.96
C LYS A 1074 60.65 6.27 -11.20
N HIS A 1075 59.86 5.20 -11.04
CA HIS A 1075 59.44 4.42 -12.22
C HIS A 1075 57.96 3.97 -12.31
N ALA A 1076 57.12 4.31 -11.33
CA ALA A 1076 55.69 3.99 -11.36
C ALA A 1076 54.80 5.22 -11.42
N GLY A 1077 53.89 5.30 -12.39
CA GLY A 1077 52.97 6.41 -12.45
C GLY A 1077 53.34 7.37 -13.56
N SER A 1078 52.34 8.06 -14.10
CA SER A 1078 52.55 9.09 -15.12
C SER A 1078 52.29 10.55 -14.69
N PRO A 1079 52.72 11.54 -15.47
CA PRO A 1079 52.40 12.95 -15.20
C PRO A 1079 50.88 13.16 -15.05
N TRP A 1080 50.48 14.09 -14.20
CA TRP A 1080 49.07 14.39 -14.07
C TRP A 1080 48.51 15.09 -15.29
N GLU A 1081 49.36 15.78 -16.05
CA GLU A 1081 48.89 16.40 -17.28
C GLU A 1081 48.24 15.35 -18.18
N LEU A 1082 48.90 14.22 -18.39
CA LEU A 1082 48.30 13.17 -19.17
C LEU A 1082 47.04 12.64 -18.50
N GLY A 1083 47.03 12.67 -17.17
CA GLY A 1083 45.95 12.08 -16.38
C GLY A 1083 44.65 12.89 -16.32
N VAL A 1084 44.75 14.18 -16.00
CA VAL A 1084 43.61 15.08 -15.89
C VAL A 1084 42.92 15.19 -17.21
N THR A 1085 43.73 15.49 -18.19
CA THR A 1085 43.34 15.56 -19.58
C THR A 1085 42.53 14.31 -20.07
N GLU A 1086 43.08 13.12 -19.86
CA GLU A 1086 42.54 11.87 -20.30
C GLU A 1086 41.19 11.64 -19.61
N VAL A 1087 41.13 11.93 -18.31
CA VAL A 1087 39.89 11.78 -17.56
C VAL A 1087 38.86 12.81 -18.01
N HIS A 1088 39.27 14.08 -18.13
CA HIS A 1088 38.34 15.13 -18.50
C HIS A 1088 37.69 14.79 -19.84
N ARG A 1089 38.51 14.46 -20.84
CA ARG A 1089 38.03 14.13 -22.17
C ARG A 1089 37.07 12.94 -22.18
N VAL A 1090 37.48 11.82 -21.55
CA VAL A 1090 36.67 10.60 -21.59
C VAL A 1090 35.30 10.86 -20.92
N LEU A 1091 35.32 11.42 -19.74
CA LEU A 1091 34.08 11.85 -19.10
C LEU A 1091 33.20 12.67 -20.04
N MET A 1092 33.74 13.75 -20.60
CA MET A 1092 32.95 14.65 -21.48
C MET A 1092 32.35 13.98 -22.71
N GLU A 1093 33.12 13.09 -23.33
CA GLU A 1093 32.77 12.47 -24.61
C GLU A 1093 31.82 11.28 -24.36
N ASN A 1094 31.69 10.91 -23.09
CA ASN A 1094 30.76 9.92 -22.61
C ASN A 1094 29.56 10.53 -21.89
N GLN A 1095 29.53 11.86 -21.77
CA GLN A 1095 28.43 12.56 -21.06
C GLN A 1095 28.36 12.22 -19.55
N LEU A 1096 29.52 12.03 -18.96
CA LEU A 1096 29.58 11.77 -17.54
C LEU A 1096 30.18 12.93 -16.72
N ARG A 1097 30.54 14.02 -17.39
CA ARG A 1097 31.44 15.02 -16.81
C ARG A 1097 30.82 15.80 -15.67
N ASP A 1098 29.51 16.00 -15.71
CA ASP A 1098 28.82 16.70 -14.63
C ASP A 1098 28.59 15.82 -13.37
N ARG A 1099 28.86 14.52 -13.47
CA ARG A 1099 28.70 13.66 -12.29
C ARG A 1099 29.69 13.91 -11.15
N VAL A 1100 30.84 14.52 -11.46
CA VAL A 1100 31.97 14.56 -10.53
C VAL A 1100 32.70 15.91 -10.64
N LEU A 1101 33.29 16.32 -9.53
CA LEU A 1101 34.21 17.43 -9.51
C LEU A 1101 35.61 16.79 -9.67
N LEU A 1102 36.45 17.37 -10.54
CA LEU A 1102 37.82 16.85 -10.75
C LEU A 1102 38.79 17.65 -9.95
N ARG A 1103 39.66 16.92 -9.28
CA ARG A 1103 40.71 17.51 -8.47
C ARG A 1103 42.04 16.91 -8.89
N ALA A 1104 43.09 17.73 -8.82
CA ALA A 1104 44.44 17.32 -9.23
C ALA A 1104 45.52 17.60 -8.18
N ASP A 1105 46.53 16.74 -8.12
CA ASP A 1105 47.77 17.05 -7.36
C ASP A 1105 49.05 16.45 -7.96
N GLY A 1106 50.19 16.83 -7.39
CA GLY A 1106 51.45 16.23 -7.73
C GLY A 1106 52.29 17.37 -8.20
N GLY A 1107 53.27 17.74 -7.36
CA GLY A 1107 54.19 18.83 -7.61
C GLY A 1107 53.56 20.19 -7.83
N LEU A 1108 52.33 20.44 -7.38
CA LEU A 1108 51.79 21.79 -7.60
C LEU A 1108 52.33 22.78 -6.57
N LYS A 1109 52.81 23.92 -7.05
CA LYS A 1109 53.45 24.90 -6.15
C LYS A 1109 53.01 26.33 -6.32
N THR A 1110 52.35 26.62 -7.42
CA THR A 1110 52.40 27.93 -7.97
C THR A 1110 51.05 28.23 -8.61
N GLY A 1111 50.61 29.47 -8.50
CA GLY A 1111 49.39 29.94 -9.14
C GLY A 1111 49.45 29.61 -10.60
N TRP A 1112 50.63 29.70 -11.21
CA TRP A 1112 50.83 29.24 -12.59
C TRP A 1112 50.40 27.75 -12.76
N ASP A 1113 50.91 26.87 -11.88
CA ASP A 1113 50.59 25.44 -11.87
C ASP A 1113 49.11 25.28 -11.78
N VAL A 1114 48.50 26.13 -10.96
CA VAL A 1114 47.06 26.03 -10.71
C VAL A 1114 46.30 26.23 -12.01
N VAL A 1115 46.76 27.20 -12.77
CA VAL A 1115 46.09 27.62 -13.99
C VAL A 1115 46.28 26.57 -15.07
N MET A 1116 47.48 26.03 -15.19
CA MET A 1116 47.70 24.90 -16.07
C MET A 1116 46.70 23.79 -15.79
N ALA A 1117 46.54 23.45 -14.51
CA ALA A 1117 45.69 22.36 -14.09
C ALA A 1117 44.27 22.66 -14.45
N ALA A 1118 43.86 23.90 -14.19
CA ALA A 1118 42.51 24.35 -14.53
C ALA A 1118 42.22 24.21 -16.03
N LEU A 1119 43.12 24.72 -16.86
CA LEU A 1119 42.94 24.71 -18.30
C LEU A 1119 42.81 23.29 -18.83
N MET A 1120 43.38 22.33 -18.11
CA MET A 1120 43.36 20.96 -18.54
C MET A 1120 42.16 20.20 -17.98
N GLY A 1121 41.49 20.79 -16.99
CA GLY A 1121 40.18 20.34 -16.57
C GLY A 1121 40.02 20.13 -15.06
N ALA A 1122 41.01 20.52 -14.28
CA ALA A 1122 40.86 20.41 -12.83
C ALA A 1122 40.06 21.61 -12.27
N GLU A 1123 39.13 21.30 -11.38
CA GLU A 1123 38.28 22.24 -10.63
C GLU A 1123 38.77 22.57 -9.18
N GLU A 1124 39.60 21.69 -8.60
CA GLU A 1124 40.22 21.89 -7.27
C GLU A 1124 41.67 21.38 -7.34
N TYR A 1125 42.48 21.80 -6.38
CA TYR A 1125 43.94 21.73 -6.49
C TYR A 1125 44.54 21.32 -5.15
N GLY A 1126 45.32 20.27 -5.20
CA GLY A 1126 45.87 19.65 -3.99
C GLY A 1126 47.34 19.93 -3.84
N PHE A 1127 47.74 20.19 -2.60
CA PHE A 1127 49.12 20.54 -2.27
C PHE A 1127 49.62 19.76 -1.07
N GLY A 1128 50.71 19.00 -1.23
CA GLY A 1128 51.31 18.29 -0.10
C GLY A 1128 52.68 18.77 0.33
N SER A 1129 53.71 18.45 -0.45
CA SER A 1129 55.09 18.87 -0.13
C SER A 1129 55.25 20.38 0.04
N ILE A 1130 54.62 21.15 -0.84
CA ILE A 1130 54.76 22.57 -0.79
C ILE A 1130 54.24 23.09 0.55
N ALA A 1131 53.07 22.58 0.97
CA ALA A 1131 52.45 22.96 2.23
C ALA A 1131 53.36 22.64 3.45
N MET A 1132 54.08 21.52 3.43
CA MET A 1132 55.05 21.20 4.47
C MET A 1132 56.17 22.19 4.47
N ILE A 1133 56.63 22.60 3.28
CA ILE A 1133 57.64 23.63 3.19
C ILE A 1133 57.17 24.99 3.79
N ALA A 1134 55.93 25.37 3.53
CA ALA A 1134 55.39 26.61 4.10
C ALA A 1134 55.50 26.57 5.63
N GLU A 1135 55.21 25.41 6.22
CA GLU A 1135 55.26 25.28 7.67
C GLU A 1135 56.63 24.93 8.28
N GLY A 1136 57.69 24.83 7.46
CA GLY A 1136 59.06 24.71 7.95
C GLY A 1136 59.91 23.56 7.41
N CYS A 1137 59.29 22.58 6.73
CA CYS A 1137 60.08 21.60 5.99
C CYS A 1137 61.20 22.24 5.16
N ILE A 1138 62.41 21.75 5.34
CA ILE A 1138 63.38 21.81 4.26
C ILE A 1138 63.29 20.52 3.46
N MET A 1139 64.30 20.30 2.67
CA MET A 1139 64.11 19.12 1.85
C MET A 1139 65.29 18.29 2.19
N ALA A 1140 65.43 18.12 3.50
CA ALA A 1140 66.40 17.24 4.11
C ALA A 1140 66.20 15.79 3.56
N ARG A 1141 64.94 15.41 3.26
CA ARG A 1141 64.62 14.10 2.68
C ARG A 1141 65.08 12.88 3.52
N VAL A 1142 64.73 12.90 4.80
CA VAL A 1142 64.91 11.81 5.75
C VAL A 1142 63.54 11.51 6.44
N CYS A 1143 62.43 11.77 5.76
CA CYS A 1143 61.11 11.60 6.37
C CYS A 1143 60.89 10.14 6.84
N HIS A 1144 61.56 9.19 6.19
CA HIS A 1144 61.28 7.78 6.39
C HIS A 1144 62.15 7.31 7.56
N THR A 1145 62.94 8.26 8.03
CA THR A 1145 64.00 7.97 8.96
C THR A 1145 63.66 8.24 10.44
N ASN A 1146 62.58 8.96 10.68
CA ASN A 1146 62.27 9.53 12.00
C ASN A 1146 63.22 10.64 12.49
N ASN A 1147 64.09 11.12 11.62
CA ASN A 1147 65.05 12.10 12.06
C ASN A 1147 64.74 13.50 11.56
N CYS A 1148 63.56 13.79 11.01
CA CYS A 1148 63.31 15.15 10.55
C CYS A 1148 63.90 16.20 11.49
N PRO A 1149 64.89 16.96 11.01
CA PRO A 1149 65.62 17.93 11.83
C PRO A 1149 64.83 19.15 12.29
N VAL A 1150 63.63 19.26 11.79
CA VAL A 1150 62.81 20.44 11.94
C VAL A 1150 61.40 20.06 12.45
N GLY A 1151 61.22 18.79 12.76
CA GLY A 1151 60.05 18.34 13.50
C GLY A 1151 58.76 18.14 12.75
N VAL A 1152 58.84 18.14 11.43
CA VAL A 1152 57.65 17.95 10.59
C VAL A 1152 57.31 16.47 10.38
N ALA A 1153 58.29 15.66 9.98
CA ALA A 1153 58.00 14.28 9.65
C ALA A 1153 58.64 13.28 10.62
N THR A 1154 58.54 13.59 11.91
CA THR A 1154 59.07 12.71 12.93
C THR A 1154 58.10 12.56 14.12
N GLN A 1155 58.28 11.49 14.89
CA GLN A 1155 57.48 11.25 16.10
C GLN A 1155 58.32 11.31 17.38
N GLN A 1156 59.62 11.58 17.24
CA GLN A 1156 60.46 11.78 18.42
C GLN A 1156 60.02 13.07 19.02
N GLU A 1157 59.73 13.05 20.32
CA GLU A 1157 59.26 14.23 21.04
C GLU A 1157 60.25 15.37 21.02
N ARG A 1158 61.53 15.05 21.18
CA ARG A 1158 62.52 16.11 21.33
C ARG A 1158 62.73 16.79 20.00
N LEU A 1159 62.57 16.05 18.91
CA LEU A 1159 62.52 16.66 17.60
C LEU A 1159 61.21 17.43 17.31
N ARG A 1160 60.05 16.90 17.72
CA ARG A 1160 58.79 17.61 17.49
C ARG A 1160 58.89 18.99 18.10
N GLN A 1161 59.59 19.08 19.23
CA GLN A 1161 59.80 20.34 19.91
C GLN A 1161 60.56 21.38 19.08
N ARG A 1162 61.20 20.99 18.00
CA ARG A 1162 61.87 21.99 17.19
C ARG A 1162 60.87 22.78 16.35
N PHE A 1163 59.74 22.16 16.02
CA PHE A 1163 58.70 22.75 15.15
C PHE A 1163 58.25 24.12 15.60
N LYS A 1164 58.69 25.11 14.87
CA LYS A 1164 58.14 26.44 14.99
C LYS A 1164 57.14 26.30 13.86
N GLY A 1165 56.14 27.14 13.83
CA GLY A 1165 55.12 26.82 12.84
C GLY A 1165 53.79 27.15 13.42
N VAL A 1166 53.15 28.09 12.76
CA VAL A 1166 51.85 28.58 13.15
C VAL A 1166 51.00 28.55 11.90
N PRO A 1167 49.69 28.40 12.08
CA PRO A 1167 48.77 28.29 10.95
C PRO A 1167 48.80 29.48 10.00
N GLY A 1168 49.10 30.68 10.50
CA GLY A 1168 49.11 31.89 9.70
C GLY A 1168 50.11 31.86 8.55
N GLN A 1169 51.27 31.31 8.84
CA GLN A 1169 52.31 31.10 7.86
C GLN A 1169 51.78 30.33 6.64
N VAL A 1170 51.06 29.23 6.88
CA VAL A 1170 50.42 28.57 5.76
C VAL A 1170 49.18 29.29 5.19
N VAL A 1171 48.48 30.08 6.00
CA VAL A 1171 47.42 30.91 5.45
C VAL A 1171 48.07 31.89 4.45
N ASN A 1172 49.16 32.53 4.86
CA ASN A 1172 49.95 33.40 4.00
C ASN A 1172 50.36 32.77 2.66
N PHE A 1173 50.84 31.54 2.72
CA PHE A 1173 51.31 30.82 1.52
C PHE A 1173 50.24 30.65 0.44
N PHE A 1174 49.06 30.27 0.88
CA PHE A 1174 47.94 30.11 -0.01
C PHE A 1174 47.41 31.43 -0.59
N TYR A 1175 47.60 32.56 0.12
CA TYR A 1175 47.37 33.90 -0.46
C TYR A 1175 48.30 34.29 -1.63
N PHE A 1176 49.61 34.07 -1.48
CA PHE A 1176 50.55 34.31 -2.57
C PHE A 1176 50.03 33.50 -3.76
N ILE A 1177 49.75 32.21 -3.56
CA ILE A 1177 49.23 31.36 -4.65
C ILE A 1177 47.99 31.99 -5.36
N ALA A 1178 46.98 32.34 -4.57
CA ALA A 1178 45.71 32.89 -5.05
C ALA A 1178 45.88 34.26 -5.70
N GLU A 1179 46.75 35.10 -5.13
CA GLU A 1179 47.05 36.38 -5.75
C GLU A 1179 47.76 36.21 -7.07
N GLU A 1180 48.55 35.16 -7.23
CA GLU A 1180 49.12 34.87 -8.54
C GLU A 1180 48.07 34.33 -9.54
N VAL A 1181 47.12 33.56 -9.02
CA VAL A 1181 45.98 33.11 -9.84
C VAL A 1181 45.26 34.34 -10.42
N ARG A 1182 45.04 35.34 -9.58
CA ARG A 1182 44.29 36.51 -9.99
C ARG A 1182 45.00 37.19 -11.14
N SER A 1183 46.33 37.24 -11.10
CA SER A 1183 47.05 38.04 -12.06
C SER A 1183 47.17 37.29 -13.39
N LEU A 1184 47.16 35.96 -13.31
CA LEU A 1184 47.02 35.16 -14.53
C LEU A 1184 45.61 35.19 -15.13
N LEU A 1185 44.58 35.30 -14.29
CA LEU A 1185 43.22 35.50 -14.78
C LEU A 1185 43.11 36.89 -15.41
N ALA A 1186 43.82 37.88 -14.87
CA ALA A 1186 43.85 39.23 -15.47
C ALA A 1186 44.43 39.23 -16.89
N HIS A 1187 45.58 38.59 -17.06
CA HIS A 1187 46.23 38.49 -18.37
C HIS A 1187 45.32 37.89 -19.46
N LEU A 1188 44.58 36.86 -19.07
CA LEU A 1188 43.70 36.16 -20.00
C LEU A 1188 42.36 36.86 -20.25
N GLY A 1189 42.01 37.86 -19.46
CA GLY A 1189 40.75 38.56 -19.62
C GLY A 1189 39.45 37.92 -19.12
N TYR A 1190 39.56 36.96 -18.20
CA TYR A 1190 38.42 36.33 -17.53
C TYR A 1190 38.43 36.60 -16.02
N ARG A 1191 37.26 36.58 -15.37
CA ARG A 1191 37.11 37.01 -13.97
C ARG A 1191 37.21 35.92 -12.90
N SER A 1192 37.10 34.66 -13.31
CA SER A 1192 37.10 33.58 -12.35
C SER A 1192 37.56 32.27 -13.00
N LEU A 1193 38.13 31.40 -12.18
CA LEU A 1193 38.58 30.11 -12.65
C LEU A 1193 37.43 29.36 -13.32
N ASP A 1194 36.22 29.59 -12.80
CA ASP A 1194 34.98 29.04 -13.34
C ASP A 1194 34.88 29.26 -14.85
N ASP A 1195 35.38 30.40 -15.33
CA ASP A 1195 35.37 30.72 -16.75
C ASP A 1195 36.45 30.00 -17.58
N ILE A 1196 37.50 29.50 -16.93
CA ILE A 1196 38.62 28.95 -17.71
C ILE A 1196 38.81 27.46 -17.57
N ILE A 1197 38.06 26.83 -16.68
CA ILE A 1197 38.29 25.45 -16.38
C ILE A 1197 38.02 24.67 -17.64
N GLY A 1198 39.00 23.93 -18.11
CA GLY A 1198 38.80 23.12 -19.30
C GLY A 1198 39.02 23.86 -20.61
N ARG A 1199 39.35 25.14 -20.52
CA ARG A 1199 39.64 25.95 -21.72
C ARG A 1199 41.02 25.69 -22.32
N THR A 1200 41.18 24.53 -22.95
CA THR A 1200 42.45 24.06 -23.51
C THR A 1200 42.94 24.84 -24.72
N ASP A 1201 42.02 25.50 -25.42
CA ASP A 1201 42.35 26.29 -26.59
C ASP A 1201 43.07 27.56 -26.15
N LEU A 1202 43.23 27.72 -24.85
CA LEU A 1202 43.93 28.87 -24.33
C LEU A 1202 45.39 28.53 -24.11
N LEU A 1203 45.77 27.30 -24.43
CA LEU A 1203 47.14 26.81 -24.31
C LEU A 1203 47.91 26.83 -25.64
N LYS A 1204 49.23 26.98 -25.57
CA LYS A 1204 50.10 26.90 -26.76
C LYS A 1204 51.47 26.28 -26.43
N VAL A 1205 52.22 25.95 -27.47
CA VAL A 1205 53.54 25.30 -27.31
C VAL A 1205 54.54 26.43 -27.15
N ARG A 1206 55.34 26.36 -26.07
CA ARG A 1206 56.32 27.40 -25.73
C ARG A 1206 57.28 27.69 -26.87
N SER A 1207 57.45 28.96 -27.23
CA SER A 1207 58.22 29.28 -28.42
C SER A 1207 59.75 29.28 -28.28
N ASP A 1208 60.28 28.87 -27.13
CA ASP A 1208 61.71 29.11 -26.88
C ASP A 1208 62.49 27.90 -26.31
N VAL A 1209 61.85 26.74 -26.27
CA VAL A 1209 62.47 25.58 -25.68
C VAL A 1209 63.25 24.74 -26.70
N GLN A 1210 64.23 23.98 -26.22
CA GLN A 1210 65.16 23.21 -27.05
C GLN A 1210 65.59 21.94 -26.26
N LEU A 1211 65.14 20.77 -26.68
CA LEU A 1211 65.48 19.54 -25.98
C LEU A 1211 66.91 19.06 -26.24
N SER A 1212 67.46 18.34 -25.26
CA SER A 1212 68.80 17.73 -25.35
C SER A 1212 68.73 16.45 -26.18
N LYS A 1213 67.65 15.69 -25.98
CA LYS A 1213 67.58 14.31 -26.44
C LYS A 1213 66.83 14.00 -27.75
N THR A 1214 65.82 14.79 -28.11
CA THR A 1214 65.14 14.68 -29.41
C THR A 1214 64.81 16.03 -29.93
N GLN A 1215 64.35 16.06 -31.18
CA GLN A 1215 64.07 17.33 -31.86
C GLN A 1215 62.98 18.00 -31.06
N ASN A 1216 61.85 17.33 -30.93
CA ASN A 1216 60.89 17.72 -29.90
C ASN A 1216 59.78 16.71 -29.73
N LEU A 1217 59.01 16.90 -28.66
CA LEU A 1217 57.89 16.05 -28.41
C LEU A 1217 56.72 16.43 -29.30
N THR A 1218 55.57 15.85 -28.98
CA THR A 1218 54.33 16.13 -29.67
C THR A 1218 53.26 16.15 -28.58
N LEU A 1219 52.61 17.30 -28.45
CA LEU A 1219 51.73 17.59 -27.33
C LEU A 1219 50.24 17.64 -27.72
N ASP A 1220 49.90 17.02 -28.86
CA ASP A 1220 48.50 16.96 -29.32
C ASP A 1220 47.52 16.44 -28.26
N CYS A 1221 47.94 15.46 -27.49
CA CYS A 1221 47.07 14.88 -26.49
C CYS A 1221 46.77 15.83 -25.32
N LEU A 1222 47.51 16.93 -25.23
CA LEU A 1222 47.26 17.90 -24.16
C LEU A 1222 46.47 19.11 -24.65
N LEU A 1223 46.43 19.30 -25.96
CA LEU A 1223 45.84 20.50 -26.56
C LEU A 1223 44.47 20.21 -27.21
N ASN A 1224 44.26 18.96 -27.59
CA ASN A 1224 43.05 18.58 -28.32
C ASN A 1224 42.00 18.04 -27.37
N LEU A 1225 41.43 18.97 -26.61
CA LEU A 1225 40.30 18.67 -25.74
C LEU A 1225 39.01 19.19 -26.42
N PRO A 1226 37.83 18.75 -25.99
CA PRO A 1226 36.59 19.20 -26.66
C PRO A 1226 36.26 20.67 -26.36
N ASP A 1227 35.81 21.41 -27.37
CA ASP A 1227 35.42 22.80 -27.21
C ASP A 1227 34.58 23.02 -25.96
N THR A 1228 35.00 24.00 -25.19
CA THR A 1228 34.43 24.33 -23.90
C THR A 1228 34.09 25.85 -23.83
N LYS A 1229 34.27 26.56 -24.95
CA LYS A 1229 33.92 28.00 -25.06
C LYS A 1229 32.43 28.24 -24.75
N GLN A 1230 31.58 27.35 -25.23
CA GLN A 1230 30.17 27.62 -25.19
C GLN A 1230 29.46 26.73 -24.18
N ASN A 1231 29.84 25.48 -24.09
CA ASN A 1231 29.02 24.65 -23.24
C ASN A 1231 29.64 24.42 -21.88
N ARG A 1232 28.99 24.92 -20.84
CA ARG A 1232 29.64 24.99 -19.53
C ARG A 1232 28.79 24.35 -18.42
N GLN A 1233 27.71 23.66 -18.82
CA GLN A 1233 26.81 23.03 -17.87
C GLN A 1233 27.50 21.91 -17.07
N TRP A 1234 28.50 21.26 -17.64
CA TRP A 1234 29.25 20.21 -16.93
C TRP A 1234 29.91 20.69 -15.60
N LEU A 1235 29.96 22.01 -15.38
CA LEU A 1235 30.49 22.59 -14.14
C LEU A 1235 29.48 22.57 -12.99
N ASN A 1236 28.19 22.44 -13.32
CA ASN A 1236 27.14 22.26 -12.31
C ASN A 1236 27.01 20.84 -11.80
N HIS A 1237 27.24 20.66 -10.50
CA HIS A 1237 27.22 19.35 -9.88
C HIS A 1237 26.07 19.25 -8.93
N GLU A 1238 25.56 18.04 -8.78
CA GLU A 1238 24.60 17.82 -7.72
C GLU A 1238 25.42 18.01 -6.43
N PRO A 1239 24.83 18.60 -5.39
CA PRO A 1239 25.54 18.80 -4.12
C PRO A 1239 26.04 17.49 -3.45
N VAL A 1240 25.28 16.39 -3.54
CA VAL A 1240 25.68 15.03 -3.08
C VAL A 1240 24.85 13.97 -3.83
N HIS A 1241 25.46 12.86 -4.28
CA HIS A 1241 24.65 11.83 -4.91
C HIS A 1241 23.95 10.99 -3.84
N SER A 1242 22.71 10.62 -4.12
CA SER A 1242 21.92 9.88 -3.18
C SER A 1242 22.14 8.39 -3.39
N ASN A 1243 21.83 7.59 -2.37
CA ASN A 1243 21.75 6.15 -2.54
C ASN A 1243 20.37 5.71 -3.01
N GLY A 1244 19.44 6.66 -3.08
CA GLY A 1244 18.06 6.32 -3.35
C GLY A 1244 17.34 5.89 -2.08
N PRO A 1245 16.06 5.52 -2.23
CA PRO A 1245 15.25 4.94 -1.15
C PRO A 1245 15.93 3.72 -0.45
N VAL A 1246 16.12 3.83 0.87
CA VAL A 1246 16.84 2.78 1.56
C VAL A 1246 16.08 2.31 2.82
N LEU A 1247 16.11 1.02 3.10
CA LEU A 1247 15.46 0.46 4.31
C LEU A 1247 15.68 1.26 5.62
N ASP A 1248 16.91 1.68 5.88
CA ASP A 1248 17.24 2.46 7.07
C ASP A 1248 16.42 3.75 7.21
N ASP A 1249 16.07 4.39 6.10
CA ASP A 1249 15.20 5.57 6.17
C ASP A 1249 13.85 5.26 6.86
N ASP A 1250 13.22 4.12 6.57
CA ASP A 1250 12.01 3.70 7.27
C ASP A 1250 12.26 3.38 8.72
N ILE A 1251 13.42 2.82 9.04
CA ILE A 1251 13.81 2.63 10.44
C ILE A 1251 13.93 4.00 11.20
N LEU A 1252 14.52 5.00 10.56
CA LEU A 1252 14.68 6.32 11.18
C LEU A 1252 13.44 7.23 11.24
N ALA A 1253 12.44 6.95 10.40
CA ALA A 1253 11.22 7.74 10.35
C ALA A 1253 10.17 7.16 11.31
N ASP A 1254 10.57 6.05 11.96
CA ASP A 1254 9.74 5.40 12.95
C ASP A 1254 9.86 6.16 14.28
N PRO A 1255 8.73 6.60 14.84
CA PRO A 1255 8.73 7.42 16.06
C PRO A 1255 9.33 6.70 17.26
N ASP A 1256 9.26 5.37 17.33
CA ASP A 1256 9.82 4.65 18.47
C ASP A 1256 11.34 4.68 18.39
N ILE A 1257 11.85 4.62 17.16
CA ILE A 1257 13.28 4.73 16.91
C ILE A 1257 13.80 6.15 17.23
N GLN A 1258 13.12 7.17 16.72
CA GLN A 1258 13.50 8.56 16.99
C GLN A 1258 13.51 8.85 18.50
N GLU A 1259 12.51 8.35 19.21
CA GLU A 1259 12.47 8.41 20.67
C GLU A 1259 13.69 7.70 21.30
N ALA A 1260 13.96 6.47 20.91
CA ALA A 1260 15.11 5.73 21.44
C ALA A 1260 16.43 6.51 21.30
N ILE A 1261 16.61 7.20 20.18
CA ILE A 1261 17.81 7.98 19.94
C ILE A 1261 17.79 9.27 20.81
N ASN A 1262 16.65 9.96 20.86
CA ASN A 1262 16.61 11.23 21.56
C ASN A 1262 16.68 11.09 23.08
N HIS A 1263 16.02 10.06 23.60
CA HIS A 1263 15.91 9.79 25.03
C HIS A 1263 16.79 8.65 25.50
N GLN A 1264 17.63 8.15 24.61
CA GLN A 1264 18.51 7.06 24.99
C GLN A 1264 17.71 5.99 25.73
N THR A 1265 16.52 5.70 25.19
CA THR A 1265 15.66 4.61 25.68
C THR A 1265 15.90 3.30 24.91
N THR A 1266 15.07 2.29 25.14
CA THR A 1266 15.07 1.00 24.42
C THR A 1266 13.98 0.98 23.33
N ALA A 1267 14.29 0.40 22.18
CA ALA A 1267 13.30 0.11 21.12
C ALA A 1267 13.64 -1.19 20.39
N THR A 1268 12.64 -1.75 19.71
CA THR A 1268 12.78 -3.02 18.97
C THR A 1268 11.91 -3.08 17.70
N LYS A 1269 12.53 -3.44 16.58
CA LYS A 1269 11.87 -3.55 15.30
C LYS A 1269 12.37 -4.78 14.51
N THR A 1270 11.50 -5.29 13.63
CA THR A 1270 11.72 -6.55 12.90
C THR A 1270 11.37 -6.30 11.44
N TYR A 1271 12.21 -6.78 10.53
CA TYR A 1271 12.00 -6.54 9.09
C TYR A 1271 12.39 -7.73 8.24
N ARG A 1272 11.70 -7.93 7.13
CA ARG A 1272 12.11 -8.95 6.15
C ARG A 1272 13.18 -8.29 5.28
N LEU A 1273 14.26 -9.03 4.95
CA LEU A 1273 15.33 -8.51 4.05
C LEU A 1273 15.51 -9.31 2.78
N VAL A 1274 16.08 -8.67 1.78
CA VAL A 1274 16.50 -9.38 0.57
C VAL A 1274 17.89 -8.86 0.28
N ASN A 1275 18.58 -9.54 -0.62
CA ASN A 1275 19.96 -9.22 -0.99
C ASN A 1275 20.16 -7.82 -1.52
N THR A 1276 19.12 -7.19 -2.04
CA THR A 1276 19.26 -5.79 -2.46
C THR A 1276 19.31 -4.84 -1.25
N ASP A 1277 18.95 -5.35 -0.05
CA ASP A 1277 19.05 -4.57 1.17
C ASP A 1277 20.51 -4.58 1.62
N ARG A 1278 21.23 -3.52 1.29
CA ARG A 1278 22.68 -3.50 1.50
C ARG A 1278 23.02 -2.53 2.61
N THR A 1279 24.16 -2.71 3.27
CA THR A 1279 24.57 -1.86 4.38
C THR A 1279 23.44 -1.57 5.41
N VAL A 1280 22.63 -2.55 5.77
CA VAL A 1280 21.60 -2.23 6.78
C VAL A 1280 22.21 -2.03 8.17
N GLY A 1281 21.71 -1.02 8.87
CA GLY A 1281 22.14 -0.70 10.21
C GLY A 1281 22.89 0.63 10.25
N THR A 1282 23.53 0.96 9.14
CA THR A 1282 24.68 1.85 9.11
C THR A 1282 24.31 3.34 9.10
N ARG A 1283 23.19 3.64 8.42
CA ARG A 1283 22.60 4.94 8.49
C ARG A 1283 22.12 5.21 9.93
N LEU A 1284 21.67 4.20 10.65
CA LEU A 1284 21.33 4.37 12.05
C LEU A 1284 22.58 4.56 12.94
N SER A 1285 23.67 3.82 12.71
CA SER A 1285 24.91 4.16 13.43
C SER A 1285 25.34 5.62 13.25
N GLY A 1286 25.22 6.11 12.01
CA GLY A 1286 25.70 7.43 11.64
C GLY A 1286 24.90 8.51 12.30
N ALA A 1287 23.57 8.33 12.41
CA ALA A 1287 22.69 9.21 13.19
C ALA A 1287 23.01 9.18 14.68
N ILE A 1288 23.24 7.99 15.24
CA ILE A 1288 23.69 7.89 16.60
C ILE A 1288 25.03 8.62 16.82
N ALA A 1289 26.04 8.33 16.00
CA ALA A 1289 27.38 8.85 16.25
C ALA A 1289 27.35 10.34 16.03
N LYS A 1290 26.53 10.78 15.06
CA LYS A 1290 26.36 12.21 14.83
C LYS A 1290 25.99 12.95 16.14
N LYS A 1291 25.01 12.41 16.89
CA LYS A 1291 24.56 12.98 18.19
C LYS A 1291 25.51 12.71 19.37
N TYR A 1292 26.14 11.54 19.42
CA TYR A 1292 26.81 11.09 20.63
C TYR A 1292 28.28 10.62 20.44
N GLY A 1293 28.76 10.57 19.19
CA GLY A 1293 30.03 9.95 18.88
C GLY A 1293 29.94 8.43 19.06
N ASN A 1294 31.11 7.80 19.21
CA ASN A 1294 31.21 6.35 19.32
C ASN A 1294 30.68 5.75 20.62
N ASN A 1295 30.78 6.49 21.74
CA ASN A 1295 30.51 5.89 23.03
C ASN A 1295 29.57 6.65 23.98
N GLY A 1296 28.93 7.71 23.51
CA GLY A 1296 28.05 8.48 24.37
C GLY A 1296 26.64 7.93 24.47
N PHE A 1297 26.20 7.12 23.50
CA PHE A 1297 24.82 6.64 23.48
C PHE A 1297 24.58 5.60 24.57
N GLU A 1298 23.61 5.90 25.44
CA GLU A 1298 23.30 5.12 26.63
C GLU A 1298 22.03 4.29 26.43
N GLY A 1299 21.45 4.35 25.24
CA GLY A 1299 20.24 3.61 24.91
C GLY A 1299 20.50 2.22 24.34
N ASN A 1300 19.47 1.59 23.82
CA ASN A 1300 19.60 0.22 23.31
C ASN A 1300 18.56 -0.09 22.22
N ILE A 1301 19.02 -0.26 20.97
CA ILE A 1301 18.15 -0.57 19.82
C ILE A 1301 18.44 -1.98 19.31
N THR A 1302 17.45 -2.85 19.36
CA THR A 1302 17.57 -4.18 18.74
C THR A 1302 16.86 -4.19 17.38
N LEU A 1303 17.52 -4.69 16.35
CA LEU A 1303 16.91 -4.71 15.01
C LEU A 1303 16.99 -6.12 14.49
N ASN A 1304 15.84 -6.78 14.39
CA ASN A 1304 15.78 -8.17 13.95
C ASN A 1304 15.42 -8.27 12.45
N PHE A 1305 16.16 -9.08 11.71
CA PHE A 1305 15.91 -9.29 10.29
C PHE A 1305 15.71 -10.78 9.96
N GLN A 1306 14.99 -11.06 8.87
CA GLN A 1306 14.83 -12.41 8.34
C GLN A 1306 15.13 -12.42 6.85
N GLY A 1307 15.96 -13.34 6.41
CA GLY A 1307 16.23 -13.54 4.99
C GLY A 1307 17.70 -13.48 4.66
N ALA A 1308 18.00 -13.10 3.43
CA ALA A 1308 19.38 -12.95 2.97
C ALA A 1308 19.81 -11.50 2.89
N ALA A 1309 20.65 -11.07 3.82
CA ALA A 1309 21.26 -9.73 3.79
C ALA A 1309 22.23 -9.49 2.61
N GLY A 1310 22.24 -8.27 2.10
CA GLY A 1310 23.15 -7.87 1.06
C GLY A 1310 24.46 -7.52 1.71
N GLN A 1311 25.39 -7.07 0.90
CA GLN A 1311 26.70 -6.62 1.28
C GLN A 1311 26.65 -5.59 2.41
N SER A 1312 27.67 -5.68 3.26
CA SER A 1312 27.92 -4.74 4.36
C SER A 1312 26.83 -4.72 5.41
N PHE A 1313 26.21 -5.85 5.70
CA PHE A 1313 25.30 -5.94 6.82
C PHE A 1313 26.02 -5.55 8.13
N GLY A 1314 25.43 -4.58 8.82
CA GLY A 1314 25.97 -4.14 10.08
C GLY A 1314 27.27 -3.41 9.96
N ALA A 1315 27.59 -2.86 8.79
CA ALA A 1315 28.81 -2.04 8.68
C ALA A 1315 28.77 -0.85 9.66
N PHE A 1316 29.88 -0.61 10.35
CA PHE A 1316 30.05 0.50 11.28
C PHE A 1316 29.12 0.53 12.47
N ASN A 1317 28.73 -0.66 12.94
CA ASN A 1317 27.89 -0.85 14.09
C ASN A 1317 28.35 -0.12 15.35
N LEU A 1318 27.42 0.47 16.11
CA LEU A 1318 27.81 1.08 17.38
C LEU A 1318 27.31 0.36 18.61
N ASP A 1319 27.90 0.72 19.76
CA ASP A 1319 27.40 0.33 21.08
C ASP A 1319 25.97 0.82 21.25
N GLY A 1320 25.11 -0.03 21.81
CA GLY A 1320 23.68 0.23 21.81
C GLY A 1320 22.96 -0.32 20.57
N MET A 1321 23.68 -0.89 19.62
CA MET A 1321 22.99 -1.52 18.49
C MET A 1321 23.11 -3.04 18.55
N THR A 1322 21.98 -3.75 18.61
CA THR A 1322 22.03 -5.21 18.47
C THR A 1322 21.32 -5.52 17.20
N LEU A 1323 22.02 -6.20 16.29
CA LEU A 1323 21.46 -6.63 15.01
C LEU A 1323 21.41 -8.15 14.90
N HIS A 1324 20.21 -8.67 14.70
CA HIS A 1324 19.98 -10.10 14.61
C HIS A 1324 19.46 -10.52 13.22
N LEU A 1325 20.16 -11.47 12.60
CA LEU A 1325 19.81 -11.97 11.27
C LEU A 1325 19.63 -13.48 11.25
N GLN A 1326 18.41 -13.89 10.97
CA GLN A 1326 18.03 -15.28 10.78
C GLN A 1326 18.02 -15.50 9.25
N GLY A 1327 19.03 -16.19 8.72
CA GLY A 1327 19.18 -16.38 7.28
C GLY A 1327 20.63 -16.59 6.84
N GLU A 1328 21.15 -15.63 6.08
CA GLU A 1328 22.54 -15.61 5.68
C GLU A 1328 22.88 -14.19 5.24
N ALA A 1329 24.17 -13.89 5.10
CA ALA A 1329 24.60 -12.57 4.68
C ALA A 1329 25.65 -12.71 3.58
N ASN A 1330 25.77 -11.70 2.74
CA ASN A 1330 26.76 -11.71 1.68
C ASN A 1330 28.04 -11.10 2.25
N ASP A 1331 28.89 -10.52 1.44
CA ASP A 1331 30.20 -10.08 1.90
C ASP A 1331 30.14 -8.94 2.92
N TYR A 1332 31.23 -8.75 3.67
CA TYR A 1332 31.55 -7.52 4.42
C TYR A 1332 30.70 -7.35 5.62
N VAL A 1333 30.33 -8.45 6.30
CA VAL A 1333 29.56 -8.36 7.55
C VAL A 1333 30.34 -7.60 8.60
N GLY A 1334 29.77 -6.49 9.07
CA GLY A 1334 30.37 -5.76 10.18
C GLY A 1334 31.65 -5.07 9.79
N LYS A 1335 31.78 -4.70 8.50
CA LYS A 1335 32.86 -3.85 7.99
C LYS A 1335 32.95 -2.57 8.85
N GLY A 1336 34.13 -2.23 9.34
CA GLY A 1336 34.28 -1.13 10.27
C GLY A 1336 33.43 -1.15 11.54
N MET A 1337 32.94 -2.33 11.94
CA MET A 1337 32.13 -2.43 13.15
C MET A 1337 32.90 -1.75 14.28
N ASN A 1338 32.21 -1.05 15.16
CA ASN A 1338 32.88 -0.34 16.27
C ASN A 1338 32.33 -0.71 17.66
N GLY A 1339 31.18 -1.36 17.74
CA GLY A 1339 30.52 -1.64 19.01
C GLY A 1339 29.22 -2.36 18.75
N GLY A 1340 28.50 -2.68 19.81
CA GLY A 1340 27.26 -3.43 19.65
C GLY A 1340 27.48 -4.89 19.27
N GLU A 1341 26.43 -5.57 18.83
CA GLU A 1341 26.49 -7.02 18.66
C GLU A 1341 25.87 -7.34 17.33
N ILE A 1342 26.51 -8.22 16.56
CA ILE A 1342 25.87 -8.78 15.36
C ILE A 1342 25.70 -10.29 15.56
N VAL A 1343 24.49 -10.78 15.33
CA VAL A 1343 24.17 -12.18 15.53
C VAL A 1343 23.60 -12.71 14.22
N ILE A 1344 24.11 -13.85 13.77
CA ILE A 1344 23.70 -14.43 12.49
C ILE A 1344 23.52 -15.91 12.66
N VAL A 1345 22.29 -16.39 12.45
CA VAL A 1345 21.90 -17.79 12.68
C VAL A 1345 21.11 -18.30 11.45
N PRO A 1346 21.14 -19.60 11.16
CA PRO A 1346 20.35 -20.13 10.04
C PRO A 1346 18.87 -20.14 10.41
N HIS A 1347 17.98 -20.36 9.45
CA HIS A 1347 16.56 -20.59 9.74
C HIS A 1347 16.49 -21.81 10.69
N PRO A 1348 15.64 -21.79 11.71
CA PRO A 1348 15.58 -22.88 12.72
C PRO A 1348 15.13 -24.20 12.07
N GLN A 1349 14.52 -24.02 10.90
CA GLN A 1349 13.99 -25.09 10.02
C GLN A 1349 15.11 -25.94 9.42
N ALA A 1350 16.33 -25.39 9.44
CA ALA A 1350 17.45 -25.78 8.59
C ALA A 1350 17.70 -27.29 8.44
N SER A 1351 17.85 -27.74 7.21
CA SER A 1351 18.12 -29.16 6.94
C SER A 1351 19.61 -29.57 6.88
N PHE A 1352 20.44 -28.94 7.71
CA PHE A 1352 21.88 -29.15 7.68
C PHE A 1352 22.47 -28.81 9.01
N ALA A 1353 23.65 -29.35 9.28
CA ALA A 1353 24.44 -28.98 10.45
C ALA A 1353 25.00 -27.58 10.24
N PRO A 1354 24.57 -26.63 11.05
CA PRO A 1354 25.00 -25.23 10.89
C PRO A 1354 26.52 -25.06 10.79
N GLU A 1355 27.33 -25.84 11.52
CA GLU A 1355 28.78 -25.61 11.48
C GLU A 1355 29.44 -26.00 10.15
N ASP A 1356 28.74 -26.78 9.33
CA ASP A 1356 29.29 -27.25 8.06
C ASP A 1356 28.94 -26.38 6.85
N ASN A 1357 28.34 -25.24 7.09
CA ASN A 1357 27.70 -24.52 6.02
C ASN A 1357 28.01 -23.04 6.16
N VAL A 1358 28.15 -22.39 5.01
CA VAL A 1358 28.50 -20.99 4.92
C VAL A 1358 27.27 -20.19 5.31
N ILE A 1359 27.51 -19.14 6.09
CA ILE A 1359 26.46 -18.24 6.45
C ILE A 1359 26.85 -16.77 6.24
N ILE A 1360 28.14 -16.45 6.32
CA ILE A 1360 28.58 -15.09 5.92
C ILE A 1360 29.68 -15.19 4.88
N GLY A 1361 30.02 -14.08 4.22
CA GLY A 1361 30.97 -14.07 3.11
C GLY A 1361 32.41 -13.70 3.40
N ASN A 1362 33.00 -12.91 2.50
CA ASN A 1362 34.41 -12.53 2.51
C ASN A 1362 34.67 -11.19 3.21
N THR A 1363 35.86 -11.04 3.81
CA THR A 1363 36.27 -9.75 4.37
C THR A 1363 35.29 -9.18 5.44
N CYS A 1364 34.66 -10.06 6.22
CA CYS A 1364 33.91 -9.64 7.42
C CYS A 1364 34.83 -9.03 8.52
N LEU A 1365 34.32 -8.07 9.29
CA LEU A 1365 35.08 -7.28 10.27
C LEU A 1365 36.30 -6.53 9.70
N TYR A 1366 36.24 -6.18 8.41
CA TYR A 1366 37.27 -5.38 7.85
C TYR A 1366 37.47 -4.07 8.63
N GLY A 1367 38.65 -3.92 9.20
CA GLY A 1367 39.02 -2.70 9.90
C GLY A 1367 38.30 -2.51 11.20
N ALA A 1368 37.79 -3.59 11.75
CA ALA A 1368 36.91 -3.52 12.92
C ALA A 1368 37.67 -3.00 14.09
N THR A 1369 36.98 -2.18 14.86
CA THR A 1369 37.60 -1.30 15.84
C THR A 1369 36.91 -1.49 17.18
N GLY A 1370 36.10 -2.55 17.27
CA GLY A 1370 35.28 -2.83 18.44
C GLY A 1370 34.13 -3.75 18.07
N GLY A 1371 33.30 -4.08 19.05
CA GLY A 1371 32.11 -4.90 18.78
C GLY A 1371 32.21 -6.41 18.89
N ASN A 1372 31.06 -7.04 18.96
CA ASN A 1372 30.99 -8.50 19.00
C ASN A 1372 30.12 -9.08 17.87
N LEU A 1373 30.70 -10.04 17.14
CA LEU A 1373 30.01 -10.79 16.10
C LEU A 1373 29.96 -12.27 16.43
N TYR A 1374 28.74 -12.82 16.37
CA TYR A 1374 28.53 -14.26 16.50
C TYR A 1374 27.76 -14.82 15.29
N ALA A 1375 28.34 -15.82 14.62
CA ALA A 1375 27.71 -16.44 13.45
C ALA A 1375 27.77 -17.94 13.56
N ASN A 1376 26.58 -18.53 13.53
CA ASN A 1376 26.33 -19.96 13.57
C ASN A 1376 26.48 -20.61 12.17
N GLY A 1377 27.67 -20.50 11.59
CA GLY A 1377 27.98 -21.01 10.26
C GLY A 1377 29.40 -20.59 9.88
N ARG A 1378 29.76 -20.80 8.62
CA ARG A 1378 31.12 -20.60 8.15
C ARG A 1378 31.22 -19.30 7.41
N ALA A 1379 32.44 -18.74 7.42
CA ALA A 1379 32.72 -17.50 6.74
C ALA A 1379 33.50 -17.80 5.47
N GLY A 1380 33.76 -16.78 4.65
CA GLY A 1380 34.66 -16.86 3.50
C GLY A 1380 36.12 -16.47 3.78
N GLU A 1381 36.80 -15.88 2.80
CA GLU A 1381 38.20 -15.44 2.99
C GLU A 1381 38.36 -14.11 3.74
N ARG A 1382 39.59 -13.92 4.24
CA ARG A 1382 40.01 -12.69 4.89
C ARG A 1382 39.10 -12.33 6.07
N PHE A 1383 38.68 -13.36 6.79
CA PHE A 1383 37.88 -13.12 8.00
C PHE A 1383 38.67 -12.37 9.05
N ALA A 1384 38.13 -11.22 9.45
CA ALA A 1384 38.75 -10.30 10.38
C ALA A 1384 40.03 -9.75 9.79
N VAL A 1385 39.96 -9.43 8.49
CA VAL A 1385 41.13 -9.06 7.68
C VAL A 1385 42.08 -8.16 8.43
N ARG A 1386 41.62 -6.96 8.76
CA ARG A 1386 42.58 -6.02 9.40
C ARG A 1386 41.93 -5.70 10.74
N ASN A 1387 41.55 -6.70 11.50
CA ASN A 1387 40.86 -6.45 12.74
C ASN A 1387 41.75 -5.70 13.78
N SER A 1388 41.21 -4.64 14.39
CA SER A 1388 41.92 -3.90 15.45
C SER A 1388 41.45 -4.17 16.86
N VAL A 1389 40.12 -4.26 17.07
CA VAL A 1389 39.54 -4.54 18.39
C VAL A 1389 38.24 -5.41 18.34
N GLY A 1390 37.93 -5.96 17.17
CA GLY A 1390 36.75 -6.77 17.04
C GLY A 1390 36.87 -8.08 17.81
N LYS A 1391 35.72 -8.56 18.22
CA LYS A 1391 35.57 -9.86 18.85
C LYS A 1391 34.56 -10.67 18.04
N ALA A 1392 34.88 -11.93 17.81
CA ALA A 1392 34.03 -12.78 17.01
C ALA A 1392 34.16 -14.25 17.35
N VAL A 1393 33.05 -14.97 17.14
CA VAL A 1393 33.05 -16.43 17.17
C VAL A 1393 32.33 -16.88 15.91
N ILE A 1394 33.05 -17.63 15.08
CA ILE A 1394 32.47 -18.25 13.88
C ILE A 1394 32.75 -19.75 13.92
N GLU A 1395 32.30 -20.46 12.90
CA GLU A 1395 32.30 -21.91 12.97
C GLU A 1395 33.05 -22.54 11.78
N GLY A 1396 33.84 -21.71 11.09
CA GLY A 1396 34.73 -22.12 10.01
C GLY A 1396 35.06 -20.92 9.14
N ALA A 1397 36.14 -20.99 8.36
CA ALA A 1397 36.51 -19.91 7.43
C ALA A 1397 37.30 -20.41 6.27
N GLY A 1398 37.35 -19.63 5.20
CA GLY A 1398 38.26 -19.91 4.08
C GLY A 1398 39.72 -19.54 4.38
N ASP A 1399 40.41 -19.03 3.35
CA ASP A 1399 41.85 -18.68 3.40
C ASP A 1399 42.05 -17.30 4.04
N HIS A 1400 43.27 -17.05 4.52
CA HIS A 1400 43.73 -15.74 5.06
C HIS A 1400 42.96 -15.23 6.31
N CYS A 1401 42.48 -16.16 7.11
CA CYS A 1401 41.91 -15.81 8.41
C CYS A 1401 42.84 -14.92 9.30
N CYS A 1402 42.28 -13.85 9.88
CA CYS A 1402 43.03 -12.89 10.70
C CYS A 1402 44.17 -12.22 9.95
N GLU A 1403 44.03 -12.04 8.65
CA GLU A 1403 45.12 -11.47 7.90
C GLU A 1403 45.84 -10.22 8.43
N TYR A 1404 45.35 -9.02 8.55
CA TYR A 1404 46.39 -8.06 9.14
C TYR A 1404 46.06 -7.67 10.58
N MET A 1405 45.69 -8.64 11.41
CA MET A 1405 45.04 -8.35 12.67
C MET A 1405 46.00 -7.68 13.66
N THR A 1406 45.56 -6.69 14.43
CA THR A 1406 46.42 -5.98 15.37
C THR A 1406 45.94 -6.02 16.82
N GLY A 1407 44.79 -6.63 17.04
CA GLY A 1407 44.20 -6.70 18.36
C GLY A 1407 42.84 -7.38 18.20
N GLY A 1408 42.13 -7.43 19.32
CA GLY A 1408 40.87 -8.12 19.40
C GLY A 1408 41.04 -9.61 19.66
N VAL A 1409 39.92 -10.35 19.55
CA VAL A 1409 39.89 -11.78 19.79
C VAL A 1409 38.98 -12.47 18.78
N ILE A 1410 39.50 -13.49 18.10
CA ILE A 1410 38.73 -14.20 17.11
C ILE A 1410 38.70 -15.69 17.47
N VAL A 1411 37.49 -16.24 17.50
CA VAL A 1411 37.33 -17.64 17.81
C VAL A 1411 36.73 -18.37 16.58
N VAL A 1412 37.37 -19.44 16.15
CA VAL A 1412 36.85 -20.19 15.00
C VAL A 1412 36.76 -21.64 15.37
N LEU A 1413 35.51 -22.13 15.43
CA LEU A 1413 35.17 -23.48 15.89
C LEU A 1413 35.08 -24.51 14.76
N GLY A 1414 35.92 -24.41 13.75
CA GLY A 1414 35.87 -25.38 12.66
C GLY A 1414 36.97 -25.08 11.66
N PRO A 1415 37.11 -25.93 10.64
CA PRO A 1415 38.22 -25.85 9.70
C PRO A 1415 38.38 -24.50 9.02
N VAL A 1416 39.63 -24.25 8.65
CA VAL A 1416 40.07 -22.95 8.24
C VAL A 1416 41.01 -23.18 7.05
N GLY A 1417 41.05 -22.21 6.13
CA GLY A 1417 41.85 -22.33 4.92
C GLY A 1417 43.33 -22.05 5.21
N ARG A 1418 44.12 -21.97 4.16
CA ARG A 1418 45.54 -21.69 4.35
C ARG A 1418 45.84 -20.19 4.50
N ASN A 1419 47.14 -19.92 4.79
CA ASN A 1419 47.69 -18.58 5.03
C ASN A 1419 47.10 -17.83 6.27
N VAL A 1420 46.65 -18.58 7.28
CA VAL A 1420 46.24 -18.01 8.58
C VAL A 1420 47.28 -17.10 9.19
N GLY A 1421 46.83 -15.98 9.76
CA GLY A 1421 47.66 -15.03 10.50
C GLY A 1421 48.79 -14.34 9.76
N ALA A 1422 48.76 -14.40 8.43
CA ALA A 1422 49.69 -13.66 7.60
C ALA A 1422 49.63 -12.22 8.11
N GLY A 1423 50.77 -11.60 8.40
CA GLY A 1423 50.76 -10.20 8.77
C GLY A 1423 50.07 -9.92 10.10
N MET A 1424 49.69 -10.96 10.84
CA MET A 1424 49.03 -10.76 12.12
C MET A 1424 50.01 -10.36 13.23
N THR A 1425 49.82 -9.17 13.78
CA THR A 1425 50.84 -8.49 14.57
C THR A 1425 50.44 -8.25 16.05
N GLY A 1426 49.14 -8.36 16.32
CA GLY A 1426 48.61 -8.21 17.67
C GLY A 1426 47.29 -8.95 17.83
N GLY A 1427 46.80 -9.10 19.06
CA GLY A 1427 45.54 -9.78 19.34
C GLY A 1427 45.66 -11.31 19.42
N LEU A 1428 44.58 -12.02 19.65
CA LEU A 1428 44.74 -13.47 19.77
C LEU A 1428 43.63 -14.15 19.00
N ALA A 1429 43.92 -15.32 18.45
CA ALA A 1429 42.89 -16.16 17.85
C ALA A 1429 42.93 -17.61 18.38
N TYR A 1430 41.76 -18.23 18.41
CA TYR A 1430 41.62 -19.60 18.86
C TYR A 1430 41.03 -20.42 17.71
N PHE A 1431 41.59 -21.59 17.44
CA PHE A 1431 41.14 -22.40 16.33
C PHE A 1431 40.86 -23.79 16.84
N LEU A 1432 39.64 -24.27 16.65
CA LEU A 1432 39.38 -25.65 16.97
C LEU A 1432 39.91 -26.54 15.86
N ASP A 1433 40.82 -27.45 16.16
CA ASP A 1433 41.35 -28.30 15.10
C ASP A 1433 41.20 -29.81 15.36
N GLU A 1434 40.15 -30.37 14.78
CA GLU A 1434 39.84 -31.78 14.97
C GLU A 1434 40.54 -32.69 13.95
N VAL A 1435 41.10 -32.12 12.89
CA VAL A 1435 41.69 -32.91 11.79
C VAL A 1435 43.16 -33.15 12.09
N GLY A 1436 43.86 -32.09 12.52
CA GLY A 1436 45.24 -32.20 12.98
C GLY A 1436 46.25 -31.42 12.14
N ASP A 1437 45.75 -30.86 11.03
CA ASP A 1437 46.52 -30.24 9.97
C ASP A 1437 46.55 -28.69 9.96
N LEU A 1438 46.10 -28.05 11.03
CA LEU A 1438 46.17 -26.60 11.11
C LEU A 1438 47.61 -26.03 11.07
N PRO A 1439 48.60 -26.66 11.75
CA PRO A 1439 49.99 -26.20 11.60
C PRO A 1439 50.47 -26.14 10.15
N GLU A 1440 49.84 -26.89 9.27
CA GLU A 1440 50.23 -26.96 7.88
C GLU A 1440 49.78 -25.67 7.20
N LYS A 1441 48.77 -25.03 7.76
CA LYS A 1441 48.01 -24.00 7.07
C LYS A 1441 48.27 -22.59 7.59
N ILE A 1442 49.19 -22.48 8.54
CA ILE A 1442 49.60 -21.23 9.19
C ILE A 1442 50.60 -20.49 8.34
N ASN A 1443 50.50 -19.17 8.21
CA ASN A 1443 51.65 -18.45 7.66
C ASN A 1443 52.60 -18.35 8.84
N PRO A 1444 53.81 -18.90 8.73
CA PRO A 1444 54.71 -18.93 9.89
C PRO A 1444 55.58 -17.67 10.14
N GLU A 1445 55.37 -16.56 9.42
CA GLU A 1445 56.23 -15.38 9.53
C GLU A 1445 56.14 -14.66 10.85
N ILE A 1446 54.98 -14.65 11.52
CA ILE A 1446 54.90 -13.90 12.77
C ILE A 1446 54.31 -14.69 13.94
N ILE A 1447 53.12 -15.25 13.73
CA ILE A 1447 52.44 -15.94 14.80
C ILE A 1447 53.07 -17.29 15.12
N THR A 1448 52.92 -17.68 16.37
CA THR A 1448 53.25 -19.01 16.82
C THR A 1448 51.93 -19.64 17.20
N LEU A 1449 51.91 -20.96 17.23
CA LEU A 1449 50.72 -21.71 17.59
C LEU A 1449 51.11 -22.43 18.86
N GLN A 1450 50.19 -22.50 19.80
CA GLN A 1450 50.42 -23.29 20.98
C GLN A 1450 49.11 -23.81 21.51
N ARG A 1451 49.20 -24.88 22.25
CA ARG A 1451 48.08 -25.33 23.05
C ARG A 1451 47.85 -24.35 24.19
N ILE A 1452 46.59 -24.25 24.62
CA ILE A 1452 46.23 -23.36 25.72
C ILE A 1452 46.71 -23.90 27.03
N THR A 1453 47.42 -23.07 27.79
CA THR A 1453 48.04 -23.44 29.06
C THR A 1453 47.78 -22.37 30.13
N ALA A 1454 47.55 -21.16 29.67
CA ALA A 1454 47.20 -20.03 30.52
C ALA A 1454 45.72 -20.08 30.85
N SER A 1455 45.37 -20.28 32.12
CA SER A 1455 43.99 -20.32 32.59
C SER A 1455 43.15 -19.13 32.12
N LYS A 1456 43.72 -17.93 32.21
CA LYS A 1456 43.13 -16.70 31.65
C LYS A 1456 42.75 -16.77 30.18
N GLY A 1457 43.60 -17.42 29.38
CA GLY A 1457 43.25 -17.75 28.01
C GLY A 1457 42.09 -18.73 27.94
N GLU A 1458 42.13 -19.80 28.74
CA GLU A 1458 41.05 -20.77 28.80
C GLU A 1458 39.74 -20.04 29.04
N GLU A 1459 39.74 -19.16 30.02
CA GLU A 1459 38.54 -18.46 30.39
C GLU A 1459 38.15 -17.36 29.37
N GLN A 1460 39.11 -16.82 28.63
CA GLN A 1460 38.76 -15.90 27.53
C GLN A 1460 37.95 -16.68 26.48
N LEU A 1461 38.44 -17.86 26.13
CA LEU A 1461 37.80 -18.70 25.14
C LEU A 1461 36.38 -19.13 25.59
N LYS A 1462 36.29 -19.75 26.76
CA LYS A 1462 35.02 -20.26 27.29
C LYS A 1462 33.92 -19.21 27.28
N SER A 1463 34.30 -18.03 27.72
CA SER A 1463 33.41 -16.93 27.94
C SER A 1463 32.90 -16.44 26.60
N LEU A 1464 33.75 -16.42 25.59
CA LEU A 1464 33.32 -16.11 24.21
C LEU A 1464 32.41 -17.21 23.59
N ILE A 1465 32.74 -18.48 23.86
CA ILE A 1465 31.93 -19.59 23.33
C ILE A 1465 30.60 -19.61 24.10
N THR A 1466 30.64 -19.26 25.39
CA THR A 1466 29.44 -19.22 26.20
C THR A 1466 28.49 -18.15 25.66
N ALA A 1467 29.03 -17.02 25.22
CA ALA A 1467 28.17 -15.98 24.70
C ALA A 1467 27.65 -16.33 23.26
N HIS A 1468 28.45 -16.99 22.43
CA HIS A 1468 27.99 -17.49 21.13
C HIS A 1468 26.71 -18.33 21.31
N VAL A 1469 26.77 -19.28 22.23
CA VAL A 1469 25.68 -20.14 22.55
C VAL A 1469 24.43 -19.36 23.01
N GLU A 1470 24.60 -18.31 23.82
CA GLU A 1470 23.44 -17.58 24.37
C GLU A 1470 22.73 -16.81 23.30
N HIS A 1471 23.50 -16.23 22.37
CA HIS A 1471 22.94 -15.45 21.27
C HIS A 1471 22.36 -16.28 20.14
N THR A 1472 22.83 -17.51 20.06
CA THR A 1472 22.82 -18.26 18.81
C THR A 1472 22.13 -19.61 18.95
N GLY A 1473 22.37 -20.30 20.06
CA GLY A 1473 21.83 -21.62 20.32
C GLY A 1473 22.66 -22.74 19.70
N SER A 1474 23.80 -22.36 19.08
CA SER A 1474 24.74 -23.17 18.29
C SER A 1474 24.97 -24.54 18.88
N PRO A 1475 24.50 -25.57 18.20
CA PRO A 1475 24.70 -26.93 18.70
C PRO A 1475 26.18 -27.29 18.85
N LYS A 1476 27.01 -26.69 18.00
CA LYS A 1476 28.45 -26.95 18.05
C LYS A 1476 29.06 -26.33 19.33
N GLY A 1477 28.62 -25.12 19.70
CA GLY A 1477 29.07 -24.48 20.93
C GLY A 1477 28.65 -25.26 22.18
N LYS A 1478 27.37 -25.58 22.26
CA LYS A 1478 26.85 -26.35 23.37
C LYS A 1478 27.68 -27.60 23.58
N ALA A 1479 27.90 -28.36 22.50
CA ALA A 1479 28.54 -29.66 22.58
C ALA A 1479 29.93 -29.50 23.17
N ILE A 1480 30.62 -28.46 22.68
CA ILE A 1480 31.94 -28.03 23.16
C ILE A 1480 31.92 -27.72 24.65
N LEU A 1481 30.96 -26.90 25.08
CA LEU A 1481 30.87 -26.57 26.50
C LEU A 1481 30.57 -27.80 27.33
N ALA A 1482 29.81 -28.72 26.74
CA ALA A 1482 29.37 -29.91 27.48
C ALA A 1482 30.52 -30.88 27.68
N ASN A 1483 31.51 -30.84 26.79
CA ASN A 1483 32.65 -31.75 26.88
C ASN A 1483 33.93 -30.88 26.95
N TRP A 1484 33.92 -29.92 27.89
CA TRP A 1484 34.92 -28.87 27.91
C TRP A 1484 36.37 -29.35 27.89
N SER A 1485 36.71 -30.32 28.72
CA SER A 1485 38.11 -30.76 28.77
C SER A 1485 38.48 -31.65 27.58
N ASP A 1486 37.55 -32.48 27.10
CA ASP A 1486 37.77 -33.24 25.87
C ASP A 1486 38.28 -32.34 24.70
N TYR A 1487 37.72 -31.15 24.55
CA TYR A 1487 37.93 -30.31 23.38
C TYR A 1487 39.01 -29.24 23.61
N LEU A 1488 39.24 -28.85 24.87
CA LEU A 1488 40.25 -27.83 25.18
C LEU A 1488 41.57 -28.13 24.48
N GLY A 1489 42.05 -29.35 24.65
CA GLY A 1489 43.31 -29.77 24.09
C GLY A 1489 43.30 -29.85 22.58
N LYS A 1490 42.16 -29.55 21.96
CA LYS A 1490 42.06 -29.60 20.50
C LYS A 1490 42.13 -28.20 19.88
N PHE A 1491 42.09 -27.19 20.74
CA PHE A 1491 42.29 -25.81 20.28
C PHE A 1491 43.74 -25.50 20.06
N TRP A 1492 44.01 -24.67 19.06
CA TRP A 1492 45.31 -24.01 18.93
C TRP A 1492 45.08 -22.52 19.19
N GLN A 1493 45.99 -21.88 19.91
CA GLN A 1493 45.90 -20.44 20.10
C GLN A 1493 47.01 -19.78 19.28
N ALA A 1494 46.62 -18.81 18.44
CA ALA A 1494 47.55 -18.04 17.61
C ALA A 1494 47.98 -16.81 18.38
N VAL A 1495 49.30 -16.65 18.51
CA VAL A 1495 49.93 -15.69 19.39
C VAL A 1495 51.05 -14.95 18.62
N PRO A 1496 50.85 -13.68 18.30
CA PRO A 1496 51.93 -12.85 17.73
C PRO A 1496 52.93 -12.47 18.83
N PRO A 1497 54.20 -12.28 18.48
CA PRO A 1497 55.21 -11.89 19.49
C PRO A 1497 54.98 -10.48 19.98
N SER A 1498 53.87 -10.17 20.67
CA SER A 1498 53.50 -8.85 21.15
C SER A 1498 52.42 -9.12 22.20
N GLU A 1499 51.86 -10.32 22.11
CA GLU A 1499 50.92 -10.88 23.04
C GLU A 1499 51.57 -12.00 23.88
N LYS A 1500 52.86 -12.21 23.71
CA LYS A 1500 53.52 -13.39 24.26
C LYS A 1500 53.53 -13.41 25.78
N ASP A 1501 53.59 -12.22 26.38
CA ASP A 1501 53.60 -12.08 27.82
C ASP A 1501 52.26 -11.58 28.34
N SER A 1502 51.22 -11.70 27.51
CA SER A 1502 49.88 -11.37 27.99
C SER A 1502 49.39 -12.52 28.88
N PRO A 1503 48.63 -12.24 29.94
CA PRO A 1503 48.15 -13.32 30.82
C PRO A 1503 47.33 -14.37 30.04
N GLU A 1504 46.65 -14.01 28.95
CA GLU A 1504 45.97 -15.06 28.20
C GLU A 1504 46.87 -16.00 27.36
N ALA A 1505 48.12 -15.60 27.16
CA ALA A 1505 49.01 -16.40 26.32
C ALA A 1505 50.07 -17.12 27.14
N ASN A 1506 50.28 -16.70 28.37
CA ASN A 1506 51.42 -17.13 29.16
C ASN A 1506 51.00 -17.36 30.61
N ASN A 1507 50.78 -18.63 30.99
CA ASN A 1507 50.77 -19.09 32.41
C ASN A 1507 49.82 -20.27 32.77
N CYS B 1 -59.11 4.38 6.17
CA CYS B 1 -60.03 3.32 5.70
C CYS B 1 -60.66 2.60 6.87
N GLY B 2 -61.87 2.11 6.60
CA GLY B 2 -62.68 1.40 7.58
C GLY B 2 -63.20 0.19 6.87
N VAL B 3 -63.09 -0.98 7.52
CA VAL B 3 -63.39 -2.23 6.86
C VAL B 3 -63.94 -3.22 7.87
N GLY B 4 -64.80 -4.11 7.41
CA GLY B 4 -65.40 -5.13 8.26
C GLY B 4 -66.34 -6.06 7.52
N PHE B 5 -66.94 -6.97 8.27
CA PHE B 5 -67.93 -7.90 7.74
C PHE B 5 -68.99 -8.28 8.76
N ILE B 6 -70.14 -8.69 8.24
CA ILE B 6 -71.20 -9.25 9.07
C ILE B 6 -71.60 -10.62 8.47
N ALA B 7 -71.92 -11.58 9.33
CA ALA B 7 -72.34 -12.92 8.90
C ALA B 7 -73.52 -13.47 9.72
N ASN B 8 -74.55 -13.89 8.99
CA ASN B 8 -75.72 -14.55 9.54
C ASN B 8 -75.64 -16.06 9.25
N LEU B 9 -75.19 -16.84 10.21
CA LEU B 9 -74.86 -18.23 9.94
C LEU B 9 -76.10 -19.08 9.90
N ARG B 10 -77.04 -18.77 10.80
CA ARG B 10 -78.17 -19.64 11.05
C ARG B 10 -79.49 -19.27 10.34
N GLY B 11 -79.66 -18.01 9.95
CA GLY B 11 -80.92 -17.59 9.35
C GLY B 11 -81.06 -17.71 7.83
N LYS B 12 -82.29 -17.51 7.32
CA LYS B 12 -82.56 -17.19 5.90
C LYS B 12 -81.67 -16.03 5.56
N PRO B 13 -81.19 -15.90 4.33
CA PRO B 13 -80.68 -14.58 3.90
C PRO B 13 -81.80 -13.55 4.00
N ASP B 14 -81.49 -12.39 4.60
CA ASP B 14 -82.47 -11.33 4.87
C ASP B 14 -81.94 -9.95 4.45
N HIS B 15 -82.82 -8.95 4.46
CA HIS B 15 -82.45 -7.58 4.20
C HIS B 15 -81.82 -6.87 5.41
N THR B 16 -82.21 -7.28 6.62
CA THR B 16 -81.72 -6.66 7.85
C THR B 16 -80.21 -6.60 7.80
N LEU B 17 -79.56 -7.71 7.44
CA LEU B 17 -78.10 -7.76 7.35
C LEU B 17 -77.56 -6.65 6.45
N VAL B 18 -78.24 -6.39 5.34
CA VAL B 18 -77.77 -5.40 4.35
C VAL B 18 -77.84 -3.98 4.95
N GLU B 19 -78.94 -3.68 5.64
CA GLU B 19 -79.13 -2.39 6.31
C GLU B 19 -78.06 -2.17 7.38
N GLN B 20 -77.75 -3.26 8.09
CA GLN B 20 -76.79 -3.23 9.18
C GLN B 20 -75.42 -2.89 8.62
N ALA B 21 -75.08 -3.50 7.49
CA ALA B 21 -73.81 -3.22 6.82
C ALA B 21 -73.66 -1.76 6.34
N LEU B 22 -74.76 -1.16 5.86
CA LEU B 22 -74.77 0.23 5.42
C LEU B 22 -74.64 1.17 6.61
N LYS B 23 -75.32 0.83 7.70
CA LYS B 23 -75.21 1.58 8.94
C LYS B 23 -73.78 1.52 9.53
N ALA B 24 -73.15 0.35 9.44
CA ALA B 24 -71.77 0.18 9.92
C ALA B 24 -70.78 1.01 9.10
N LEU B 25 -70.91 0.94 7.76
CA LEU B 25 -70.22 1.87 6.89
C LEU B 25 -70.42 3.27 7.41
N GLY B 26 -71.67 3.62 7.72
CA GLY B 26 -72.02 4.95 8.21
C GLY B 26 -71.20 5.38 9.43
N CYS B 27 -70.97 4.44 10.34
CA CYS B 27 -70.13 4.65 11.51
C CYS B 27 -68.64 4.80 11.20
N MET B 28 -68.24 4.39 10.00
CA MET B 28 -66.85 4.49 9.57
C MET B 28 -66.52 5.78 8.83
N GLU B 29 -67.51 6.63 8.56
CA GLU B 29 -67.27 7.85 7.81
C GLU B 29 -66.02 8.64 8.28
N HIS B 30 -65.90 8.94 9.57
CA HIS B 30 -64.68 9.63 10.06
C HIS B 30 -63.34 8.95 9.64
N ARG B 31 -63.37 7.69 9.20
CA ARG B 31 -62.19 6.97 8.70
C ARG B 31 -61.96 7.11 7.16
N GLY B 32 -62.96 7.61 6.45
CA GLY B 32 -62.84 7.82 5.03
C GLY B 32 -62.45 9.23 4.65
N GLY B 33 -62.13 9.40 3.38
CA GLY B 33 -61.81 10.72 2.88
C GLY B 33 -62.69 11.11 1.72
N CYS B 34 -62.53 12.36 1.28
CA CYS B 34 -63.31 12.95 0.18
C CYS B 34 -62.45 13.70 -0.86
N SER B 35 -62.99 13.83 -2.06
CA SER B 35 -62.36 14.57 -3.17
C SER B 35 -62.34 16.05 -2.86
N ALA B 36 -61.90 16.84 -3.86
CA ALA B 36 -61.72 18.29 -3.75
C ALA B 36 -63.04 19.04 -3.52
N ASP B 37 -64.12 18.50 -4.08
CA ASP B 37 -65.46 19.04 -3.88
C ASP B 37 -66.01 18.83 -2.45
N ASN B 38 -65.32 18.03 -1.63
CA ASN B 38 -65.71 17.80 -0.25
C ASN B 38 -67.02 17.06 -0.11
N ASP B 39 -67.26 16.12 -1.02
CA ASP B 39 -68.59 15.60 -1.25
C ASP B 39 -68.53 14.19 -1.80
N SER B 40 -67.95 14.03 -3.00
CA SER B 40 -67.64 12.70 -3.52
C SER B 40 -66.67 11.95 -2.60
N GLY B 41 -66.88 10.65 -2.41
CA GLY B 41 -66.06 9.96 -1.45
C GLY B 41 -64.86 9.36 -2.14
N ASP B 42 -63.79 9.06 -1.39
CA ASP B 42 -62.65 8.33 -1.94
C ASP B 42 -63.03 6.89 -2.25
N GLY B 43 -64.15 6.44 -1.68
CA GLY B 43 -64.65 5.13 -1.98
C GLY B 43 -65.47 4.51 -0.85
N ALA B 44 -66.58 3.89 -1.22
CA ALA B 44 -67.29 3.02 -0.30
C ALA B 44 -67.91 1.90 -1.11
N GLY B 45 -68.04 0.75 -0.48
CA GLY B 45 -68.56 -0.39 -1.19
C GLY B 45 -68.82 -1.58 -0.33
N VAL B 46 -69.65 -2.50 -0.86
CA VAL B 46 -70.03 -3.66 -0.09
C VAL B 46 -69.98 -4.91 -0.98
N MET B 47 -69.51 -6.02 -0.43
CA MET B 47 -69.57 -7.28 -1.13
C MET B 47 -70.59 -8.17 -0.44
N THR B 48 -71.53 -8.75 -1.18
CA THR B 48 -72.53 -9.62 -0.59
C THR B 48 -72.72 -10.91 -1.41
N ALA B 49 -73.56 -11.82 -0.92
CA ALA B 49 -73.97 -13.02 -1.69
C ALA B 49 -74.75 -12.55 -2.89
N ILE B 50 -74.83 -13.37 -3.92
CA ILE B 50 -75.63 -12.96 -5.05
C ILE B 50 -77.10 -12.84 -4.63
N PRO B 51 -77.70 -11.66 -4.84
CA PRO B 51 -79.03 -11.37 -4.30
C PRO B 51 -80.12 -11.99 -5.16
N ARG B 52 -80.39 -13.24 -4.85
CA ARG B 52 -81.23 -14.15 -5.62
C ARG B 52 -82.67 -13.70 -5.79
N GLU B 53 -83.33 -13.38 -4.68
CA GLU B 53 -84.69 -12.82 -4.72
C GLU B 53 -84.76 -11.59 -5.63
N LEU B 54 -83.75 -10.73 -5.57
CA LEU B 54 -83.74 -9.54 -6.42
C LEU B 54 -83.58 -9.88 -7.91
N LEU B 55 -82.69 -10.80 -8.26
CA LEU B 55 -82.45 -11.16 -9.66
C LEU B 55 -83.60 -11.91 -10.31
N ALA B 56 -84.43 -12.49 -9.46
CA ALA B 56 -85.64 -13.20 -9.90
C ALA B 56 -86.59 -12.28 -10.65
N GLN B 57 -86.66 -11.00 -10.28
CA GLN B 57 -87.59 -10.11 -10.99
C GLN B 57 -87.13 -9.97 -12.44
N TRP B 58 -85.83 -9.95 -12.66
CA TRP B 58 -85.24 -9.85 -14.00
C TRP B 58 -85.65 -11.07 -14.84
N PHE B 59 -85.48 -12.26 -14.27
CA PHE B 59 -85.89 -13.53 -14.91
C PHE B 59 -87.41 -13.58 -15.17
N ASN B 60 -88.20 -13.12 -14.19
CA ASN B 60 -89.64 -13.01 -14.37
C ASN B 60 -90.01 -12.04 -15.50
N THR B 61 -89.31 -10.90 -15.55
CA THR B 61 -89.55 -9.89 -16.55
C THR B 61 -89.30 -10.43 -17.97
N ARG B 62 -88.27 -11.26 -18.12
CA ARG B 62 -87.93 -11.85 -19.41
C ARG B 62 -88.62 -13.15 -19.72
N ASN B 63 -89.49 -13.61 -18.83
CA ASN B 63 -90.17 -14.89 -19.01
C ASN B 63 -89.19 -16.09 -19.12
N LEU B 64 -88.26 -16.15 -18.18
CA LEU B 64 -87.10 -17.05 -18.25
C LEU B 64 -86.94 -17.87 -16.94
N PRO B 65 -86.58 -19.16 -17.03
CA PRO B 65 -86.32 -19.96 -15.83
C PRO B 65 -85.00 -19.54 -15.16
N MET B 66 -85.06 -19.27 -13.87
CA MET B 66 -83.88 -18.85 -13.16
C MET B 66 -83.07 -20.05 -12.68
N PRO B 67 -81.78 -20.07 -13.02
CA PRO B 67 -80.86 -21.15 -12.63
C PRO B 67 -80.77 -21.27 -11.11
N ASP B 68 -80.26 -22.38 -10.60
CA ASP B 68 -80.19 -22.59 -9.17
C ASP B 68 -79.03 -21.88 -8.46
N GLY B 69 -78.95 -22.13 -7.15
CA GLY B 69 -78.02 -21.44 -6.27
C GLY B 69 -76.66 -21.14 -6.87
N ASP B 70 -75.96 -22.20 -7.27
CA ASP B 70 -74.56 -22.13 -7.70
C ASP B 70 -74.40 -22.11 -9.25
N ARG B 71 -75.46 -21.82 -9.98
CA ARG B 71 -75.35 -21.94 -11.44
C ARG B 71 -75.46 -20.63 -12.26
N LEU B 72 -75.69 -19.52 -11.56
CA LEU B 72 -75.88 -18.22 -12.19
C LEU B 72 -74.69 -17.29 -11.97
N GLY B 73 -73.87 -17.10 -13.00
CA GLY B 73 -72.79 -16.15 -12.95
C GLY B 73 -73.34 -14.75 -13.16
N VAL B 74 -72.95 -13.83 -12.30
CA VAL B 74 -73.24 -12.42 -12.47
C VAL B 74 -71.92 -11.66 -12.48
N GLY B 75 -71.75 -10.83 -13.50
CA GLY B 75 -70.63 -9.94 -13.66
C GLY B 75 -71.16 -8.53 -13.52
N MET B 76 -70.59 -7.80 -12.55
CA MET B 76 -70.91 -6.40 -12.31
C MET B 76 -69.88 -5.61 -13.08
N VAL B 77 -70.31 -4.81 -14.03
CA VAL B 77 -69.37 -4.22 -14.97
C VAL B 77 -69.52 -2.70 -14.99
N PHE B 78 -68.38 -1.99 -14.96
CA PHE B 78 -68.34 -0.56 -15.23
C PHE B 78 -68.02 -0.43 -16.72
N LEU B 79 -68.94 0.21 -17.47
CA LEU B 79 -68.79 0.38 -18.90
C LEU B 79 -68.57 1.85 -19.31
N PRO B 80 -68.10 2.11 -20.52
CA PRO B 80 -68.03 3.50 -21.01
C PRO B 80 -69.41 4.16 -21.15
N GLN B 81 -69.45 5.46 -20.89
CA GLN B 81 -70.61 6.34 -21.13
C GLN B 81 -70.89 6.62 -22.61
N GLU B 82 -69.84 6.81 -23.42
CA GLU B 82 -69.98 7.16 -24.86
C GLU B 82 -70.77 6.04 -25.55
N PRO B 83 -71.95 6.33 -26.15
CA PRO B 83 -72.82 5.27 -26.71
C PRO B 83 -72.13 4.20 -27.56
N SER B 84 -71.24 4.59 -28.44
CA SER B 84 -70.60 3.60 -29.29
C SER B 84 -69.46 2.86 -28.58
N ALA B 85 -68.71 3.52 -27.70
CA ALA B 85 -67.70 2.80 -26.91
C ALA B 85 -68.35 1.77 -25.98
N ARG B 86 -69.52 2.12 -25.41
CA ARG B 86 -70.30 1.24 -24.53
C ARG B 86 -70.67 -0.08 -25.21
N GLU B 87 -71.05 0.03 -26.48
CA GLU B 87 -71.49 -1.10 -27.27
C GLU B 87 -70.36 -2.00 -27.75
N VAL B 88 -69.19 -1.39 -28.00
CA VAL B 88 -68.01 -2.16 -28.39
C VAL B 88 -67.62 -2.97 -27.18
N ALA B 89 -67.52 -2.27 -26.05
CA ALA B 89 -67.24 -2.89 -24.76
C ALA B 89 -68.21 -4.04 -24.40
N ARG B 90 -69.52 -3.79 -24.47
CA ARG B 90 -70.57 -4.82 -24.21
C ARG B 90 -70.42 -6.07 -25.10
N ALA B 91 -70.19 -5.86 -26.40
CA ALA B 91 -70.08 -6.99 -27.33
C ALA B 91 -68.78 -7.78 -27.07
N TYR B 92 -67.74 -7.09 -26.63
CA TYR B 92 -66.49 -7.74 -26.23
C TYR B 92 -66.61 -8.56 -24.95
N VAL B 93 -67.41 -8.11 -23.99
CA VAL B 93 -67.68 -8.96 -22.82
C VAL B 93 -68.49 -10.19 -23.27
N GLU B 94 -69.53 -9.95 -24.09
CA GLU B 94 -70.39 -11.02 -24.57
C GLU B 94 -69.59 -12.01 -25.37
N GLU B 95 -68.61 -11.51 -26.13
CA GLU B 95 -67.74 -12.32 -26.98
C GLU B 95 -66.74 -13.20 -26.21
N VAL B 96 -66.08 -12.68 -25.18
CA VAL B 96 -65.15 -13.53 -24.43
C VAL B 96 -65.90 -14.55 -23.54
N VAL B 97 -67.13 -14.23 -23.18
CA VAL B 97 -67.98 -15.21 -22.52
C VAL B 97 -68.27 -16.37 -23.50
N ARG B 98 -68.68 -16.04 -24.71
CA ARG B 98 -69.01 -17.05 -25.72
C ARG B 98 -67.79 -17.93 -26.03
N LEU B 99 -66.61 -17.31 -26.17
CA LEU B 99 -65.36 -18.02 -26.46
C LEU B 99 -64.87 -18.90 -25.30
N GLU B 100 -65.38 -18.64 -24.12
CA GLU B 100 -65.12 -19.49 -22.96
C GLU B 100 -66.11 -20.66 -22.92
N LYS B 101 -67.09 -20.63 -23.84
CA LYS B 101 -68.15 -21.66 -23.98
C LYS B 101 -69.32 -21.55 -22.98
N LEU B 102 -69.44 -20.39 -22.34
CA LEU B 102 -70.56 -20.08 -21.46
C LEU B 102 -71.68 -19.38 -22.24
N THR B 103 -72.88 -19.32 -21.64
CA THR B 103 -74.07 -18.72 -22.26
C THR B 103 -74.42 -17.36 -21.66
N VAL B 104 -74.57 -16.35 -22.52
CA VAL B 104 -75.04 -15.04 -22.09
C VAL B 104 -76.56 -15.11 -22.00
N LEU B 105 -77.10 -14.87 -20.83
CA LEU B 105 -78.55 -14.77 -20.69
C LEU B 105 -79.05 -13.36 -21.01
N GLY B 106 -78.21 -12.36 -20.77
CA GLY B 106 -78.57 -10.98 -21.05
C GLY B 106 -77.99 -10.02 -20.06
N TRP B 107 -78.49 -8.79 -20.04
CA TRP B 107 -77.92 -7.77 -19.17
C TRP B 107 -78.99 -7.17 -18.29
N ARG B 108 -78.60 -6.82 -17.07
CA ARG B 108 -79.47 -6.11 -16.16
C ARG B 108 -78.97 -4.68 -15.96
N GLU B 109 -79.77 -3.69 -16.34
CA GLU B 109 -79.44 -2.31 -15.95
C GLU B 109 -79.45 -2.15 -14.45
N VAL B 110 -78.35 -1.71 -13.87
CA VAL B 110 -78.32 -1.40 -12.44
C VAL B 110 -79.05 -0.08 -12.14
N PRO B 111 -80.10 -0.15 -11.34
CA PRO B 111 -80.88 1.04 -10.93
C PRO B 111 -80.05 2.03 -10.11
N VAL B 112 -79.84 3.23 -10.60
CA VAL B 112 -79.03 4.18 -9.84
C VAL B 112 -79.67 5.56 -9.78
N ASN B 113 -79.34 6.30 -8.70
CA ASN B 113 -79.68 7.73 -8.62
C ASN B 113 -78.45 8.63 -8.68
N SER B 114 -78.19 9.20 -9.84
CA SER B 114 -76.96 9.97 -10.03
C SER B 114 -76.99 11.32 -9.31
N ASP B 115 -78.17 11.83 -9.04
CA ASP B 115 -78.33 13.14 -8.43
C ASP B 115 -77.88 13.21 -6.98
N VAL B 116 -77.56 12.05 -6.39
CA VAL B 116 -77.01 12.04 -5.03
C VAL B 116 -75.49 12.20 -4.92
N LEU B 117 -74.80 11.84 -6.01
CA LEU B 117 -73.35 11.97 -6.18
C LEU B 117 -72.81 13.38 -6.11
N GLY B 118 -71.56 13.49 -5.66
CA GLY B 118 -70.78 14.74 -5.68
C GLY B 118 -70.32 15.05 -7.09
N ILE B 119 -70.07 16.33 -7.42
CA ILE B 119 -69.83 16.71 -8.82
C ILE B 119 -68.70 15.91 -9.47
N GLN B 120 -67.58 15.73 -8.75
CA GLN B 120 -66.49 14.89 -9.26
C GLN B 120 -66.87 13.45 -9.58
N ALA B 121 -67.54 12.77 -8.65
CA ALA B 121 -67.97 11.38 -8.87
C ALA B 121 -68.98 11.28 -10.00
N LYS B 122 -69.83 12.31 -10.13
CA LYS B 122 -70.80 12.39 -11.21
C LYS B 122 -70.04 12.39 -12.51
N ASN B 123 -68.99 13.20 -12.59
CA ASN B 123 -68.35 13.45 -13.88
C ASN B 123 -67.60 12.25 -14.37
N ASN B 124 -67.06 11.49 -13.42
CA ASN B 124 -66.37 10.23 -13.60
C ASN B 124 -67.20 8.94 -13.71
N GLN B 125 -68.50 9.04 -13.43
CA GLN B 125 -69.34 7.88 -13.29
C GLN B 125 -69.34 7.03 -14.53
N PRO B 126 -68.97 5.77 -14.34
CA PRO B 126 -69.14 4.75 -15.39
C PRO B 126 -70.63 4.37 -15.55
N HIS B 127 -70.98 3.81 -16.70
CA HIS B 127 -72.30 3.23 -16.87
C HIS B 127 -72.26 1.83 -16.23
N ILE B 128 -73.24 1.52 -15.38
CA ILE B 128 -73.19 0.30 -14.58
C ILE B 128 -74.22 -0.77 -14.95
N GLU B 129 -73.72 -1.89 -15.47
CA GLU B 129 -74.59 -3.00 -15.82
C GLU B 129 -74.12 -4.36 -15.28
N GLN B 130 -75.07 -5.28 -15.18
CA GLN B 130 -74.76 -6.68 -14.82
C GLN B 130 -75.02 -7.58 -15.99
N ILE B 131 -74.11 -8.50 -16.23
CA ILE B 131 -74.30 -9.53 -17.24
C ILE B 131 -74.62 -10.79 -16.48
N LEU B 132 -75.61 -11.54 -16.97
CA LEU B 132 -76.01 -12.81 -16.39
C LEU B 132 -75.57 -13.96 -17.29
N VAL B 133 -74.99 -14.99 -16.68
CA VAL B 133 -74.28 -16.07 -17.40
C VAL B 133 -74.54 -17.45 -16.76
N THR B 134 -74.72 -18.49 -17.58
CA THR B 134 -74.82 -19.88 -17.08
C THR B 134 -73.86 -20.76 -17.87
N CYS B 135 -73.66 -22.01 -17.42
CA CYS B 135 -72.87 -22.98 -18.22
C CYS B 135 -73.73 -24.07 -18.87
N PRO B 136 -73.66 -24.21 -20.20
CA PRO B 136 -74.52 -25.18 -20.90
C PRO B 136 -74.20 -26.66 -20.60
N GLU B 137 -72.99 -26.95 -20.11
CA GLU B 137 -72.55 -28.33 -19.85
C GLU B 137 -73.01 -28.79 -18.46
N GLY B 138 -73.31 -27.83 -17.59
CA GLY B 138 -73.75 -28.14 -16.24
C GLY B 138 -72.94 -27.52 -15.10
N CYS B 139 -71.86 -26.83 -15.44
CA CYS B 139 -71.00 -26.18 -14.45
C CYS B 139 -71.73 -25.53 -13.28
N ALA B 140 -71.07 -25.54 -12.12
CA ALA B 140 -71.58 -24.93 -10.89
C ALA B 140 -70.45 -24.66 -9.92
N GLY B 141 -70.68 -23.71 -9.01
CA GLY B 141 -69.84 -23.55 -7.85
C GLY B 141 -68.42 -23.28 -8.22
N ASP B 142 -67.50 -24.13 -7.76
CA ASP B 142 -66.06 -23.90 -7.95
C ASP B 142 -65.66 -23.83 -9.40
N GLU B 143 -66.14 -24.80 -10.18
CA GLU B 143 -65.73 -24.91 -11.55
C GLU B 143 -66.27 -23.72 -12.37
N LEU B 144 -67.49 -23.28 -12.10
CA LEU B 144 -68.03 -22.10 -12.78
C LEU B 144 -67.22 -20.87 -12.42
N ASP B 145 -66.95 -20.69 -11.13
CA ASP B 145 -66.23 -19.51 -10.69
C ASP B 145 -64.82 -19.53 -11.24
N ARG B 146 -64.26 -20.73 -11.38
CA ARG B 146 -62.96 -20.89 -11.98
C ARG B 146 -62.98 -20.39 -13.45
N ARG B 147 -64.07 -20.65 -14.16
CA ARG B 147 -64.21 -20.30 -15.58
C ARG B 147 -64.55 -18.85 -15.73
N LEU B 148 -65.34 -18.37 -14.77
CA LEU B 148 -65.67 -16.96 -14.64
C LEU B 148 -64.42 -16.12 -14.40
N TYR B 149 -63.47 -16.68 -13.67
CA TYR B 149 -62.25 -15.95 -13.33
C TYR B 149 -61.30 -15.84 -14.54
N ILE B 150 -61.28 -16.85 -15.38
CA ILE B 150 -60.47 -16.83 -16.58
C ILE B 150 -61.06 -15.77 -17.52
N ALA B 151 -62.38 -15.79 -17.69
CA ALA B 151 -63.11 -14.90 -18.55
C ALA B 151 -62.91 -13.46 -18.12
N ARG B 152 -63.07 -13.22 -16.82
CA ARG B 152 -62.94 -11.86 -16.26
C ARG B 152 -61.56 -11.34 -16.51
N SER B 153 -60.55 -12.19 -16.42
CA SER B 153 -59.18 -11.73 -16.66
C SER B 153 -58.96 -11.41 -18.13
N ILE B 154 -59.49 -12.24 -19.01
CA ILE B 154 -59.40 -11.93 -20.43
C ILE B 154 -60.00 -10.55 -20.68
N ILE B 155 -61.14 -10.26 -20.06
CA ILE B 155 -61.71 -8.92 -20.18
C ILE B 155 -60.75 -7.88 -19.61
N GLY B 156 -60.04 -8.24 -18.54
CA GLY B 156 -59.11 -7.33 -17.87
C GLY B 156 -57.82 -7.02 -18.63
N LYS B 157 -57.56 -7.74 -19.70
CA LYS B 157 -56.46 -7.36 -20.58
C LYS B 157 -56.72 -5.97 -21.17
N LYS B 158 -57.99 -5.58 -21.24
CA LYS B 158 -58.39 -4.32 -21.83
C LYS B 158 -58.84 -3.34 -20.75
N LEU B 159 -58.42 -3.61 -19.53
CA LEU B 159 -58.75 -2.77 -18.37
C LEU B 159 -58.52 -1.27 -18.60
N ALA B 160 -59.49 -0.47 -18.18
CA ALA B 160 -59.43 1.00 -18.24
C ALA B 160 -60.31 1.50 -17.08
N GLU B 161 -60.25 2.78 -16.67
CA GLU B 161 -61.13 3.24 -15.56
C GLU B 161 -62.61 3.23 -15.99
N ASP B 162 -62.73 3.09 -17.30
CA ASP B 162 -63.91 3.21 -18.12
C ASP B 162 -64.51 1.83 -18.38
N PHE B 163 -63.75 0.79 -18.03
CA PHE B 163 -64.04 -0.60 -18.45
C PHE B 163 -63.42 -1.60 -17.49
N TYR B 164 -64.24 -2.00 -16.55
CA TYR B 164 -63.72 -2.68 -15.39
C TYR B 164 -64.81 -3.58 -14.87
N VAL B 165 -64.45 -4.79 -14.47
CA VAL B 165 -65.39 -5.72 -13.90
C VAL B 165 -65.11 -5.78 -12.39
N CYS B 166 -66.07 -5.26 -11.61
CA CYS B 166 -65.99 -5.36 -10.15
C CYS B 166 -65.95 -6.79 -9.63
N SER B 167 -66.77 -7.66 -10.21
CA SER B 167 -66.84 -9.03 -9.78
C SER B 167 -67.54 -9.85 -10.85
N PHE B 168 -67.11 -11.10 -11.01
CA PHE B 168 -67.68 -12.00 -11.99
C PHE B 168 -67.62 -13.35 -11.33
N SER B 169 -68.71 -13.68 -10.62
CA SER B 169 -68.79 -14.86 -9.77
C SER B 169 -70.23 -15.36 -9.65
N CYS B 170 -70.38 -16.66 -9.39
CA CYS B 170 -71.70 -17.23 -9.17
C CYS B 170 -71.97 -17.34 -7.67
N ARG B 171 -71.23 -16.57 -6.89
CA ARG B 171 -71.39 -16.54 -5.43
C ARG B 171 -71.39 -15.15 -4.76
N THR B 172 -70.59 -14.20 -5.25
CA THR B 172 -70.53 -12.89 -4.60
C THR B 172 -70.73 -11.86 -5.67
N ILE B 173 -70.99 -10.64 -5.23
CA ILE B 173 -71.10 -9.49 -6.09
C ILE B 173 -70.68 -8.25 -5.27
N VAL B 174 -70.18 -7.20 -5.93
CA VAL B 174 -69.65 -6.03 -5.28
C VAL B 174 -70.37 -4.78 -5.76
N TYR B 175 -70.84 -3.97 -4.82
CA TYR B 175 -71.44 -2.70 -5.11
C TYR B 175 -70.60 -1.58 -4.49
N LYS B 176 -69.89 -0.81 -5.32
CA LYS B 176 -68.96 0.18 -4.77
C LYS B 176 -68.93 1.40 -5.68
N GLY B 177 -68.57 2.56 -5.13
CA GLY B 177 -68.32 3.72 -5.93
C GLY B 177 -67.63 4.83 -5.16
N MET B 178 -67.42 5.95 -5.86
CA MET B 178 -66.76 7.08 -5.25
C MET B 178 -67.78 7.91 -4.48
N VAL B 179 -68.15 7.41 -3.30
CA VAL B 179 -69.23 7.97 -2.52
C VAL B 179 -68.86 7.97 -1.02
N ARG B 180 -69.50 8.86 -0.28
CA ARG B 180 -69.49 8.82 1.16
C ARG B 180 -70.37 7.68 1.57
N SER B 181 -70.03 7.11 2.72
CA SER B 181 -70.78 6.03 3.35
C SER B 181 -72.31 6.05 3.20
N ILE B 182 -73.00 7.08 3.71
CA ILE B 182 -74.47 7.15 3.61
C ILE B 182 -74.98 7.41 2.18
N ILE B 183 -74.07 7.62 1.24
CA ILE B 183 -74.49 7.81 -0.15
C ILE B 183 -74.53 6.46 -0.91
N LEU B 184 -73.84 5.44 -0.39
CA LEU B 184 -73.77 4.15 -1.09
C LEU B 184 -75.14 3.61 -1.48
N GLY B 185 -76.03 3.54 -0.50
CA GLY B 185 -77.34 2.96 -0.72
C GLY B 185 -78.30 3.94 -1.31
N GLU B 186 -77.98 5.23 -1.26
CA GLU B 186 -78.80 6.21 -1.93
C GLU B 186 -78.55 6.21 -3.42
N PHE B 187 -77.35 5.83 -3.84
CA PHE B 187 -76.98 5.83 -5.26
C PHE B 187 -77.32 4.49 -5.90
N TYR B 188 -77.06 3.41 -5.18
CA TYR B 188 -77.42 2.08 -5.64
C TYR B 188 -78.77 1.71 -5.07
N LEU B 189 -79.81 1.86 -5.90
CA LEU B 189 -81.20 1.59 -5.47
C LEU B 189 -81.43 0.16 -5.05
N ASP B 190 -80.64 -0.75 -5.60
CA ASP B 190 -80.75 -2.15 -5.23
C ASP B 190 -80.54 -2.34 -3.71
N LEU B 191 -79.62 -1.57 -3.12
CA LEU B 191 -79.25 -1.72 -1.72
C LEU B 191 -80.35 -1.32 -0.70
N LYS B 192 -81.30 -0.48 -1.11
CA LYS B 192 -82.43 -0.10 -0.24
C LYS B 192 -83.73 -0.86 -0.59
N ASN B 193 -83.69 -1.66 -1.66
CA ASN B 193 -84.75 -2.57 -2.07
C ASN B 193 -84.82 -3.70 -1.07
N PRO B 194 -86.00 -3.92 -0.46
CA PRO B 194 -86.12 -4.95 0.58
C PRO B 194 -85.99 -6.36 -0.02
N GLY B 195 -86.08 -6.49 -1.34
CA GLY B 195 -85.80 -7.74 -2.03
C GLY B 195 -84.33 -8.16 -2.02
N TYR B 196 -83.41 -7.24 -1.68
CA TYR B 196 -81.97 -7.55 -1.58
C TYR B 196 -81.71 -8.24 -0.25
N THR B 197 -81.31 -9.51 -0.29
CA THR B 197 -80.93 -10.28 0.89
C THR B 197 -79.59 -10.99 0.73
N SER B 198 -78.83 -11.12 1.82
CA SER B 198 -77.52 -11.80 1.81
C SER B 198 -77.19 -12.32 3.23
N ASN B 199 -76.59 -13.52 3.34
CA ASN B 199 -76.07 -14.04 4.62
C ASN B 199 -74.81 -13.30 5.14
N PHE B 200 -74.08 -12.64 4.26
CA PHE B 200 -72.89 -11.89 4.67
C PHE B 200 -72.73 -10.58 3.90
N ALA B 201 -71.92 -9.70 4.47
CA ALA B 201 -71.46 -8.50 3.80
C ALA B 201 -70.06 -8.18 4.23
N VAL B 202 -69.20 -7.89 3.26
CA VAL B 202 -67.92 -7.30 3.57
C VAL B 202 -68.09 -5.84 3.16
N TYR B 203 -67.72 -4.91 4.05
CA TYR B 203 -67.86 -3.51 3.70
C TYR B 203 -66.53 -2.75 3.88
N HIS B 204 -66.40 -1.59 3.23
CA HIS B 204 -65.16 -0.81 3.14
C HIS B 204 -65.56 0.62 2.82
N ARG B 205 -64.97 1.57 3.58
CA ARG B 205 -64.95 2.99 3.30
C ARG B 205 -63.47 3.36 3.13
N ARG B 206 -63.11 4.05 2.04
CA ARG B 206 -61.72 4.23 1.65
C ARG B 206 -61.21 5.61 1.97
N PHE B 207 -59.96 5.71 2.39
CA PHE B 207 -59.32 7.03 2.54
C PHE B 207 -58.12 7.00 1.59
N SER B 208 -58.13 7.84 0.55
CA SER B 208 -57.00 7.88 -0.39
C SER B 208 -56.14 9.15 -0.22
N THR B 209 -54.89 9.09 -0.66
CA THR B 209 -54.04 10.28 -0.64
C THR B 209 -54.20 11.18 -1.84
N ASN B 210 -55.35 11.17 -2.53
CA ASN B 210 -55.52 12.14 -3.63
C ASN B 210 -56.92 12.70 -3.71
N THR B 211 -57.11 13.55 -4.70
CA THR B 211 -58.34 14.29 -4.83
C THR B 211 -59.15 13.94 -6.06
N MET B 212 -58.65 12.95 -6.82
CA MET B 212 -59.19 12.54 -8.12
C MET B 212 -59.69 11.11 -8.05
N PRO B 213 -60.99 11.01 -7.78
CA PRO B 213 -61.67 9.72 -7.62
C PRO B 213 -61.63 8.83 -8.88
N LYS B 214 -61.28 7.55 -8.74
CA LYS B 214 -61.40 6.58 -9.85
C LYS B 214 -62.22 5.44 -9.32
N TRP B 215 -63.37 5.18 -9.96
CA TRP B 215 -64.32 4.15 -9.51
C TRP B 215 -63.82 2.71 -9.25
N PRO B 216 -63.00 2.15 -10.13
CA PRO B 216 -62.47 0.81 -9.88
C PRO B 216 -61.57 0.72 -8.67
N LEU B 217 -61.04 1.87 -8.21
CA LEU B 217 -60.17 1.91 -7.04
C LEU B 217 -60.87 1.84 -5.68
N ALA B 218 -62.19 1.99 -5.65
CA ALA B 218 -63.02 1.74 -4.46
C ALA B 218 -62.90 0.27 -4.03
N GLN B 219 -63.29 -0.06 -2.81
CA GLN B 219 -63.21 -1.44 -2.38
C GLN B 219 -64.55 -1.84 -1.79
N PRO B 220 -64.82 -3.14 -1.56
CA PRO B 220 -63.93 -4.27 -1.84
C PRO B 220 -63.53 -4.49 -3.28
N MET B 221 -62.40 -5.18 -3.48
CA MET B 221 -61.92 -5.67 -4.77
C MET B 221 -62.70 -6.95 -5.07
N ARG B 222 -62.12 -7.89 -5.81
CA ARG B 222 -62.88 -9.08 -6.22
C ARG B 222 -63.12 -10.04 -5.08
N LEU B 223 -62.13 -10.20 -4.22
CA LEU B 223 -62.19 -11.15 -3.11
C LEU B 223 -62.01 -10.47 -1.79
N LEU B 224 -61.47 -9.27 -1.80
CA LEU B 224 -60.94 -8.73 -0.56
C LEU B 224 -61.10 -7.22 -0.34
N GLY B 225 -61.26 -6.82 0.92
CA GLY B 225 -61.16 -5.44 1.33
C GLY B 225 -59.94 -5.27 2.25
N HIS B 226 -59.28 -4.11 2.16
CA HIS B 226 -57.97 -3.92 2.73
C HIS B 226 -57.85 -2.56 3.38
N ASN B 227 -57.71 -2.54 4.69
CA ASN B 227 -57.28 -1.35 5.40
C ASN B 227 -55.78 -1.48 5.67
N GLY B 228 -54.99 -0.58 5.09
CA GLY B 228 -53.54 -0.54 5.29
C GLY B 228 -52.77 -0.19 4.04
N GLU B 229 -51.45 -0.36 4.11
CA GLU B 229 -50.59 -0.08 2.97
C GLU B 229 -49.47 -1.08 2.84
N ILE B 230 -49.13 -1.45 1.62
CA ILE B 230 -48.02 -2.36 1.40
C ILE B 230 -46.69 -1.60 1.28
N ASN B 231 -45.72 -1.93 2.14
CA ASN B 231 -44.48 -1.17 2.11
C ASN B 231 -43.37 -1.71 1.22
N THR B 232 -43.63 -2.81 0.49
CA THR B 232 -42.61 -3.49 -0.33
C THR B 232 -43.12 -3.81 -1.73
N LEU B 233 -44.06 -2.99 -2.19
CA LEU B 233 -44.87 -3.29 -3.35
C LEU B 233 -44.06 -3.52 -4.62
N LEU B 234 -43.05 -2.68 -4.84
CA LEU B 234 -42.22 -2.73 -6.04
C LEU B 234 -41.51 -4.05 -6.06
N GLY B 235 -41.03 -4.49 -4.91
CA GLY B 235 -40.46 -5.82 -4.76
C GLY B 235 -41.46 -6.91 -5.05
N ASN B 236 -42.60 -6.85 -4.36
CA ASN B 236 -43.59 -7.91 -4.46
C ASN B 236 -44.12 -8.05 -5.86
N ILE B 237 -44.30 -6.91 -6.53
CA ILE B 237 -44.73 -6.96 -7.91
C ILE B 237 -43.69 -7.60 -8.81
N ASN B 238 -42.44 -7.18 -8.68
CA ASN B 238 -41.36 -7.68 -9.51
C ASN B 238 -41.21 -9.22 -9.44
N TRP B 239 -41.24 -9.78 -8.23
CA TRP B 239 -41.17 -11.23 -8.02
C TRP B 239 -42.36 -11.96 -8.63
N MET B 240 -43.55 -11.47 -8.32
CA MET B 240 -44.77 -12.06 -8.83
C MET B 240 -44.83 -12.01 -10.37
N ALA B 241 -44.40 -10.89 -10.95
CA ALA B 241 -44.40 -10.76 -12.40
C ALA B 241 -43.40 -11.72 -13.06
N ALA B 242 -42.35 -12.08 -12.34
CA ALA B 242 -41.36 -13.00 -12.88
C ALA B 242 -41.83 -14.48 -12.94
N ARG B 243 -42.85 -14.80 -12.15
CA ARG B 243 -43.48 -16.13 -12.16
C ARG B 243 -44.46 -16.30 -13.31
N GLU B 244 -45.04 -15.18 -13.76
CA GLU B 244 -46.20 -15.23 -14.65
C GLU B 244 -45.96 -16.04 -15.91
N LYS B 245 -44.75 -15.98 -16.47
CA LYS B 245 -44.43 -16.68 -17.73
C LYS B 245 -44.40 -18.21 -17.53
N GLU B 246 -43.99 -18.64 -16.34
CA GLU B 246 -43.84 -20.06 -16.07
C GLU B 246 -44.85 -20.65 -15.06
N LEU B 247 -46.09 -20.17 -15.12
CA LEU B 247 -47.19 -20.70 -14.32
C LEU B 247 -47.56 -22.11 -14.77
N GLU B 248 -47.80 -22.99 -13.80
CA GLU B 248 -48.12 -24.42 -14.02
C GLU B 248 -48.93 -24.93 -12.83
N VAL B 249 -50.10 -25.52 -13.09
CA VAL B 249 -50.91 -26.19 -12.06
C VAL B 249 -51.72 -27.33 -12.64
N SER B 250 -51.84 -28.45 -11.93
CA SER B 250 -52.54 -29.62 -12.51
C SER B 250 -54.06 -29.36 -12.63
N GLY B 251 -54.65 -29.80 -13.74
CA GLY B 251 -56.01 -29.45 -14.06
C GLY B 251 -56.17 -27.97 -14.41
N TRP B 252 -55.12 -27.43 -15.05
CA TRP B 252 -55.13 -26.11 -15.68
C TRP B 252 -54.27 -26.23 -16.93
N THR B 253 -54.78 -25.80 -18.08
CA THR B 253 -53.95 -25.74 -19.29
C THR B 253 -53.10 -24.45 -19.34
N LYS B 254 -52.10 -24.45 -20.22
CA LYS B 254 -51.25 -23.30 -20.40
C LYS B 254 -51.99 -22.12 -21.02
N ALA B 255 -53.06 -22.40 -21.76
CA ALA B 255 -53.88 -21.33 -22.35
C ALA B 255 -54.70 -20.61 -21.29
N GLU B 256 -55.14 -21.36 -20.27
CA GLU B 256 -55.97 -20.85 -19.21
C GLU B 256 -55.16 -19.99 -18.24
N LEU B 257 -53.90 -20.35 -18.06
CA LEU B 257 -53.02 -19.62 -17.17
C LEU B 257 -52.51 -18.36 -17.84
N GLU B 258 -52.36 -18.43 -19.16
CA GLU B 258 -51.97 -17.27 -19.96
C GLU B 258 -53.11 -16.24 -20.00
N ALA B 259 -54.35 -16.74 -19.99
CA ALA B 259 -55.57 -15.91 -19.92
C ALA B 259 -55.55 -14.92 -18.76
N LEU B 260 -54.81 -15.23 -17.72
CA LEU B 260 -54.84 -14.43 -16.52
C LEU B 260 -53.73 -13.34 -16.53
N THR B 261 -52.77 -13.50 -17.47
CA THR B 261 -51.41 -12.93 -17.45
C THR B 261 -51.21 -11.72 -16.60
N PRO B 262 -51.76 -10.56 -16.95
CA PRO B 262 -51.36 -9.40 -16.13
C PRO B 262 -51.95 -9.67 -14.73
N ILE B 263 -51.24 -10.45 -13.91
CA ILE B 263 -51.68 -10.71 -12.52
C ILE B 263 -51.35 -9.49 -11.69
N VAL B 264 -50.19 -8.94 -11.97
CA VAL B 264 -49.67 -7.88 -11.15
C VAL B 264 -49.37 -6.74 -12.11
N ASN B 265 -49.54 -5.50 -11.63
CA ASN B 265 -49.34 -4.29 -12.44
C ASN B 265 -48.97 -3.12 -11.53
N GLN B 266 -47.76 -2.60 -11.68
CA GLN B 266 -47.28 -1.49 -10.85
C GLN B 266 -48.17 -0.26 -10.95
N ALA B 267 -48.95 -0.16 -12.04
CA ALA B 267 -49.87 0.95 -12.26
C ALA B 267 -51.19 0.82 -11.49
N ASN B 268 -51.42 -0.30 -10.83
CA ASN B 268 -52.61 -0.51 -10.00
C ASN B 268 -52.27 -0.22 -8.54
N SER B 269 -53.29 -0.09 -7.69
CA SER B 269 -53.01 0.22 -6.29
C SER B 269 -52.47 -1.03 -5.62
N ASP B 270 -51.90 -0.82 -4.43
CA ASP B 270 -51.41 -1.92 -3.64
C ASP B 270 -52.54 -2.89 -3.28
N SER B 271 -53.70 -2.40 -2.88
CA SER B 271 -54.82 -3.31 -2.62
C SER B 271 -55.29 -4.12 -3.89
N TYR B 272 -55.32 -3.50 -5.07
CA TYR B 272 -55.76 -4.16 -6.30
C TYR B 272 -54.83 -5.30 -6.68
N ASN B 273 -53.53 -5.05 -6.62
CA ASN B 273 -52.50 -6.10 -6.76
C ASN B 273 -52.62 -7.26 -5.78
N LEU B 274 -52.76 -6.98 -4.48
CA LEU B 274 -52.89 -8.02 -3.44
C LEU B 274 -54.09 -8.87 -3.72
N ASP B 275 -55.18 -8.24 -4.15
CA ASP B 275 -56.43 -8.95 -4.36
C ASP B 275 -56.30 -9.90 -5.55
N SER B 276 -55.66 -9.40 -6.59
CA SER B 276 -55.41 -10.15 -7.78
C SER B 276 -54.47 -11.29 -7.48
N ALA B 277 -53.44 -11.04 -6.67
CA ALA B 277 -52.44 -12.06 -6.40
C ALA B 277 -53.01 -13.13 -5.46
N LEU B 278 -53.87 -12.69 -4.54
CA LEU B 278 -54.63 -13.59 -3.69
C LEU B 278 -55.63 -14.43 -4.48
N GLU B 279 -56.36 -13.81 -5.40
CA GLU B 279 -57.34 -14.58 -6.15
C GLU B 279 -56.65 -15.63 -7.06
N LEU B 280 -55.46 -15.32 -7.57
CA LEU B 280 -54.64 -16.36 -8.23
C LEU B 280 -54.48 -17.61 -7.38
N LEU B 281 -54.12 -17.47 -6.10
CA LEU B 281 -53.91 -18.58 -5.17
C LEU B 281 -55.19 -19.33 -4.87
N VAL B 282 -56.29 -18.60 -4.80
CA VAL B 282 -57.56 -19.19 -4.41
C VAL B 282 -58.11 -20.09 -5.52
N ARG B 283 -58.11 -19.58 -6.74
CA ARG B 283 -58.71 -20.26 -7.88
C ARG B 283 -57.93 -21.50 -8.32
N THR B 284 -56.63 -21.50 -8.06
CA THR B 284 -55.80 -22.66 -8.34
C THR B 284 -55.76 -23.67 -7.18
N GLY B 285 -56.72 -23.58 -6.26
CA GLY B 285 -56.96 -24.65 -5.29
C GLY B 285 -56.77 -24.41 -3.80
N ARG B 286 -56.56 -23.17 -3.36
CA ARG B 286 -56.49 -22.87 -1.92
C ARG B 286 -57.67 -22.03 -1.46
N SER B 287 -58.05 -22.15 -0.19
CA SER B 287 -59.03 -21.22 0.38
C SER B 287 -58.36 -19.83 0.61
N PRO B 288 -59.14 -18.75 0.68
CA PRO B 288 -58.55 -17.42 0.88
C PRO B 288 -57.70 -17.37 2.16
N LEU B 289 -58.12 -18.15 3.16
CA LEU B 289 -57.40 -18.22 4.42
C LEU B 289 -55.97 -18.69 4.20
N GLU B 290 -55.82 -19.78 3.45
CA GLU B 290 -54.50 -20.34 3.21
C GLU B 290 -53.66 -19.42 2.30
N ALA B 291 -54.29 -18.81 1.30
CA ALA B 291 -53.60 -17.85 0.42
C ALA B 291 -53.07 -16.65 1.21
N ALA B 292 -53.81 -16.23 2.24
CA ALA B 292 -53.36 -15.04 2.93
C ALA B 292 -52.17 -15.40 3.82
N MET B 293 -52.17 -16.66 4.31
CA MET B 293 -51.06 -17.19 5.11
C MET B 293 -49.79 -17.27 4.29
N ILE B 294 -49.95 -17.42 2.98
CA ILE B 294 -48.78 -17.43 2.13
C ILE B 294 -48.27 -16.02 1.82
N LEU B 295 -49.16 -15.08 1.48
CA LEU B 295 -48.76 -13.74 1.04
C LEU B 295 -48.51 -12.77 2.18
N VAL B 296 -49.19 -12.98 3.30
CA VAL B 296 -49.00 -12.14 4.49
C VAL B 296 -48.86 -13.07 5.70
N PRO B 297 -47.69 -13.72 5.81
CA PRO B 297 -47.49 -14.76 6.82
C PRO B 297 -47.20 -14.19 8.17
N GLU B 298 -47.78 -14.82 9.18
CA GLU B 298 -47.48 -14.60 10.61
C GLU B 298 -46.01 -14.47 10.94
N ALA B 299 -45.70 -13.74 12.00
CA ALA B 299 -44.35 -13.77 12.52
C ALA B 299 -44.30 -14.99 13.45
N TYR B 300 -43.84 -16.08 12.88
CA TYR B 300 -43.95 -17.43 13.47
C TYR B 300 -42.76 -17.93 14.28
N LYS B 301 -41.55 -17.50 13.96
CA LYS B 301 -40.36 -17.86 14.75
C LYS B 301 -40.50 -17.46 16.24
N ASN B 302 -40.10 -18.37 17.15
CA ASN B 302 -40.11 -18.06 18.59
C ASN B 302 -41.47 -17.50 19.08
N GLN B 303 -42.52 -18.14 18.61
CA GLN B 303 -43.86 -17.83 19.07
C GLN B 303 -44.23 -19.01 19.93
N PRO B 304 -44.39 -18.77 21.23
CA PRO B 304 -44.74 -19.85 22.18
C PRO B 304 -46.12 -20.48 21.87
N ALA B 305 -47.07 -19.67 21.37
CA ALA B 305 -48.40 -20.10 20.92
C ALA B 305 -48.38 -21.20 19.83
N LEU B 306 -47.26 -21.33 19.11
CA LEU B 306 -47.11 -22.39 18.12
C LEU B 306 -46.40 -23.66 18.65
N LYS B 307 -46.14 -23.69 19.96
CA LYS B 307 -45.47 -24.81 20.58
C LYS B 307 -46.20 -26.09 20.21
N ASP B 308 -47.53 -26.05 20.32
CA ASP B 308 -48.37 -27.23 20.10
C ASP B 308 -48.85 -27.38 18.64
N TYR B 309 -48.28 -26.59 17.73
CA TYR B 309 -48.64 -26.68 16.34
C TYR B 309 -47.39 -26.69 15.45
N PRO B 310 -46.47 -27.65 15.64
CA PRO B 310 -45.26 -27.72 14.81
C PRO B 310 -45.55 -27.79 13.32
N GLU B 311 -46.70 -28.35 12.94
CA GLU B 311 -47.10 -28.29 11.53
C GLU B 311 -47.23 -26.86 11.02
N ILE B 312 -47.79 -25.96 11.84
CA ILE B 312 -47.88 -24.56 11.43
C ILE B 312 -46.49 -23.93 11.23
N SER B 313 -45.53 -24.19 12.13
CA SER B 313 -44.19 -23.61 11.94
C SER B 313 -43.53 -24.15 10.66
N ASP B 314 -43.79 -25.43 10.38
CA ASP B 314 -43.27 -26.12 9.21
C ASP B 314 -43.74 -25.49 7.90
N PHE B 315 -45.05 -25.31 7.76
CA PHE B 315 -45.68 -24.58 6.67
C PHE B 315 -44.91 -23.22 6.40
N HIS B 316 -44.82 -22.33 7.39
CA HIS B 316 -44.12 -21.06 7.16
C HIS B 316 -42.62 -21.21 6.87
N ASP B 317 -42.04 -22.22 7.48
CA ASP B 317 -40.65 -22.51 7.31
C ASP B 317 -40.45 -22.93 5.85
N TYR B 318 -41.48 -23.53 5.25
CA TYR B 318 -41.41 -23.93 3.86
C TYR B 318 -41.68 -22.73 2.98
N TYR B 319 -42.75 -22.00 3.26
CA TYR B 319 -43.19 -20.98 2.33
C TYR B 319 -42.28 -19.77 2.26
N SER B 320 -41.68 -19.41 3.40
CA SER B 320 -40.72 -18.31 3.41
C SER B 320 -39.55 -18.51 2.45
N GLY B 321 -39.28 -19.77 2.06
CA GLY B 321 -38.27 -20.04 1.05
C GLY B 321 -38.78 -19.78 -0.37
N LEU B 322 -40.09 -19.55 -0.47
CA LEU B 322 -40.78 -19.45 -1.74
C LEU B 322 -41.38 -18.08 -2.00
N GLN B 323 -41.96 -17.50 -0.95
CA GLN B 323 -42.73 -16.28 -1.07
C GLN B 323 -42.42 -15.35 0.10
N GLU B 324 -42.00 -14.14 -0.26
CA GLU B 324 -41.66 -13.10 0.72
C GLU B 324 -42.96 -12.37 1.10
N PRO B 325 -43.08 -11.90 2.33
CA PRO B 325 -44.31 -11.20 2.75
C PRO B 325 -44.66 -9.98 1.86
N TRP B 326 -45.95 -9.74 1.64
CA TRP B 326 -46.40 -8.45 1.14
C TRP B 326 -46.58 -7.67 2.41
N ASP B 327 -45.53 -6.93 2.80
CA ASP B 327 -45.48 -6.38 4.14
C ASP B 327 -46.24 -5.10 4.28
N GLY B 328 -46.52 -4.76 5.53
CA GLY B 328 -47.06 -3.46 5.88
C GLY B 328 -48.34 -3.68 6.63
N PRO B 329 -48.89 -2.62 7.21
CA PRO B 329 -50.13 -2.75 7.96
C PRO B 329 -51.23 -3.39 7.10
N ALA B 330 -52.03 -4.23 7.73
CA ALA B 330 -53.15 -4.82 7.03
C ALA B 330 -54.20 -5.34 7.95
N LEU B 331 -55.42 -4.86 7.76
CA LEU B 331 -56.55 -5.69 8.08
C LEU B 331 -57.10 -6.14 6.72
N LEU B 332 -57.05 -7.45 6.49
CA LEU B 332 -57.64 -8.04 5.29
C LEU B 332 -58.98 -8.62 5.64
N VAL B 333 -60.02 -8.19 4.92
CA VAL B 333 -61.33 -8.81 5.03
C VAL B 333 -61.72 -9.39 3.66
N PHE B 334 -62.07 -10.65 3.64
CA PHE B 334 -62.28 -11.33 2.37
C PHE B 334 -63.42 -12.35 2.41
N SER B 335 -63.94 -12.61 1.23
CA SER B 335 -64.94 -13.63 1.03
C SER B 335 -64.80 -14.29 -0.30
N ASP B 336 -65.33 -15.49 -0.28
CA ASP B 336 -65.16 -16.50 -1.28
C ASP B 336 -66.52 -16.70 -1.85
N GLY B 337 -67.53 -16.43 -1.04
CA GLY B 337 -68.86 -16.99 -1.23
C GLY B 337 -69.07 -18.25 -0.42
N LYS B 338 -68.01 -18.85 0.10
CA LYS B 338 -68.13 -20.11 0.86
C LYS B 338 -67.62 -19.88 2.24
N ILE B 339 -66.65 -18.99 2.31
CA ILE B 339 -65.96 -18.67 3.54
C ILE B 339 -65.98 -17.14 3.55
N VAL B 340 -66.17 -16.56 4.73
CA VAL B 340 -65.83 -15.17 4.91
C VAL B 340 -65.00 -15.08 6.16
N GLY B 341 -63.95 -14.26 6.08
CA GLY B 341 -62.97 -14.15 7.17
C GLY B 341 -62.12 -12.90 7.12
N ALA B 342 -61.29 -12.75 8.14
CA ALA B 342 -60.38 -11.61 8.25
C ALA B 342 -59.04 -12.05 8.88
N GLY B 343 -57.99 -11.29 8.61
CA GLY B 343 -56.66 -11.65 9.04
C GLY B 343 -55.80 -10.42 9.14
N LEU B 344 -54.87 -10.38 10.10
CA LEU B 344 -54.01 -9.21 10.31
C LEU B 344 -52.59 -9.43 9.84
N ASP B 345 -51.88 -8.34 9.61
CA ASP B 345 -50.45 -8.40 9.32
C ASP B 345 -49.67 -8.92 10.53
N ARG B 346 -48.39 -9.15 10.29
CA ARG B 346 -47.52 -9.89 11.21
C ARG B 346 -47.35 -9.09 12.48
N ASN B 347 -47.54 -7.77 12.37
CA ASN B 347 -47.39 -6.88 13.52
C ASN B 347 -48.70 -6.37 14.11
N GLY B 348 -49.84 -6.69 13.47
CA GLY B 348 -51.14 -6.22 13.94
C GLY B 348 -51.32 -4.71 13.90
N LEU B 349 -50.95 -4.06 12.79
CA LEU B 349 -50.88 -2.60 12.80
C LEU B 349 -52.24 -1.92 12.56
N ARG B 350 -53.30 -2.68 12.34
CA ARG B 350 -54.68 -2.15 12.30
C ARG B 350 -55.54 -2.86 13.32
N PRO B 351 -56.53 -2.15 13.84
CA PRO B 351 -57.47 -2.76 14.80
C PRO B 351 -58.44 -3.68 14.10
N ALA B 352 -58.80 -4.77 14.76
CA ALA B 352 -59.87 -5.65 14.32
C ALA B 352 -60.58 -6.22 15.56
N ARG B 353 -61.86 -5.94 15.66
CA ARG B 353 -62.65 -6.21 16.84
C ARG B 353 -63.90 -6.96 16.47
N TYR B 354 -64.25 -7.95 17.25
CA TYR B 354 -65.36 -8.76 16.80
C TYR B 354 -66.33 -9.11 17.92
N CYS B 355 -67.50 -9.53 17.49
CA CYS B 355 -68.66 -9.66 18.33
C CYS B 355 -69.43 -10.91 17.91
N ILE B 356 -69.73 -11.80 18.83
CA ILE B 356 -70.45 -13.02 18.50
C ILE B 356 -71.66 -13.15 19.39
N THR B 357 -72.84 -13.38 18.79
CA THR B 357 -74.08 -13.55 19.55
C THR B 357 -74.37 -15.02 19.86
N LYS B 358 -75.40 -15.25 20.66
CA LYS B 358 -75.83 -16.60 21.02
C LYS B 358 -76.18 -17.45 19.79
N ASP B 359 -76.53 -16.79 18.68
CA ASP B 359 -76.91 -17.47 17.45
C ASP B 359 -75.76 -17.65 16.48
N ASP B 360 -74.53 -17.44 16.95
CA ASP B 360 -73.35 -17.44 16.07
C ASP B 360 -73.39 -16.29 15.03
N TYR B 361 -74.30 -15.33 15.24
CA TYR B 361 -74.28 -14.08 14.47
C TYR B 361 -72.97 -13.37 14.82
N ILE B 362 -72.29 -12.86 13.81
CA ILE B 362 -70.95 -12.32 14.04
C ILE B 362 -70.78 -11.00 13.31
N VAL B 363 -70.17 -10.05 14.03
CA VAL B 363 -69.76 -8.78 13.48
C VAL B 363 -68.28 -8.56 13.77
N LEU B 364 -67.56 -8.18 12.72
CA LEU B 364 -66.17 -7.78 12.78
C LEU B 364 -65.96 -6.46 12.04
N GLY B 365 -65.05 -5.65 12.57
CA GLY B 365 -64.72 -4.39 11.99
C GLY B 365 -63.56 -3.67 12.63
N SER B 366 -63.14 -2.59 11.96
CA SER B 366 -62.15 -1.66 12.51
C SER B 366 -62.55 -1.14 13.88
N GLU B 367 -63.84 -0.90 14.08
CA GLU B 367 -64.28 -0.36 15.36
C GLU B 367 -65.37 -1.20 15.98
N ALA B 368 -65.46 -1.15 17.30
CA ALA B 368 -66.28 -2.09 18.03
C ALA B 368 -67.76 -1.74 18.07
N GLY B 369 -68.14 -0.54 18.47
CA GLY B 369 -69.56 -0.31 18.66
C GLY B 369 -70.50 -0.14 17.46
N VAL B 370 -70.25 -0.84 16.36
CA VAL B 370 -70.75 -0.42 15.05
C VAL B 370 -72.15 -0.94 14.56
N VAL B 371 -72.53 -2.16 14.90
CA VAL B 371 -73.88 -2.66 14.61
C VAL B 371 -74.58 -2.74 15.96
N ASP B 372 -75.81 -2.27 16.11
CA ASP B 372 -76.37 -2.43 17.44
C ASP B 372 -77.20 -3.68 17.59
N LEU B 373 -76.60 -4.63 18.30
CA LEU B 373 -77.21 -5.91 18.63
C LEU B 373 -77.72 -5.82 20.09
N PRO B 374 -78.82 -6.48 20.42
CA PRO B 374 -79.24 -6.54 21.84
C PRO B 374 -78.06 -7.10 22.65
N GLU B 375 -77.57 -6.34 23.63
CA GLU B 375 -76.34 -6.66 24.37
C GLU B 375 -76.43 -7.97 25.17
N VAL B 376 -77.64 -8.29 25.61
CA VAL B 376 -77.90 -9.55 26.33
C VAL B 376 -77.57 -10.80 25.49
N ASP B 377 -77.66 -10.65 24.16
CA ASP B 377 -77.37 -11.72 23.20
C ASP B 377 -75.88 -11.98 23.04
N ILE B 378 -75.04 -11.01 23.42
CA ILE B 378 -73.62 -11.06 23.06
C ILE B 378 -72.92 -12.03 23.94
N VAL B 379 -72.24 -12.96 23.30
CA VAL B 379 -71.74 -14.12 24.00
C VAL B 379 -70.21 -14.04 24.02
N GLU B 380 -69.65 -13.22 23.13
CA GLU B 380 -68.21 -12.99 23.06
C GLU B 380 -67.85 -11.65 22.42
N LYS B 381 -66.98 -10.90 23.08
CA LYS B 381 -66.33 -9.73 22.48
C LYS B 381 -64.82 -9.98 22.38
N GLY B 382 -64.32 -10.03 21.15
CA GLY B 382 -62.95 -10.43 20.92
C GLY B 382 -62.19 -9.48 20.02
N ARG B 383 -61.02 -9.93 19.61
CA ARG B 383 -60.18 -9.14 18.73
C ARG B 383 -59.22 -10.01 17.95
N LEU B 384 -58.63 -9.45 16.91
CA LEU B 384 -57.50 -10.10 16.27
C LEU B 384 -56.19 -9.63 16.91
N ALA B 385 -55.32 -10.57 17.23
CA ALA B 385 -53.98 -10.23 17.64
C ALA B 385 -53.02 -10.36 16.43
N PRO B 386 -51.76 -9.94 16.58
CA PRO B 386 -50.85 -9.93 15.42
C PRO B 386 -50.83 -11.24 14.65
N GLY B 387 -51.14 -11.19 13.35
CA GLY B 387 -51.10 -12.34 12.44
C GLY B 387 -52.26 -13.32 12.50
N GLN B 388 -53.23 -12.99 13.32
CA GLN B 388 -54.34 -13.87 13.60
C GLN B 388 -55.40 -13.76 12.55
N MET B 389 -56.17 -14.86 12.42
CA MET B 389 -57.31 -14.91 11.48
C MET B 389 -58.56 -15.36 12.23
N ILE B 390 -59.71 -15.16 11.59
CA ILE B 390 -60.97 -15.69 12.07
C ILE B 390 -61.84 -15.85 10.82
N ALA B 391 -62.76 -16.79 10.83
CA ALA B 391 -63.53 -17.07 9.62
C ALA B 391 -64.87 -17.73 9.90
N VAL B 392 -65.79 -17.53 8.98
CA VAL B 392 -67.07 -18.20 9.00
C VAL B 392 -67.19 -19.13 7.77
N ASP B 393 -67.50 -20.40 8.02
CA ASP B 393 -67.87 -21.34 6.95
C ASP B 393 -69.37 -21.13 6.75
N LEU B 394 -69.78 -20.72 5.55
CA LEU B 394 -71.18 -20.42 5.31
C LEU B 394 -72.03 -21.67 5.15
N ALA B 395 -71.58 -22.58 4.29
CA ALA B 395 -72.24 -23.89 4.13
C ALA B 395 -72.40 -24.57 5.49
N GLU B 396 -71.28 -24.81 6.17
CA GLU B 396 -71.26 -25.55 7.44
C GLU B 396 -71.86 -24.78 8.65
N GLN B 397 -72.00 -23.44 8.53
CA GLN B 397 -72.52 -22.57 9.61
C GLN B 397 -71.71 -22.59 10.93
N LYS B 398 -70.41 -22.36 10.80
CA LYS B 398 -69.48 -22.51 11.90
C LYS B 398 -68.52 -21.36 11.88
N ILE B 399 -68.11 -20.91 13.05
CA ILE B 399 -67.04 -19.91 13.23
C ILE B 399 -65.73 -20.63 13.48
N LEU B 400 -64.76 -20.45 12.59
CA LEU B 400 -63.44 -21.04 12.75
C LEU B 400 -62.45 -20.03 13.41
N LYS B 401 -61.86 -20.41 14.55
CA LYS B 401 -60.87 -19.56 15.20
C LYS B 401 -59.47 -19.78 14.65
N ASN B 402 -58.55 -18.88 14.98
CA ASN B 402 -57.19 -18.80 14.44
C ASN B 402 -56.44 -20.12 14.27
N TYR B 403 -56.27 -20.87 15.35
CA TYR B 403 -55.42 -22.07 15.31
C TYR B 403 -56.01 -23.27 14.55
N GLN B 404 -57.33 -23.44 14.59
CA GLN B 404 -57.96 -24.45 13.74
C GLN B 404 -57.78 -24.12 12.27
N ILE B 405 -58.01 -22.85 11.91
CA ILE B 405 -57.88 -22.42 10.53
C ILE B 405 -56.48 -22.70 10.02
N LYS B 406 -55.49 -22.30 10.78
CA LYS B 406 -54.11 -22.43 10.31
C LYS B 406 -53.62 -23.87 10.25
N GLN B 407 -53.99 -24.69 11.24
CA GLN B 407 -53.58 -26.09 11.31
C GLN B 407 -54.15 -26.88 10.15
N GLN B 408 -55.37 -26.53 9.76
CA GLN B 408 -56.05 -27.23 8.72
C GLN B 408 -55.31 -27.05 7.41
N ALA B 409 -54.82 -25.83 7.17
CA ALA B 409 -54.00 -25.58 5.99
C ALA B 409 -52.63 -26.27 6.07
N ALA B 410 -52.08 -26.30 7.28
CA ALA B 410 -50.67 -26.66 7.47
C ALA B 410 -50.43 -28.16 7.34
N GLN B 411 -51.47 -28.93 7.64
CA GLN B 411 -51.38 -30.39 7.69
C GLN B 411 -51.69 -31.08 6.37
N LYS B 412 -51.83 -30.28 5.33
CA LYS B 412 -52.19 -30.75 4.01
C LYS B 412 -51.04 -31.42 3.28
N TYR B 413 -49.84 -31.23 3.85
CA TYR B 413 -48.58 -31.71 3.30
C TYR B 413 -47.55 -31.94 4.37
N PRO B 414 -46.65 -32.89 4.16
CA PRO B 414 -45.54 -33.08 5.10
C PRO B 414 -44.40 -32.09 4.85
N TYR B 415 -44.73 -30.81 4.99
CA TYR B 415 -43.76 -29.71 4.92
C TYR B 415 -42.46 -29.92 5.73
N GLY B 416 -42.59 -30.30 7.00
CA GLY B 416 -41.41 -30.64 7.79
C GLY B 416 -40.50 -31.67 7.11
N GLU B 417 -41.08 -32.80 6.71
CA GLU B 417 -40.36 -33.84 5.99
C GLU B 417 -39.64 -33.25 4.77
N TRP B 418 -40.31 -32.37 4.02
CA TRP B 418 -39.65 -31.83 2.84
C TRP B 418 -38.35 -31.08 3.13
N ILE B 419 -38.41 -30.06 3.99
CA ILE B 419 -37.23 -29.31 4.46
C ILE B 419 -36.09 -30.17 5.02
N LYS B 420 -36.44 -31.17 5.83
CA LYS B 420 -35.45 -32.07 6.47
C LYS B 420 -34.56 -32.79 5.45
N ILE B 421 -35.20 -33.25 4.38
CA ILE B 421 -34.53 -34.00 3.31
C ILE B 421 -33.91 -33.07 2.25
N GLN B 422 -34.61 -32.01 1.86
CA GLN B 422 -34.20 -31.18 0.73
C GLN B 422 -33.35 -29.94 1.01
N ARG B 423 -33.45 -29.37 2.21
CA ARG B 423 -32.82 -28.06 2.52
C ARG B 423 -31.40 -28.19 3.06
N GLN B 424 -30.47 -27.48 2.45
CA GLN B 424 -29.14 -27.41 3.02
C GLN B 424 -28.98 -26.09 3.78
N THR B 425 -28.53 -26.19 5.02
CA THR B 425 -28.24 -25.02 5.86
C THR B 425 -26.74 -24.68 5.85
N VAL B 426 -26.41 -23.43 5.55
CA VAL B 426 -25.04 -22.92 5.56
C VAL B 426 -24.83 -21.78 6.58
N ALA B 427 -24.18 -22.11 7.69
CA ALA B 427 -23.87 -21.14 8.72
C ALA B 427 -22.59 -21.57 9.43
N SER B 428 -21.69 -20.62 9.67
CA SER B 428 -20.50 -20.87 10.49
C SER B 428 -20.33 -19.83 11.60
N ASP B 429 -20.07 -20.31 12.81
CA ASP B 429 -19.82 -19.40 13.91
C ASP B 429 -18.37 -18.90 13.90
N SER B 430 -17.50 -19.66 13.24
CA SER B 430 -16.07 -19.41 13.23
C SER B 430 -15.70 -18.68 11.96
N PHE B 431 -14.67 -17.85 12.04
CA PHE B 431 -14.20 -17.13 10.88
C PHE B 431 -12.89 -17.73 10.40
N ALA B 432 -12.40 -17.28 9.25
CA ALA B 432 -11.03 -17.54 8.87
C ALA B 432 -10.15 -16.50 9.53
N GLU B 433 -9.39 -16.94 10.55
CA GLU B 433 -8.42 -16.12 11.29
C GLU B 433 -7.19 -15.74 10.44
N LYS B 434 -6.76 -16.67 9.58
CA LYS B 434 -5.60 -16.47 8.70
C LYS B 434 -5.92 -15.41 7.68
N THR B 435 -4.94 -14.57 7.35
CA THR B 435 -5.17 -13.50 6.38
C THR B 435 -5.32 -13.98 4.93
N LEU B 436 -5.77 -13.07 4.07
CA LEU B 436 -5.89 -13.35 2.64
C LEU B 436 -4.63 -12.90 1.95
N PHE B 437 -4.13 -11.73 2.39
CA PHE B 437 -2.87 -11.16 1.89
C PHE B 437 -1.79 -11.26 2.95
N ASN B 438 -0.54 -11.28 2.52
CA ASN B 438 0.53 -11.47 3.48
C ASN B 438 1.29 -10.19 3.74
N ASP B 439 1.48 -9.39 2.69
CA ASP B 439 2.34 -8.20 2.77
C ASP B 439 1.54 -6.94 3.10
N ALA B 440 2.22 -5.96 3.71
CA ALA B 440 1.57 -4.73 4.21
C ALA B 440 0.94 -3.92 3.10
N GLN B 441 1.76 -3.49 2.15
CA GLN B 441 1.32 -2.58 1.07
C GLN B 441 0.22 -3.15 0.15
N THR B 442 0.11 -4.48 0.10
CA THR B 442 -0.97 -5.13 -0.65
C THR B 442 -2.38 -4.74 -0.13
N VAL B 443 -2.59 -4.74 1.19
CA VAL B 443 -3.90 -4.43 1.75
C VAL B 443 -4.28 -2.97 1.48
N LEU B 444 -3.31 -2.10 1.72
CA LEU B 444 -3.44 -0.67 1.57
C LEU B 444 -3.80 -0.31 0.11
N GLN B 445 -3.07 -0.87 -0.85
CA GLN B 445 -3.31 -0.65 -2.28
C GLN B 445 -4.67 -1.15 -2.77
N GLN B 446 -5.08 -2.34 -2.33
CA GLN B 446 -6.43 -2.83 -2.61
C GLN B 446 -7.49 -1.89 -2.02
N GLN B 447 -7.29 -1.47 -0.77
CA GLN B 447 -8.26 -0.58 -0.14
C GLN B 447 -8.42 0.71 -0.95
N ALA B 448 -7.30 1.25 -1.40
CA ALA B 448 -7.28 2.49 -2.15
C ALA B 448 -7.98 2.36 -3.50
N ALA B 449 -7.74 1.22 -4.15
CA ALA B 449 -8.33 0.89 -5.45
C ALA B 449 -9.83 0.67 -5.37
N PHE B 450 -10.30 0.04 -4.30
CA PHE B 450 -11.75 -0.14 -4.13
C PHE B 450 -12.50 1.00 -3.41
N GLY B 451 -11.82 2.12 -3.19
CA GLY B 451 -12.48 3.31 -2.69
C GLY B 451 -12.54 3.48 -1.18
N TYR B 452 -11.78 2.68 -0.44
CA TYR B 452 -11.68 2.88 0.98
C TYR B 452 -10.94 4.18 1.25
N THR B 453 -11.44 4.93 2.22
CA THR B 453 -10.83 6.19 2.66
C THR B 453 -10.31 6.02 4.11
N ALA B 454 -9.43 6.90 4.56
CA ALA B 454 -9.02 6.87 5.96
C ALA B 454 -10.20 6.82 6.97
N GLU B 455 -11.19 7.70 6.83
CA GLU B 455 -12.37 7.69 7.71
C GLU B 455 -13.27 6.45 7.58
N ASP B 456 -13.23 5.81 6.41
CA ASP B 456 -13.94 4.55 6.23
C ASP B 456 -13.46 3.44 7.16
N VAL B 457 -12.15 3.32 7.31
CA VAL B 457 -11.65 2.33 8.25
C VAL B 457 -11.63 2.85 9.68
N GLU B 458 -11.20 4.09 9.88
CA GLU B 458 -11.02 4.65 11.22
C GLU B 458 -12.34 4.93 11.92
N MET B 459 -13.28 5.52 11.19
CA MET B 459 -14.57 5.95 11.76
C MET B 459 -15.72 4.97 11.62
N VAL B 460 -15.64 4.06 10.63
CA VAL B 460 -16.74 3.12 10.37
C VAL B 460 -16.38 1.65 10.70
N VAL B 461 -15.41 1.10 9.96
CA VAL B 461 -15.06 -0.30 10.11
C VAL B 461 -14.50 -0.61 11.51
N VAL B 462 -13.57 0.23 11.96
CA VAL B 462 -12.93 0.07 13.28
C VAL B 462 -13.92 0.07 14.45
N PRO B 463 -14.79 1.07 14.58
CA PRO B 463 -15.78 1.06 15.67
C PRO B 463 -16.71 -0.16 15.58
N MET B 464 -17.04 -0.56 14.36
CA MET B 464 -17.90 -1.73 14.16
C MET B 464 -17.22 -2.99 14.65
N ALA B 465 -15.93 -3.09 14.35
CA ALA B 465 -15.18 -4.25 14.76
C ALA B 465 -14.89 -4.21 16.25
N SER B 466 -14.57 -3.03 16.79
CA SER B 466 -14.12 -2.96 18.18
C SER B 466 -15.25 -2.94 19.18
N GLN B 467 -16.38 -2.35 18.81
CA GLN B 467 -17.51 -2.23 19.73
C GLN B 467 -18.72 -3.14 19.42
N GLY B 468 -18.78 -3.67 18.20
CA GLY B 468 -19.95 -4.41 17.77
C GLY B 468 -21.21 -3.61 17.47
N LYS B 469 -21.07 -2.32 17.20
CA LYS B 469 -22.19 -1.52 16.68
C LYS B 469 -21.70 -0.43 15.73
N GLU B 470 -22.54 -0.07 14.78
CA GLU B 470 -22.24 1.06 13.89
C GLU B 470 -22.09 2.37 14.70
N PRO B 471 -21.22 3.26 14.25
CA PRO B 471 -20.91 4.47 15.03
C PRO B 471 -22.06 5.48 15.13
N THR B 472 -22.02 6.22 16.24
CA THR B 472 -22.94 7.30 16.52
C THR B 472 -22.19 8.59 16.29
N PHE B 473 -22.90 9.58 15.73
CA PHE B 473 -22.36 10.93 15.60
C PHE B 473 -23.35 12.01 16.02
N CYS B 474 -23.11 13.24 15.54
CA CYS B 474 -24.03 14.37 15.71
C CYS B 474 -23.97 15.40 14.57
N MET B 475 -24.87 16.38 14.64
CA MET B 475 -25.04 17.45 13.64
C MET B 475 -25.41 16.89 12.29
N GLY B 476 -25.61 17.76 11.30
CA GLY B 476 -26.16 17.31 10.03
C GLY B 476 -25.14 16.94 8.97
N ASP B 477 -25.59 16.39 7.84
CA ASP B 477 -24.72 16.26 6.68
C ASP B 477 -24.55 17.58 5.94
N ASP B 478 -23.34 18.05 6.10
CA ASP B 478 -22.89 19.42 6.07
C ASP B 478 -22.12 19.54 4.80
N THR B 479 -21.93 18.40 4.14
CA THR B 479 -21.10 18.28 2.93
C THR B 479 -21.94 18.22 1.66
N PRO B 480 -21.31 18.42 0.50
CA PRO B 480 -22.02 18.35 -0.77
C PRO B 480 -22.64 17.00 -0.98
N LEU B 481 -23.77 16.96 -1.68
CA LEU B 481 -24.27 15.73 -2.28
C LEU B 481 -23.16 15.08 -3.12
N ALA B 482 -23.03 13.77 -3.04
CA ALA B 482 -22.12 12.99 -3.90
C ALA B 482 -21.96 13.53 -5.32
N VAL B 483 -23.07 13.82 -5.99
CA VAL B 483 -23.01 14.32 -7.37
C VAL B 483 -22.45 15.75 -7.45
N LEU B 484 -22.55 16.53 -6.39
CA LEU B 484 -22.05 17.91 -6.45
C LEU B 484 -20.58 18.04 -6.04
N SER B 485 -20.10 17.04 -5.29
CA SER B 485 -18.75 17.00 -4.74
C SER B 485 -17.62 17.00 -5.78
N HIS B 486 -16.49 17.59 -5.39
CA HIS B 486 -15.27 17.47 -6.18
C HIS B 486 -14.42 16.30 -5.68
N LYS B 487 -14.78 15.75 -4.53
CA LYS B 487 -14.06 14.61 -3.97
C LYS B 487 -14.66 13.28 -4.46
N PRO B 488 -13.81 12.29 -4.75
CA PRO B 488 -14.26 10.97 -5.23
C PRO B 488 -15.23 10.26 -4.29
N ARG B 489 -16.26 9.66 -4.83
CA ARG B 489 -17.29 8.98 -4.05
C ARG B 489 -17.65 7.62 -4.69
N LEU B 490 -18.30 6.75 -3.91
CA LEU B 490 -18.81 5.46 -4.40
C LEU B 490 -20.25 5.51 -4.95
N LEU B 491 -20.55 4.71 -5.98
CA LEU B 491 -21.90 4.66 -6.54
C LEU B 491 -22.99 4.60 -5.44
N TYR B 492 -22.67 3.92 -4.33
CA TYR B 492 -23.55 3.82 -3.17
C TYR B 492 -24.00 5.17 -2.65
N ASP B 493 -23.09 6.13 -2.60
CA ASP B 493 -23.37 7.44 -2.02
C ASP B 493 -24.47 8.25 -2.70
N TYR B 494 -24.84 7.88 -3.92
CA TYR B 494 -25.89 8.54 -4.66
C TYR B 494 -27.25 7.93 -4.36
N PHE B 495 -27.25 6.88 -3.54
CA PHE B 495 -28.49 6.26 -3.11
C PHE B 495 -28.87 6.68 -1.71
N LYS B 496 -30.05 7.29 -1.57
CA LYS B 496 -30.58 7.61 -0.25
C LYS B 496 -31.66 6.61 0.06
N GLN B 497 -31.66 6.09 1.29
CA GLN B 497 -32.71 5.23 1.80
C GLN B 497 -34.03 5.92 1.94
N ARG B 498 -35.12 5.23 1.58
CA ARG B 498 -36.47 5.72 1.87
C ARG B 498 -36.94 5.19 3.24
N PHE B 499 -38.03 5.73 3.78
CA PHE B 499 -38.41 5.39 5.15
C PHE B 499 -39.89 5.68 5.21
N ALA B 500 -40.59 5.12 6.20
CA ALA B 500 -42.02 5.33 6.47
C ALA B 500 -42.33 6.62 7.23
N GLN B 501 -43.42 7.29 6.86
CA GLN B 501 -43.93 8.41 7.66
C GLN B 501 -45.41 8.59 7.30
N VAL B 502 -46.27 8.69 8.33
CA VAL B 502 -47.72 8.88 8.18
C VAL B 502 -48.57 7.73 7.56
N THR B 503 -48.40 7.40 6.28
CA THR B 503 -49.20 6.37 5.60
C THR B 503 -48.94 4.92 6.10
N ASN B 504 -47.76 4.69 6.69
CA ASN B 504 -47.38 3.43 7.31
C ASN B 504 -46.21 3.74 8.24
N PRO B 505 -46.14 3.05 9.37
CA PRO B 505 -45.17 3.36 10.40
C PRO B 505 -43.85 2.63 10.28
N PRO B 506 -42.81 3.24 10.84
CA PRO B 506 -41.57 2.49 11.11
C PRO B 506 -41.84 1.35 12.11
N ILE B 507 -41.03 0.30 12.16
CA ILE B 507 -41.10 -0.57 13.34
C ILE B 507 -39.84 -0.43 14.21
N ASP B 508 -39.92 -0.83 15.48
CA ASP B 508 -38.78 -0.77 16.39
C ASP B 508 -37.87 -1.99 16.25
N PRO B 509 -36.64 -1.77 15.73
CA PRO B 509 -35.67 -2.84 15.43
C PRO B 509 -35.00 -3.47 16.64
N LEU B 510 -35.22 -2.88 17.80
CA LEU B 510 -34.61 -3.33 19.04
C LEU B 510 -35.63 -3.98 19.97
N ARG B 511 -36.64 -3.23 20.41
CA ARG B 511 -37.72 -3.73 21.25
C ARG B 511 -38.59 -4.76 20.56
N GLU B 512 -38.69 -4.70 19.22
CA GLU B 512 -39.55 -5.59 18.46
C GLU B 512 -38.80 -6.40 17.39
N ASN B 513 -37.52 -6.64 17.65
CA ASN B 513 -36.67 -7.53 16.85
C ASN B 513 -37.22 -8.95 16.63
N LEU B 514 -38.02 -9.47 17.56
CA LEU B 514 -38.42 -10.88 17.53
C LEU B 514 -39.24 -11.21 16.29
N VAL B 515 -39.70 -10.14 15.67
CA VAL B 515 -40.60 -10.17 14.54
C VAL B 515 -39.84 -10.12 13.23
N MET B 516 -38.53 -9.89 13.30
CA MET B 516 -37.67 -9.70 12.13
C MET B 516 -36.74 -10.88 11.81
N SER B 517 -36.27 -10.92 10.56
CA SER B 517 -35.32 -11.95 10.10
C SER B 517 -34.43 -11.41 8.98
N LEU B 518 -33.13 -11.72 9.08
CA LEU B 518 -32.19 -11.53 7.99
C LEU B 518 -31.99 -12.83 7.14
N ALA B 519 -32.62 -13.94 7.54
CA ALA B 519 -32.57 -15.18 6.74
C ALA B 519 -32.75 -14.97 5.22
N MET B 520 -32.01 -15.75 4.42
CA MET B 520 -32.10 -15.69 2.95
C MET B 520 -32.06 -17.10 2.30
N PHE B 521 -32.42 -17.17 1.04
CA PHE B 521 -32.64 -18.44 0.39
C PHE B 521 -32.02 -18.46 -0.98
N LEU B 522 -31.10 -19.40 -1.19
CA LEU B 522 -30.28 -19.44 -2.39
C LEU B 522 -30.80 -20.45 -3.40
N GLY B 523 -30.78 -20.07 -4.66
CA GLY B 523 -31.11 -20.97 -5.74
C GLY B 523 -32.42 -20.69 -6.45
N LYS B 524 -33.04 -21.76 -6.95
CA LYS B 524 -34.28 -21.71 -7.69
C LYS B 524 -35.42 -21.39 -6.74
N ARG B 525 -36.17 -20.34 -7.06
CA ARG B 525 -37.45 -20.10 -6.40
C ARG B 525 -38.47 -21.04 -7.00
N GLY B 526 -39.11 -21.86 -6.18
CA GLY B 526 -39.99 -22.91 -6.67
C GLY B 526 -41.39 -22.49 -7.05
N ASN B 527 -42.11 -23.44 -7.64
CA ASN B 527 -43.53 -23.31 -7.94
C ASN B 527 -44.38 -22.85 -6.74
N LEU B 528 -44.95 -21.66 -6.85
CA LEU B 528 -45.81 -21.13 -5.80
C LEU B 528 -47.20 -21.77 -5.76
N LEU B 529 -47.74 -22.12 -6.92
CA LEU B 529 -49.10 -22.65 -6.98
C LEU B 529 -49.21 -24.14 -6.63
N GLU B 530 -48.11 -24.89 -6.61
CA GLU B 530 -48.23 -26.33 -6.39
C GLU B 530 -47.10 -26.81 -5.50
N PRO B 531 -47.43 -27.12 -4.25
CA PRO B 531 -46.41 -27.54 -3.29
C PRO B 531 -45.77 -28.88 -3.66
N LYS B 532 -44.45 -28.87 -3.73
CA LYS B 532 -43.63 -30.03 -4.12
C LYS B 532 -42.30 -30.06 -3.37
N ALA B 533 -41.88 -31.23 -2.93
CA ALA B 533 -40.62 -31.40 -2.22
C ALA B 533 -39.45 -30.65 -2.83
N GLU B 534 -39.29 -30.73 -4.16
CA GLU B 534 -38.20 -30.03 -4.89
C GLU B 534 -38.08 -28.53 -4.61
N SER B 535 -39.21 -27.84 -4.47
CA SER B 535 -39.22 -26.43 -4.14
C SER B 535 -38.43 -26.16 -2.85
N ALA B 536 -38.31 -27.19 -1.98
CA ALA B 536 -37.55 -27.01 -0.72
C ALA B 536 -36.04 -27.21 -0.90
N ARG B 537 -35.61 -27.81 -2.01
CA ARG B 537 -34.18 -28.01 -2.27
C ARG B 537 -33.51 -26.66 -2.54
N THR B 538 -33.01 -26.06 -1.47
CA THR B 538 -32.47 -24.72 -1.47
C THR B 538 -31.30 -24.66 -0.48
N ILE B 539 -30.48 -23.62 -0.61
CA ILE B 539 -29.54 -23.29 0.47
C ILE B 539 -30.06 -22.12 1.28
N LYS B 540 -30.34 -22.39 2.55
CA LYS B 540 -30.74 -21.35 3.51
C LYS B 540 -29.50 -20.79 4.21
N LEU B 541 -29.46 -19.46 4.34
CA LEU B 541 -28.45 -18.70 5.09
C LEU B 541 -29.11 -17.96 6.27
N ARG B 542 -28.47 -17.94 7.43
CA ARG B 542 -29.06 -17.23 8.59
C ARG B 542 -28.84 -15.71 8.61
N SER B 543 -27.85 -15.26 7.82
CA SER B 543 -27.57 -13.85 7.51
C SER B 543 -27.06 -13.68 6.06
N PRO B 544 -27.29 -12.51 5.48
CA PRO B 544 -26.79 -12.21 4.13
C PRO B 544 -25.27 -12.01 4.07
N LEU B 545 -24.62 -11.90 5.23
CA LEU B 545 -23.19 -11.71 5.26
C LEU B 545 -22.53 -13.06 5.36
N VAL B 546 -21.84 -13.45 4.29
CA VAL B 546 -21.11 -14.70 4.27
C VAL B 546 -19.58 -14.50 4.43
N ASN B 547 -19.01 -15.06 5.50
CA ASN B 547 -17.56 -15.07 5.64
C ASN B 547 -16.91 -16.10 4.68
N GLU B 548 -15.58 -16.24 4.78
CA GLU B 548 -14.81 -17.07 3.86
C GLU B 548 -15.16 -18.54 4.01
N VAL B 549 -15.47 -18.96 5.25
CA VAL B 549 -15.81 -20.35 5.52
C VAL B 549 -17.18 -20.69 4.93
N GLU B 550 -18.17 -19.83 5.16
CA GLU B 550 -19.50 -20.04 4.61
C GLU B 550 -19.50 -20.02 3.08
N LEU B 551 -18.63 -19.19 2.50
CA LEU B 551 -18.58 -19.05 1.03
C LEU B 551 -18.15 -20.35 0.34
N GLN B 552 -17.16 -20.99 0.95
CA GLN B 552 -16.62 -22.26 0.49
C GLN B 552 -17.67 -23.36 0.61
N ALA B 553 -18.39 -23.39 1.73
CA ALA B 553 -19.51 -24.30 1.95
C ALA B 553 -20.61 -24.14 0.87
N ILE B 554 -20.97 -22.89 0.57
CA ILE B 554 -21.87 -22.59 -0.52
C ILE B 554 -21.34 -23.11 -1.88
N LYS B 555 -20.06 -22.85 -2.15
CA LYS B 555 -19.44 -23.37 -3.35
C LYS B 555 -19.43 -24.89 -3.33
N THR B 556 -19.14 -25.47 -2.16
CA THR B 556 -19.04 -26.92 -1.90
C THR B 556 -20.40 -27.57 -1.94
N GLY B 557 -21.44 -26.73 -2.09
CA GLY B 557 -22.82 -27.10 -1.79
C GLY B 557 -23.53 -27.99 -2.78
N GLN B 558 -24.77 -28.34 -2.43
CA GLN B 558 -25.62 -29.25 -3.21
C GLN B 558 -26.24 -28.58 -4.45
N LEU B 559 -25.90 -27.33 -4.67
CA LEU B 559 -26.37 -26.62 -5.86
C LEU B 559 -25.25 -26.33 -6.82
N GLN B 560 -25.61 -26.13 -8.09
CA GLN B 560 -24.65 -25.72 -9.11
C GLN B 560 -24.30 -24.26 -8.96
N VAL B 561 -23.01 -23.99 -9.02
CA VAL B 561 -22.47 -22.69 -8.62
C VAL B 561 -21.46 -22.23 -9.67
N ALA B 562 -21.59 -20.98 -10.10
CA ALA B 562 -20.70 -20.44 -11.11
C ALA B 562 -20.07 -19.11 -10.67
N GLU B 563 -18.78 -18.98 -10.95
CA GLU B 563 -17.99 -17.79 -10.68
C GLU B 563 -18.06 -16.85 -11.87
N VAL B 564 -18.52 -15.62 -11.66
CA VAL B 564 -18.63 -14.66 -12.75
C VAL B 564 -17.79 -13.42 -12.47
N SER B 565 -16.84 -13.12 -13.34
CA SER B 565 -15.91 -12.03 -13.13
C SER B 565 -16.51 -10.65 -13.40
N THR B 566 -16.27 -9.74 -12.46
CA THR B 566 -16.63 -8.35 -12.64
C THR B 566 -15.37 -7.55 -12.98
N LEU B 567 -14.23 -8.22 -13.06
CA LEU B 567 -13.00 -7.56 -13.51
C LEU B 567 -12.95 -7.45 -15.04
N TYR B 568 -12.25 -6.45 -15.56
CA TYR B 568 -11.99 -6.31 -17.00
C TYR B 568 -10.68 -5.56 -17.31
N ASP B 569 -10.03 -5.93 -18.42
CA ASP B 569 -8.73 -5.35 -18.81
C ASP B 569 -8.79 -3.88 -19.25
N ASN B 574 -11.73 -1.78 -24.35
CA ASN B 574 -12.62 -2.04 -23.21
C ASN B 574 -13.03 -0.78 -22.44
N SER B 575 -14.27 -0.77 -21.97
CA SER B 575 -14.84 0.34 -21.23
C SER B 575 -15.95 -0.25 -20.39
N LEU B 576 -16.12 0.28 -19.20
CA LEU B 576 -17.15 -0.22 -18.27
C LEU B 576 -18.44 -0.65 -18.98
N GLU B 577 -18.94 0.18 -19.89
CA GLU B 577 -20.20 -0.08 -20.59
C GLU B 577 -20.21 -1.46 -21.28
N ASP B 578 -19.15 -1.74 -22.05
CA ASP B 578 -19.06 -3.02 -22.75
C ASP B 578 -18.55 -4.18 -21.86
N ALA B 579 -17.81 -3.83 -20.80
CA ALA B 579 -17.47 -4.78 -19.74
C ALA B 579 -18.73 -5.35 -19.09
N LEU B 580 -19.69 -4.45 -18.89
CA LEU B 580 -20.97 -4.72 -18.25
C LEU B 580 -21.88 -5.53 -19.15
N THR B 581 -21.73 -5.33 -20.46
CA THR B 581 -22.56 -6.02 -21.44
C THR B 581 -22.10 -7.46 -21.55
N ASN B 582 -20.79 -7.68 -21.47
CA ASN B 582 -20.22 -9.03 -21.43
C ASN B 582 -20.50 -9.75 -20.12
N LEU B 583 -20.73 -8.98 -19.05
CA LEU B 583 -21.11 -9.49 -17.74
C LEU B 583 -22.54 -10.01 -17.78
N VAL B 584 -23.42 -9.19 -18.33
CA VAL B 584 -24.84 -9.52 -18.41
C VAL B 584 -25.11 -10.75 -19.30
N LYS B 585 -24.39 -10.82 -20.42
CA LYS B 585 -24.49 -11.94 -21.35
C LYS B 585 -23.87 -13.18 -20.76
N THR B 586 -22.85 -13.02 -19.94
CA THR B 586 -22.25 -14.17 -19.27
C THR B 586 -23.25 -14.72 -18.26
N ALA B 587 -23.90 -13.82 -17.55
CA ALA B 587 -24.86 -14.18 -16.51
C ALA B 587 -26.05 -14.94 -17.05
N ILE B 588 -26.65 -14.39 -18.11
CA ILE B 588 -27.74 -15.04 -18.81
C ILE B 588 -27.31 -16.43 -19.30
N ALA B 589 -26.18 -16.50 -20.01
CA ALA B 589 -25.74 -17.78 -20.59
C ALA B 589 -25.40 -18.82 -19.52
N THR B 590 -24.89 -18.35 -18.38
CA THR B 590 -24.49 -19.22 -17.28
C THR B 590 -25.71 -19.86 -16.65
N VAL B 591 -26.73 -19.05 -16.41
CA VAL B 591 -27.95 -19.54 -15.81
C VAL B 591 -28.61 -20.53 -16.74
N GLN B 592 -28.64 -20.17 -18.03
CA GLN B 592 -29.23 -21.02 -19.08
C GLN B 592 -28.53 -22.37 -19.27
N ALA B 593 -27.33 -22.48 -18.70
CA ALA B 593 -26.59 -23.74 -18.70
C ALA B 593 -26.80 -24.56 -17.41
N GLY B 594 -27.47 -23.99 -16.41
CA GLY B 594 -27.85 -24.74 -15.21
C GLY B 594 -27.48 -24.14 -13.85
N ALA B 595 -26.70 -23.05 -13.86
CA ALA B 595 -26.14 -22.47 -12.62
C ALA B 595 -27.27 -21.96 -11.76
N GLU B 596 -27.25 -22.31 -10.46
CA GLU B 596 -28.34 -21.94 -9.54
C GLU B 596 -27.94 -20.81 -8.58
N ILE B 597 -26.63 -20.65 -8.43
CA ILE B 597 -26.06 -19.54 -7.71
C ILE B 597 -24.97 -18.90 -8.58
N LEU B 598 -25.06 -17.59 -8.75
CA LEU B 598 -24.03 -16.82 -9.43
C LEU B 598 -23.22 -16.10 -8.40
N VAL B 599 -21.90 -16.31 -8.40
CA VAL B 599 -21.00 -15.52 -7.54
C VAL B 599 -20.29 -14.47 -8.40
N LEU B 600 -20.72 -13.21 -8.26
CA LEU B 600 -20.07 -12.09 -8.91
C LEU B 600 -18.87 -11.58 -8.07
N THR B 601 -17.70 -12.12 -8.36
CA THR B 601 -16.44 -11.72 -7.75
C THR B 601 -15.76 -10.62 -8.49
N ASP B 602 -15.20 -9.68 -7.75
CA ASP B 602 -14.05 -8.95 -8.27
C ASP B 602 -12.69 -9.58 -7.90
N ARG B 603 -12.70 -10.85 -7.46
CA ARG B 603 -11.46 -11.59 -7.27
C ARG B 603 -11.49 -13.03 -7.90
N PRO B 604 -11.63 -13.10 -9.23
CA PRO B 604 -11.73 -14.40 -9.93
C PRO B 604 -10.43 -15.19 -9.94
N ASN B 605 -10.57 -16.51 -9.77
CA ASN B 605 -9.42 -17.41 -9.64
C ASN B 605 -8.45 -16.99 -8.54
N GLY B 606 -8.97 -16.40 -7.47
CA GLY B 606 -8.14 -15.96 -6.36
C GLY B 606 -7.24 -14.74 -6.58
N ALA B 607 -7.27 -14.16 -7.79
CA ALA B 607 -6.33 -13.09 -8.16
C ALA B 607 -6.79 -11.67 -7.84
N ILE B 608 -5.82 -10.85 -7.46
CA ILE B 608 -6.03 -9.47 -7.05
C ILE B 608 -6.20 -8.53 -8.26
N LEU B 609 -6.72 -7.32 -8.01
CA LEU B 609 -6.74 -6.25 -9.00
C LEU B 609 -5.32 -5.76 -9.27
N THR B 610 -4.98 -5.58 -10.56
CA THR B 610 -3.71 -4.96 -10.92
C THR B 610 -3.96 -3.61 -11.57
N GLU B 611 -2.88 -2.91 -11.90
CA GLU B 611 -2.99 -1.62 -12.59
C GLU B 611 -3.52 -1.72 -14.04
N ASN B 612 -3.47 -2.91 -14.64
CA ASN B 612 -3.97 -3.12 -16.00
C ASN B 612 -5.44 -3.54 -16.09
N GLN B 613 -6.13 -3.46 -14.95
CA GLN B 613 -7.51 -3.89 -14.80
C GLN B 613 -8.35 -2.82 -14.08
N SER B 614 -9.66 -2.86 -14.33
CA SER B 614 -10.64 -2.14 -13.52
C SER B 614 -11.77 -3.09 -13.13
N PHE B 615 -12.80 -2.58 -12.48
CA PHE B 615 -13.92 -3.41 -12.06
C PHE B 615 -15.23 -2.69 -12.26
N ILE B 616 -16.28 -3.50 -12.39
CA ILE B 616 -17.65 -3.01 -12.33
C ILE B 616 -18.01 -2.90 -10.84
N PRO B 617 -18.27 -1.69 -10.33
CA PRO B 617 -18.71 -1.52 -8.93
C PRO B 617 -19.90 -2.44 -8.58
N PRO B 618 -19.83 -3.13 -7.45
CA PRO B 618 -20.75 -4.24 -7.14
C PRO B 618 -22.23 -3.88 -7.28
N LEU B 619 -22.58 -2.65 -6.89
CA LEU B 619 -23.96 -2.23 -6.92
C LEU B 619 -24.45 -2.09 -8.34
N LEU B 620 -23.57 -1.61 -9.22
CA LEU B 620 -23.86 -1.54 -10.64
C LEU B 620 -23.96 -2.95 -11.21
N ALA B 621 -23.00 -3.82 -10.88
CA ALA B 621 -23.00 -5.21 -11.38
C ALA B 621 -24.27 -5.95 -10.98
N VAL B 622 -24.66 -5.86 -9.72
CA VAL B 622 -25.81 -6.65 -9.27
C VAL B 622 -27.13 -6.08 -9.79
N GLY B 623 -27.26 -4.76 -9.79
CA GLY B 623 -28.39 -4.13 -10.43
C GLY B 623 -28.55 -4.68 -11.84
N ALA B 624 -27.49 -4.59 -12.64
CA ALA B 624 -27.54 -4.98 -14.06
C ALA B 624 -27.86 -6.46 -14.34
N VAL B 625 -27.29 -7.38 -13.55
CA VAL B 625 -27.65 -8.80 -13.77
C VAL B 625 -29.08 -9.12 -13.33
N HIS B 626 -29.51 -8.54 -12.21
CA HIS B 626 -30.86 -8.67 -11.66
C HIS B 626 -31.96 -8.22 -12.67
N HIS B 627 -31.84 -7.01 -13.22
CA HIS B 627 -32.84 -6.58 -14.21
C HIS B 627 -32.67 -7.19 -15.58
N HIS B 628 -31.47 -7.66 -15.91
CA HIS B 628 -31.35 -8.39 -17.17
C HIS B 628 -31.79 -9.84 -17.08
N LEU B 629 -31.67 -10.43 -15.87
CA LEU B 629 -32.20 -11.76 -15.61
C LEU B 629 -33.71 -11.76 -15.79
N ILE B 630 -34.35 -10.73 -15.22
CA ILE B 630 -35.79 -10.50 -15.35
C ILE B 630 -36.23 -10.31 -16.80
N ARG B 631 -35.53 -9.46 -17.55
CA ARG B 631 -35.87 -9.21 -18.96
C ARG B 631 -35.68 -10.45 -19.81
N ALA B 632 -34.73 -11.29 -19.43
CA ALA B 632 -34.46 -12.55 -20.12
C ALA B 632 -35.38 -13.67 -19.62
N GLY B 633 -36.15 -13.40 -18.57
CA GLY B 633 -37.13 -14.34 -18.06
C GLY B 633 -36.50 -15.44 -17.24
N LEU B 634 -35.30 -15.21 -16.74
CA LEU B 634 -34.55 -16.23 -16.04
C LEU B 634 -34.31 -15.93 -14.56
N ARG B 635 -34.93 -14.88 -14.04
CA ARG B 635 -34.58 -14.44 -12.69
C ARG B 635 -34.86 -15.46 -11.54
N LEU B 636 -35.87 -16.31 -11.72
CA LEU B 636 -36.25 -17.34 -10.74
C LEU B 636 -35.34 -18.55 -10.75
N LYS B 637 -34.38 -18.57 -11.67
CA LYS B 637 -33.59 -19.78 -11.90
C LYS B 637 -32.32 -19.76 -11.07
N ALA B 638 -32.00 -18.59 -10.49
CA ALA B 638 -30.77 -18.38 -9.71
C ALA B 638 -30.83 -17.25 -8.69
N SER B 639 -29.99 -17.38 -7.67
CA SER B 639 -29.70 -16.29 -6.74
C SER B 639 -28.32 -15.71 -7.08
N LEU B 640 -28.11 -14.43 -6.74
CA LEU B 640 -26.85 -13.75 -6.94
C LEU B 640 -26.16 -13.58 -5.58
N ILE B 641 -24.88 -13.93 -5.51
CA ILE B 641 -24.02 -13.60 -4.39
C ILE B 641 -22.97 -12.62 -4.92
N VAL B 642 -22.78 -11.53 -4.18
CA VAL B 642 -21.72 -10.56 -4.49
C VAL B 642 -20.50 -10.84 -3.62
N ASP B 643 -19.43 -11.29 -4.27
CA ASP B 643 -18.13 -11.40 -3.65
C ASP B 643 -17.41 -10.12 -3.96
N THR B 644 -17.38 -9.16 -3.03
CA THR B 644 -16.78 -7.87 -3.39
C THR B 644 -15.91 -7.25 -2.34
N ALA B 645 -14.88 -6.55 -2.82
CA ALA B 645 -14.00 -5.72 -1.99
C ALA B 645 -14.65 -4.39 -1.62
N GLN B 646 -15.46 -3.85 -2.53
CA GLN B 646 -16.16 -2.58 -2.35
C GLN B 646 -17.50 -2.74 -1.62
N CYS B 647 -17.43 -3.18 -0.37
CA CYS B 647 -18.60 -3.24 0.50
C CYS B 647 -18.15 -3.32 1.93
N TRP B 648 -18.48 -2.34 2.75
CA TRP B 648 -18.06 -2.34 4.16
C TRP B 648 -19.09 -1.80 5.16
N SER B 649 -19.91 -0.84 4.71
CA SER B 649 -20.82 -0.18 5.64
C SER B 649 -22.23 -0.74 5.55
N THR B 650 -22.93 -0.57 6.63
CA THR B 650 -24.32 -0.95 6.73
C THR B 650 -25.20 -0.54 5.51
N HIS B 651 -24.96 0.65 4.96
CA HIS B 651 -25.64 1.17 3.78
C HIS B 651 -25.26 0.41 2.51
N HIS B 652 -23.99 0.00 2.41
CA HIS B 652 -23.48 -0.76 1.26
C HIS B 652 -24.25 -2.07 1.13
N PHE B 653 -24.45 -2.76 2.25
CA PHE B 653 -25.11 -4.04 2.24
C PHE B 653 -26.56 -3.92 1.83
N ALA B 654 -27.20 -2.89 2.36
CA ALA B 654 -28.59 -2.57 2.09
C ALA B 654 -28.85 -2.32 0.61
N CYS B 655 -27.98 -1.53 -0.03
CA CYS B 655 -28.16 -1.19 -1.44
C CYS B 655 -28.06 -2.46 -2.28
N LEU B 656 -27.09 -3.30 -1.89
CA LEU B 656 -26.83 -4.57 -2.54
C LEU B 656 -28.02 -5.55 -2.51
N VAL B 657 -28.49 -5.89 -1.30
CA VAL B 657 -29.73 -6.66 -1.17
C VAL B 657 -30.91 -5.91 -1.89
N GLY B 658 -31.01 -4.60 -1.74
CA GLY B 658 -32.09 -3.87 -2.36
C GLY B 658 -32.16 -4.05 -3.87
N TYR B 659 -30.99 -4.12 -4.51
CA TYR B 659 -30.92 -4.22 -5.95
C TYR B 659 -30.62 -5.62 -6.50
N GLY B 660 -30.99 -6.65 -5.73
CA GLY B 660 -30.99 -8.02 -6.19
C GLY B 660 -30.02 -9.05 -5.61
N ALA B 661 -29.13 -8.66 -4.70
CA ALA B 661 -28.30 -9.68 -4.06
C ALA B 661 -28.99 -10.38 -2.91
N SER B 662 -28.96 -11.72 -2.92
CA SER B 662 -29.36 -12.55 -1.76
C SER B 662 -28.29 -12.63 -0.65
N ALA B 663 -27.01 -12.61 -1.00
CA ALA B 663 -25.95 -12.63 0.01
C ALA B 663 -24.72 -11.84 -0.43
N ILE B 664 -23.81 -11.59 0.51
CA ILE B 664 -22.58 -10.86 0.22
C ILE B 664 -21.40 -11.47 0.95
N CYS B 665 -20.30 -11.67 0.25
CA CYS B 665 -19.04 -11.85 0.94
C CYS B 665 -18.21 -10.60 0.85
N PRO B 666 -18.11 -9.84 1.94
CA PRO B 666 -17.31 -8.60 2.00
C PRO B 666 -15.88 -8.97 2.35
N TYR B 667 -15.13 -9.46 1.37
CA TYR B 667 -13.83 -10.07 1.71
C TYR B 667 -12.76 -9.08 2.10
N LEU B 668 -12.75 -7.90 1.47
CA LEU B 668 -11.75 -6.87 1.80
C LEU B 668 -12.06 -6.21 3.13
N ALA B 669 -13.34 -6.15 3.47
CA ALA B 669 -13.82 -5.57 4.72
C ALA B 669 -13.39 -6.48 5.85
N LEU B 670 -13.56 -7.78 5.65
CA LEU B 670 -13.12 -8.78 6.63
C LEU B 670 -11.62 -8.75 6.80
N GLU B 671 -10.90 -8.69 5.69
CA GLU B 671 -9.44 -8.56 5.71
C GLU B 671 -9.01 -7.22 6.35
N SER B 672 -9.82 -6.16 6.14
CA SER B 672 -9.54 -4.85 6.76
C SER B 672 -9.51 -4.95 8.30
N VAL B 673 -10.52 -5.62 8.85
CA VAL B 673 -10.58 -5.94 10.27
C VAL B 673 -9.39 -6.77 10.77
N ARG B 674 -8.93 -7.75 9.99
CA ARG B 674 -7.80 -8.61 10.44
C ARG B 674 -6.52 -7.79 10.50
N GLN B 675 -6.27 -7.03 9.44
CA GLN B 675 -5.09 -6.16 9.36
C GLN B 675 -5.13 -5.01 10.37
N TRP B 676 -6.32 -4.50 10.68
CA TRP B 676 -6.46 -3.57 11.79
C TRP B 676 -6.08 -4.21 13.13
N TRP B 677 -6.58 -5.41 13.38
CA TRP B 677 -6.31 -6.09 14.65
C TRP B 677 -4.82 -6.48 14.84
N LEU B 678 -4.23 -7.16 13.85
CA LEU B 678 -2.79 -7.26 13.68
C LEU B 678 -2.31 -5.91 13.23
N ASP B 679 -1.28 -5.39 13.87
CA ASP B 679 -0.76 -4.04 13.61
C ASP B 679 -0.34 -3.59 14.97
N GLU B 680 0.93 -3.25 15.10
CA GLU B 680 1.48 -2.88 16.40
C GLU B 680 0.76 -1.67 17.01
N LYS B 681 0.38 -0.69 16.18
CA LYS B 681 -0.35 0.46 16.67
C LYS B 681 -1.55 0.00 17.50
N THR B 682 -2.41 -0.82 16.89
CA THR B 682 -3.64 -1.29 17.54
C THR B 682 -3.37 -2.14 18.78
N GLN B 683 -2.34 -2.97 18.70
CA GLN B 683 -1.99 -3.85 19.80
C GLN B 683 -1.45 -3.09 21.00
N LYS B 684 -0.68 -2.03 20.73
CA LYS B 684 -0.23 -1.10 21.76
C LYS B 684 -1.46 -0.42 22.39
N LEU B 685 -2.42 0.05 21.59
CA LEU B 685 -3.64 0.68 22.14
C LEU B 685 -4.42 -0.31 23.05
N MET B 686 -4.74 -1.48 22.53
CA MET B 686 -5.46 -2.49 23.30
C MET B 686 -4.81 -2.85 24.63
N GLU B 687 -3.50 -2.67 24.72
CA GLU B 687 -2.76 -3.01 25.92
C GLU B 687 -2.72 -1.87 26.95
N ASN B 688 -3.09 -0.67 26.53
CA ASN B 688 -3.03 0.47 27.45
C ASN B 688 -4.37 1.15 27.69
N GLY B 689 -5.43 0.72 27.00
CA GLY B 689 -6.72 1.30 27.32
C GLY B 689 -7.73 1.69 26.25
N ARG B 690 -7.52 1.36 24.97
CA ARG B 690 -8.63 1.14 24.03
C ARG B 690 -8.95 -0.35 24.26
N LEU B 691 -10.15 -0.83 23.93
CA LEU B 691 -10.61 -2.07 24.60
C LEU B 691 -9.77 -3.33 24.32
N ILE B 694 -9.91 -7.39 23.70
CA ILE B 694 -10.56 -8.06 22.55
C ILE B 694 -9.66 -8.98 21.67
N ASP B 695 -10.17 -10.17 21.31
CA ASP B 695 -9.43 -11.04 20.37
C ASP B 695 -9.92 -11.02 18.93
N LEU B 696 -9.13 -11.62 18.03
CA LEU B 696 -9.40 -11.54 16.60
C LEU B 696 -10.73 -12.16 16.10
N PRO B 697 -11.09 -13.37 16.57
CA PRO B 697 -12.42 -13.93 16.28
C PRO B 697 -13.54 -13.03 16.80
N THR B 698 -13.32 -12.35 17.93
CA THR B 698 -14.32 -11.41 18.47
C THR B 698 -14.52 -10.16 17.57
N ALA B 699 -13.42 -9.60 17.06
CA ALA B 699 -13.44 -8.39 16.23
C ALA B 699 -14.22 -8.64 14.94
N LEU B 700 -14.07 -9.85 14.41
CA LEU B 700 -14.78 -10.31 13.24
C LEU B 700 -16.26 -10.59 13.52
N LYS B 701 -16.55 -11.25 14.64
CA LYS B 701 -17.91 -11.42 15.19
C LYS B 701 -18.63 -10.08 15.39
N ASN B 702 -17.94 -9.14 16.05
CA ASN B 702 -18.43 -7.78 16.28
C ASN B 702 -18.81 -7.09 14.97
N TYR B 703 -17.88 -7.05 14.02
CA TYR B 703 -18.14 -6.53 12.68
C TYR B 703 -19.41 -7.09 12.06
N ARG B 704 -19.60 -8.40 12.20
CA ARG B 704 -20.76 -9.07 11.60
C ARG B 704 -22.05 -8.62 12.25
N GLN B 705 -22.06 -8.73 13.58
CA GLN B 705 -23.15 -8.27 14.41
C GLN B 705 -23.47 -6.79 14.17
N SER B 706 -22.49 -5.99 13.77
CA SER B 706 -22.74 -4.58 13.48
C SER B 706 -23.60 -4.47 12.23
N VAL B 707 -23.13 -5.13 11.17
CA VAL B 707 -23.84 -5.17 9.90
C VAL B 707 -25.24 -5.69 10.14
N GLU B 708 -25.35 -6.75 10.91
CA GLU B 708 -26.66 -7.33 11.15
C GLU B 708 -27.64 -6.37 11.86
N ALA B 709 -27.24 -5.79 12.98
CA ALA B 709 -28.03 -4.76 13.65
C ALA B 709 -28.31 -3.57 12.71
N GLY B 710 -27.31 -3.17 11.91
CA GLY B 710 -27.41 -2.11 10.93
C GLY B 710 -28.44 -2.39 9.85
N LEU B 711 -28.62 -3.66 9.48
CA LEU B 711 -29.62 -4.04 8.51
C LEU B 711 -31.04 -4.06 9.12
N PHE B 712 -31.14 -4.49 10.37
CA PHE B 712 -32.42 -4.45 11.05
C PHE B 712 -32.88 -3.00 11.12
N LYS B 713 -31.98 -2.09 11.45
CA LYS B 713 -32.34 -0.69 11.54
C LYS B 713 -32.87 -0.18 10.20
N ILE B 714 -32.12 -0.40 9.14
CA ILE B 714 -32.48 0.11 7.82
C ILE B 714 -33.82 -0.46 7.34
N LEU B 715 -34.06 -1.75 7.57
CA LEU B 715 -35.37 -2.31 7.17
C LEU B 715 -36.48 -1.70 8.00
N SER B 716 -36.21 -1.47 9.30
CA SER B 716 -37.18 -0.93 10.23
C SER B 716 -37.65 0.51 9.92
N LYS B 717 -36.78 1.32 9.31
CA LYS B 717 -37.17 2.67 8.87
C LYS B 717 -38.41 2.72 7.92
N MET B 718 -38.57 1.71 7.08
CA MET B 718 -39.69 1.56 6.17
C MET B 718 -40.77 0.60 6.73
N GLY B 719 -40.51 0.05 7.91
CA GLY B 719 -41.45 -0.84 8.57
C GLY B 719 -41.36 -2.27 8.12
N ILE B 720 -40.31 -2.61 7.38
CA ILE B 720 -40.19 -3.94 6.80
C ILE B 720 -39.59 -4.89 7.83
N SER B 721 -40.20 -6.07 8.00
CA SER B 721 -39.73 -7.10 8.96
C SER B 721 -38.65 -8.07 8.48
N LEU B 722 -38.83 -8.64 7.28
CA LEU B 722 -37.94 -9.65 6.73
C LEU B 722 -37.04 -9.12 5.64
N LEU B 723 -35.78 -9.48 5.67
CA LEU B 723 -34.87 -9.14 4.59
C LEU B 723 -35.35 -9.64 3.20
N ALA B 724 -36.09 -10.74 3.19
CA ALA B 724 -36.57 -11.33 1.93
C ALA B 724 -37.58 -10.41 1.23
N SER B 725 -38.29 -9.59 2.00
CA SER B 725 -39.15 -8.58 1.41
C SER B 725 -38.42 -7.32 0.92
N TYR B 726 -37.37 -6.95 1.64
CA TYR B 726 -36.44 -5.86 1.26
C TYR B 726 -35.70 -6.22 -0.04
N HIS B 727 -35.39 -7.51 -0.20
CA HIS B 727 -34.70 -8.09 -1.36
C HIS B 727 -35.25 -7.66 -2.76
N GLY B 728 -36.52 -7.80 -3.01
CA GLY B 728 -36.95 -7.21 -4.29
C GLY B 728 -36.97 -5.67 -4.33
N ALA B 729 -37.32 -5.12 -3.17
CA ALA B 729 -37.93 -3.85 -3.08
C ALA B 729 -36.82 -2.86 -3.44
N GLN B 730 -37.09 -1.64 -3.76
CA GLN B 730 -35.90 -0.86 -4.06
C GLN B 730 -36.02 0.40 -3.21
N ILE B 731 -35.98 0.17 -1.92
CA ILE B 731 -36.31 1.16 -0.93
C ILE B 731 -35.29 2.32 -0.87
N PHE B 732 -35.12 3.02 -1.99
CA PHE B 732 -34.10 4.06 -2.15
C PHE B 732 -34.53 5.07 -3.23
N GLU B 733 -34.13 6.33 -3.05
CA GLU B 733 -34.18 7.33 -4.08
C GLU B 733 -32.74 7.62 -4.53
N ALA B 734 -32.49 7.64 -5.82
CA ALA B 734 -31.18 8.03 -6.30
C ALA B 734 -31.15 9.52 -6.51
N ILE B 735 -29.97 10.12 -6.34
CA ILE B 735 -29.75 11.55 -6.57
C ILE B 735 -28.49 11.80 -7.43
N GLY B 736 -28.67 12.11 -8.70
CA GLY B 736 -27.51 12.37 -9.53
C GLY B 736 -27.23 11.30 -10.57
N LEU B 737 -28.11 10.31 -10.70
CA LEU B 737 -27.95 9.24 -11.67
C LEU B 737 -28.84 9.42 -12.89
N GLY B 738 -28.20 9.53 -14.04
CA GLY B 738 -28.89 9.78 -15.31
C GLY B 738 -29.94 8.76 -15.64
N ALA B 739 -30.80 9.10 -16.59
CA ALA B 739 -31.94 8.27 -16.99
C ALA B 739 -31.52 6.91 -17.50
N GLU B 740 -30.58 6.90 -18.47
CA GLU B 740 -30.10 5.66 -19.13
C GLU B 740 -29.53 4.67 -18.14
N LEU B 741 -28.77 5.19 -17.18
CA LEU B 741 -28.14 4.37 -16.15
C LEU B 741 -29.15 3.76 -15.17
N VAL B 742 -30.06 4.59 -14.64
CA VAL B 742 -31.19 4.10 -13.81
C VAL B 742 -31.98 3.00 -14.55
N GLU B 743 -32.30 3.20 -15.82
CA GLU B 743 -33.12 2.23 -16.50
C GLU B 743 -32.37 0.92 -16.72
N TYR B 744 -31.05 1.01 -16.83
CA TYR B 744 -30.26 -0.19 -17.14
C TYR B 744 -30.10 -1.08 -15.91
N ALA B 745 -29.72 -0.48 -14.78
CA ALA B 745 -29.35 -1.24 -13.59
C ALA B 745 -30.29 -1.04 -12.40
N PHE B 746 -31.10 0.01 -12.43
CA PHE B 746 -31.84 0.36 -11.23
C PHE B 746 -33.29 0.64 -11.58
N ALA B 747 -33.79 -0.06 -12.61
CA ALA B 747 -35.11 0.23 -13.17
C ALA B 747 -36.15 0.40 -12.07
N GLY B 748 -36.86 1.54 -12.11
CA GLY B 748 -37.95 1.81 -11.18
C GLY B 748 -37.60 2.66 -9.97
N THR B 749 -36.33 3.04 -9.85
CA THR B 749 -35.90 3.93 -8.80
C THR B 749 -36.10 5.32 -9.32
N THR B 750 -36.59 6.20 -8.45
CA THR B 750 -36.73 7.58 -8.87
C THR B 750 -35.42 8.35 -8.71
N SER B 751 -35.20 9.27 -9.63
CA SER B 751 -33.96 9.99 -9.81
C SER B 751 -34.35 11.23 -10.57
N ARG B 752 -34.55 12.31 -9.84
CA ARG B 752 -35.30 13.45 -10.36
C ARG B 752 -34.48 14.57 -11.01
N VAL B 753 -33.16 14.45 -10.92
CA VAL B 753 -32.31 15.59 -11.18
C VAL B 753 -31.24 15.17 -12.18
N GLY B 754 -31.46 13.99 -12.77
CA GLY B 754 -30.65 13.37 -13.84
C GLY B 754 -29.11 13.46 -13.98
N GLY B 755 -28.32 12.89 -13.10
CA GLY B 755 -26.89 13.11 -13.30
C GLY B 755 -26.05 12.23 -14.25
N LEU B 756 -25.41 11.21 -13.63
CA LEU B 756 -24.35 10.38 -14.20
C LEU B 756 -24.73 9.45 -15.36
N THR B 757 -23.83 9.36 -16.36
CA THR B 757 -23.89 8.35 -17.41
C THR B 757 -23.07 7.15 -16.96
N ILE B 758 -23.07 6.08 -17.74
CA ILE B 758 -22.21 4.95 -17.41
C ILE B 758 -20.72 5.31 -17.55
N ALA B 759 -20.40 6.13 -18.55
CA ALA B 759 -19.03 6.62 -18.73
C ALA B 759 -18.57 7.51 -17.57
N ASP B 760 -19.51 8.21 -16.92
CA ASP B 760 -19.21 9.03 -15.72
C ASP B 760 -18.92 8.17 -14.49
N VAL B 761 -19.50 6.99 -14.39
CA VAL B 761 -19.16 6.19 -13.23
C VAL B 761 -17.79 5.54 -13.41
N ALA B 762 -17.45 5.17 -14.65
CA ALA B 762 -16.09 4.72 -14.98
C ALA B 762 -15.02 5.75 -14.57
N GLY B 763 -15.23 7.01 -14.99
CA GLY B 763 -14.37 8.13 -14.63
C GLY B 763 -14.12 8.27 -13.14
N GLU B 764 -15.16 8.00 -12.34
CA GLU B 764 -15.08 7.97 -10.88
C GLU B 764 -14.22 6.85 -10.33
N VAL B 765 -14.47 5.61 -10.75
CA VAL B 765 -13.64 4.49 -10.29
C VAL B 765 -12.17 4.70 -10.64
N MET B 766 -11.89 5.37 -11.76
CA MET B 766 -10.53 5.60 -12.21
C MET B 766 -9.81 6.65 -11.38
N VAL B 767 -10.58 7.48 -10.67
CA VAL B 767 -9.99 8.43 -9.74
C VAL B 767 -9.42 7.61 -8.58
N PHE B 768 -10.20 6.65 -8.08
CA PHE B 768 -9.69 5.74 -7.06
C PHE B 768 -8.51 4.89 -7.57
N HIS B 769 -8.56 4.48 -8.84
CA HIS B 769 -7.45 3.78 -9.50
C HIS B 769 -6.13 4.59 -9.50
N GLY B 770 -6.21 5.90 -9.81
CA GLY B 770 -5.03 6.75 -9.86
C GLY B 770 -4.35 6.89 -8.50
N MET B 771 -5.18 6.89 -7.46
CA MET B 771 -4.72 7.03 -6.09
C MET B 771 -3.99 5.78 -5.61
N ALA B 772 -4.32 4.64 -6.21
CA ALA B 772 -3.74 3.36 -5.82
C ALA B 772 -2.51 2.96 -6.64
N PHE B 773 -2.46 3.37 -7.91
CA PHE B 773 -1.36 2.95 -8.80
C PHE B 773 -0.70 4.17 -9.46
N LYS B 778 0.90 4.54 0.60
CA LYS B 778 1.56 5.05 1.83
C LYS B 778 0.69 4.92 3.10
N LYS B 779 -0.38 5.72 3.14
CA LYS B 779 -1.48 5.57 4.10
C LYS B 779 -2.72 6.02 3.32
N LEU B 780 -3.93 5.61 3.73
CA LEU B 780 -5.12 6.00 2.95
C LEU B 780 -5.32 7.51 3.03
N GLU B 781 -5.91 8.08 1.98
CA GLU B 781 -6.12 9.52 2.01
C GLU B 781 -7.32 9.81 2.94
N ASN B 782 -7.23 10.89 3.72
CA ASN B 782 -8.34 11.34 4.58
C ASN B 782 -9.02 12.57 4.00
N PHE B 783 -10.31 12.44 3.69
CA PHE B 783 -11.09 13.60 3.25
C PHE B 783 -11.86 14.25 4.42
N GLY B 784 -12.49 15.38 4.18
CA GLY B 784 -13.13 16.07 5.28
C GLY B 784 -14.52 15.55 5.67
N PHE B 785 -14.82 14.27 5.39
CA PHE B 785 -16.22 13.82 5.31
C PHE B 785 -17.04 13.99 6.62
N VAL B 786 -16.52 13.48 7.72
CA VAL B 786 -17.24 13.47 9.00
C VAL B 786 -16.87 14.70 9.84
N ASN B 787 -15.58 15.02 9.90
CA ASN B 787 -15.12 16.24 10.54
C ASN B 787 -14.44 17.19 9.58
N TYR B 788 -14.60 18.48 9.82
CA TYR B 788 -13.88 19.47 9.02
C TYR B 788 -12.36 19.18 8.98
N ARG B 789 -11.77 19.36 7.79
CA ARG B 789 -10.30 19.31 7.56
C ARG B 789 -9.88 20.50 6.69
N PRO B 790 -8.69 21.07 6.93
CA PRO B 790 -8.17 22.12 6.05
C PRO B 790 -8.11 21.65 4.57
N GLY B 791 -7.46 20.52 4.31
CA GLY B 791 -7.48 19.99 2.95
C GLY B 791 -8.76 19.34 2.41
N GLY B 792 -9.78 19.13 3.25
CA GLY B 792 -10.83 18.16 2.97
C GLY B 792 -12.10 18.62 2.25
N GLU B 793 -13.09 17.72 2.21
CA GLU B 793 -14.44 18.03 1.71
C GLU B 793 -14.98 19.27 2.39
N TYR B 794 -15.74 20.08 1.65
CA TYR B 794 -16.34 21.30 2.20
C TYR B 794 -17.37 21.00 3.29
N HIS B 795 -17.37 21.85 4.31
CA HIS B 795 -18.38 21.83 5.35
C HIS B 795 -18.97 23.25 5.49
N MET B 796 -20.30 23.34 5.53
CA MET B 796 -20.97 24.61 5.69
C MET B 796 -20.79 25.13 7.13
N ASN B 797 -20.80 24.22 8.11
CA ASN B 797 -20.65 24.66 9.49
C ASN B 797 -19.24 24.39 10.04
N SER B 798 -18.32 25.31 9.78
CA SER B 798 -16.94 25.19 10.26
C SER B 798 -16.69 26.02 11.49
N PRO B 799 -15.76 25.60 12.34
CA PRO B 799 -15.35 26.39 13.51
C PRO B 799 -15.09 27.87 13.23
N GLU B 800 -14.40 28.22 12.15
CA GLU B 800 -14.06 29.62 11.88
C GLU B 800 -15.26 30.45 11.45
N MET B 801 -16.08 29.93 10.56
CA MET B 801 -17.34 30.58 10.24
C MET B 801 -18.14 30.87 11.53
N SER B 802 -18.35 29.86 12.36
CA SER B 802 -19.12 29.98 13.60
C SER B 802 -18.58 31.06 14.52
N LYS B 803 -17.26 31.16 14.59
CA LYS B 803 -16.60 32.07 15.49
C LYS B 803 -16.87 33.49 15.03
N SER B 804 -16.64 33.77 13.74
CA SER B 804 -16.87 35.11 13.21
C SER B 804 -18.35 35.51 13.15
N LEU B 805 -19.27 34.55 13.19
CA LEU B 805 -20.70 34.89 13.24
C LEU B 805 -21.08 35.24 14.65
N HIS B 806 -20.50 34.53 15.61
CA HIS B 806 -20.69 34.85 17.02
C HIS B 806 -20.16 36.24 17.41
N LYS B 807 -19.07 36.65 16.78
CA LYS B 807 -18.49 37.98 17.03
C LYS B 807 -19.40 39.06 16.41
N ALA B 808 -19.93 38.81 15.21
CA ALA B 808 -20.79 39.76 14.52
C ALA B 808 -22.07 40.01 15.30
N VAL B 809 -22.63 38.94 15.85
CA VAL B 809 -23.83 39.03 16.66
C VAL B 809 -23.54 39.65 18.05
N ALA B 810 -22.27 39.58 18.50
CA ALA B 810 -21.85 39.97 19.85
C ALA B 810 -21.79 41.48 20.06
N ALA B 811 -21.91 42.24 18.98
CA ALA B 811 -21.56 43.64 19.03
C ALA B 811 -22.67 44.59 18.54
N TYR B 812 -23.90 44.08 18.55
CA TYR B 812 -25.15 44.76 18.15
C TYR B 812 -25.71 44.30 16.76
N ASP B 825 -16.47 44.94 9.38
CA ASP B 825 -17.49 44.29 10.20
C ASP B 825 -17.31 42.78 10.13
N HIS B 826 -17.76 42.11 11.17
CA HIS B 826 -17.54 40.69 11.35
C HIS B 826 -18.59 39.85 10.57
N TYR B 827 -19.71 40.46 10.18
CA TYR B 827 -20.74 39.74 9.41
C TYR B 827 -20.23 39.45 8.02
N GLU B 828 -19.41 40.37 7.49
CA GLU B 828 -18.82 40.19 6.16
C GLU B 828 -18.00 38.90 6.04
N LEU B 829 -17.03 38.69 6.92
CA LEU B 829 -16.26 37.43 6.89
C LEU B 829 -17.14 36.20 6.95
N TYR B 830 -18.10 36.21 7.88
CA TYR B 830 -19.05 35.11 7.98
C TYR B 830 -19.76 34.93 6.64
N ARG B 831 -20.29 36.03 6.07
CA ARG B 831 -21.05 35.98 4.80
C ARG B 831 -20.12 35.48 3.68
N GLN B 832 -18.91 36.02 3.62
CA GLN B 832 -17.96 35.56 2.61
C GLN B 832 -17.47 34.09 2.70
N TYR B 833 -17.34 33.51 3.90
CA TYR B 833 -17.01 32.09 4.03
C TYR B 833 -18.17 31.27 3.47
N LEU B 834 -19.37 31.83 3.59
CA LEU B 834 -20.54 31.15 3.01
C LEU B 834 -20.60 31.24 1.48
N LYS B 835 -20.16 32.37 0.90
CA LYS B 835 -20.26 32.61 -0.55
C LYS B 835 -19.16 31.92 -1.36
N ASP B 836 -17.94 31.90 -0.81
CA ASP B 836 -16.80 31.25 -1.45
C ASP B 836 -16.83 29.71 -1.31
N ARG B 837 -18.00 29.18 -1.00
CA ARG B 837 -18.24 27.74 -0.94
C ARG B 837 -18.23 27.17 -2.39
N PRO B 838 -17.92 25.89 -2.53
CA PRO B 838 -18.20 25.16 -3.77
C PRO B 838 -19.63 24.64 -3.70
N VAL B 839 -20.21 24.33 -4.86
CA VAL B 839 -21.54 23.72 -4.87
C VAL B 839 -21.76 22.64 -3.75
N THR B 840 -22.83 22.79 -2.97
CA THR B 840 -23.12 21.93 -1.81
C THR B 840 -24.53 21.34 -1.76
N ALA B 841 -25.48 22.16 -2.21
CA ALA B 841 -26.90 21.84 -2.16
C ALA B 841 -27.53 22.22 -3.50
N LEU B 842 -28.68 21.64 -3.82
CA LEU B 842 -29.30 21.88 -5.14
C LEU B 842 -29.53 23.36 -5.47
N ARG B 843 -30.10 24.09 -4.50
CA ARG B 843 -30.25 25.54 -4.55
C ARG B 843 -28.98 26.31 -4.96
N ASP B 844 -27.79 25.75 -4.73
CA ASP B 844 -26.54 26.43 -5.14
C ASP B 844 -26.36 26.52 -6.65
N LEU B 845 -27.09 25.68 -7.38
CA LEU B 845 -27.06 25.65 -8.84
C LEU B 845 -28.03 26.66 -9.44
N LEU B 846 -28.88 27.23 -8.59
CA LEU B 846 -29.85 28.22 -9.02
C LEU B 846 -29.39 29.67 -8.78
N ASP B 847 -29.99 30.58 -9.55
CA ASP B 847 -29.81 32.02 -9.40
C ASP B 847 -31.14 32.72 -9.69
N PHE B 848 -31.26 34.01 -9.32
CA PHE B 848 -32.47 34.78 -9.57
C PHE B 848 -32.51 35.40 -10.94
N ASN B 849 -33.73 35.45 -11.48
CA ASN B 849 -33.99 36.07 -12.77
C ASN B 849 -35.24 36.93 -12.61
N ALA B 850 -35.04 38.16 -12.16
CA ALA B 850 -36.11 39.13 -11.90
C ALA B 850 -37.05 39.38 -13.11
N ASP B 851 -38.34 39.55 -12.84
CA ASP B 851 -39.28 40.01 -13.88
C ASP B 851 -39.72 41.47 -13.74
N GLN B 852 -39.62 42.02 -12.54
CA GLN B 852 -39.87 43.44 -12.26
C GLN B 852 -38.52 44.18 -12.37
N PRO B 853 -38.53 45.50 -12.59
CA PRO B 853 -37.38 46.34 -12.24
C PRO B 853 -37.31 46.52 -10.72
N ALA B 854 -36.13 46.80 -10.19
CA ALA B 854 -35.92 46.93 -8.74
C ALA B 854 -36.58 48.17 -8.13
N ILE B 855 -37.07 48.01 -6.91
CA ILE B 855 -37.58 49.15 -6.12
C ILE B 855 -36.61 49.56 -5.00
N SER B 856 -36.88 50.66 -4.31
CA SER B 856 -36.05 51.12 -3.20
C SER B 856 -36.27 50.32 -1.95
N LEU B 857 -35.21 50.16 -1.16
CA LEU B 857 -35.25 49.39 0.11
C LEU B 857 -36.36 49.84 1.05
N GLU B 858 -36.66 51.14 1.02
CA GLU B 858 -37.64 51.78 1.89
C GLU B 858 -39.09 51.33 1.59
N GLU B 859 -39.29 50.76 0.41
CA GLU B 859 -40.61 50.27 -0.04
C GLU B 859 -40.90 48.82 0.35
N VAL B 860 -39.88 48.10 0.78
CA VAL B 860 -40.03 46.72 1.22
C VAL B 860 -40.56 46.71 2.65
N GLU B 861 -41.39 45.71 2.96
CA GLU B 861 -41.91 45.47 4.32
C GLU B 861 -40.77 45.38 5.35
N SER B 862 -41.05 45.76 6.59
CA SER B 862 -40.02 45.88 7.63
C SER B 862 -39.54 44.55 8.18
N VAL B 863 -38.35 44.57 8.75
CA VAL B 863 -37.75 43.42 9.42
C VAL B 863 -38.76 42.74 10.38
N GLU B 864 -39.50 43.57 11.12
CA GLU B 864 -40.42 43.13 12.15
C GLU B 864 -41.51 42.26 11.55
N SER B 865 -41.84 42.55 10.29
CA SER B 865 -42.84 41.76 9.59
C SER B 865 -42.28 40.46 8.97
N ILE B 866 -41.05 40.52 8.46
CA ILE B 866 -40.38 39.33 7.91
C ILE B 866 -40.09 38.29 8.99
N VAL B 867 -39.70 38.77 10.16
CA VAL B 867 -39.24 37.92 11.27
C VAL B 867 -40.36 37.01 11.82
N LYS B 868 -41.61 37.48 11.72
CA LYS B 868 -42.78 36.73 12.16
C LYS B 868 -42.92 35.39 11.49
N ARG B 869 -42.14 35.19 10.42
CA ARG B 869 -42.12 33.94 9.65
C ARG B 869 -41.02 32.98 10.08
N PHE B 870 -40.14 33.42 10.97
CA PHE B 870 -39.02 32.58 11.38
C PHE B 870 -39.37 31.66 12.53
N CYS B 871 -38.91 30.42 12.45
CA CYS B 871 -39.04 29.45 13.53
C CYS B 871 -37.69 28.91 13.91
N THR B 872 -37.55 28.65 15.20
CA THR B 872 -36.31 28.19 15.76
C THR B 872 -36.18 26.65 15.79
N GLY B 873 -37.26 25.89 15.72
CA GLY B 873 -37.02 24.49 15.45
C GLY B 873 -36.70 23.64 16.67
N GLY B 874 -37.39 22.51 16.75
CA GLY B 874 -37.53 21.75 17.96
C GLY B 874 -36.26 21.03 18.34
N MET B 875 -35.46 21.61 19.21
CA MET B 875 -34.30 20.93 19.75
C MET B 875 -34.61 20.60 21.20
N SER B 876 -34.61 19.31 21.51
CA SER B 876 -35.04 18.84 22.83
C SER B 876 -34.27 19.54 23.94
N LEU B 877 -34.95 19.76 25.05
CA LEU B 877 -34.26 20.14 26.25
C LEU B 877 -33.17 19.12 26.70
N GLY B 878 -33.34 17.84 26.58
CA GLY B 878 -32.17 17.02 26.93
C GLY B 878 -30.90 17.19 26.05
N ALA B 879 -31.06 17.25 24.72
CA ALA B 879 -29.93 17.45 23.78
C ALA B 879 -29.23 18.79 24.03
N LEU B 880 -30.04 19.83 24.26
CA LEU B 880 -29.56 21.15 24.66
C LEU B 880 -29.58 21.38 26.17
N SER B 881 -28.66 22.19 26.69
CA SER B 881 -28.80 22.68 28.05
C SER B 881 -29.97 23.65 28.14
N ARG B 882 -30.56 23.77 29.32
CA ARG B 882 -31.65 24.73 29.55
C ARG B 882 -31.20 26.20 29.29
N GLU B 883 -29.97 26.56 29.61
CA GLU B 883 -29.44 27.87 29.22
C GLU B 883 -29.62 28.10 27.71
N ALA B 884 -29.22 27.12 26.89
CA ALA B 884 -29.22 27.27 25.44
C ALA B 884 -30.64 27.32 24.90
N HIS B 885 -31.46 26.42 25.43
CA HIS B 885 -32.83 26.25 25.01
C HIS B 885 -33.72 27.41 25.50
N GLU B 886 -33.66 27.76 26.78
CA GLU B 886 -34.42 28.91 27.29
C GLU B 886 -34.05 30.22 26.60
N THR B 887 -32.78 30.35 26.21
CA THR B 887 -32.28 31.57 25.54
C THR B 887 -32.93 31.80 24.16
N LEU B 888 -33.10 30.72 23.38
CA LEU B 888 -33.68 30.81 22.04
C LEU B 888 -35.13 31.21 22.15
N ALA B 889 -35.82 30.57 23.10
CA ALA B 889 -37.22 30.85 23.33
C ALA B 889 -37.45 32.35 23.62
N ILE B 890 -36.71 32.93 24.59
CA ILE B 890 -36.84 34.33 24.91
C ILE B 890 -36.54 35.20 23.69
N ALA B 891 -35.48 34.84 22.96
CA ALA B 891 -35.10 35.63 21.81
C ALA B 891 -36.17 35.56 20.72
N MET B 892 -36.72 34.37 20.48
CA MET B 892 -37.81 34.21 19.50
C MET B 892 -39.06 34.96 19.91
N ASN B 893 -39.38 34.92 21.20
CA ASN B 893 -40.58 35.57 21.73
C ASN B 893 -40.51 37.10 21.65
N ARG B 894 -39.33 37.69 21.89
CA ARG B 894 -39.15 39.15 21.69
C ARG B 894 -39.37 39.57 20.24
N LEU B 895 -38.97 38.70 19.31
CA LEU B 895 -39.12 38.91 17.86
C LEU B 895 -40.58 38.81 17.41
N GLY B 896 -41.40 38.12 18.19
CA GLY B 896 -42.77 37.85 17.78
C GLY B 896 -42.80 36.66 16.83
N ALA B 897 -41.77 35.82 16.91
CA ALA B 897 -41.68 34.64 16.09
C ALA B 897 -42.01 33.46 16.95
N LYS B 898 -41.33 32.35 16.71
CA LYS B 898 -41.65 31.10 17.40
C LYS B 898 -40.42 30.22 17.61
N SER B 899 -40.30 29.75 18.85
CA SER B 899 -39.36 28.70 19.20
C SER B 899 -40.22 27.47 19.41
N ASN B 900 -39.58 26.32 19.61
CA ASN B 900 -40.26 25.02 19.57
C ASN B 900 -39.58 24.22 20.64
N SER B 901 -40.36 23.67 21.55
CA SER B 901 -39.77 22.77 22.54
C SER B 901 -39.72 21.52 21.78
N GLY B 902 -38.53 20.97 21.55
CA GLY B 902 -38.45 19.68 20.87
C GLY B 902 -39.10 18.64 21.77
N GLU B 903 -38.46 17.49 21.91
CA GLU B 903 -39.18 16.32 22.44
C GLU B 903 -38.94 15.92 23.90
N GLY B 904 -38.37 16.81 24.68
CA GLY B 904 -38.15 16.53 26.09
C GLY B 904 -39.08 17.24 27.07
N GLY B 905 -40.26 17.66 26.62
CA GLY B 905 -41.23 18.33 27.46
C GLY B 905 -40.72 19.72 27.82
N GLU B 906 -41.36 20.37 28.79
CA GLU B 906 -40.96 21.73 29.12
C GLU B 906 -41.25 22.05 30.59
N ASP B 907 -40.30 22.66 31.27
CA ASP B 907 -40.49 23.06 32.67
C ASP B 907 -41.64 24.07 32.82
N VAL B 908 -42.61 23.75 33.65
CA VAL B 908 -43.81 24.55 33.86
C VAL B 908 -43.46 26.01 34.30
N VAL B 909 -42.38 26.17 35.07
CA VAL B 909 -41.94 27.48 35.50
C VAL B 909 -41.80 28.44 34.31
N ARG B 910 -41.64 27.88 33.13
CA ARG B 910 -41.49 28.66 31.91
C ARG B 910 -42.77 29.28 31.29
N TYR B 911 -43.96 28.82 31.70
CA TYR B 911 -45.22 29.30 31.12
C TYR B 911 -45.59 30.75 31.47
N LEU B 912 -45.11 31.21 32.62
CA LEU B 912 -45.44 32.52 33.11
C LEU B 912 -44.48 33.59 32.57
N THR B 913 -45.00 34.81 32.45
CA THR B 913 -44.21 35.97 32.07
C THR B 913 -43.35 36.42 33.26
N LEU B 914 -42.08 36.71 33.00
CA LEU B 914 -41.14 37.05 34.06
C LEU B 914 -41.47 38.41 34.70
N ASP B 915 -41.50 38.45 36.04
CA ASP B 915 -41.83 39.65 36.84
C ASP B 915 -40.62 40.31 37.50
N ASP B 916 -39.65 39.47 37.80
CA ASP B 916 -38.65 39.77 38.78
C ASP B 916 -37.24 40.02 38.20
N VAL B 917 -37.18 40.56 36.99
CA VAL B 917 -35.91 40.90 36.37
C VAL B 917 -35.33 42.13 37.05
N ASP B 918 -34.12 42.01 37.59
CA ASP B 918 -33.44 43.14 38.25
C ASP B 918 -32.76 44.09 37.22
N SER B 919 -32.01 45.05 37.74
CA SER B 919 -31.35 46.10 36.96
C SER B 919 -30.15 45.63 36.12
N GLU B 920 -29.70 44.40 36.38
CA GLU B 920 -28.57 43.78 35.68
C GLU B 920 -29.03 42.75 34.68
N GLY B 921 -30.33 42.57 34.58
CA GLY B 921 -30.92 41.61 33.68
C GLY B 921 -30.89 40.17 34.16
N ASN B 922 -30.90 39.97 35.49
CA ASN B 922 -31.06 38.63 36.08
C ASN B 922 -32.38 38.50 36.82
N SER B 923 -33.04 37.37 36.60
CA SER B 923 -34.26 36.99 37.30
C SER B 923 -34.00 35.77 38.20
N PRO B 924 -34.25 35.88 39.51
CA PRO B 924 -34.15 34.71 40.41
C PRO B 924 -35.06 33.52 40.04
N THR B 925 -35.99 33.70 39.10
CA THR B 925 -36.84 32.61 38.59
C THR B 925 -36.05 31.72 37.62
N LEU B 926 -35.15 32.35 36.86
CA LEU B 926 -34.32 31.69 35.86
C LEU B 926 -32.86 32.10 35.96
N PRO B 927 -32.24 31.87 37.12
CA PRO B 927 -31.02 32.60 37.52
C PRO B 927 -29.78 32.30 36.67
N HIS B 928 -29.84 31.18 35.96
CA HIS B 928 -28.77 30.73 35.10
C HIS B 928 -28.71 31.52 33.78
N LEU B 929 -29.77 32.27 33.48
CA LEU B 929 -29.81 33.09 32.27
C LEU B 929 -29.24 34.49 32.50
N HIS B 930 -28.79 35.08 31.39
CA HIS B 930 -28.27 36.45 31.43
C HIS B 930 -28.94 37.28 30.34
N GLY B 931 -28.83 38.61 30.48
CA GLY B 931 -29.36 39.56 29.51
C GLY B 931 -30.87 39.66 29.39
N LEU B 932 -31.58 39.58 30.51
CA LEU B 932 -33.05 39.59 30.46
C LEU B 932 -33.67 40.98 30.54
N GLN B 933 -34.96 41.06 30.26
CA GLN B 933 -35.75 42.28 30.45
C GLN B 933 -37.21 41.93 30.68
N ASN B 934 -37.97 42.83 31.33
CA ASN B 934 -39.22 42.46 31.99
C ASN B 934 -40.34 41.83 31.16
N GLY B 935 -40.56 42.27 29.93
CA GLY B 935 -41.55 41.60 29.09
C GLY B 935 -41.29 40.15 28.68
N ASP B 936 -40.12 39.60 29.03
CA ASP B 936 -39.64 38.31 28.46
C ASP B 936 -40.38 37.06 28.93
N THR B 937 -40.44 36.06 28.06
CA THR B 937 -40.94 34.75 28.48
C THR B 937 -40.14 33.63 27.87
N ALA B 938 -39.94 32.57 28.63
CA ALA B 938 -39.25 31.40 28.12
C ALA B 938 -40.19 30.31 27.56
N ASN B 939 -41.47 30.67 27.38
CA ASN B 939 -42.47 29.73 26.87
C ASN B 939 -42.31 29.44 25.36
N SER B 940 -42.18 28.16 25.02
CA SER B 940 -42.06 27.71 23.63
C SER B 940 -43.44 27.79 22.96
N ALA B 941 -43.56 28.67 21.97
CA ALA B 941 -44.84 28.93 21.33
C ALA B 941 -45.37 27.69 20.62
N ILE B 942 -44.46 26.88 20.05
CA ILE B 942 -44.78 25.53 19.58
C ILE B 942 -44.44 24.43 20.60
N LYS B 943 -45.41 23.61 20.96
CA LYS B 943 -45.11 22.39 21.73
C LYS B 943 -45.10 21.12 20.87
N GLN B 944 -43.96 20.43 20.80
CA GLN B 944 -43.82 19.24 19.95
C GLN B 944 -44.46 17.99 20.56
N ILE B 945 -45.09 17.15 19.74
CA ILE B 945 -45.56 15.84 20.20
C ILE B 945 -44.78 14.78 19.42
N ALA B 946 -43.95 14.03 20.14
CA ALA B 946 -43.09 13.05 19.51
C ALA B 946 -43.45 11.65 20.01
N SER B 947 -42.88 10.63 19.41
CA SER B 947 -43.19 9.22 19.74
C SER B 947 -43.02 8.86 21.20
N GLY B 948 -42.05 9.50 21.87
CA GLY B 948 -41.80 9.25 23.27
C GLY B 948 -42.89 9.82 24.16
N ARG B 949 -43.49 10.94 23.74
CA ARG B 949 -44.51 11.63 24.55
C ARG B 949 -43.93 12.05 25.90
N PHE B 950 -42.68 12.44 25.89
CA PHE B 950 -41.94 12.55 27.14
C PHE B 950 -42.52 13.50 28.19
N GLY B 951 -42.90 14.70 27.79
CA GLY B 951 -43.40 15.65 28.78
C GLY B 951 -44.74 16.15 28.35
N VAL B 952 -45.44 15.35 27.55
CA VAL B 952 -46.73 15.73 26.98
C VAL B 952 -47.89 15.59 27.97
N THR B 953 -48.03 16.67 28.71
CA THR B 953 -49.05 16.95 29.68
C THR B 953 -50.19 17.85 29.10
N PRO B 954 -51.40 17.86 29.69
CA PRO B 954 -52.46 18.77 29.22
C PRO B 954 -52.03 20.24 29.30
N GLU B 955 -51.54 20.67 30.46
CA GLU B 955 -51.03 22.03 30.68
C GLU B 955 -49.98 22.38 29.62
N TYR B 956 -49.04 21.46 29.40
CA TYR B 956 -48.03 21.55 28.33
C TYR B 956 -48.70 21.86 26.98
N LEU B 957 -49.76 21.12 26.67
CA LEU B 957 -50.45 21.29 25.39
C LEU B 957 -51.26 22.58 25.38
N MET B 958 -51.79 22.98 26.52
CA MET B 958 -52.51 24.25 26.62
C MET B 958 -51.59 25.48 26.51
N SER B 959 -50.31 25.30 26.79
CA SER B 959 -49.33 26.41 26.79
C SER B 959 -48.85 26.81 25.41
N GLY B 960 -49.02 25.95 24.42
CA GLY B 960 -48.61 26.25 23.07
C GLY B 960 -49.56 27.18 22.33
N LYS B 961 -48.99 28.07 21.51
CA LYS B 961 -49.72 28.75 20.45
C LYS B 961 -49.97 27.79 19.27
N GLN B 962 -49.09 26.78 19.16
CA GLN B 962 -49.12 25.81 18.08
C GLN B 962 -48.69 24.45 18.59
N LEU B 963 -49.18 23.40 17.92
CA LEU B 963 -48.83 22.05 18.33
C LEU B 963 -48.28 21.29 17.15
N GLU B 964 -47.06 20.75 17.31
CA GLU B 964 -46.39 20.06 16.22
C GLU B 964 -46.32 18.55 16.48
N ILE B 965 -46.78 17.74 15.53
CA ILE B 965 -46.65 16.29 15.65
C ILE B 965 -45.39 15.91 14.88
N LYS B 966 -44.38 15.40 15.56
CA LYS B 966 -43.14 15.05 14.87
C LYS B 966 -43.19 13.65 14.16
N MET B 967 -43.32 13.63 12.84
CA MET B 967 -43.24 12.33 12.17
C MET B 967 -41.77 11.88 12.06
N ALA B 968 -40.85 12.79 11.64
CA ALA B 968 -39.44 12.47 11.40
C ALA B 968 -38.53 13.68 11.40
N GLN B 969 -37.23 13.44 11.52
CA GLN B 969 -36.24 14.53 11.43
C GLN B 969 -35.17 14.18 10.41
N GLY B 970 -34.64 15.19 9.74
CA GLY B 970 -33.70 15.03 8.65
C GLY B 970 -32.48 14.20 8.91
N ALA B 971 -31.90 14.29 10.11
CA ALA B 971 -30.70 13.49 10.39
C ALA B 971 -31.00 11.99 10.36
N LYS B 972 -32.19 11.58 10.85
CA LYS B 972 -32.51 10.15 11.09
C LYS B 972 -34.01 9.79 10.90
N PRO B 973 -34.51 10.01 9.68
CA PRO B 973 -35.94 9.81 9.38
C PRO B 973 -36.56 8.43 9.76
N GLY B 974 -36.01 7.30 9.47
CA GLY B 974 -36.87 6.21 9.89
C GLY B 974 -36.85 5.77 11.37
N GLU B 975 -36.35 6.64 12.25
CA GLU B 975 -36.07 6.25 13.63
C GLU B 975 -36.70 7.15 14.65
N GLY B 976 -36.58 6.79 15.90
CA GLY B 976 -37.01 7.65 16.98
C GLY B 976 -35.88 8.52 17.50
N GLY B 977 -36.25 9.56 18.23
CA GLY B 977 -35.30 10.31 19.06
C GLY B 977 -34.34 9.41 19.85
N GLN B 978 -33.30 10.04 20.42
CA GLN B 978 -32.14 9.34 20.97
C GLN B 978 -31.42 10.32 21.92
N LEU B 979 -31.45 10.01 23.22
CA LEU B 979 -30.70 10.80 24.21
C LEU B 979 -29.90 9.83 25.06
N PRO B 980 -28.58 9.86 24.90
CA PRO B 980 -27.67 8.99 25.64
C PRO B 980 -27.77 9.20 27.14
N GLY B 981 -27.61 8.12 27.92
CA GLY B 981 -27.88 8.12 29.34
C GLY B 981 -27.00 9.07 30.11
N LYS B 982 -25.82 9.37 29.57
CA LYS B 982 -24.89 10.34 30.17
C LYS B 982 -25.58 11.68 30.39
N LYS B 983 -26.44 12.09 29.44
CA LYS B 983 -27.16 13.35 29.49
C LYS B 983 -28.53 13.32 30.18
N VAL B 984 -29.01 12.16 30.62
CA VAL B 984 -30.29 12.12 31.35
C VAL B 984 -30.07 12.40 32.84
N SER B 985 -29.75 13.63 33.19
CA SER B 985 -29.58 14.03 34.60
C SER B 985 -30.90 13.94 35.38
N GLU B 986 -30.84 14.13 36.69
CA GLU B 986 -32.03 14.17 37.53
C GLU B 986 -33.07 15.14 36.95
N TYR B 987 -32.62 16.34 36.57
CA TYR B 987 -33.49 17.38 36.03
C TYR B 987 -34.21 16.87 34.79
N ILE B 988 -33.49 16.29 33.85
CA ILE B 988 -34.11 15.78 32.62
C ILE B 988 -35.09 14.65 32.93
N ALA B 989 -34.69 13.80 33.89
CA ALA B 989 -35.50 12.68 34.35
C ALA B 989 -36.86 13.14 34.84
N MET B 990 -36.85 14.21 35.65
CA MET B 990 -38.06 14.80 36.23
C MET B 990 -39.05 15.29 35.14
N LEU B 991 -38.54 16.02 34.15
CA LEU B 991 -39.34 16.53 33.04
C LEU B 991 -40.01 15.42 32.18
N ARG B 992 -39.20 14.42 31.82
CA ARG B 992 -39.64 13.25 31.06
C ARG B 992 -40.33 12.15 31.89
N ARG B 993 -40.23 12.22 33.23
CA ARG B 993 -40.82 11.25 34.17
C ARG B 993 -40.25 9.88 33.88
N SER B 994 -38.94 9.80 34.00
CA SER B 994 -38.22 8.59 33.67
C SER B 994 -37.01 8.50 34.59
N LYS B 995 -36.13 7.53 34.33
CA LYS B 995 -35.10 7.20 35.30
C LYS B 995 -33.75 7.86 35.06
N PRO B 996 -33.23 8.49 36.09
CA PRO B 996 -31.97 9.25 36.02
C PRO B 996 -30.84 8.71 35.09
N GLY B 997 -30.19 7.58 35.28
CA GLY B 997 -29.07 7.30 34.40
C GLY B 997 -29.32 6.68 33.01
N VAL B 998 -30.58 6.61 32.61
CA VAL B 998 -31.01 5.66 31.60
C VAL B 998 -31.21 6.21 30.19
N THR B 999 -30.56 5.58 29.20
CA THR B 999 -30.63 6.01 27.80
C THR B 999 -32.07 5.93 27.31
N LEU B 1000 -32.59 7.05 26.77
CA LEU B 1000 -33.90 7.05 26.10
C LEU B 1000 -33.80 6.95 24.59
N ILE B 1001 -34.10 5.76 24.07
CA ILE B 1001 -34.31 5.57 22.66
C ILE B 1001 -35.82 5.55 22.44
N SER B 1002 -36.33 6.62 21.83
CA SER B 1002 -37.74 6.72 21.50
C SER B 1002 -38.13 5.64 20.46
N PRO B 1003 -39.33 5.07 20.59
CA PRO B 1003 -39.83 4.12 19.59
C PRO B 1003 -39.85 4.83 18.27
N PRO B 1004 -39.37 4.24 17.19
CA PRO B 1004 -39.48 4.86 15.88
C PRO B 1004 -40.89 5.35 15.46
N PRO B 1005 -41.98 4.58 15.58
CA PRO B 1005 -43.31 5.11 15.20
C PRO B 1005 -43.96 5.88 16.35
N HIS B 1006 -44.97 6.71 16.06
CA HIS B 1006 -45.98 7.00 17.07
C HIS B 1006 -46.86 5.75 17.17
N HIS B 1007 -47.08 5.25 18.37
CA HIS B 1007 -47.86 4.02 18.56
C HIS B 1007 -49.36 4.21 18.37
N ASP B 1008 -49.58 5.39 17.85
CA ASP B 1008 -50.76 6.20 17.83
C ASP B 1008 -51.15 6.40 16.36
N ILE B 1009 -50.18 6.19 15.50
CA ILE B 1009 -50.26 6.58 14.10
C ILE B 1009 -49.63 5.44 13.29
N TYR B 1010 -50.48 4.53 12.83
CA TYR B 1010 -50.09 3.44 11.94
C TYR B 1010 -50.59 3.58 10.49
N SER B 1011 -51.45 4.56 10.23
CA SER B 1011 -52.04 4.85 8.91
C SER B 1011 -52.53 6.31 8.87
N ILE B 1012 -52.97 6.77 7.68
CA ILE B 1012 -53.38 8.17 7.53
C ILE B 1012 -54.57 8.50 8.44
N GLU B 1013 -55.45 7.53 8.67
CA GLU B 1013 -56.66 7.78 9.45
C GLU B 1013 -56.40 7.96 10.95
N ASP B 1014 -55.30 7.39 11.44
CA ASP B 1014 -54.84 7.58 12.82
C ASP B 1014 -54.20 8.95 12.99
N LEU B 1015 -53.53 9.43 11.95
CA LEU B 1015 -52.91 10.75 12.07
C LEU B 1015 -54.04 11.74 12.14
N ALA B 1016 -55.10 11.49 11.38
CA ALA B 1016 -56.26 12.36 11.47
C ALA B 1016 -56.76 12.38 12.88
N GLN B 1017 -56.89 11.19 13.49
CA GLN B 1017 -57.36 11.08 14.87
C GLN B 1017 -56.51 11.86 15.91
N LEU B 1018 -55.19 11.80 15.81
CA LEU B 1018 -54.35 12.58 16.71
C LEU B 1018 -54.49 14.11 16.49
N ILE B 1019 -54.58 14.53 15.24
CA ILE B 1019 -54.82 15.93 14.93
C ILE B 1019 -56.15 16.34 15.58
N TYR B 1020 -57.16 15.49 15.43
CA TYR B 1020 -58.43 15.67 16.14
C TYR B 1020 -58.30 15.78 17.66
N ASP B 1021 -57.56 14.86 18.31
CA ASP B 1021 -57.28 14.97 19.76
C ASP B 1021 -56.62 16.31 20.13
N LEU B 1022 -55.78 16.85 19.24
CA LEU B 1022 -55.08 18.12 19.52
C LEU B 1022 -56.03 19.33 19.37
N HIS B 1023 -56.79 19.33 18.27
CA HIS B 1023 -57.89 20.26 18.09
C HIS B 1023 -58.94 20.12 19.19
N GLN B 1024 -59.02 18.95 19.83
CA GLN B 1024 -59.97 18.77 20.93
C GLN B 1024 -59.56 19.45 22.25
N ILE B 1025 -58.31 19.23 22.67
CA ILE B 1025 -57.87 19.77 23.96
C ILE B 1025 -57.66 21.28 23.86
N ASN B 1026 -57.13 21.71 22.73
CA ASN B 1026 -56.73 23.11 22.50
C ASN B 1026 -57.20 23.55 21.12
N PRO B 1027 -58.50 23.83 21.02
CA PRO B 1027 -59.13 24.29 19.77
C PRO B 1027 -58.59 25.61 19.17
N GLU B 1028 -57.92 26.46 19.93
CA GLU B 1028 -57.37 27.66 19.29
C GLU B 1028 -55.95 27.45 18.74
N ALA B 1029 -55.38 26.27 18.97
CA ALA B 1029 -54.00 26.03 18.55
C ALA B 1029 -53.87 25.31 17.17
N GLN B 1030 -52.93 25.75 16.35
CA GLN B 1030 -52.75 25.19 15.03
C GLN B 1030 -51.89 23.98 15.14
N VAL B 1031 -52.26 22.94 14.40
CA VAL B 1031 -51.58 21.66 14.48
C VAL B 1031 -50.68 21.50 13.24
N SER B 1032 -49.36 21.41 13.45
CA SER B 1032 -48.46 21.11 12.34
C SER B 1032 -48.07 19.66 12.36
N VAL B 1033 -47.77 19.14 11.16
CA VAL B 1033 -47.22 17.81 11.02
C VAL B 1033 -45.81 17.93 10.40
N LYS B 1034 -44.80 17.42 11.10
CA LYS B 1034 -43.44 17.48 10.58
C LYS B 1034 -43.03 16.22 9.77
N LEU B 1035 -42.64 16.42 8.50
CA LEU B 1035 -42.22 15.33 7.60
C LEU B 1035 -40.74 15.46 7.19
N VAL B 1036 -40.19 14.46 6.52
CA VAL B 1036 -38.86 14.63 5.96
C VAL B 1036 -38.88 14.35 4.47
N ALA B 1037 -38.16 15.15 3.70
CA ALA B 1037 -38.04 15.05 2.25
C ALA B 1037 -37.60 13.68 1.73
N GLU B 1038 -38.43 13.12 0.84
CA GLU B 1038 -38.18 11.89 0.08
C GLU B 1038 -39.25 11.81 -1.07
N ILE B 1039 -38.94 11.15 -2.17
CA ILE B 1039 -39.98 10.86 -3.15
C ILE B 1039 -41.17 10.23 -2.42
N GLY B 1040 -42.37 10.68 -2.74
CA GLY B 1040 -43.59 10.25 -2.07
C GLY B 1040 -44.13 11.17 -0.98
N ILE B 1041 -43.36 12.16 -0.53
CA ILE B 1041 -43.84 13.11 0.47
C ILE B 1041 -45.06 13.93 -0.04
N GLY B 1042 -45.14 14.21 -1.33
CA GLY B 1042 -46.20 15.07 -1.79
C GLY B 1042 -47.57 14.43 -1.60
N THR B 1043 -47.65 13.15 -1.91
CA THR B 1043 -48.82 12.31 -1.71
C THR B 1043 -49.16 12.17 -0.22
N ILE B 1044 -48.13 11.90 0.59
CA ILE B 1044 -48.31 11.94 2.03
C ILE B 1044 -48.86 13.33 2.50
N ALA B 1045 -48.32 14.43 1.99
CA ALA B 1045 -48.85 15.76 2.30
C ALA B 1045 -50.32 15.97 1.96
N ALA B 1046 -50.79 15.45 0.82
CA ALA B 1046 -52.21 15.51 0.46
C ALA B 1046 -53.09 14.83 1.51
N GLY B 1047 -52.68 13.64 1.92
CA GLY B 1047 -53.33 12.94 3.02
C GLY B 1047 -53.34 13.78 4.29
N VAL B 1048 -52.22 14.41 4.58
CA VAL B 1048 -52.09 15.23 5.80
C VAL B 1048 -53.05 16.44 5.79
N ALA B 1049 -53.05 17.18 4.68
CA ALA B 1049 -54.05 18.20 4.44
C ALA B 1049 -55.48 17.64 4.67
N LYS B 1050 -55.77 16.49 4.07
CA LYS B 1050 -57.09 15.86 4.20
C LYS B 1050 -57.40 15.41 5.62
N ALA B 1051 -56.37 15.16 6.40
CA ALA B 1051 -56.54 14.84 7.82
C ALA B 1051 -56.79 16.08 8.75
N ASN B 1052 -56.87 17.26 8.15
CA ASN B 1052 -57.18 18.50 8.87
C ASN B 1052 -56.03 19.23 9.55
N ALA B 1053 -54.79 18.93 9.16
CA ALA B 1053 -53.64 19.63 9.71
C ALA B 1053 -53.72 21.10 9.33
N ASP B 1054 -53.04 21.95 10.09
CA ASP B 1054 -52.98 23.37 9.72
C ASP B 1054 -51.71 23.71 8.93
N ILE B 1055 -50.64 22.94 9.19
CA ILE B 1055 -49.30 23.36 8.80
C ILE B 1055 -48.57 22.08 8.50
N ILE B 1056 -47.75 22.08 7.46
CA ILE B 1056 -46.89 20.95 7.22
C ILE B 1056 -45.48 21.45 7.17
N GLN B 1057 -44.62 20.95 8.07
CA GLN B 1057 -43.18 21.19 7.96
C GLN B 1057 -42.48 20.11 7.13
N ILE B 1058 -41.63 20.56 6.20
CA ILE B 1058 -40.80 19.67 5.39
C ILE B 1058 -39.32 19.86 5.80
N SER B 1059 -38.68 18.82 6.31
CA SER B 1059 -37.27 18.87 6.80
C SER B 1059 -36.29 18.16 5.87
N GLY B 1060 -35.25 18.84 5.43
CA GLY B 1060 -34.25 18.23 4.55
C GLY B 1060 -33.29 17.25 5.22
N HIS B 1061 -32.54 16.51 4.43
CA HIS B 1061 -31.62 15.41 4.89
C HIS B 1061 -30.46 16.04 5.63
N ASP B 1062 -30.37 17.32 5.34
CA ASP B 1062 -29.40 18.30 5.70
C ASP B 1062 -29.24 18.53 7.21
N GLY B 1063 -30.33 18.37 7.95
CA GLY B 1063 -30.48 19.03 9.24
C GLY B 1063 -29.72 18.42 10.39
N GLY B 1064 -29.47 19.26 11.42
CA GLY B 1064 -28.72 18.84 12.59
C GLY B 1064 -29.44 17.97 13.62
N THR B 1065 -28.68 17.50 14.62
CA THR B 1065 -29.17 16.58 15.65
C THR B 1065 -28.20 16.47 16.80
N GLY B 1066 -28.71 16.14 17.98
CA GLY B 1066 -27.88 15.93 19.15
C GLY B 1066 -27.19 14.56 19.20
N ALA B 1067 -27.75 13.59 18.47
CA ALA B 1067 -27.18 12.25 18.40
C ALA B 1067 -27.96 11.40 17.41
N SER B 1068 -27.24 10.80 16.46
CA SER B 1068 -27.81 9.94 15.44
C SER B 1068 -26.74 9.01 14.92
N PRO B 1069 -27.16 7.86 14.38
CA PRO B 1069 -26.23 7.00 13.64
C PRO B 1069 -25.58 7.78 12.49
N LEU B 1070 -24.26 7.67 12.35
CA LEU B 1070 -23.53 8.29 11.24
C LEU B 1070 -24.11 7.92 9.89
N SER B 1071 -24.48 6.65 9.75
CA SER B 1071 -25.04 6.13 8.52
C SER B 1071 -26.33 6.79 8.13
N SER B 1072 -27.11 7.20 9.12
CA SER B 1072 -28.39 7.87 8.86
C SER B 1072 -28.17 9.34 8.45
N ILE B 1073 -27.29 10.03 9.18
CA ILE B 1073 -26.84 11.38 8.85
C ILE B 1073 -26.40 11.46 7.39
N LYS B 1074 -25.74 10.42 6.87
CA LYS B 1074 -25.21 10.49 5.52
C LYS B 1074 -26.04 9.84 4.43
N HIS B 1075 -27.04 9.04 4.79
CA HIS B 1075 -27.67 8.15 3.79
C HIS B 1075 -29.22 8.09 3.80
N ALA B 1076 -29.89 8.79 4.72
CA ALA B 1076 -31.34 8.72 4.77
C ALA B 1076 -31.95 10.10 4.72
N GLY B 1077 -32.91 10.31 3.83
CA GLY B 1077 -33.53 11.62 3.66
C GLY B 1077 -33.04 12.36 2.44
N SER B 1078 -33.88 13.18 1.82
CA SER B 1078 -33.52 13.95 0.64
C SER B 1078 -33.44 15.49 0.85
N PRO B 1079 -32.87 16.25 -0.10
CA PRO B 1079 -32.89 17.72 -0.02
C PRO B 1079 -34.28 18.32 0.14
N TRP B 1080 -34.39 19.44 0.84
CA TRP B 1080 -35.70 20.01 1.03
C TRP B 1080 -36.19 20.64 -0.25
N GLU B 1081 -35.27 21.06 -1.12
CA GLU B 1081 -35.64 21.62 -2.41
C GLU B 1081 -36.54 20.66 -3.16
N LEU B 1082 -36.18 19.38 -3.10
CA LEU B 1082 -36.98 18.33 -3.70
C LEU B 1082 -38.31 18.12 -2.97
N GLY B 1083 -38.27 18.26 -1.64
CA GLY B 1083 -39.44 18.06 -0.80
C GLY B 1083 -40.46 19.18 -0.84
N VAL B 1084 -40.03 20.44 -0.64
CA VAL B 1084 -40.93 21.61 -0.63
C VAL B 1084 -41.66 21.72 -1.99
N THR B 1085 -40.83 21.74 -3.01
CA THR B 1085 -41.21 21.67 -4.39
C THR B 1085 -42.24 20.56 -4.67
N GLU B 1086 -42.01 19.35 -4.17
CA GLU B 1086 -42.94 18.23 -4.41
C GLU B 1086 -44.29 18.37 -3.65
N VAL B 1087 -44.26 18.80 -2.39
CA VAL B 1087 -45.48 18.99 -1.60
C VAL B 1087 -46.34 20.12 -2.18
N HIS B 1088 -45.71 21.26 -2.38
CA HIS B 1088 -46.36 22.44 -2.90
C HIS B 1088 -47.05 22.05 -4.22
N ARG B 1089 -46.35 21.33 -5.09
CA ARG B 1089 -46.95 20.95 -6.38
C ARG B 1089 -48.20 20.09 -6.23
N VAL B 1090 -48.06 18.99 -5.47
CA VAL B 1090 -49.17 18.05 -5.31
C VAL B 1090 -50.38 18.72 -4.66
N LEU B 1091 -50.12 19.51 -3.60
CA LEU B 1091 -51.19 20.28 -2.97
C LEU B 1091 -51.92 21.20 -3.93
N MET B 1092 -51.22 21.95 -4.76
CA MET B 1092 -51.86 22.88 -5.69
C MET B 1092 -52.64 22.13 -6.76
N GLU B 1093 -52.06 21.05 -7.28
CA GLU B 1093 -52.69 20.34 -8.40
C GLU B 1093 -53.91 19.49 -7.96
N ASN B 1094 -54.05 19.34 -6.64
CA ASN B 1094 -55.15 18.64 -6.00
C ASN B 1094 -56.12 19.57 -5.25
N GLN B 1095 -55.90 20.89 -5.33
CA GLN B 1095 -56.77 21.91 -4.69
C GLN B 1095 -56.77 21.82 -3.18
N LEU B 1096 -55.60 21.56 -2.62
CA LEU B 1096 -55.44 21.41 -1.21
C LEU B 1096 -54.51 22.43 -0.62
N ARG B 1097 -53.93 23.29 -1.47
CA ARG B 1097 -52.85 24.21 -1.05
C ARG B 1097 -53.26 25.23 -0.01
N ASP B 1098 -54.55 25.59 0.03
CA ASP B 1098 -55.05 26.62 0.92
C ASP B 1098 -55.29 26.06 2.29
N ARG B 1099 -55.23 24.74 2.40
CA ARG B 1099 -55.53 24.08 3.67
C ARG B 1099 -54.39 24.11 4.64
N VAL B 1100 -53.20 24.38 4.14
CA VAL B 1100 -52.03 24.33 5.02
C VAL B 1100 -50.95 25.35 4.69
N LEU B 1101 -50.35 25.91 5.72
CA LEU B 1101 -49.11 26.65 5.62
C LEU B 1101 -47.94 25.64 5.47
N LEU B 1102 -47.03 25.90 4.53
CA LEU B 1102 -45.80 25.11 4.42
C LEU B 1102 -44.63 25.78 5.07
N ARG B 1103 -43.92 25.00 5.87
CA ARG B 1103 -42.73 25.43 6.62
C ARG B 1103 -41.57 24.54 6.23
N ALA B 1104 -40.38 25.11 6.10
CA ALA B 1104 -39.22 24.35 5.64
C ALA B 1104 -38.02 24.57 6.53
N ASP B 1105 -37.26 23.50 6.76
CA ASP B 1105 -35.97 23.58 7.45
C ASP B 1105 -34.93 22.64 6.85
N GLY B 1106 -33.66 22.88 7.18
CA GLY B 1106 -32.58 22.04 6.73
C GLY B 1106 -31.47 22.86 6.12
N GLY B 1107 -30.42 23.08 6.90
CA GLY B 1107 -29.30 23.87 6.44
C GLY B 1107 -29.63 25.33 6.12
N LEU B 1108 -30.74 25.85 6.61
CA LEU B 1108 -31.04 27.28 6.37
C LEU B 1108 -30.23 28.21 7.28
N LYS B 1109 -29.52 29.17 6.69
CA LYS B 1109 -28.63 30.07 7.44
C LYS B 1109 -28.74 31.51 7.01
N THR B 1110 -29.30 31.72 5.82
CA THR B 1110 -29.11 33.00 5.18
C THR B 1110 -30.39 33.59 4.61
N GLY B 1111 -30.45 34.91 4.50
CA GLY B 1111 -31.58 35.57 3.87
C GLY B 1111 -31.82 35.01 2.47
N TRP B 1112 -30.72 34.68 1.79
CA TRP B 1112 -30.75 34.12 0.44
C TRP B 1112 -31.39 32.74 0.45
N ASP B 1113 -31.06 31.91 1.46
CA ASP B 1113 -31.64 30.56 1.63
C ASP B 1113 -33.13 30.62 1.81
N VAL B 1114 -33.57 31.66 2.54
CA VAL B 1114 -34.99 31.97 2.79
C VAL B 1114 -35.75 32.31 1.51
N VAL B 1115 -35.11 33.12 0.67
CA VAL B 1115 -35.77 33.53 -0.58
C VAL B 1115 -35.85 32.31 -1.50
N MET B 1116 -34.82 31.49 -1.49
CA MET B 1116 -34.84 30.26 -2.26
C MET B 1116 -36.04 29.42 -1.85
N ALA B 1117 -36.23 29.27 -0.54
CA ALA B 1117 -37.28 28.41 0.02
C ALA B 1117 -38.66 29.00 -0.25
N ALA B 1118 -38.73 30.33 -0.24
CA ALA B 1118 -39.97 31.03 -0.53
C ALA B 1118 -40.44 30.81 -1.98
N LEU B 1119 -39.58 31.09 -2.94
CA LEU B 1119 -39.87 30.83 -4.35
C LEU B 1119 -40.34 29.39 -4.62
N MET B 1120 -39.80 28.44 -3.88
CA MET B 1120 -40.13 27.06 -4.13
C MET B 1120 -41.39 26.67 -3.39
N GLY B 1121 -41.98 27.62 -2.66
CA GLY B 1121 -43.28 27.37 -2.03
C GLY B 1121 -43.36 27.39 -0.52
N ALA B 1122 -42.29 27.68 0.19
CA ALA B 1122 -42.40 27.70 1.66
C ALA B 1122 -42.76 29.09 2.18
N GLU B 1123 -43.68 29.12 3.16
CA GLU B 1123 -44.21 30.35 3.74
C GLU B 1123 -43.54 30.78 5.05
N GLU B 1124 -43.02 29.79 5.76
CA GLU B 1124 -42.27 29.98 7.01
C GLU B 1124 -40.95 29.14 6.97
N TYR B 1125 -39.99 29.46 7.84
CA TYR B 1125 -38.60 29.00 7.71
C TYR B 1125 -38.04 28.73 9.07
N GLY B 1126 -37.47 27.54 9.25
CA GLY B 1126 -36.98 27.10 10.54
C GLY B 1126 -35.47 27.01 10.54
N PHE B 1127 -34.86 27.22 11.69
CA PHE B 1127 -33.42 27.33 11.77
C PHE B 1127 -33.00 26.58 13.02
N GLY B 1128 -32.01 25.70 12.92
CA GLY B 1128 -31.60 24.90 14.07
C GLY B 1128 -30.13 25.14 14.38
N SER B 1129 -29.26 24.50 13.62
CA SER B 1129 -27.84 24.58 13.86
C SER B 1129 -27.36 26.01 13.92
N ILE B 1130 -27.85 26.83 13.00
CA ILE B 1130 -27.41 28.22 12.89
C ILE B 1130 -27.69 29.04 14.14
N ALA B 1131 -28.90 28.88 14.68
CA ALA B 1131 -29.30 29.57 15.90
C ALA B 1131 -28.43 29.15 17.05
N MET B 1132 -28.12 27.85 17.14
CA MET B 1132 -27.19 27.35 18.17
C MET B 1132 -25.84 28.06 18.07
N ILE B 1133 -25.33 28.19 16.85
CA ILE B 1133 -24.12 28.97 16.59
C ILE B 1133 -24.21 30.45 16.98
N ALA B 1134 -25.38 31.05 16.78
CA ALA B 1134 -25.59 32.44 17.17
C ALA B 1134 -25.45 32.64 18.68
N GLU B 1135 -25.79 31.61 19.47
CA GLU B 1135 -25.59 31.64 20.94
C GLU B 1135 -24.32 30.96 21.47
N GLY B 1136 -23.34 30.70 20.60
CA GLY B 1136 -22.05 30.20 21.04
C GLY B 1136 -21.56 28.81 20.65
N CYS B 1137 -22.43 27.97 20.09
CA CYS B 1137 -21.96 26.71 19.53
C CYS B 1137 -20.78 26.95 18.60
N ILE B 1138 -19.68 26.25 18.81
CA ILE B 1138 -18.85 26.00 17.67
C ILE B 1138 -19.34 24.69 17.11
N MET B 1139 -18.50 24.10 16.31
CA MET B 1139 -18.95 22.93 15.64
C MET B 1139 -17.87 21.97 16.00
N ALA B 1140 -17.71 21.83 17.33
CA ALA B 1140 -16.78 20.87 17.91
C ALA B 1140 -17.26 19.46 17.58
N ARG B 1141 -18.58 19.34 17.44
CA ARG B 1141 -19.25 18.13 17.00
C ARG B 1141 -19.03 17.00 17.98
N VAL B 1142 -19.32 17.24 19.25
CA VAL B 1142 -19.35 16.18 20.24
C VAL B 1142 -20.65 16.32 21.03
N CYS B 1143 -21.72 16.81 20.39
CA CYS B 1143 -23.00 17.03 21.08
C CYS B 1143 -23.46 15.78 21.82
N HIS B 1144 -23.27 14.61 21.18
CA HIS B 1144 -23.77 13.31 21.67
C HIS B 1144 -22.98 12.78 22.83
N THR B 1145 -21.87 13.45 23.09
CA THR B 1145 -20.81 13.02 24.00
C THR B 1145 -20.97 13.57 25.42
N ASN B 1146 -21.85 14.57 25.57
CA ASN B 1146 -22.05 15.34 26.78
C ASN B 1146 -20.81 16.14 27.14
N ASN B 1147 -19.93 16.33 26.17
CA ASN B 1147 -18.76 17.17 26.37
C ASN B 1147 -18.74 18.50 25.60
N CYS B 1148 -19.89 19.06 25.23
CA CYS B 1148 -19.91 20.38 24.60
C CYS B 1148 -19.04 21.34 25.39
N PRO B 1149 -18.00 21.88 24.76
CA PRO B 1149 -17.00 22.68 25.47
C PRO B 1149 -17.46 24.12 25.77
N VAL B 1150 -18.73 24.41 25.53
CA VAL B 1150 -19.23 25.77 25.38
C VAL B 1150 -20.63 25.88 25.95
N GLY B 1151 -21.08 24.79 26.58
CA GLY B 1151 -22.23 24.79 27.45
C GLY B 1151 -23.57 24.76 26.76
N VAL B 1152 -23.57 24.35 25.50
CA VAL B 1152 -24.75 24.35 24.67
C VAL B 1152 -25.42 22.97 24.55
N ALA B 1153 -24.68 21.94 24.19
CA ALA B 1153 -25.33 20.65 24.00
C ALA B 1153 -24.92 19.65 25.11
N THR B 1154 -24.89 20.13 26.36
CA THR B 1154 -24.41 19.35 27.52
C THR B 1154 -25.27 19.53 28.78
N GLN B 1155 -25.31 18.52 29.64
CA GLN B 1155 -25.99 18.64 30.93
C GLN B 1155 -25.03 18.74 32.14
N GLN B 1156 -23.72 18.60 31.90
CA GLN B 1156 -22.72 18.78 32.99
C GLN B 1156 -22.83 20.19 33.56
N GLU B 1157 -23.12 20.29 34.85
CA GLU B 1157 -23.26 21.61 35.49
C GLU B 1157 -21.99 22.45 35.33
N ARG B 1158 -20.83 21.81 35.42
CA ARG B 1158 -19.55 22.48 35.19
C ARG B 1158 -19.44 23.05 33.76
N LEU B 1159 -19.92 22.33 32.76
CA LEU B 1159 -19.85 22.82 31.37
C LEU B 1159 -20.91 23.87 31.01
N ARG B 1160 -22.15 23.68 31.47
CA ARG B 1160 -23.23 24.68 31.29
C ARG B 1160 -22.80 26.09 31.75
N GLN B 1161 -22.06 26.15 32.87
CA GLN B 1161 -21.59 27.43 33.43
C GLN B 1161 -20.70 28.21 32.45
N ARG B 1162 -20.15 27.53 31.46
CA ARG B 1162 -19.32 28.21 30.45
C ARG B 1162 -20.18 28.95 29.41
N PHE B 1163 -21.47 28.62 29.34
CA PHE B 1163 -22.40 29.21 28.36
C PHE B 1163 -22.52 30.73 28.50
N LYS B 1164 -21.98 31.43 27.52
CA LYS B 1164 -22.14 32.88 27.44
C LYS B 1164 -23.23 32.90 26.40
N GLY B 1165 -24.00 33.97 26.26
CA GLY B 1165 -25.14 33.82 25.38
C GLY B 1165 -26.43 34.34 25.96
N VAL B 1166 -26.86 35.44 25.37
CA VAL B 1166 -27.97 36.24 25.87
C VAL B 1166 -28.92 36.34 24.71
N PRO B 1167 -30.22 36.46 24.98
CA PRO B 1167 -31.25 36.48 23.93
C PRO B 1167 -30.97 37.49 22.83
N GLY B 1168 -30.44 38.65 23.19
CA GLY B 1168 -30.26 39.75 22.24
C GLY B 1168 -29.41 39.37 21.06
N GLN B 1169 -28.47 38.45 21.31
CA GLN B 1169 -27.53 37.97 20.32
C GLN B 1169 -28.32 37.27 19.20
N VAL B 1170 -29.28 36.43 19.58
CA VAL B 1170 -29.98 35.68 18.57
C VAL B 1170 -31.04 36.56 17.91
N VAL B 1171 -31.56 37.51 18.69
CA VAL B 1171 -32.48 38.51 18.17
C VAL B 1171 -31.75 39.20 17.03
N ASN B 1172 -30.53 39.70 17.32
CA ASN B 1172 -29.68 40.35 16.30
C ASN B 1172 -29.53 39.48 15.04
N PHE B 1173 -29.28 38.18 15.23
CA PHE B 1173 -28.93 37.31 14.11
C PHE B 1173 -30.03 37.29 13.08
N PHE B 1174 -31.26 37.13 13.55
CA PHE B 1174 -32.41 37.02 12.67
C PHE B 1174 -32.74 38.36 12.02
N TYR B 1175 -32.22 39.43 12.61
CA TYR B 1175 -32.26 40.76 12.03
C TYR B 1175 -31.31 40.88 10.83
N PHE B 1176 -30.07 40.37 10.95
CA PHE B 1176 -29.19 40.34 9.79
C PHE B 1176 -29.90 39.55 8.68
N ILE B 1177 -30.48 38.39 9.03
CA ILE B 1177 -31.14 37.52 8.05
C ILE B 1177 -32.27 38.27 7.34
N ALA B 1178 -33.16 38.85 8.14
CA ALA B 1178 -34.31 39.55 7.61
C ALA B 1178 -33.94 40.82 6.82
N GLU B 1179 -32.80 41.46 7.12
CA GLU B 1179 -32.35 42.59 6.31
C GLU B 1179 -31.91 42.15 4.91
N GLU B 1180 -31.17 41.06 4.85
CA GLU B 1180 -30.80 40.44 3.57
C GLU B 1180 -32.06 40.07 2.78
N VAL B 1181 -33.11 39.60 3.46
CA VAL B 1181 -34.34 39.29 2.76
C VAL B 1181 -34.86 40.55 2.07
N ARG B 1182 -34.84 41.67 2.78
CA ARG B 1182 -35.37 42.93 2.27
C ARG B 1182 -34.63 43.34 1.03
N SER B 1183 -33.31 43.20 1.03
CA SER B 1183 -32.55 43.65 -0.14
C SER B 1183 -32.71 42.68 -1.31
N LEU B 1184 -33.02 41.43 -1.04
CA LEU B 1184 -33.36 40.52 -2.12
C LEU B 1184 -34.74 40.86 -2.71
N LEU B 1185 -35.74 41.07 -1.85
CA LEU B 1185 -37.03 41.58 -2.33
C LEU B 1185 -36.89 42.88 -3.10
N ALA B 1186 -35.97 43.77 -2.72
CA ALA B 1186 -35.71 44.99 -3.48
C ALA B 1186 -35.23 44.73 -4.90
N HIS B 1187 -34.20 43.89 -5.04
CA HIS B 1187 -33.64 43.55 -6.34
C HIS B 1187 -34.76 43.02 -7.26
N LEU B 1188 -35.65 42.23 -6.67
CA LEU B 1188 -36.70 41.55 -7.42
C LEU B 1188 -37.83 42.48 -7.85
N GLY B 1189 -37.99 43.55 -7.08
CA GLY B 1189 -39.03 44.53 -7.31
C GLY B 1189 -40.36 44.21 -6.67
N TYR B 1190 -40.33 43.53 -5.53
CA TYR B 1190 -41.54 43.16 -4.83
C TYR B 1190 -41.43 43.60 -3.38
N ARG B 1191 -42.56 43.87 -2.74
CA ARG B 1191 -42.59 44.55 -1.44
C ARG B 1191 -42.55 43.65 -0.24
N SER B 1192 -42.92 42.38 -0.46
CA SER B 1192 -43.01 41.40 0.63
C SER B 1192 -42.89 39.96 0.11
N LEU B 1193 -42.49 39.04 1.01
CA LEU B 1193 -42.42 37.61 0.69
C LEU B 1193 -43.73 37.08 0.16
N ASP B 1194 -44.80 37.46 0.83
CA ASP B 1194 -46.16 37.15 0.40
C ASP B 1194 -46.35 37.31 -1.11
N ASP B 1195 -45.65 38.26 -1.74
CA ASP B 1195 -45.74 38.46 -3.19
C ASP B 1195 -44.93 37.47 -4.06
N ILE B 1196 -43.89 36.83 -3.49
CA ILE B 1196 -42.97 35.93 -4.23
C ILE B 1196 -43.01 34.40 -3.88
N ILE B 1197 -43.78 34.05 -2.85
CA ILE B 1197 -43.85 32.66 -2.46
C ILE B 1197 -44.37 31.84 -3.63
N GLY B 1198 -43.64 30.82 -4.05
CA GLY B 1198 -44.09 29.94 -5.11
C GLY B 1198 -43.73 30.45 -6.49
N ARG B 1199 -43.25 31.69 -6.57
CA ARG B 1199 -42.98 32.30 -7.88
C ARG B 1199 -41.73 31.66 -8.51
N THR B 1200 -41.89 30.38 -8.85
CA THR B 1200 -40.78 29.57 -9.34
C THR B 1200 -40.14 30.08 -10.64
N ASP B 1201 -40.88 30.88 -11.39
CA ASP B 1201 -40.44 31.45 -12.65
C ASP B 1201 -39.31 32.47 -12.47
N LEU B 1202 -39.18 32.95 -11.23
CA LEU B 1202 -38.11 33.89 -10.87
C LEU B 1202 -36.76 33.21 -10.68
N LEU B 1203 -36.74 31.88 -10.85
CA LEU B 1203 -35.52 31.10 -10.73
C LEU B 1203 -34.90 30.82 -12.10
N LYS B 1204 -33.58 30.66 -12.11
CA LYS B 1204 -32.85 30.26 -13.31
C LYS B 1204 -31.61 29.46 -12.90
N VAL B 1205 -31.02 28.76 -13.85
CA VAL B 1205 -29.83 27.96 -13.59
C VAL B 1205 -28.57 28.85 -13.59
N ARG B 1206 -27.77 28.72 -12.54
CA ARG B 1206 -26.54 29.54 -12.37
C ARG B 1206 -25.59 29.37 -13.56
N SER B 1207 -25.11 30.48 -14.08
CA SER B 1207 -24.45 30.43 -15.38
C SER B 1207 -22.96 30.11 -15.35
N ASP B 1208 -22.43 29.88 -14.17
CA ASP B 1208 -20.99 29.81 -14.01
C ASP B 1208 -20.51 28.57 -13.25
N VAL B 1209 -21.39 27.58 -13.10
CA VAL B 1209 -21.02 26.41 -12.33
C VAL B 1209 -20.49 25.35 -13.26
N GLN B 1210 -19.62 24.50 -12.74
CA GLN B 1210 -19.04 23.41 -13.52
C GLN B 1210 -18.79 22.24 -12.58
N LEU B 1211 -19.39 21.10 -12.89
CA LEU B 1211 -19.39 19.93 -12.03
C LEU B 1211 -18.21 19.04 -12.35
N SER B 1212 -17.71 18.34 -11.31
CA SER B 1212 -16.60 17.40 -11.48
C SER B 1212 -17.02 16.08 -12.14
N LYS B 1213 -18.20 15.60 -11.77
CA LYS B 1213 -18.59 14.22 -12.07
C LYS B 1213 -19.46 13.94 -13.30
N THR B 1214 -20.32 14.89 -13.71
CA THR B 1214 -21.05 14.84 -15.01
C THR B 1214 -21.00 16.18 -15.69
N GLN B 1215 -21.33 16.18 -16.97
CA GLN B 1215 -21.52 17.42 -17.71
C GLN B 1215 -22.46 18.33 -16.94
N ASN B 1216 -23.63 17.83 -16.57
CA ASN B 1216 -24.50 18.52 -15.61
C ASN B 1216 -25.82 17.79 -15.33
N LEU B 1217 -26.46 18.24 -14.26
CA LEU B 1217 -27.77 17.77 -13.84
C LEU B 1217 -28.88 18.37 -14.69
N THR B 1218 -30.11 17.99 -14.36
CA THR B 1218 -31.29 18.62 -14.89
C THR B 1218 -32.07 19.07 -13.69
N LEU B 1219 -32.41 20.34 -13.66
CA LEU B 1219 -33.16 20.89 -12.56
C LEU B 1219 -34.65 21.18 -12.89
N ASP B 1220 -35.15 20.60 -13.99
CA ASP B 1220 -36.55 20.76 -14.41
C ASP B 1220 -37.58 20.51 -13.30
N CYS B 1221 -37.29 19.59 -12.36
CA CYS B 1221 -38.24 19.33 -11.27
C CYS B 1221 -38.31 20.46 -10.25
N LEU B 1222 -37.26 21.27 -10.17
CA LEU B 1222 -37.38 22.45 -9.30
C LEU B 1222 -37.87 23.70 -10.04
N LEU B 1223 -37.73 23.72 -11.36
CA LEU B 1223 -38.07 24.93 -12.09
C LEU B 1223 -39.52 24.95 -12.55
N ASN B 1224 -40.06 23.79 -12.90
CA ASN B 1224 -41.44 23.64 -13.33
C ASN B 1224 -42.51 23.40 -12.19
N LEU B 1225 -42.95 24.49 -11.57
CA LEU B 1225 -44.16 24.50 -10.75
C LEU B 1225 -45.31 25.26 -11.52
N PRO B 1226 -46.56 25.06 -11.10
CA PRO B 1226 -47.71 25.75 -11.69
C PRO B 1226 -47.59 27.28 -11.58
N ASP B 1227 -47.88 28.02 -12.65
CA ASP B 1227 -47.86 29.46 -12.59
C ASP B 1227 -48.55 29.96 -11.33
N THR B 1228 -47.85 30.83 -10.63
CA THR B 1228 -48.33 31.52 -9.45
C THR B 1228 -48.49 33.07 -9.60
N LYS B 1229 -48.25 33.62 -10.79
CA LYS B 1229 -48.28 35.08 -11.02
C LYS B 1229 -49.61 35.76 -10.71
N GLN B 1230 -50.70 35.08 -11.04
CA GLN B 1230 -52.02 35.69 -10.93
C GLN B 1230 -52.75 35.18 -9.71
N ASN B 1231 -52.88 33.86 -9.61
CA ASN B 1231 -53.68 33.29 -8.54
C ASN B 1231 -52.96 33.02 -7.21
N ARG B 1232 -53.27 33.84 -6.21
CA ARG B 1232 -52.56 33.72 -4.95
C ARG B 1232 -53.46 33.39 -3.77
N GLN B 1233 -54.76 33.13 -4.01
CA GLN B 1233 -55.71 32.85 -2.91
C GLN B 1233 -55.31 31.66 -2.02
N TRP B 1234 -54.53 30.70 -2.54
CA TRP B 1234 -53.98 29.61 -1.71
C TRP B 1234 -53.18 30.11 -0.49
N LEU B 1235 -52.70 31.35 -0.54
CA LEU B 1235 -51.97 31.93 0.58
C LEU B 1235 -52.85 32.25 1.80
N ASN B 1236 -54.18 32.30 1.59
CA ASN B 1236 -55.14 32.60 2.64
C ASN B 1236 -55.61 31.37 3.32
N HIS B 1237 -55.22 31.26 4.58
CA HIS B 1237 -55.56 30.11 5.37
C HIS B 1237 -56.63 30.49 6.39
N GLU B 1238 -57.44 29.52 6.76
CA GLU B 1238 -58.30 29.67 7.91
C GLU B 1238 -57.33 29.75 9.08
N PRO B 1239 -57.70 30.49 10.11
CA PRO B 1239 -56.90 30.51 11.36
C PRO B 1239 -56.71 29.11 11.99
N VAL B 1240 -57.76 28.31 12.14
CA VAL B 1240 -57.66 27.01 12.77
C VAL B 1240 -58.79 26.09 12.33
N HIS B 1241 -58.41 24.94 11.79
CA HIS B 1241 -59.42 23.97 11.39
C HIS B 1241 -60.14 23.46 12.64
N SER B 1242 -61.44 23.25 12.48
CA SER B 1242 -62.29 22.80 13.56
C SER B 1242 -62.49 21.29 13.48
N ASN B 1243 -62.84 20.72 14.62
CA ASN B 1243 -63.31 19.36 14.69
C ASN B 1243 -64.78 19.24 14.38
N GLY B 1244 -65.45 20.38 14.22
CA GLY B 1244 -66.89 20.47 14.09
C GLY B 1244 -67.62 20.36 15.44
N PRO B 1245 -68.95 20.21 15.41
CA PRO B 1245 -69.74 19.95 16.61
C PRO B 1245 -69.23 18.71 17.34
N VAL B 1246 -69.04 18.84 18.64
CA VAL B 1246 -68.53 17.70 19.39
C VAL B 1246 -69.34 17.54 20.68
N LEU B 1247 -69.34 16.34 21.26
CA LEU B 1247 -70.14 16.16 22.46
C LEU B 1247 -69.61 16.95 23.67
N ASP B 1248 -68.29 17.09 23.76
CA ASP B 1248 -67.73 17.91 24.83
C ASP B 1248 -68.25 19.37 24.81
N ASP B 1249 -68.62 19.90 23.63
CA ASP B 1249 -69.22 21.24 23.56
C ASP B 1249 -70.49 21.36 24.41
N ASP B 1250 -71.32 20.33 24.39
CA ASP B 1250 -72.62 20.35 25.05
C ASP B 1250 -72.45 20.21 26.55
N ILE B 1251 -71.32 19.65 26.94
CA ILE B 1251 -70.95 19.41 28.32
C ILE B 1251 -70.35 20.70 28.87
N LEU B 1252 -69.70 21.48 28.01
CA LEU B 1252 -69.17 22.77 28.47
C LEU B 1252 -70.20 23.88 28.48
N ALA B 1253 -71.28 23.70 27.73
CA ALA B 1253 -72.39 24.67 27.67
C ALA B 1253 -73.46 24.45 28.76
N ASP B 1254 -73.27 23.39 29.56
CA ASP B 1254 -74.12 23.13 30.73
C ASP B 1254 -73.77 24.08 31.89
N PRO B 1255 -74.77 24.80 32.42
CA PRO B 1255 -74.52 25.76 33.51
C PRO B 1255 -73.92 25.12 34.76
N ASP B 1256 -74.24 23.85 35.02
CA ASP B 1256 -73.77 23.13 36.22
C ASP B 1256 -72.29 22.79 36.13
N ILE B 1257 -71.85 22.45 34.92
CA ILE B 1257 -70.44 22.21 34.63
C ILE B 1257 -69.62 23.49 34.73
N GLN B 1258 -70.08 24.56 34.08
CA GLN B 1258 -69.40 25.86 34.12
C GLN B 1258 -69.17 26.29 35.56
N GLU B 1259 -70.23 26.18 36.37
CA GLU B 1259 -70.17 26.47 37.79
C GLU B 1259 -69.08 25.63 38.49
N ALA B 1260 -69.03 24.33 38.21
CA ALA B 1260 -68.07 23.43 38.84
C ALA B 1260 -66.65 23.87 38.53
N ILE B 1261 -66.42 24.27 37.28
CA ILE B 1261 -65.11 24.74 36.82
C ILE B 1261 -64.72 26.06 37.51
N ASN B 1262 -65.65 27.01 37.54
CA ASN B 1262 -65.36 28.32 38.14
C ASN B 1262 -65.22 28.32 39.64
N HIS B 1263 -66.13 27.64 40.33
CA HIS B 1263 -66.15 27.65 41.79
C HIS B 1263 -65.51 26.41 42.41
N GLN B 1264 -64.89 25.57 41.58
CA GLN B 1264 -64.27 24.33 42.06
C GLN B 1264 -65.25 23.49 42.93
N THR B 1265 -66.47 23.36 42.41
CA THR B 1265 -67.57 22.56 42.95
C THR B 1265 -67.70 21.14 42.30
N THR B 1266 -68.63 20.33 42.84
CA THR B 1266 -68.96 18.99 42.36
C THR B 1266 -70.16 19.06 41.40
N ALA B 1267 -70.10 18.26 40.33
CA ALA B 1267 -71.24 18.13 39.40
C ALA B 1267 -71.24 16.76 38.72
N THR B 1268 -72.40 16.34 38.22
CA THR B 1268 -72.56 15.00 37.63
C THR B 1268 -73.53 14.93 36.44
N LYS B 1269 -73.05 14.32 35.36
CA LYS B 1269 -73.80 14.27 34.12
C LYS B 1269 -73.67 12.90 33.45
N THR B 1270 -74.68 12.57 32.65
CA THR B 1270 -74.80 11.26 32.07
C THR B 1270 -75.17 11.44 30.62
N TYR B 1271 -74.48 10.70 29.76
CA TYR B 1271 -74.72 10.76 28.32
C TYR B 1271 -74.67 9.39 27.68
N ARG B 1272 -75.43 9.24 26.61
CA ARG B 1272 -75.34 8.09 25.68
C ARG B 1272 -74.20 8.37 24.65
N LEU B 1273 -73.39 7.36 24.38
CA LEU B 1273 -72.32 7.48 23.41
C LEU B 1273 -72.50 6.52 22.24
N VAL B 1274 -71.93 6.89 21.09
CA VAL B 1274 -71.71 5.96 19.98
C VAL B 1274 -70.25 6.06 19.54
N ASN B 1275 -69.86 5.27 18.55
CA ASN B 1275 -68.44 5.19 18.15
C ASN B 1275 -67.91 6.45 17.48
N THR B 1276 -68.81 7.27 16.92
CA THR B 1276 -68.45 8.55 16.33
C THR B 1276 -68.10 9.61 17.38
N ASP B 1277 -68.43 9.37 18.65
CA ASP B 1277 -67.98 10.25 19.74
C ASP B 1277 -66.54 9.87 20.12
N ARG B 1278 -65.62 10.70 19.66
CA ARG B 1278 -64.20 10.46 19.81
C ARG B 1278 -63.60 11.49 20.74
N THR B 1279 -62.57 11.08 21.50
CA THR B 1279 -61.78 11.95 22.38
C THR B 1279 -62.68 12.61 23.40
N VAL B 1280 -63.61 11.86 23.98
CA VAL B 1280 -64.52 12.48 24.95
C VAL B 1280 -63.85 12.68 26.29
N GLY B 1281 -64.18 13.80 26.91
CA GLY B 1281 -63.56 14.25 28.14
C GLY B 1281 -62.42 15.23 27.91
N THR B 1282 -61.83 15.20 26.72
CA THR B 1282 -60.53 15.84 26.49
C THR B 1282 -60.62 17.37 26.42
N ARG B 1283 -61.67 17.89 25.78
CA ARG B 1283 -61.86 19.32 25.68
C ARG B 1283 -62.12 19.94 27.07
N LEU B 1284 -62.80 19.18 27.95
CA LEU B 1284 -63.06 19.61 29.32
C LEU B 1284 -61.79 19.66 30.18
N SER B 1285 -60.93 18.63 30.08
CA SER B 1285 -59.58 18.66 30.67
C SER B 1285 -58.88 19.93 30.29
N GLY B 1286 -58.83 20.16 28.98
CA GLY B 1286 -58.22 21.33 28.41
C GLY B 1286 -58.74 22.62 29.02
N ALA B 1287 -60.05 22.76 29.18
CA ALA B 1287 -60.60 23.98 29.78
C ALA B 1287 -60.22 24.15 31.27
N ILE B 1288 -60.17 23.02 32.01
CA ILE B 1288 -59.67 22.97 33.38
C ILE B 1288 -58.16 23.26 33.44
N ALA B 1289 -57.38 22.59 32.59
CA ALA B 1289 -55.94 22.84 32.50
C ALA B 1289 -55.58 24.30 32.17
N LYS B 1290 -56.38 24.93 31.31
CA LYS B 1290 -56.16 26.32 30.91
C LYS B 1290 -56.30 27.27 32.10
N LYS B 1291 -57.25 26.96 32.98
CA LYS B 1291 -57.52 27.75 34.18
C LYS B 1291 -56.57 27.44 35.36
N TYR B 1292 -56.30 26.15 35.61
CA TYR B 1292 -55.62 25.70 36.84
C TYR B 1292 -54.34 24.84 36.67
N GLY B 1293 -53.91 24.63 35.44
CA GLY B 1293 -52.82 23.71 35.19
C GLY B 1293 -53.21 22.27 35.50
N ASN B 1294 -52.21 21.40 35.65
CA ASN B 1294 -52.47 19.98 35.86
C ASN B 1294 -53.01 19.68 37.25
N ASN B 1295 -52.67 20.51 38.23
CA ASN B 1295 -52.88 20.17 39.64
C ASN B 1295 -53.60 21.21 40.50
N GLY B 1296 -54.08 22.29 39.88
CA GLY B 1296 -54.69 23.36 40.62
C GLY B 1296 -56.17 23.24 40.90
N PHE B 1297 -56.85 22.34 40.20
CA PHE B 1297 -58.30 22.23 40.25
C PHE B 1297 -58.68 21.48 41.50
N GLU B 1298 -59.47 22.11 42.36
CA GLU B 1298 -59.88 21.48 43.61
C GLU B 1298 -61.31 20.92 43.52
N GLY B 1299 -61.91 21.03 42.33
CA GLY B 1299 -63.26 20.52 42.09
C GLY B 1299 -63.33 19.05 41.76
N ASN B 1300 -64.54 18.58 41.45
CA ASN B 1300 -64.77 17.18 41.09
C ASN B 1300 -65.92 16.94 40.09
N ILE B 1301 -65.55 16.59 38.86
CA ILE B 1301 -66.52 16.31 37.80
C ILE B 1301 -66.61 14.81 37.46
N THR B 1302 -67.81 14.26 37.62
CA THR B 1302 -68.05 12.87 37.28
C THR B 1302 -68.91 12.82 36.03
N LEU B 1303 -68.38 12.22 34.98
CA LEU B 1303 -69.12 12.02 33.74
C LEU B 1303 -69.37 10.53 33.52
N ASN B 1304 -70.66 10.17 33.40
CA ASN B 1304 -71.05 8.79 33.14
C ASN B 1304 -71.54 8.63 31.70
N PHE B 1305 -71.06 7.57 31.05
CA PHE B 1305 -71.42 7.29 29.67
C PHE B 1305 -71.97 5.87 29.48
N GLN B 1306 -72.81 5.73 28.47
CA GLN B 1306 -73.44 4.48 28.14
C GLN B 1306 -73.28 4.18 26.64
N GLY B 1307 -72.53 3.14 26.31
CA GLY B 1307 -72.37 2.79 24.91
C GLY B 1307 -70.95 2.46 24.46
N ALA B 1308 -70.77 2.52 23.16
CA ALA B 1308 -69.47 2.24 22.55
C ALA B 1308 -68.62 3.53 22.37
N ALA B 1309 -67.61 3.71 23.22
CA ALA B 1309 -66.76 4.90 23.11
C ALA B 1309 -65.91 4.90 21.85
N GLY B 1310 -65.70 6.06 21.26
CA GLY B 1310 -64.78 6.16 20.16
C GLY B 1310 -63.33 6.15 20.60
N GLN B 1311 -62.46 6.46 19.64
CA GLN B 1311 -61.05 6.50 19.84
C GLN B 1311 -60.76 7.59 20.87
N SER B 1312 -59.70 7.36 21.66
CA SER B 1312 -59.13 8.33 22.58
C SER B 1312 -60.05 8.77 23.75
N PHE B 1313 -60.87 7.85 24.24
CA PHE B 1313 -61.72 8.13 25.38
C PHE B 1313 -60.88 8.42 26.63
N GLY B 1314 -61.20 9.56 27.26
CA GLY B 1314 -60.55 9.98 28.49
C GLY B 1314 -59.13 10.42 28.25
N ALA B 1315 -58.81 10.71 27.00
CA ALA B 1315 -57.46 11.20 26.69
C ALA B 1315 -57.19 12.51 27.42
N PHE B 1316 -55.97 12.65 27.93
CA PHE B 1316 -55.52 13.82 28.72
C PHE B 1316 -56.34 14.14 29.97
N ASN B 1317 -56.85 13.10 30.62
CA ASN B 1317 -57.66 13.24 31.82
C ASN B 1317 -56.90 13.90 32.94
N LEU B 1318 -57.62 14.64 33.78
CA LEU B 1318 -57.03 15.39 34.89
C LEU B 1318 -57.57 14.93 36.23
N ASP B 1319 -56.81 15.21 37.30
CA ASP B 1319 -57.35 15.13 38.67
C ASP B 1319 -58.61 16.00 38.79
N GLY B 1320 -59.57 15.53 39.59
CA GLY B 1320 -60.90 16.13 39.65
C GLY B 1320 -61.84 15.70 38.51
N MET B 1321 -61.38 14.81 37.63
CA MET B 1321 -62.22 14.25 36.57
C MET B 1321 -62.31 12.73 36.72
N THR B 1322 -63.53 12.23 36.86
CA THR B 1322 -63.79 10.80 36.88
C THR B 1322 -64.67 10.48 35.70
N LEU B 1323 -64.16 9.69 34.76
CA LEU B 1323 -64.99 9.21 33.66
C LEU B 1323 -65.41 7.78 33.92
N HIS B 1324 -66.70 7.51 33.69
CA HIS B 1324 -67.25 6.18 33.91
C HIS B 1324 -67.96 5.73 32.64
N LEU B 1325 -67.60 4.55 32.15
CA LEU B 1325 -68.13 4.03 30.89
C LEU B 1325 -68.69 2.63 31.09
N GLN B 1326 -69.97 2.49 30.73
CA GLN B 1326 -70.65 1.22 30.70
C GLN B 1326 -70.77 0.87 29.21
N GLY B 1327 -70.10 -0.23 28.80
CA GLY B 1327 -70.07 -0.66 27.41
C GLY B 1327 -68.71 -1.22 26.98
N GLU B 1328 -68.11 -0.58 25.97
CA GLU B 1328 -66.74 -0.84 25.51
C GLU B 1328 -66.07 0.42 24.93
N ALA B 1329 -64.78 0.38 24.70
CA ALA B 1329 -64.11 1.55 24.16
C ALA B 1329 -63.18 1.08 23.08
N ASN B 1330 -62.99 1.91 22.07
CA ASN B 1330 -62.04 1.60 21.03
C ASN B 1330 -60.60 1.92 21.44
N ASP B 1331 -59.74 2.22 20.48
CA ASP B 1331 -58.33 2.42 20.78
C ASP B 1331 -57.99 3.68 21.61
N TYR B 1332 -56.80 3.63 22.23
CA TYR B 1332 -56.17 4.76 22.88
C TYR B 1332 -56.97 5.30 24.07
N VAL B 1333 -57.50 4.42 24.90
CA VAL B 1333 -58.11 4.85 26.16
C VAL B 1333 -57.07 5.51 27.07
N GLY B 1334 -57.37 6.71 27.57
CA GLY B 1334 -56.47 7.37 28.50
C GLY B 1334 -55.11 7.76 27.93
N LYS B 1335 -55.01 7.84 26.60
CA LYS B 1335 -53.84 8.41 25.94
C LYS B 1335 -53.47 9.70 26.70
N GLY B 1336 -52.21 9.86 27.08
CA GLY B 1336 -51.76 11.06 27.76
C GLY B 1336 -52.44 11.37 29.11
N MET B 1337 -53.12 10.39 29.69
CA MET B 1337 -53.78 10.62 30.97
C MET B 1337 -52.78 11.15 32.02
N ASN B 1338 -53.25 12.07 32.88
CA ASN B 1338 -52.38 12.84 33.78
C ASN B 1338 -52.85 12.76 35.26
N GLY B 1339 -54.15 12.58 35.45
CA GLY B 1339 -54.73 12.24 36.72
C GLY B 1339 -56.18 11.82 36.58
N GLY B 1340 -56.86 11.73 37.71
CA GLY B 1340 -58.24 11.31 37.67
C GLY B 1340 -58.35 9.82 37.45
N GLU B 1341 -59.57 9.40 37.17
CA GLU B 1341 -59.87 7.99 37.09
C GLU B 1341 -60.74 7.79 35.88
N ILE B 1342 -60.56 6.62 35.27
CA ILE B 1342 -61.36 6.16 34.15
C ILE B 1342 -61.81 4.74 34.48
N VAL B 1343 -63.12 4.56 34.52
CA VAL B 1343 -63.73 3.31 34.96
C VAL B 1343 -64.60 2.78 33.84
N ILE B 1344 -64.32 1.55 33.44
CA ILE B 1344 -64.89 0.96 32.25
C ILE B 1344 -65.36 -0.42 32.63
N VAL B 1345 -66.66 -0.67 32.44
CA VAL B 1345 -67.30 -1.92 32.81
C VAL B 1345 -68.27 -2.36 31.71
N PRO B 1346 -68.55 -3.65 31.60
CA PRO B 1346 -69.55 -4.08 30.61
C PRO B 1346 -70.96 -3.61 31.02
N HIS B 1347 -71.93 -3.81 30.15
CA HIS B 1347 -73.34 -3.68 30.52
C HIS B 1347 -73.64 -4.78 31.54
N PRO B 1348 -74.46 -4.46 32.54
CA PRO B 1348 -74.70 -5.38 33.67
C PRO B 1348 -75.47 -6.64 33.23
N GLN B 1349 -76.10 -6.50 32.06
CA GLN B 1349 -76.87 -7.52 31.33
C GLN B 1349 -75.99 -8.57 30.60
N ALA B 1350 -74.75 -8.20 30.27
CA ALA B 1350 -73.80 -9.08 29.55
C ALA B 1350 -73.86 -10.57 29.96
N SER B 1351 -74.04 -11.43 28.96
CA SER B 1351 -74.08 -12.89 29.09
C SER B 1351 -72.69 -13.52 28.88
N PHE B 1352 -71.69 -13.01 29.58
CA PHE B 1352 -70.31 -13.47 29.44
C PHE B 1352 -69.46 -13.11 30.64
N ALA B 1353 -68.41 -13.88 30.86
CA ALA B 1353 -67.41 -13.55 31.88
C ALA B 1353 -66.64 -12.31 31.42
N PRO B 1354 -66.72 -11.23 32.17
CA PRO B 1354 -65.98 -10.02 31.78
C PRO B 1354 -64.48 -10.25 31.56
N GLU B 1355 -63.81 -11.11 32.32
CA GLU B 1355 -62.35 -11.29 32.21
C GLU B 1355 -61.83 -12.04 30.97
N ASP B 1356 -62.70 -12.78 30.31
CA ASP B 1356 -62.34 -13.47 29.09
C ASP B 1356 -62.68 -12.62 27.87
N ASN B 1357 -63.02 -11.34 28.05
CA ASN B 1357 -63.52 -10.54 26.94
C ASN B 1357 -62.89 -9.16 26.79
N VAL B 1358 -62.57 -8.83 25.53
CA VAL B 1358 -62.08 -7.50 25.14
C VAL B 1358 -63.07 -6.42 25.55
N ILE B 1359 -62.57 -5.33 26.13
CA ILE B 1359 -63.40 -4.18 26.52
C ILE B 1359 -62.76 -2.86 26.12
N ILE B 1360 -61.45 -2.85 25.91
CA ILE B 1360 -60.73 -1.69 25.36
C ILE B 1360 -59.68 -2.20 24.37
N GLY B 1361 -59.14 -1.30 23.54
CA GLY B 1361 -58.31 -1.66 22.41
C GLY B 1361 -56.80 -1.49 22.54
N ASN B 1362 -56.16 -1.09 21.44
CA ASN B 1362 -54.70 -0.88 21.39
C ASN B 1362 -54.20 0.45 21.93
N THR B 1363 -52.93 0.46 22.35
CA THR B 1363 -52.20 1.65 22.73
C THR B 1363 -52.86 2.49 23.81
N CYS B 1364 -53.42 1.84 24.82
CA CYS B 1364 -54.05 2.53 25.93
C CYS B 1364 -53.01 3.07 26.92
N LEU B 1365 -53.29 4.24 27.52
CA LEU B 1365 -52.34 4.90 28.42
C LEU B 1365 -51.01 5.31 27.76
N TYR B 1366 -51.07 5.57 26.47
CA TYR B 1366 -49.88 6.01 25.78
C TYR B 1366 -49.34 7.33 26.38
N GLY B 1367 -48.07 7.28 26.79
CA GLY B 1367 -47.37 8.41 27.39
C GLY B 1367 -47.90 8.87 28.76
N ALA B 1368 -48.82 8.10 29.34
CA ALA B 1368 -49.60 8.55 30.50
C ALA B 1368 -48.70 9.02 31.65
N THR B 1369 -49.15 10.07 32.32
CA THR B 1369 -48.25 10.80 33.16
C THR B 1369 -48.77 10.83 34.63
N GLY B 1370 -49.73 9.94 34.90
CA GLY B 1370 -50.45 9.89 36.15
C GLY B 1370 -51.86 9.38 35.89
N GLY B 1371 -52.70 9.36 36.93
CA GLY B 1371 -54.09 8.92 36.82
C GLY B 1371 -54.31 7.42 36.97
N ASN B 1372 -55.58 7.03 37.13
CA ASN B 1372 -55.93 5.65 37.46
C ASN B 1372 -56.99 5.05 36.56
N LEU B 1373 -56.68 3.88 36.01
CA LEU B 1373 -57.58 3.20 35.06
C LEU B 1373 -57.99 1.85 35.57
N TYR B 1374 -59.29 1.62 35.57
CA TYR B 1374 -59.82 0.32 35.91
C TYR B 1374 -60.75 -0.15 34.79
N ALA B 1375 -60.47 -1.36 34.32
CA ALA B 1375 -61.24 -1.93 33.23
C ALA B 1375 -61.59 -3.40 33.49
N ASN B 1376 -62.91 -3.63 33.54
CA ASN B 1376 -63.50 -4.94 33.75
C ASN B 1376 -63.52 -5.75 32.47
N GLY B 1377 -62.35 -5.94 31.88
CA GLY B 1377 -62.18 -6.76 30.68
C GLY B 1377 -60.75 -6.71 30.14
N ARG B 1378 -60.57 -7.16 28.90
CA ARG B 1378 -59.26 -7.26 28.24
C ARG B 1378 -58.88 -6.02 27.38
N ALA B 1379 -57.58 -5.83 27.20
CA ALA B 1379 -57.04 -4.77 26.37
C ALA B 1379 -56.36 -5.31 25.11
N GLY B 1380 -56.00 -4.39 24.20
CA GLY B 1380 -55.31 -4.77 22.95
C GLY B 1380 -53.79 -4.84 23.05
N GLU B 1381 -53.07 -4.48 21.99
CA GLU B 1381 -51.61 -4.41 22.12
C GLU B 1381 -51.07 -3.12 22.76
N ARG B 1382 -49.78 -3.18 23.09
CA ARG B 1382 -49.03 -2.07 23.65
C ARG B 1382 -49.76 -1.35 24.78
N PHE B 1383 -50.47 -2.10 25.62
CA PHE B 1383 -51.04 -1.52 26.81
C PHE B 1383 -49.94 -0.89 27.63
N ALA B 1384 -50.26 0.28 28.20
CA ALA B 1384 -49.31 1.11 28.90
C ALA B 1384 -48.05 1.33 28.09
N VAL B 1385 -48.19 1.51 26.78
CA VAL B 1385 -47.02 1.56 25.91
C VAL B 1385 -45.89 2.32 26.61
N ARG B 1386 -45.92 3.66 26.51
CA ARG B 1386 -44.83 4.48 27.01
C ARG B 1386 -45.20 5.06 28.38
N ASN B 1387 -45.75 4.22 29.27
CA ASN B 1387 -46.30 4.75 30.49
C ASN B 1387 -45.23 5.30 31.49
N SER B 1388 -45.49 6.50 32.02
CA SER B 1388 -44.56 7.23 32.90
C SER B 1388 -44.94 7.22 34.37
N VAL B 1389 -46.23 7.44 34.67
CA VAL B 1389 -46.70 7.46 36.08
C VAL B 1389 -48.11 6.88 36.26
N GLY B 1390 -48.71 6.40 35.16
CA GLY B 1390 -50.09 5.91 35.17
C GLY B 1390 -50.29 4.64 35.97
N LYS B 1391 -51.43 4.53 36.65
CA LYS B 1391 -51.79 3.29 37.32
C LYS B 1391 -53.01 2.59 36.68
N ALA B 1392 -52.97 1.26 36.67
CA ALA B 1392 -53.99 0.49 35.99
C ALA B 1392 -54.20 -0.93 36.53
N VAL B 1393 -55.46 -1.34 36.50
CA VAL B 1393 -55.82 -2.74 36.61
C VAL B 1393 -56.78 -3.07 35.48
N ILE B 1394 -56.39 -4.10 34.73
CA ILE B 1394 -57.16 -4.64 33.60
C ILE B 1394 -57.15 -6.15 33.78
N GLU B 1395 -57.77 -6.88 32.84
CA GLU B 1395 -58.02 -8.31 33.06
C GLU B 1395 -57.53 -9.21 31.93
N GLY B 1396 -56.67 -8.66 31.08
CA GLY B 1396 -56.03 -9.39 29.99
C GLY B 1396 -55.45 -8.44 28.95
N ALA B 1397 -54.45 -8.87 28.19
CA ALA B 1397 -53.87 -7.97 27.19
C ALA B 1397 -53.27 -8.68 25.98
N GLY B 1398 -53.05 -7.93 24.90
CA GLY B 1398 -52.37 -8.46 23.71
C GLY B 1398 -50.87 -8.53 23.88
N ASP B 1399 -50.15 -8.39 22.77
CA ASP B 1399 -48.70 -8.28 22.75
C ASP B 1399 -48.13 -6.94 23.26
N HIS B 1400 -46.84 -6.97 23.60
CA HIS B 1400 -46.02 -5.83 23.96
C HIS B 1400 -46.47 -5.05 25.22
N CYS B 1401 -47.04 -5.74 26.19
CA CYS B 1401 -47.58 -5.10 27.37
C CYS B 1401 -46.48 -4.33 28.13
N CYS B 1402 -46.82 -3.15 28.65
CA CYS B 1402 -45.89 -2.26 29.36
C CYS B 1402 -44.66 -1.89 28.55
N GLU B 1403 -44.81 -1.63 27.24
CA GLU B 1403 -43.62 -1.58 26.38
C GLU B 1403 -42.51 -0.56 26.73
N TYR B 1404 -42.61 0.72 26.50
CA TYR B 1404 -41.42 1.49 26.91
C TYR B 1404 -41.58 2.10 28.32
N MET B 1405 -42.23 1.38 29.23
CA MET B 1405 -42.70 1.93 30.50
C MET B 1405 -41.54 2.44 31.39
N THR B 1406 -41.65 3.65 31.94
CA THR B 1406 -40.55 4.20 32.78
C THR B 1406 -40.94 4.41 34.24
N GLY B 1407 -42.20 4.19 34.58
CA GLY B 1407 -42.69 4.37 35.94
C GLY B 1407 -44.15 3.99 36.02
N GLY B 1408 -44.76 4.19 37.19
CA GLY B 1408 -46.14 3.80 37.43
C GLY B 1408 -46.33 2.38 37.90
N VAL B 1409 -47.59 1.91 37.83
CA VAL B 1409 -47.95 0.55 38.26
C VAL B 1409 -49.09 -0.07 37.41
N ILE B 1410 -48.79 -1.21 36.78
CA ILE B 1410 -49.72 -1.92 35.91
C ILE B 1410 -50.09 -3.30 36.47
N VAL B 1411 -51.39 -3.52 36.69
CA VAL B 1411 -51.88 -4.83 37.12
C VAL B 1411 -52.76 -5.53 36.07
N VAL B 1412 -52.35 -6.73 35.67
CA VAL B 1412 -53.09 -7.53 34.68
C VAL B 1412 -53.53 -8.89 35.27
N LEU B 1413 -54.85 -9.05 35.37
CA LEU B 1413 -55.50 -10.16 36.02
C LEU B 1413 -55.93 -11.28 35.07
N GLY B 1414 -55.22 -11.41 33.94
CA GLY B 1414 -55.51 -12.44 32.97
C GLY B 1414 -54.35 -12.67 32.03
N PRO B 1415 -54.53 -13.59 31.09
CA PRO B 1415 -53.50 -13.88 30.08
C PRO B 1415 -53.05 -12.63 29.29
N VAL B 1416 -51.81 -12.68 28.80
CA VAL B 1416 -51.11 -11.56 28.21
C VAL B 1416 -50.35 -12.11 27.01
N GLY B 1417 -50.14 -11.31 25.96
CA GLY B 1417 -49.48 -11.75 24.73
C GLY B 1417 -47.97 -11.82 24.97
N ARG B 1418 -47.19 -11.91 23.91
CA ARG B 1418 -45.73 -12.00 24.06
C ARG B 1418 -44.96 -10.66 24.06
N ASN B 1419 -43.64 -10.76 24.23
CA ASN B 1419 -42.76 -9.58 24.19
C ASN B 1419 -43.02 -8.59 25.32
N VAL B 1420 -43.47 -9.10 26.47
CA VAL B 1420 -43.83 -8.28 27.64
C VAL B 1420 -42.65 -7.53 28.23
N GLY B 1421 -42.87 -6.27 28.56
CA GLY B 1421 -41.85 -5.42 29.15
C GLY B 1421 -40.65 -5.11 28.27
N ALA B 1422 -40.80 -5.22 26.94
CA ALA B 1422 -39.73 -4.85 26.02
C ALA B 1422 -39.36 -3.39 26.29
N GLY B 1423 -38.09 -3.07 26.45
CA GLY B 1423 -37.71 -1.68 26.68
C GLY B 1423 -38.29 -1.01 27.94
N MET B 1424 -38.89 -1.79 28.85
CA MET B 1424 -39.36 -1.30 30.15
C MET B 1424 -38.19 -1.05 31.12
N THR B 1425 -38.10 0.19 31.56
CA THR B 1425 -36.93 0.73 32.24
C THR B 1425 -37.20 1.16 33.71
N GLY B 1426 -38.49 1.33 34.04
CA GLY B 1426 -38.88 1.69 35.39
C GLY B 1426 -40.29 1.24 35.67
N GLY B 1427 -40.76 1.46 36.90
CA GLY B 1427 -42.10 1.10 37.29
C GLY B 1427 -42.23 -0.38 37.59
N LEU B 1428 -43.44 -0.82 37.90
CA LEU B 1428 -43.66 -2.22 38.26
C LEU B 1428 -44.95 -2.71 37.66
N ALA B 1429 -44.96 -3.99 37.29
CA ALA B 1429 -46.14 -4.65 36.78
C ALA B 1429 -46.38 -6.02 37.42
N TYR B 1430 -47.66 -6.34 37.62
CA TYR B 1430 -48.07 -7.58 38.25
C TYR B 1430 -48.96 -8.35 37.27
N PHE B 1431 -48.66 -9.64 37.09
CA PHE B 1431 -49.41 -10.44 36.10
C PHE B 1431 -49.88 -11.68 36.78
N LEU B 1432 -51.17 -11.93 36.67
CA LEU B 1432 -51.75 -13.17 37.16
C LEU B 1432 -51.51 -14.23 36.10
N ASP B 1433 -50.78 -15.28 36.45
CA ASP B 1433 -50.47 -16.32 35.49
C ASP B 1433 -50.95 -17.66 35.99
N GLU B 1434 -52.14 -18.03 35.53
CA GLU B 1434 -52.79 -19.28 35.89
C GLU B 1434 -52.39 -20.43 34.96
N VAL B 1435 -51.77 -20.10 33.83
CA VAL B 1435 -51.38 -21.11 32.86
C VAL B 1435 -50.01 -21.70 33.23
N GLY B 1436 -49.07 -20.83 33.61
CA GLY B 1436 -47.72 -21.26 33.96
C GLY B 1436 -46.71 -20.86 32.89
N ASP B 1437 -47.18 -20.23 31.81
CA ASP B 1437 -46.35 -19.94 30.63
C ASP B 1437 -45.80 -18.52 30.50
N LEU B 1438 -46.15 -17.63 31.43
CA LEU B 1438 -45.67 -16.26 31.36
C LEU B 1438 -44.15 -16.03 31.19
N PRO B 1439 -43.28 -16.87 31.79
CA PRO B 1439 -41.81 -16.76 31.54
C PRO B 1439 -41.43 -16.93 30.06
N GLU B 1440 -42.29 -17.61 29.33
CA GLU B 1440 -42.11 -17.82 27.90
C GLU B 1440 -42.33 -16.49 27.15
N LYS B 1441 -43.23 -15.65 27.66
CA LYS B 1441 -43.72 -14.54 26.84
C LYS B 1441 -43.01 -13.21 27.01
N ILE B 1442 -42.15 -13.13 28.03
CA ILE B 1442 -41.38 -11.97 28.45
C ILE B 1442 -40.31 -11.64 27.41
N ASN B 1443 -40.06 -10.34 27.19
CA ASN B 1443 -38.78 -9.90 26.62
C ASN B 1443 -37.74 -9.81 27.74
N PRO B 1444 -36.69 -10.62 27.68
CA PRO B 1444 -35.75 -10.73 28.80
C PRO B 1444 -34.56 -9.75 28.76
N GLU B 1445 -34.58 -8.77 27.87
CA GLU B 1445 -33.45 -7.83 27.76
C GLU B 1445 -33.21 -6.95 29.00
N ILE B 1446 -34.27 -6.62 29.73
CA ILE B 1446 -34.16 -5.66 30.83
C ILE B 1446 -34.88 -6.11 32.09
N ILE B 1447 -36.13 -6.54 31.95
CA ILE B 1447 -36.90 -6.93 33.13
C ILE B 1447 -36.56 -8.32 33.68
N THR B 1448 -36.84 -8.51 34.96
CA THR B 1448 -36.78 -9.83 35.56
C THR B 1448 -38.16 -10.15 36.11
N LEU B 1449 -38.47 -11.45 36.13
CA LEU B 1449 -39.68 -11.93 36.77
C LEU B 1449 -39.36 -12.45 38.17
N GLN B 1450 -40.25 -12.19 39.11
CA GLN B 1450 -40.13 -12.75 40.44
C GLN B 1450 -41.49 -12.87 41.11
N ARG B 1451 -41.56 -13.82 42.04
CA ARG B 1451 -42.73 -14.01 42.89
C ARG B 1451 -42.73 -12.89 43.89
N ILE B 1452 -43.91 -12.45 44.31
CA ILE B 1452 -43.98 -11.39 45.32
C ILE B 1452 -43.48 -11.90 46.68
N THR B 1453 -42.44 -11.25 47.20
CA THR B 1453 -41.81 -11.61 48.49
C THR B 1453 -41.81 -10.40 49.43
N ALA B 1454 -41.91 -9.21 48.86
CA ALA B 1454 -41.94 -7.98 49.64
C ALA B 1454 -43.38 -7.68 50.06
N SER B 1455 -43.61 -7.55 51.38
CA SER B 1455 -44.92 -7.23 51.92
C SER B 1455 -45.46 -5.92 51.33
N LYS B 1456 -44.61 -4.91 51.16
CA LYS B 1456 -45.01 -3.61 50.58
C LYS B 1456 -45.56 -3.76 49.16
N GLY B 1457 -44.93 -4.68 48.42
CA GLY B 1457 -45.39 -5.12 47.12
C GLY B 1457 -46.70 -5.90 47.16
N GLU B 1458 -46.89 -6.74 48.18
CA GLU B 1458 -48.14 -7.47 48.36
C GLU B 1458 -49.33 -6.52 48.59
N GLU B 1459 -49.07 -5.44 49.31
CA GLU B 1459 -50.12 -4.47 49.67
C GLU B 1459 -50.34 -3.45 48.58
N GLN B 1460 -49.34 -3.22 47.73
CA GLN B 1460 -49.51 -2.32 46.59
C GLN B 1460 -50.44 -3.00 45.57
N LEU B 1461 -50.22 -4.30 45.36
CA LEU B 1461 -51.11 -5.13 44.56
C LEU B 1461 -52.53 -5.31 45.13
N LYS B 1462 -52.63 -5.52 46.44
CA LYS B 1462 -53.92 -5.74 47.07
C LYS B 1462 -54.76 -4.46 47.01
N SER B 1463 -54.11 -3.32 47.21
CA SER B 1463 -54.81 -2.04 47.23
C SER B 1463 -55.32 -1.66 45.85
N LEU B 1464 -54.52 -1.91 44.82
CA LEU B 1464 -54.93 -1.69 43.43
C LEU B 1464 -56.11 -2.60 43.01
N ILE B 1465 -56.03 -3.89 43.37
CA ILE B 1465 -57.15 -4.82 43.15
C ILE B 1465 -58.39 -4.49 43.98
N THR B 1466 -58.20 -4.05 45.24
CA THR B 1466 -59.31 -3.63 46.10
C THR B 1466 -60.06 -2.51 45.40
N ALA B 1467 -59.31 -1.53 44.87
CA ALA B 1467 -59.91 -0.37 44.23
C ALA B 1467 -60.60 -0.78 42.92
N HIS B 1468 -60.00 -1.74 42.22
CA HIS B 1468 -60.57 -2.23 40.96
C HIS B 1468 -61.98 -2.77 41.26
N VAL B 1469 -62.11 -3.51 42.37
CA VAL B 1469 -63.40 -4.06 42.81
C VAL B 1469 -64.43 -3.00 43.25
N GLU B 1470 -64.00 -1.96 43.97
CA GLU B 1470 -64.91 -0.90 44.39
C GLU B 1470 -65.51 -0.10 43.22
N HIS B 1471 -64.66 0.26 42.25
CA HIS B 1471 -65.10 1.01 41.07
C HIS B 1471 -65.92 0.19 40.08
N THR B 1472 -65.71 -1.12 40.09
CA THR B 1472 -66.01 -2.01 38.97
C THR B 1472 -66.92 -3.22 39.28
N GLY B 1473 -66.89 -3.76 40.49
CA GLY B 1473 -67.66 -4.95 40.80
C GLY B 1473 -67.12 -6.24 40.18
N SER B 1474 -65.96 -6.13 39.54
CA SER B 1474 -65.20 -7.24 38.94
C SER B 1474 -65.34 -8.56 39.70
N PRO B 1475 -66.04 -9.54 39.10
CA PRO B 1475 -66.20 -10.86 39.74
C PRO B 1475 -64.84 -11.58 39.86
N LYS B 1476 -64.02 -11.48 38.83
CA LYS B 1476 -62.61 -11.87 38.87
C LYS B 1476 -61.85 -11.29 40.06
N GLY B 1477 -61.99 -9.98 40.28
CA GLY B 1477 -61.30 -9.30 41.36
C GLY B 1477 -61.75 -9.78 42.73
N LYS B 1478 -63.07 -9.76 42.96
CA LYS B 1478 -63.66 -10.18 44.23
C LYS B 1478 -63.13 -11.57 44.59
N ALA B 1479 -63.13 -12.44 43.60
CA ALA B 1479 -62.69 -13.83 43.73
C ALA B 1479 -61.23 -13.97 44.14
N ILE B 1480 -60.36 -13.11 43.58
CA ILE B 1480 -58.97 -13.03 43.99
C ILE B 1480 -58.81 -12.58 45.46
N LEU B 1481 -59.61 -11.60 45.89
CA LEU B 1481 -59.54 -11.07 47.25
C LEU B 1481 -60.10 -12.04 48.30
N ALA B 1482 -61.10 -12.82 47.90
CA ALA B 1482 -61.75 -13.81 48.77
C ALA B 1482 -60.88 -15.04 49.07
N ASN B 1483 -59.93 -15.32 48.18
CA ASN B 1483 -58.96 -16.39 48.38
C ASN B 1483 -57.55 -15.82 48.20
N TRP B 1484 -57.23 -14.78 48.97
CA TRP B 1484 -56.02 -14.02 48.73
C TRP B 1484 -54.72 -14.83 48.62
N SER B 1485 -54.45 -15.70 49.59
CA SER B 1485 -53.20 -16.46 49.62
C SER B 1485 -53.09 -17.56 48.55
N ASP B 1486 -54.23 -18.15 48.17
CA ASP B 1486 -54.31 -19.06 47.02
C ASP B 1486 -53.82 -18.44 45.69
N TYR B 1487 -54.14 -17.16 45.49
CA TYR B 1487 -53.79 -16.47 44.25
C TYR B 1487 -52.48 -15.71 44.27
N LEU B 1488 -51.98 -15.39 45.47
CA LEU B 1488 -50.79 -14.53 45.61
C LEU B 1488 -49.59 -15.17 44.89
N GLY B 1489 -49.36 -16.45 45.16
CA GLY B 1489 -48.25 -17.20 44.59
C GLY B 1489 -48.36 -17.50 43.10
N LYS B 1490 -49.51 -17.15 42.52
CA LYS B 1490 -49.71 -17.25 41.06
C LYS B 1490 -49.36 -15.97 40.29
N PHE B 1491 -49.01 -14.91 41.01
CA PHE B 1491 -48.59 -13.66 40.39
C PHE B 1491 -47.10 -13.66 40.03
N TRP B 1492 -46.76 -12.99 38.93
CA TRP B 1492 -45.35 -12.62 38.68
C TRP B 1492 -45.17 -11.09 38.82
N GLN B 1493 -44.02 -10.67 39.34
CA GLN B 1493 -43.71 -9.24 39.45
C GLN B 1493 -42.66 -8.86 38.42
N ALA B 1494 -42.95 -7.84 37.60
CA ALA B 1494 -41.98 -7.37 36.63
C ALA B 1494 -41.17 -6.22 37.22
N VAL B 1495 -39.84 -6.36 37.13
CA VAL B 1495 -38.92 -5.55 37.90
C VAL B 1495 -37.71 -5.17 37.05
N PRO B 1496 -37.69 -3.93 36.58
CA PRO B 1496 -36.53 -3.40 35.87
C PRO B 1496 -35.43 -3.09 36.89
N PRO B 1497 -34.15 -3.11 36.49
CA PRO B 1497 -33.02 -2.93 37.40
C PRO B 1497 -32.82 -1.46 37.84
N SER B 1498 -33.90 -0.85 38.32
CA SER B 1498 -33.91 0.53 38.79
C SER B 1498 -34.97 0.56 39.86
N GLU B 1499 -35.80 -0.48 39.88
CA GLU B 1499 -36.74 -0.72 40.94
C GLU B 1499 -36.26 -1.88 41.82
N LYS B 1500 -35.06 -2.39 41.52
CA LYS B 1500 -34.54 -3.56 42.23
C LYS B 1500 -34.41 -3.37 43.75
N ASP B 1501 -34.19 -2.13 44.19
CA ASP B 1501 -34.04 -1.79 45.62
C ASP B 1501 -35.23 -1.04 46.21
N SER B 1502 -36.31 -0.94 45.44
CA SER B 1502 -37.52 -0.26 45.90
C SER B 1502 -38.20 -1.17 46.92
N PRO B 1503 -38.86 -0.62 47.95
CA PRO B 1503 -39.46 -1.48 48.99
C PRO B 1503 -40.52 -2.47 48.46
N GLU B 1504 -41.17 -2.13 47.35
CA GLU B 1504 -42.17 -3.04 46.79
C GLU B 1504 -41.60 -4.19 45.95
N ALA B 1505 -40.29 -4.18 45.71
CA ALA B 1505 -39.60 -5.26 44.99
C ALA B 1505 -38.69 -6.08 45.88
N ASN B 1506 -38.33 -5.54 47.03
CA ASN B 1506 -37.24 -6.09 47.82
C ASN B 1506 -37.49 -6.08 49.33
N ASN B 1507 -37.75 -7.27 49.87
CA ASN B 1507 -37.84 -7.53 51.33
C ASN B 1507 -39.11 -8.28 51.79
N1 FMN C . 48.55 10.41 0.22
C2 FMN C . 47.47 9.73 0.78
O2 FMN C . 46.44 9.53 0.12
N3 FMN C . 47.51 9.30 2.12
C4 FMN C . 48.68 9.32 2.86
O4 FMN C . 48.52 9.21 4.08
C4A FMN C . 49.68 10.16 2.33
N5 FMN C . 50.82 10.39 3.05
C5A FMN C . 51.69 11.42 2.65
C6 FMN C . 52.76 11.73 3.50
C7 FMN C . 53.74 12.62 3.10
C7M FMN C . 54.65 13.22 4.15
C8 FMN C . 53.63 13.18 1.82
C8M FMN C . 54.46 14.39 1.50
C9 FMN C . 52.55 12.86 0.98
C9A FMN C . 51.56 11.97 1.38
N10 FMN C . 50.71 11.32 0.49
C10 FMN C . 49.66 10.60 1.01
C1' FMN C . 50.39 11.92 -0.86
C2' FMN C . 49.76 13.30 -0.70
O2' FMN C . 48.50 13.12 -0.14
C3' FMN C . 49.56 14.05 -2.02
O3' FMN C . 48.87 13.19 -2.86
C4' FMN C . 50.88 14.44 -2.68
O4' FMN C . 51.84 14.76 -1.69
C5' FMN C . 50.75 15.66 -3.60
O5' FMN C . 51.96 15.80 -4.35
P FMN C . 53.02 16.96 -3.86
O1P FMN C . 53.71 16.36 -2.59
O2P FMN C . 54.02 17.24 -4.91
O3P FMN C . 52.22 18.20 -3.43
FE1 F3S D . 61.11 17.87 5.04
FE3 F3S D . 60.92 15.29 5.36
FE4 F3S D . 61.76 16.83 7.30
S1 F3S D . 61.91 16.36 3.73
S2 F3S D . 62.76 18.52 6.30
S3 F3S D . 59.76 16.84 6.41
S4 F3S D . 62.58 14.85 6.71
C1 AKG E . 53.26 8.02 2.97
O1 AKG E . 53.25 8.12 1.62
O2 AKG E . 54.07 8.68 3.83
C2 AKG E . 52.24 7.00 3.56
O5 AKG E . 52.02 5.91 2.78
C3 AKG E . 51.52 7.18 4.89
C4 AKG E . 51.24 5.69 5.20
C5 AKG E . 50.86 5.47 6.64
O3 AKG E . 50.38 4.32 7.05
O4 AKG E . 50.95 6.36 7.60
N ONL F . 35.69 -7.59 -18.49
CA ONL F . 34.35 -8.11 -18.74
C ONL F . 33.62 -7.16 -19.64
O ONL F . 32.50 -7.44 -20.03
OXT ONL F . 34.11 -5.98 -20.08
CB ONL F . 33.56 -8.34 -17.45
CG ONL F . 33.29 -7.06 -16.65
CD ONL F . 32.90 -7.41 -15.21
OD ONL F . 33.34 -8.20 -14.35
CE ONL F . 31.73 -6.53 -14.75
N1 FMN G . -36.02 17.94 15.80
C2 FMN G . -37.16 17.48 16.40
O2 FMN G . -38.24 17.44 15.77
N3 FMN G . -37.15 17.07 17.71
C4 FMN G . -35.99 17.13 18.46
O4 FMN G . -36.16 17.28 19.69
C4A FMN G . -34.82 17.52 17.84
N5 FMN G . -33.60 17.55 18.52
C5A FMN G . -32.60 18.38 18.01
C6 FMN G . -31.41 18.61 18.72
C7 FMN G . -30.29 19.21 18.12
C7M FMN G . -29.20 19.71 19.01
C8 FMN G . -30.32 19.58 16.78
C8M FMN G . -29.24 20.49 16.21
C9 FMN G . -31.50 19.36 16.08
C9A FMN G . -32.64 18.79 16.69
N10 FMN G . -33.70 18.42 15.89
C10 FMN G . -34.85 17.96 16.50
C1' FMN G . -33.62 18.91 14.44
C2' FMN G . -34.15 20.34 14.36
O2' FMN G . -35.50 20.19 14.84
C3' FMN G . -34.27 20.93 12.97
O3' FMN G . -35.20 20.17 12.25
C4' FMN G . -32.96 20.95 12.22
O4' FMN G . -31.93 21.60 12.96
C5' FMN G . -33.12 21.90 11.07
O5' FMN G . -31.90 21.85 10.39
P FMN G . -30.69 22.84 10.73
O1P FMN G . -30.09 22.30 12.04
O2P FMN G . -29.79 22.74 9.57
O3P FMN G . -31.12 24.31 10.94
FE1 F3S H . -21.27 22.14 21.28
FE3 F3S H . -22.54 20.52 19.47
FE4 F3S H . -21.94 22.77 19.07
S1 F3S H . -23.42 22.26 20.49
S2 F3S H . -19.94 23.22 20.01
S3 F3S H . -20.75 20.07 20.70
S4 F3S H . -21.53 21.03 17.72
C1 AKG I . -31.71 14.81 18.66
O1 AKG I . -31.69 14.49 17.33
O2 AKG I . -30.86 15.54 19.38
C2 AKG I . -32.87 14.19 19.45
O5 AKG I . -33.26 13.06 18.84
C3 AKG I . -33.48 14.71 20.73
C4 AKG I . -33.83 13.30 21.25
C5 AKG I . -34.38 13.30 22.64
O3 AKG I . -35.16 12.38 23.22
O4 AKG I . -33.98 14.34 23.34
N ONL J . -53.73 1.01 0.37
CA ONL J . -55.18 0.93 0.14
C ONL J . -55.88 1.91 -0.83
O ONL J . -57.10 1.94 -1.08
OXT ONL J . -55.17 2.83 -1.50
CB ONL J . -55.78 1.06 1.54
CG ONL J . -55.93 2.51 1.98
CD ONL J . -56.38 2.54 3.43
OD ONL J . -56.48 1.55 4.17
CE ONL J . -56.72 3.89 3.99
#